data_8PO9
#
_entry.id   8PO9
#
_cell.length_a   93.750
_cell.length_b   196.580
_cell.length_c   224.120
_cell.angle_alpha   90.000
_cell.angle_beta   90.000
_cell.angle_gamma   90.000
#
_symmetry.space_group_name_H-M   'P 21 21 21'
#
loop_
_entity.id
_entity.type
_entity.pdbx_description
1 polymer Arylphorin
2 branched alpha-D-mannopyranose-(1-3)-alpha-D-mannopyranose-(1-6)-[alpha-D-mannopyranose-(1-3)]beta-D-mannopyranose-(1-4)-2-acetamido-2-deoxy-beta-D-glucopyranose-(1-4)-2-acetamido-2-deoxy-beta-D-glucopyranose
3 branched alpha-D-mannopyranose-(1-3)-[alpha-D-mannopyranose-(1-6)]beta-D-mannopyranose-(1-4)-2-acetamido-2-deoxy-beta-D-glucopyranose-(1-4)-2-acetamido-2-deoxy-beta-D-glucopyranose
4 branched beta-D-mannopyranose-(1-4)-2-acetamido-2-deoxy-beta-D-glucopyranose-(1-4)-2-acetamido-2-deoxy-beta-D-glucopyranose
5 branched alpha-D-mannopyranose-(1-2)-alpha-D-mannopyranose-(1-2)-alpha-D-mannopyranose-(1-3)-[alpha-D-mannopyranose-(1-3)-[alpha-D-mannopyranose-(1-6)]alpha-D-mannopyranose-(1-6)]beta-D-mannopyranose-(1-4)-2-acetamido-2-deoxy-beta-D-glucopyranose-(1-4)-2-acetamido-2-deoxy-beta-D-glucopyranose
6 branched alpha-D-mannopyranose-(1-2)-alpha-D-mannopyranose-(1-3)-[alpha-D-mannopyranose-(1-6)]beta-D-mannopyranose-(1-4)-2-acetamido-2-deoxy-beta-D-glucopyranose-(1-4)-2-acetamido-2-deoxy-beta-D-glucopyranose
7 non-polymer 'COPPER (II) ION'
8 non-polymer 'MAGNESIUM ION'
9 non-polymer 'CHLORIDE ION'
10 non-polymer '2-(N-MORPHOLINO)-ETHANESULFONIC ACID'
11 non-polymer (4S)-2-METHYL-2,4-PENTANEDIOL
12 non-polymer GLYCEROL
13 non-polymer GLYCINE
14 non-polymer 'SULFATE ION'
15 water water
#
_entity_poly.entity_id   1
_entity_poly.type   'polypeptide(L)'
_entity_poly.pdbx_seq_one_letter_code
;MQTVLFLAALVSLAAAGYPQYHYDVETRKLDPSLLNIQTKVLSLLENWKQVNPDDEYYKIGKEYNVEANMESYTNREVVT
EFLSLYKAGFIPKNEVFSIFYENQALEVIALYRLFYYAKDFETFYKTAAFARVWLNEGQFVYAFYLAVIHRADTRGIVLP
APYEIWPEYFMNSDVLSKIYRIQMQKGLIIPEQGPYYGILSKDNAYYFYANYSGPLTYEDNENLLSYFIEDIGWNSYYYY
FHNRFPFWENGEQLIGPLKERRGEIYYYVYQKILARYYLERLANGLGEIPRFNWLDKYQTSYYPLLSSYQLPFAQRNDDY
YLASGDNINDIQFIDTYEKTFLQLLQKGQFKAYKQEVDLYNSKSINFVGNYWQSNADLYEKVPKRNYWRSYEATARRVLG
AAPRSSINYENMNIPTALDFYQTSLRDPAFYQLYAKILDYINEYKEYLEPYSQDVLHYVGVKINDVKVDKLVTYFEYFDW
NATNAVYLSEQQLDTVSPSYIVRQPRLNNKPFTVNIDIKSDVESEVVVKIFLGPKYDGNGLPISLEDNWINFIELDWFTH
KLTSGQNKIARKSEEFFFFKDDSVSLFKIYELLSNGQVPSYMVDRYIYLPRRLILPRGTQRGFPLQLFVVVYPYQAPVKE
WESMRQYIVDNKPFGYPFDRPVTLPYYFNQPNMYFKDVYVYQEGEQYPYYNSYWSQNQVSNH
;
_entity_poly.pdbx_strand_id   A,B,C,D,E,F
#
loop_
_chem_comp.id
_chem_comp.type
_chem_comp.name
_chem_comp.formula
BMA D-saccharide, beta linking beta-D-mannopyranose 'C6 H12 O6'
CL non-polymer 'CHLORIDE ION' 'Cl -1'
CU non-polymer 'COPPER (II) ION' 'Cu 2'
GOL non-polymer GLYCEROL 'C3 H8 O3'
MAN D-saccharide, alpha linking alpha-D-mannopyranose 'C6 H12 O6'
MES non-polymer '2-(N-MORPHOLINO)-ETHANESULFONIC ACID' 'C6 H13 N O4 S'
MG non-polymer 'MAGNESIUM ION' 'Mg 2'
MPD non-polymer (4S)-2-METHYL-2,4-PENTANEDIOL 'C6 H14 O2'
NAG D-saccharide, beta linking 2-acetamido-2-deoxy-beta-D-glucopyranose 'C8 H15 N O6'
SO4 non-polymer 'SULFATE ION' 'O4 S -2'
#
# COMPACT_ATOMS: atom_id res chain seq x y z
N GLY A 17 -22.77 -30.80 -28.95
CA GLY A 17 -22.29 -31.56 -30.09
C GLY A 17 -21.55 -30.75 -31.16
N TYR A 18 -20.54 -31.36 -31.77
CA TYR A 18 -19.67 -30.74 -32.77
C TYR A 18 -19.37 -31.70 -33.91
N PRO A 19 -19.35 -31.21 -35.16
CA PRO A 19 -18.91 -32.07 -36.28
C PRO A 19 -17.42 -32.37 -36.17
N GLN A 20 -16.99 -33.43 -36.85
CA GLN A 20 -15.58 -33.77 -36.96
C GLN A 20 -14.94 -33.09 -38.16
N TYR A 21 -13.66 -32.78 -38.04
CA TYR A 21 -12.95 -32.05 -39.08
C TYR A 21 -12.31 -33.03 -40.06
N HIS A 22 -12.65 -32.91 -41.34
CA HIS A 22 -11.75 -33.42 -42.36
C HIS A 22 -11.80 -32.52 -43.59
N TYR A 23 -10.62 -32.31 -44.16
CA TYR A 23 -10.33 -31.42 -45.26
C TYR A 23 -9.36 -32.12 -46.20
N ASP A 24 -9.57 -31.96 -47.50
CA ASP A 24 -8.59 -32.45 -48.46
C ASP A 24 -7.27 -31.74 -48.25
N VAL A 25 -6.18 -32.50 -48.29
CA VAL A 25 -4.88 -32.00 -47.90
C VAL A 25 -4.08 -31.65 -49.16
N GLU A 26 -3.53 -30.44 -49.20
CA GLU A 26 -2.68 -30.03 -50.30
C GLU A 26 -1.37 -30.83 -50.25
N THR A 27 -1.10 -31.61 -51.30
CA THR A 27 0.09 -32.46 -51.30
C THR A 27 0.86 -32.27 -52.60
N ARG A 28 2.17 -32.44 -52.51
CA ARG A 28 3.05 -32.44 -53.66
C ARG A 28 4.13 -33.48 -53.46
N LYS A 29 4.71 -33.93 -54.58
CA LYS A 29 5.76 -34.93 -54.52
C LYS A 29 6.99 -34.41 -53.79
N LEU A 30 7.57 -35.25 -52.95
CA LEU A 30 8.84 -34.98 -52.32
C LEU A 30 9.97 -35.44 -53.25
N ASP A 31 11.03 -34.65 -53.32
CA ASP A 31 12.19 -35.01 -54.15
C ASP A 31 12.72 -36.38 -53.73
N PRO A 32 12.96 -37.28 -54.68
CA PRO A 32 13.41 -38.64 -54.29
C PRO A 32 14.71 -38.66 -53.50
N SER A 33 15.60 -37.69 -53.72
CA SER A 33 16.84 -37.62 -52.94
C SER A 33 16.60 -37.30 -51.47
N LEU A 34 15.43 -36.77 -51.12
CA LEU A 34 15.15 -36.41 -49.75
C LEU A 34 14.45 -37.52 -48.96
N LEU A 35 14.09 -38.63 -49.60
CA LEU A 35 13.23 -39.63 -48.94
C LEU A 35 13.90 -40.25 -47.74
N ASN A 36 15.17 -40.66 -47.89
CA ASN A 36 15.90 -41.25 -46.78
C ASN A 36 16.12 -40.24 -45.67
N ILE A 37 16.46 -39.00 -46.03
CA ILE A 37 16.62 -37.93 -45.04
C ILE A 37 15.31 -37.70 -44.30
N GLN A 38 14.19 -37.69 -45.03
CA GLN A 38 12.88 -37.50 -44.40
C GLN A 38 12.60 -38.61 -43.39
N THR A 39 12.90 -39.86 -43.77
CA THR A 39 12.65 -41.01 -42.92
C THR A 39 13.51 -40.97 -41.66
N LYS A 40 14.80 -40.66 -41.83
CA LYS A 40 15.71 -40.66 -40.70
C LYS A 40 15.34 -39.56 -39.71
N VAL A 41 14.96 -38.39 -40.23
CA VAL A 41 14.57 -37.27 -39.36
C VAL A 41 13.37 -37.66 -38.50
N LEU A 42 12.35 -38.27 -39.13
CA LEU A 42 11.17 -38.70 -38.36
C LEU A 42 11.54 -39.75 -37.32
N SER A 43 12.42 -40.69 -37.66
CA SER A 43 12.75 -41.71 -36.68
C SER A 43 13.51 -41.13 -35.50
N LEU A 44 14.38 -40.14 -35.71
CA LEU A 44 15.08 -39.55 -34.56
C LEU A 44 14.15 -38.72 -33.67
N LEU A 45 12.98 -38.32 -34.17
CA LEU A 45 12.03 -37.54 -33.38
C LEU A 45 11.00 -38.39 -32.67
N GLU A 46 10.87 -39.66 -33.03
CA GLU A 46 9.83 -40.50 -32.46
C GLU A 46 10.20 -40.90 -31.04
N ASN A 47 9.27 -40.69 -30.12
CA ASN A 47 9.45 -41.06 -28.71
C ASN A 47 10.76 -40.49 -28.17
N TRP A 48 11.05 -39.24 -28.54
CA TRP A 48 12.32 -38.60 -28.21
C TRP A 48 12.58 -38.51 -26.72
N LYS A 49 11.54 -38.63 -25.87
CA LYS A 49 11.73 -38.63 -24.42
C LYS A 49 12.42 -39.90 -23.92
N GLN A 50 12.49 -40.95 -24.74
CA GLN A 50 13.07 -42.22 -24.33
C GLN A 50 14.19 -42.63 -25.28
N VAL A 51 15.07 -43.49 -24.78
CA VAL A 51 16.14 -44.11 -25.57
C VAL A 51 15.94 -45.62 -25.59
N ASN A 52 15.80 -46.19 -26.78
CA ASN A 52 15.62 -47.62 -26.96
C ASN A 52 16.92 -48.28 -27.42
N PRO A 53 17.53 -49.16 -26.62
CA PRO A 53 18.78 -49.80 -27.06
C PRO A 53 18.68 -50.63 -28.33
N ASP A 54 17.48 -51.10 -28.70
CA ASP A 54 17.35 -51.89 -29.91
C ASP A 54 17.19 -51.04 -31.18
N ASP A 55 17.00 -49.73 -31.06
CA ASP A 55 16.86 -48.89 -32.24
C ASP A 55 18.21 -48.65 -32.89
N GLU A 56 18.17 -48.30 -34.18
CA GLU A 56 19.41 -48.14 -34.94
C GLU A 56 20.27 -47.02 -34.38
N TYR A 57 19.65 -45.91 -33.97
CA TYR A 57 20.43 -44.75 -33.53
C TYR A 57 21.28 -45.03 -32.30
N TYR A 58 20.94 -46.06 -31.51
CA TYR A 58 21.56 -46.24 -30.20
C TYR A 58 23.03 -46.57 -30.32
N LYS A 59 23.36 -47.59 -31.11
CA LYS A 59 24.76 -47.99 -31.24
C LYS A 59 25.58 -46.87 -31.87
N ILE A 60 25.02 -46.20 -32.87
CA ILE A 60 25.70 -45.08 -33.52
C ILE A 60 25.98 -43.98 -32.51
N GLY A 61 24.96 -43.56 -31.76
CA GLY A 61 25.13 -42.48 -30.82
C GLY A 61 26.03 -42.84 -29.66
N LYS A 62 25.92 -44.08 -29.18
CA LYS A 62 26.73 -44.50 -28.05
C LYS A 62 28.22 -44.41 -28.36
N GLU A 63 28.60 -44.82 -29.57
CA GLU A 63 30.00 -44.98 -29.94
C GLU A 63 30.59 -43.74 -30.62
N TYR A 64 29.77 -42.74 -30.93
CA TYR A 64 30.25 -41.59 -31.67
C TYR A 64 31.14 -40.72 -30.79
N ASN A 65 32.28 -40.31 -31.31
CA ASN A 65 33.19 -39.42 -30.59
C ASN A 65 33.29 -38.13 -31.41
N VAL A 66 32.76 -37.04 -30.86
CA VAL A 66 32.76 -35.75 -31.55
C VAL A 66 34.18 -35.26 -31.80
N GLU A 67 35.03 -35.33 -30.77
CA GLU A 67 36.40 -34.84 -30.87
C GLU A 67 37.18 -35.60 -31.93
N ALA A 68 37.02 -36.92 -31.98
CA ALA A 68 37.68 -37.72 -32.99
C ALA A 68 37.19 -37.38 -34.38
N ASN A 69 35.99 -36.82 -34.50
CA ASN A 69 35.40 -36.47 -35.78
C ASN A 69 35.44 -34.97 -36.02
N MET A 70 36.41 -34.28 -35.42
CA MET A 70 36.45 -32.82 -35.47
C MET A 70 36.47 -32.30 -36.91
N GLU A 71 37.14 -33.00 -37.81
CA GLU A 71 37.25 -32.53 -39.20
C GLU A 71 35.95 -32.62 -39.97
N SER A 72 34.96 -33.37 -39.47
CA SER A 72 33.68 -33.49 -40.14
C SER A 72 32.76 -32.31 -39.86
N TYR A 73 33.25 -31.29 -39.18
CA TYR A 73 32.46 -30.08 -38.95
C TYR A 73 33.17 -28.94 -39.65
N THR A 74 32.41 -28.11 -40.35
CA THR A 74 32.99 -27.06 -41.18
C THR A 74 33.50 -25.88 -40.37
N ASN A 75 33.35 -25.90 -39.05
CA ASN A 75 33.84 -24.83 -38.21
C ASN A 75 34.54 -25.49 -37.02
N ARG A 76 35.87 -25.42 -36.98
CA ARG A 76 36.59 -26.09 -35.90
C ARG A 76 36.27 -25.43 -34.56
N GLU A 77 36.00 -24.12 -34.58
CA GLU A 77 35.74 -23.36 -33.37
C GLU A 77 34.45 -23.84 -32.69
N VAL A 78 33.45 -24.21 -33.50
CA VAL A 78 32.17 -24.70 -32.99
C VAL A 78 32.38 -26.00 -32.22
N VAL A 79 33.21 -26.89 -32.77
CA VAL A 79 33.54 -28.13 -32.07
C VAL A 79 34.26 -27.83 -30.76
N THR A 80 35.23 -26.92 -30.81
CA THR A 80 36.03 -26.61 -29.64
C THR A 80 35.19 -26.03 -28.51
N GLU A 81 34.30 -25.11 -28.84
CA GLU A 81 33.40 -24.56 -27.81
C GLU A 81 32.46 -25.64 -27.27
N PHE A 82 31.95 -26.52 -28.15
CA PHE A 82 31.10 -27.61 -27.66
C PHE A 82 31.84 -28.49 -26.66
N LEU A 83 33.07 -28.89 -27.00
CA LEU A 83 33.83 -29.79 -26.14
C LEU A 83 34.18 -29.13 -24.82
N SER A 84 34.45 -27.82 -24.82
CA SER A 84 34.77 -27.12 -23.59
C SER A 84 33.60 -27.15 -22.62
N LEU A 85 32.38 -26.90 -23.12
CA LEU A 85 31.20 -26.99 -22.29
C LEU A 85 30.92 -28.43 -21.89
N TYR A 86 31.14 -29.37 -22.81
CA TYR A 86 30.83 -30.77 -22.54
C TYR A 86 31.71 -31.34 -21.43
N LYS A 87 32.98 -30.94 -21.38
CA LYS A 87 33.85 -31.42 -20.31
C LYS A 87 33.40 -30.89 -18.96
N ALA A 88 32.92 -29.65 -18.91
CA ALA A 88 32.37 -29.11 -17.68
C ALA A 88 31.12 -29.83 -17.22
N GLY A 89 30.41 -30.51 -18.12
CA GLY A 89 29.20 -31.21 -17.79
C GLY A 89 27.93 -30.55 -18.28
N PHE A 90 27.20 -31.21 -19.18
CA PHE A 90 25.87 -30.77 -19.56
C PHE A 90 24.86 -31.15 -18.47
N ILE A 91 23.67 -30.56 -18.54
CA ILE A 91 22.63 -30.88 -17.56
C ILE A 91 22.25 -32.35 -17.69
N PRO A 92 21.84 -33.00 -16.62
CA PRO A 92 21.44 -34.41 -16.74
C PRO A 92 20.15 -34.57 -17.50
N LYS A 93 19.93 -35.81 -17.94
CA LYS A 93 18.64 -36.22 -18.45
C LYS A 93 17.57 -36.06 -17.37
N ASN A 94 16.32 -36.00 -17.81
CA ASN A 94 15.18 -35.99 -16.89
C ASN A 94 15.16 -34.73 -16.03
N GLU A 95 15.61 -33.61 -16.58
CA GLU A 95 15.47 -32.31 -15.95
C GLU A 95 14.80 -31.40 -16.94
N VAL A 96 13.98 -30.47 -16.42
CA VAL A 96 13.27 -29.53 -17.28
C VAL A 96 14.26 -28.63 -18.00
N PHE A 97 14.09 -28.51 -19.31
CA PHE A 97 14.95 -27.68 -20.16
C PHE A 97 14.18 -26.46 -20.65
N SER A 98 14.81 -25.28 -20.53
CA SER A 98 14.28 -24.08 -21.15
C SER A 98 15.41 -23.27 -21.77
N ILE A 99 15.15 -22.69 -22.94
CA ILE A 99 16.11 -21.76 -23.54
C ILE A 99 16.30 -20.49 -22.69
N PHE A 100 15.40 -20.22 -21.76
CA PHE A 100 15.57 -19.06 -20.89
C PHE A 100 16.39 -19.36 -19.63
N TYR A 101 16.77 -20.61 -19.39
CA TYR A 101 17.67 -20.95 -18.28
C TYR A 101 19.08 -20.89 -18.84
N GLU A 102 19.86 -19.91 -18.38
CA GLU A 102 21.03 -19.43 -19.12
C GLU A 102 22.09 -20.54 -19.30
N ASN A 103 22.40 -21.31 -18.25
CA ASN A 103 23.35 -22.40 -18.40
C ASN A 103 22.86 -23.41 -19.41
N GLN A 104 21.56 -23.72 -19.40
CA GLN A 104 21.04 -24.67 -20.37
C GLN A 104 21.07 -24.10 -21.78
N ALA A 105 20.93 -22.77 -21.91
CA ALA A 105 20.93 -22.13 -23.23
C ALA A 105 22.31 -22.20 -23.87
N LEU A 106 23.37 -21.92 -23.11
CA LEU A 106 24.72 -22.01 -23.66
C LEU A 106 25.02 -23.42 -24.15
N GLU A 107 24.61 -24.44 -23.40
CA GLU A 107 24.83 -25.82 -23.81
C GLU A 107 24.05 -26.16 -25.08
N VAL A 108 22.77 -25.77 -25.13
CA VAL A 108 21.93 -26.17 -26.26
C VAL A 108 22.31 -25.38 -27.51
N ILE A 109 22.78 -24.13 -27.34
CA ILE A 109 23.21 -23.36 -28.50
C ILE A 109 24.49 -23.94 -29.10
N ALA A 110 25.43 -24.36 -28.25
CA ALA A 110 26.60 -25.07 -28.77
C ALA A 110 26.18 -26.37 -29.45
N LEU A 111 25.21 -27.09 -28.86
CA LEU A 111 24.73 -28.32 -29.47
C LEU A 111 24.10 -28.04 -30.83
N TYR A 112 23.27 -26.99 -30.91
CA TYR A 112 22.66 -26.62 -32.17
C TYR A 112 23.72 -26.27 -33.22
N ARG A 113 24.76 -25.54 -32.82
CA ARG A 113 25.78 -25.17 -33.79
C ARG A 113 26.58 -26.38 -34.26
N LEU A 114 26.82 -27.33 -33.36
CA LEU A 114 27.41 -28.59 -33.77
C LEU A 114 26.55 -29.28 -34.82
N PHE A 115 25.23 -29.32 -34.61
CA PHE A 115 24.32 -29.85 -35.63
C PHE A 115 24.42 -29.09 -36.93
N TYR A 116 24.47 -27.76 -36.86
CA TYR A 116 24.35 -26.95 -38.06
C TYR A 116 25.62 -27.05 -38.91
N TYR A 117 26.79 -27.09 -38.28
CA TYR A 117 28.02 -27.08 -39.05
C TYR A 117 28.51 -28.47 -39.39
N ALA A 118 27.75 -29.52 -39.06
CA ALA A 118 28.08 -30.84 -39.57
C ALA A 118 28.10 -30.77 -41.10
N LYS A 119 29.16 -31.31 -41.70
CA LYS A 119 29.42 -31.05 -43.12
C LYS A 119 28.41 -31.74 -44.03
N ASP A 120 27.80 -32.83 -43.61
CA ASP A 120 26.88 -33.57 -44.48
C ASP A 120 25.81 -34.22 -43.62
N PHE A 121 24.84 -34.87 -44.27
CA PHE A 121 23.72 -35.39 -43.50
C PHE A 121 24.16 -36.52 -42.57
N GLU A 122 25.10 -37.35 -43.02
CA GLU A 122 25.58 -38.47 -42.21
C GLU A 122 26.23 -37.98 -40.93
N THR A 123 27.03 -36.91 -41.01
CA THR A 123 27.63 -36.33 -39.81
C THR A 123 26.56 -35.75 -38.88
N PHE A 124 25.57 -35.05 -39.46
CA PHE A 124 24.46 -34.51 -38.68
C PHE A 124 23.68 -35.62 -37.97
N TYR A 125 23.35 -36.69 -38.71
CA TYR A 125 22.64 -37.82 -38.10
C TYR A 125 23.45 -38.42 -36.95
N LYS A 126 24.74 -38.67 -37.17
CA LYS A 126 25.56 -39.26 -36.12
C LYS A 126 25.62 -38.35 -34.89
N THR A 127 25.76 -37.04 -35.13
CA THR A 127 25.78 -36.09 -34.03
C THR A 127 24.45 -36.06 -33.30
N ALA A 128 23.34 -36.10 -34.05
CA ALA A 128 22.02 -36.10 -33.43
C ALA A 128 21.79 -37.39 -32.65
N ALA A 129 22.25 -38.51 -33.19
CA ALA A 129 22.14 -39.79 -32.49
C ALA A 129 22.94 -39.78 -31.19
N PHE A 130 24.16 -39.23 -31.23
CA PHE A 130 24.94 -39.02 -30.01
C PHE A 130 24.18 -38.17 -29.00
N ALA A 131 23.58 -37.07 -29.47
CA ALA A 131 22.86 -36.17 -28.59
C ALA A 131 21.67 -36.86 -27.93
N ARG A 132 20.90 -37.61 -28.71
CA ARG A 132 19.77 -38.33 -28.12
C ARG A 132 20.23 -39.38 -27.12
N VAL A 133 21.29 -40.13 -27.42
CA VAL A 133 21.74 -41.18 -26.51
C VAL A 133 22.26 -40.56 -25.20
N TRP A 134 23.07 -39.50 -25.30
CA TRP A 134 23.83 -39.08 -24.12
C TRP A 134 23.25 -37.85 -23.41
N LEU A 135 22.45 -37.01 -24.07
CA LEU A 135 22.13 -35.69 -23.52
C LEU A 135 20.67 -35.57 -23.13
N ASN A 136 20.39 -34.48 -22.41
CA ASN A 136 19.06 -34.15 -21.94
C ASN A 136 18.04 -34.18 -23.09
N GLU A 137 16.89 -34.81 -22.83
CA GLU A 137 15.88 -35.03 -23.86
C GLU A 137 15.32 -33.73 -24.40
N GLY A 138 14.99 -32.78 -23.51
CA GLY A 138 14.51 -31.48 -23.97
C GLY A 138 15.54 -30.73 -24.80
N GLN A 139 16.82 -30.77 -24.40
CA GLN A 139 17.85 -30.12 -25.19
C GLN A 139 17.99 -30.77 -26.56
N PHE A 140 18.01 -32.10 -26.60
CA PHE A 140 18.16 -32.79 -27.88
C PHE A 140 17.06 -32.40 -28.87
N VAL A 141 15.81 -32.47 -28.44
CA VAL A 141 14.70 -32.33 -29.38
C VAL A 141 14.59 -30.88 -29.86
N TYR A 142 14.88 -29.92 -28.98
CA TYR A 142 14.85 -28.51 -29.36
C TYR A 142 15.90 -28.21 -30.42
N ALA A 143 17.13 -28.63 -30.16
CA ALA A 143 18.21 -28.38 -31.09
C ALA A 143 18.00 -29.11 -32.40
N PHE A 144 17.51 -30.35 -32.34
CA PHE A 144 17.35 -31.15 -33.55
C PHE A 144 16.23 -30.59 -34.43
N TYR A 145 15.08 -30.28 -33.84
CA TYR A 145 13.97 -29.70 -34.61
C TYR A 145 14.40 -28.40 -35.26
N LEU A 146 15.07 -27.55 -34.50
CA LEU A 146 15.60 -26.29 -35.04
C LEU A 146 16.65 -26.55 -36.12
N ALA A 147 17.52 -27.55 -35.93
CA ALA A 147 18.55 -27.82 -36.93
C ALA A 147 17.94 -28.26 -38.25
N VAL A 148 16.89 -29.08 -38.21
CA VAL A 148 16.25 -29.49 -39.46
C VAL A 148 15.65 -28.28 -40.20
N ILE A 149 15.15 -27.29 -39.45
CA ILE A 149 14.58 -26.09 -40.09
C ILE A 149 15.64 -25.29 -40.84
N HIS A 150 16.90 -25.30 -40.39
CA HIS A 150 17.91 -24.40 -40.93
C HIS A 150 18.96 -25.04 -41.84
N ARG A 151 19.20 -26.34 -41.75
CA ARG A 151 20.23 -26.94 -42.59
C ARG A 151 19.80 -26.94 -44.06
N ALA A 152 20.74 -26.65 -44.95
CA ALA A 152 20.42 -26.65 -46.38
C ALA A 152 19.98 -28.04 -46.85
N ASP A 153 20.64 -29.09 -46.39
CA ASP A 153 20.36 -30.44 -46.90
C ASP A 153 19.11 -31.07 -46.30
N THR A 154 18.44 -30.43 -45.34
CA THR A 154 17.12 -30.89 -44.90
C THR A 154 16.01 -29.98 -45.38
N ARG A 155 16.32 -28.99 -46.20
CA ARG A 155 15.29 -28.11 -46.76
C ARG A 155 14.35 -28.92 -47.64
N GLY A 156 13.05 -28.72 -47.45
CA GLY A 156 12.08 -29.44 -48.26
C GLY A 156 11.48 -30.67 -47.62
N ILE A 157 11.93 -31.11 -46.45
CA ILE A 157 11.26 -32.22 -45.78
C ILE A 157 10.23 -31.65 -44.82
N VAL A 158 9.34 -32.49 -44.33
CA VAL A 158 8.31 -32.05 -43.40
C VAL A 158 8.72 -32.48 -42.00
N LEU A 159 8.49 -31.59 -41.01
CA LEU A 159 8.55 -31.91 -39.59
C LEU A 159 7.15 -32.08 -39.02
N PRO A 160 6.97 -32.94 -38.02
CA PRO A 160 5.68 -32.96 -37.31
C PRO A 160 5.41 -31.62 -36.65
N ALA A 161 4.12 -31.33 -36.47
CA ALA A 161 3.72 -30.07 -35.85
C ALA A 161 4.25 -30.01 -34.42
N PRO A 162 4.50 -28.81 -33.89
CA PRO A 162 5.02 -28.73 -32.51
C PRO A 162 4.15 -29.42 -31.47
N TYR A 163 2.83 -29.39 -31.64
CA TYR A 163 1.98 -30.03 -30.64
C TYR A 163 2.10 -31.56 -30.67
N GLU A 164 2.53 -32.15 -31.77
CA GLU A 164 2.76 -33.59 -31.76
C GLU A 164 4.16 -33.96 -31.31
N ILE A 165 5.07 -33.00 -31.25
CA ILE A 165 6.38 -33.26 -30.67
C ILE A 165 6.37 -33.03 -29.16
N TRP A 166 5.72 -31.95 -28.71
CA TRP A 166 5.61 -31.60 -27.29
C TRP A 166 4.16 -31.60 -26.84
N PRO A 167 3.46 -32.74 -26.94
CA PRO A 167 2.02 -32.74 -26.59
C PRO A 167 1.77 -32.28 -25.16
N GLU A 168 2.69 -32.53 -24.25
CA GLU A 168 2.55 -32.13 -22.85
C GLU A 168 2.48 -30.60 -22.70
N TYR A 169 2.92 -29.84 -23.69
CA TYR A 169 2.80 -28.39 -23.62
C TYR A 169 1.55 -27.84 -24.29
N PHE A 170 0.65 -28.71 -24.79
CA PHE A 170 -0.49 -28.25 -25.58
C PHE A 170 -1.83 -28.78 -25.08
N MET A 171 -1.89 -29.33 -23.86
CA MET A 171 -3.13 -29.79 -23.27
C MET A 171 -3.02 -29.62 -21.76
N ASN A 172 -4.15 -29.62 -21.08
CA ASN A 172 -4.15 -29.47 -19.63
C ASN A 172 -3.85 -30.80 -18.93
N SER A 173 -3.51 -30.69 -17.65
CA SER A 173 -3.13 -31.84 -16.83
C SER A 173 -4.27 -32.83 -16.65
N ASP A 174 -5.52 -32.37 -16.74
CA ASP A 174 -6.62 -33.33 -16.56
C ASP A 174 -6.67 -34.30 -17.73
N VAL A 175 -6.35 -33.83 -18.95
CA VAL A 175 -6.30 -34.72 -20.12
C VAL A 175 -5.07 -35.61 -20.05
N LEU A 176 -3.89 -35.03 -19.75
CA LEU A 176 -2.66 -35.79 -19.71
C LEU A 176 -2.73 -36.91 -18.68
N SER A 177 -3.31 -36.63 -17.51
CA SER A 177 -3.40 -37.67 -16.50
C SER A 177 -4.22 -38.87 -16.97
N LYS A 178 -5.26 -38.63 -17.80
CA LYS A 178 -6.02 -39.74 -18.36
C LYS A 178 -5.17 -40.59 -19.29
N ILE A 179 -4.35 -39.92 -20.10
CA ILE A 179 -3.49 -40.61 -21.04
C ILE A 179 -2.47 -41.47 -20.32
N TYR A 180 -1.80 -40.89 -19.31
CA TYR A 180 -0.85 -41.65 -18.50
C TYR A 180 -1.51 -42.83 -17.81
N ARG A 181 -2.75 -42.66 -17.32
CA ARG A 181 -3.42 -43.75 -16.63
C ARG A 181 -3.70 -44.92 -17.56
N ILE A 182 -4.19 -44.65 -18.77
CA ILE A 182 -4.42 -45.71 -19.75
C ILE A 182 -3.10 -46.42 -20.08
N GLN A 183 -2.02 -45.65 -20.25
CA GLN A 183 -0.73 -46.27 -20.49
C GLN A 183 -0.29 -47.12 -19.31
N MET A 184 -0.48 -46.63 -18.08
CA MET A 184 -0.15 -47.42 -16.89
C MET A 184 -0.94 -48.73 -16.87
N GLN A 185 -2.23 -48.66 -17.19
CA GLN A 185 -3.08 -49.84 -17.10
C GLN A 185 -2.99 -50.73 -18.35
N LYS A 186 -2.31 -50.28 -19.39
CA LYS A 186 -2.31 -50.94 -20.69
C LYS A 186 -3.74 -51.12 -21.20
N GLY A 187 -4.53 -50.05 -21.09
CA GLY A 187 -5.89 -50.05 -21.58
C GLY A 187 -6.85 -49.63 -20.49
N LEU A 188 -8.14 -49.85 -20.75
CA LEU A 188 -9.21 -49.55 -19.80
C LEU A 188 -9.54 -50.80 -19.01
N ILE A 189 -9.64 -50.68 -17.69
CA ILE A 189 -10.03 -51.85 -16.90
C ILE A 189 -11.45 -52.28 -17.23
N ILE A 190 -12.37 -51.32 -17.35
CA ILE A 190 -13.76 -51.60 -17.71
C ILE A 190 -14.07 -50.82 -18.98
N PRO A 191 -13.80 -51.39 -20.16
CA PRO A 191 -13.82 -50.58 -21.39
C PRO A 191 -15.13 -49.86 -21.66
N GLU A 192 -16.28 -50.46 -21.34
CA GLU A 192 -17.56 -49.83 -21.61
C GLU A 192 -17.79 -48.58 -20.78
N GLN A 193 -17.02 -48.37 -19.70
CA GLN A 193 -17.13 -47.14 -18.93
C GLN A 193 -16.38 -45.99 -19.59
N GLY A 194 -15.52 -46.28 -20.56
CA GLY A 194 -14.67 -45.28 -21.18
C GLY A 194 -15.40 -44.04 -21.66
N PRO A 195 -16.45 -44.22 -22.49
CA PRO A 195 -17.17 -43.04 -23.02
C PRO A 195 -17.72 -42.12 -21.97
N TYR A 196 -18.06 -42.64 -20.78
CA TYR A 196 -18.59 -41.80 -19.72
C TYR A 196 -17.55 -40.83 -19.20
N TYR A 197 -16.27 -41.13 -19.38
CA TYR A 197 -15.17 -40.27 -18.94
C TYR A 197 -14.45 -39.64 -20.13
N GLY A 198 -15.11 -39.59 -21.28
CA GLY A 198 -14.55 -38.95 -22.46
C GLY A 198 -13.43 -39.73 -23.13
N ILE A 199 -13.43 -41.06 -23.01
CA ILE A 199 -12.38 -41.87 -23.60
C ILE A 199 -13.02 -42.85 -24.57
N LEU A 200 -12.58 -42.82 -25.83
CA LEU A 200 -13.02 -43.78 -26.82
C LEU A 200 -11.85 -44.68 -27.21
N SER A 201 -12.18 -45.92 -27.54
CA SER A 201 -11.19 -46.93 -27.90
C SER A 201 -11.58 -47.44 -29.28
N LYS A 202 -10.64 -47.38 -30.22
CA LYS A 202 -10.92 -47.81 -31.59
C LYS A 202 -9.62 -48.24 -32.23
N ASP A 203 -9.52 -49.54 -32.56
CA ASP A 203 -8.48 -50.10 -33.43
C ASP A 203 -7.08 -49.71 -32.98
N ASN A 204 -6.78 -50.03 -31.72
CA ASN A 204 -5.51 -49.75 -31.05
C ASN A 204 -5.22 -48.26 -30.88
N ALA A 205 -6.22 -47.40 -31.07
CA ALA A 205 -6.09 -45.99 -30.74
C ALA A 205 -7.08 -45.64 -29.63
N TYR A 206 -6.65 -44.76 -28.73
CA TYR A 206 -7.50 -44.22 -27.68
C TYR A 206 -7.73 -42.74 -27.96
N TYR A 207 -8.97 -42.30 -27.86
CA TYR A 207 -9.33 -40.92 -28.11
C TYR A 207 -9.77 -40.25 -26.81
N PHE A 208 -9.13 -39.13 -26.48
CA PHE A 208 -9.39 -38.39 -25.24
C PHE A 208 -10.03 -37.05 -25.59
N TYR A 209 -11.30 -36.89 -25.27
CA TYR A 209 -11.93 -35.58 -25.41
C TYR A 209 -11.29 -34.60 -24.42
N ALA A 210 -11.02 -33.38 -24.90
CA ALA A 210 -10.31 -32.40 -24.10
C ALA A 210 -11.07 -31.09 -24.10
N ASN A 211 -11.23 -30.51 -22.92
CA ASN A 211 -11.75 -29.17 -22.76
C ASN A 211 -10.58 -28.19 -22.65
N TYR A 212 -10.78 -26.99 -23.16
CA TYR A 212 -9.90 -25.89 -22.83
C TYR A 212 -10.11 -25.49 -21.36
N SER A 213 -9.18 -24.71 -20.85
CA SER A 213 -9.25 -24.27 -19.46
C SER A 213 -10.48 -23.40 -19.20
N GLY A 214 -10.92 -23.40 -17.94
CA GLY A 214 -12.05 -22.59 -17.53
C GLY A 214 -11.67 -21.50 -16.53
N PRO A 215 -12.66 -21.10 -15.71
CA PRO A 215 -12.42 -20.00 -14.76
C PRO A 215 -11.42 -20.31 -13.66
N LEU A 216 -11.07 -21.58 -13.42
CA LEU A 216 -10.00 -21.87 -12.47
C LEU A 216 -8.69 -21.27 -12.94
N THR A 217 -8.42 -21.34 -14.25
CA THR A 217 -7.15 -20.91 -14.80
C THR A 217 -7.13 -19.41 -15.08
N TYR A 218 -8.24 -18.88 -15.60
CA TYR A 218 -8.33 -17.51 -16.09
C TYR A 218 -9.37 -16.75 -15.28
N GLU A 219 -9.05 -15.52 -14.87
CA GLU A 219 -9.94 -14.65 -14.12
C GLU A 219 -10.52 -13.57 -15.05
N ASP A 220 -11.38 -12.71 -14.52
CA ASP A 220 -11.93 -11.55 -15.25
C ASP A 220 -12.62 -11.96 -16.55
N ASN A 221 -13.23 -13.14 -16.56
CA ASN A 221 -13.98 -13.71 -17.69
C ASN A 221 -13.10 -14.06 -18.89
N GLU A 222 -11.78 -13.99 -18.76
CA GLU A 222 -10.93 -14.30 -19.91
C GLU A 222 -11.02 -15.76 -20.33
N ASN A 223 -11.54 -16.63 -19.45
CA ASN A 223 -11.72 -18.02 -19.84
C ASN A 223 -12.65 -18.14 -21.04
N LEU A 224 -13.48 -17.11 -21.31
CA LEU A 224 -14.34 -17.15 -22.48
C LEU A 224 -13.55 -17.38 -23.76
N LEU A 225 -12.31 -16.89 -23.87
CA LEU A 225 -11.53 -17.09 -25.08
C LEU A 225 -10.41 -18.12 -24.90
N SER A 226 -10.50 -19.01 -23.92
CA SER A 226 -9.45 -20.03 -23.80
C SER A 226 -9.37 -20.93 -25.04
N TYR A 227 -10.48 -21.10 -25.77
CA TYR A 227 -10.46 -21.88 -27.02
C TYR A 227 -9.50 -21.30 -28.05
N PHE A 228 -9.18 -19.99 -27.94
CA PHE A 228 -8.29 -19.31 -28.88
C PHE A 228 -6.85 -19.23 -28.35
N ILE A 229 -6.65 -18.68 -27.15
CA ILE A 229 -5.26 -18.50 -26.71
C ILE A 229 -4.58 -19.83 -26.40
N GLU A 230 -5.35 -20.90 -26.16
CA GLU A 230 -4.85 -22.25 -25.98
C GLU A 230 -4.92 -23.10 -27.23
N ASP A 231 -5.39 -22.54 -28.35
CA ASP A 231 -5.44 -23.30 -29.60
C ASP A 231 -4.05 -23.76 -30.01
N ILE A 232 -3.95 -25.02 -30.45
CA ILE A 232 -2.65 -25.62 -30.73
C ILE A 232 -1.97 -25.00 -31.95
N GLY A 233 -2.75 -24.56 -32.95
CA GLY A 233 -2.17 -23.89 -34.10
C GLY A 233 -1.73 -22.47 -33.77
N TRP A 234 -2.52 -21.77 -32.97
CA TRP A 234 -2.13 -20.45 -32.48
C TRP A 234 -0.79 -20.54 -31.74
N ASN A 235 -0.67 -21.50 -30.82
CA ASN A 235 0.56 -21.61 -30.05
C ASN A 235 1.71 -22.10 -30.91
N SER A 236 1.43 -23.00 -31.85
CA SER A 236 2.46 -23.50 -32.75
C SER A 236 2.99 -22.40 -33.65
N TYR A 237 2.11 -21.48 -34.06
CA TYR A 237 2.56 -20.37 -34.90
C TYR A 237 3.69 -19.60 -34.22
N TYR A 238 3.51 -19.29 -32.94
CA TYR A 238 4.56 -18.61 -32.20
C TYR A 238 5.82 -19.48 -32.08
N TYR A 239 5.66 -20.79 -31.85
CA TYR A 239 6.84 -21.64 -31.74
C TYR A 239 7.63 -21.65 -33.04
N TYR A 240 6.93 -21.79 -34.17
CA TYR A 240 7.57 -21.67 -35.48
C TYR A 240 8.30 -20.34 -35.63
N PHE A 241 7.71 -19.24 -35.17
CA PHE A 241 8.37 -17.95 -35.34
C PHE A 241 9.72 -17.90 -34.61
N HIS A 242 9.77 -18.42 -33.37
CA HIS A 242 11.03 -18.51 -32.62
C HIS A 242 12.06 -19.37 -33.34
N ASN A 243 11.62 -20.51 -33.90
CA ASN A 243 12.56 -21.39 -34.58
C ASN A 243 13.09 -20.78 -35.87
N ARG A 244 12.27 -20.00 -36.57
CA ARG A 244 12.74 -19.35 -37.78
C ARG A 244 13.65 -18.18 -37.46
N PHE A 245 13.38 -17.44 -36.38
CA PHE A 245 14.15 -16.25 -36.03
C PHE A 245 14.65 -16.30 -34.59
N PRO A 246 15.49 -17.28 -34.25
CA PRO A 246 15.98 -17.36 -32.86
C PRO A 246 16.82 -16.14 -32.52
N PHE A 247 16.57 -15.59 -31.33
CA PHE A 247 17.15 -14.31 -30.94
C PHE A 247 18.68 -14.37 -30.85
N TRP A 248 19.25 -15.50 -30.44
CA TRP A 248 20.69 -15.61 -30.28
CA TRP A 248 20.69 -15.62 -30.27
C TRP A 248 21.45 -15.72 -31.59
N GLU A 249 20.76 -15.89 -32.71
CA GLU A 249 21.47 -16.10 -33.97
C GLU A 249 21.58 -14.80 -34.74
N ASN A 250 22.70 -14.63 -35.43
CA ASN A 250 22.93 -13.47 -36.27
C ASN A 250 22.01 -13.45 -37.49
N GLY A 251 21.63 -12.24 -37.91
CA GLY A 251 20.64 -12.10 -38.96
C GLY A 251 21.05 -12.60 -40.33
N GLU A 252 22.36 -12.53 -40.65
CA GLU A 252 22.82 -12.99 -41.95
C GLU A 252 22.53 -14.47 -42.16
N GLN A 253 22.80 -15.30 -41.13
CA GLN A 253 22.44 -16.70 -41.18
C GLN A 253 20.93 -16.92 -41.23
N LEU A 254 20.16 -16.05 -40.58
CA LEU A 254 18.73 -16.31 -40.50
C LEU A 254 17.99 -15.92 -41.78
N ILE A 255 18.28 -14.75 -42.35
CA ILE A 255 17.49 -14.30 -43.49
C ILE A 255 18.31 -13.71 -44.63
N GLY A 256 19.63 -13.90 -44.59
CA GLY A 256 20.51 -13.49 -45.67
C GLY A 256 20.35 -12.04 -46.09
N PRO A 257 19.90 -11.80 -47.33
CA PRO A 257 19.79 -10.42 -47.81
C PRO A 257 18.66 -9.63 -47.19
N LEU A 258 17.76 -10.27 -46.42
CA LEU A 258 16.73 -9.58 -45.66
C LEU A 258 17.18 -9.21 -44.24
N LYS A 259 18.47 -9.36 -43.93
CA LYS A 259 18.97 -9.11 -42.57
C LYS A 259 18.50 -7.75 -42.05
N GLU A 260 18.62 -6.72 -42.87
CA GLU A 260 18.23 -5.38 -42.42
C GLU A 260 16.72 -5.22 -42.25
N ARG A 261 15.90 -6.26 -42.42
CA ARG A 261 14.47 -6.20 -42.14
C ARG A 261 14.08 -7.02 -40.89
N ARG A 262 15.06 -7.44 -40.10
CA ARG A 262 14.79 -8.30 -38.94
C ARG A 262 13.90 -7.61 -37.91
N GLY A 263 14.24 -6.38 -37.53
CA GLY A 263 13.41 -5.65 -36.59
C GLY A 263 12.07 -5.29 -37.19
N GLU A 264 12.00 -5.18 -38.51
CA GLU A 264 10.71 -4.94 -39.17
C GLU A 264 9.81 -6.16 -39.05
N ILE A 265 10.38 -7.36 -39.22
CA ILE A 265 9.61 -8.59 -39.04
C ILE A 265 9.14 -8.75 -37.61
N TYR A 266 10.01 -8.40 -36.65
CA TYR A 266 9.68 -8.46 -35.24
C TYR A 266 8.41 -7.67 -34.94
N TYR A 267 8.39 -6.42 -35.39
CA TYR A 267 7.23 -5.58 -35.16
C TYR A 267 6.00 -6.15 -35.85
N TYR A 268 6.14 -6.57 -37.11
CA TYR A 268 4.99 -7.04 -37.87
C TYR A 268 4.36 -8.26 -37.21
N VAL A 269 5.19 -9.23 -36.78
CA VAL A 269 4.62 -10.47 -36.22
C VAL A 269 3.96 -10.19 -34.86
N TYR A 270 4.63 -9.42 -33.99
CA TYR A 270 4.02 -9.14 -32.68
C TYR A 270 2.78 -8.27 -32.83
N GLN A 271 2.80 -7.31 -33.76
CA GLN A 271 1.59 -6.52 -34.01
C GLN A 271 0.44 -7.42 -34.44
N LYS A 272 0.71 -8.35 -35.36
CA LYS A 272 -0.35 -9.24 -35.82
C LYS A 272 -0.87 -10.15 -34.71
N ILE A 273 0.02 -10.69 -33.87
CA ILE A 273 -0.43 -11.53 -32.77
C ILE A 273 -1.31 -10.73 -31.81
N LEU A 274 -0.88 -9.52 -31.44
CA LEU A 274 -1.66 -8.73 -30.50
C LEU A 274 -2.98 -8.28 -31.10
N ALA A 275 -2.97 -7.87 -32.37
CA ALA A 275 -4.19 -7.40 -33.03
C ALA A 275 -5.20 -8.52 -33.16
N ARG A 276 -4.72 -9.75 -33.46
CA ARG A 276 -5.64 -10.87 -33.60
C ARG A 276 -6.22 -11.25 -32.24
N TYR A 277 -5.40 -11.23 -31.19
CA TYR A 277 -5.90 -11.46 -29.82
C TYR A 277 -6.90 -10.39 -29.43
N TYR A 278 -6.62 -9.13 -29.81
CA TYR A 278 -7.56 -8.06 -29.53
C TYR A 278 -8.91 -8.32 -30.19
N LEU A 279 -8.89 -8.83 -31.42
CA LEU A 279 -10.17 -9.18 -32.06
C LEU A 279 -10.94 -10.21 -31.25
N GLU A 280 -10.25 -11.23 -30.72
CA GLU A 280 -10.96 -12.23 -29.93
C GLU A 280 -11.46 -11.66 -28.61
N ARG A 281 -10.71 -10.75 -28.00
CA ARG A 281 -11.22 -10.06 -26.82
C ARG A 281 -12.52 -9.33 -27.13
N LEU A 282 -12.52 -8.54 -28.21
CA LEU A 282 -13.71 -7.76 -28.52
C LEU A 282 -14.90 -8.67 -28.77
N ALA A 283 -14.68 -9.77 -29.50
CA ALA A 283 -15.73 -10.74 -29.73
C ALA A 283 -16.20 -11.43 -28.46
N ASN A 284 -15.46 -11.34 -27.35
CA ASN A 284 -15.93 -11.93 -26.11
C ASN A 284 -16.21 -10.86 -25.05
N GLY A 285 -16.37 -9.60 -25.49
CA GLY A 285 -16.76 -8.53 -24.60
C GLY A 285 -15.74 -8.17 -23.55
N LEU A 286 -14.46 -8.41 -23.82
CA LEU A 286 -13.39 -8.24 -22.85
C LEU A 286 -12.58 -6.95 -23.03
N GLY A 287 -12.87 -6.17 -24.08
CA GLY A 287 -12.25 -4.87 -24.19
C GLY A 287 -10.78 -4.90 -24.55
N GLU A 288 -10.08 -3.82 -24.21
CA GLU A 288 -8.71 -3.58 -24.63
C GLU A 288 -7.72 -4.34 -23.75
N ILE A 289 -6.51 -4.51 -24.27
CA ILE A 289 -5.42 -5.17 -23.56
C ILE A 289 -4.93 -4.28 -22.41
N PRO A 290 -4.89 -4.77 -21.16
CA PRO A 290 -4.47 -3.89 -20.06
C PRO A 290 -3.03 -3.39 -20.21
N ARG A 291 -2.81 -2.18 -19.72
CA ARG A 291 -1.47 -1.65 -19.51
C ARG A 291 -1.18 -1.71 -18.01
N PHE A 292 0.10 -1.76 -17.64
CA PHE A 292 0.39 -1.99 -16.23
C PHE A 292 1.66 -1.30 -15.79
N ASN A 293 1.71 -1.03 -14.49
CA ASN A 293 2.85 -0.41 -13.81
C ASN A 293 3.70 -1.52 -13.16
N TRP A 294 5.00 -1.58 -13.52
CA TRP A 294 5.89 -2.61 -12.97
C TRP A 294 5.96 -2.56 -11.44
N LEU A 295 5.71 -1.40 -10.84
CA LEU A 295 5.91 -1.26 -9.40
C LEU A 295 4.65 -1.47 -8.59
N ASP A 296 3.53 -1.79 -9.22
CA ASP A 296 2.25 -1.98 -8.54
C ASP A 296 1.86 -3.46 -8.57
N LYS A 297 0.82 -3.78 -7.80
CA LYS A 297 0.27 -5.14 -7.82
C LYS A 297 -0.22 -5.49 -9.23
N TYR A 298 0.13 -6.69 -9.69
CA TYR A 298 -0.19 -7.12 -11.05
C TYR A 298 -1.59 -7.77 -11.02
N GLN A 299 -2.52 -7.28 -11.84
CA GLN A 299 -3.94 -7.53 -11.63
C GLN A 299 -4.51 -8.67 -12.47
N THR A 300 -3.65 -9.42 -13.18
CA THR A 300 -4.04 -10.53 -14.03
C THR A 300 -3.39 -11.82 -13.55
N SER A 301 -4.14 -12.61 -12.76
CA SER A 301 -3.65 -13.89 -12.28
C SER A 301 -3.62 -14.92 -13.40
N TYR A 302 -2.98 -16.05 -13.11
CA TYR A 302 -2.86 -17.15 -14.07
C TYR A 302 -2.55 -18.42 -13.28
N TYR A 303 -3.43 -19.43 -13.41
CA TYR A 303 -3.31 -20.71 -12.73
C TYR A 303 -3.29 -21.81 -13.79
N PRO A 304 -2.16 -22.00 -14.48
CA PRO A 304 -2.10 -22.99 -15.56
C PRO A 304 -2.22 -24.41 -15.03
N LEU A 305 -2.98 -25.22 -15.76
CA LEU A 305 -3.03 -26.65 -15.48
C LEU A 305 -2.05 -27.39 -16.37
N LEU A 306 -0.89 -26.80 -16.59
CA LEU A 306 0.18 -27.39 -17.37
C LEU A 306 1.22 -27.89 -16.39
N SER A 307 1.93 -28.95 -16.77
CA SER A 307 3.09 -29.40 -16.01
C SER A 307 4.17 -29.89 -16.96
N SER A 308 5.41 -29.91 -16.48
CA SER A 308 6.50 -30.55 -17.21
C SER A 308 6.73 -31.97 -16.71
N TYR A 309 5.67 -32.61 -16.23
CA TYR A 309 5.54 -34.00 -15.81
C TYR A 309 6.30 -34.33 -14.54
N GLN A 310 7.40 -33.65 -14.28
CA GLN A 310 8.16 -33.81 -13.05
C GLN A 310 7.82 -32.71 -12.05
N LEU A 311 7.28 -31.59 -12.55
CA LEU A 311 7.06 -30.37 -11.84
C LEU A 311 5.83 -29.67 -12.41
N PRO A 312 5.04 -29.02 -11.56
CA PRO A 312 3.96 -28.18 -12.06
C PRO A 312 4.50 -26.85 -12.59
N PHE A 313 3.71 -26.24 -13.49
CA PHE A 313 3.98 -24.86 -13.88
C PHE A 313 3.70 -23.91 -12.70
N ALA A 314 4.43 -22.79 -12.69
CA ALA A 314 4.20 -21.76 -11.66
C ALA A 314 2.84 -21.11 -11.84
N GLN A 315 2.16 -20.87 -10.74
CA GLN A 315 0.89 -20.18 -10.73
C GLN A 315 1.10 -18.75 -10.24
N ARG A 316 0.43 -17.79 -10.87
CA ARG A 316 0.53 -16.40 -10.45
C ARG A 316 -0.77 -15.99 -9.76
N ASN A 317 -0.70 -15.78 -8.45
CA ASN A 317 -1.88 -15.34 -7.70
C ASN A 317 -2.29 -13.92 -8.12
N ASP A 318 -3.55 -13.58 -7.86
CA ASP A 318 -4.05 -12.24 -8.16
C ASP A 318 -3.26 -11.22 -7.35
N ASP A 319 -3.07 -10.04 -7.95
CA ASP A 319 -2.38 -8.91 -7.30
C ASP A 319 -0.96 -9.26 -6.89
N TYR A 320 -0.28 -10.10 -7.67
CA TYR A 320 1.11 -10.45 -7.36
C TYR A 320 2.01 -9.22 -7.45
N TYR A 321 2.84 -9.02 -6.43
CA TYR A 321 3.74 -7.87 -6.36
C TYR A 321 5.03 -8.20 -7.10
N LEU A 322 5.27 -7.49 -8.20
CA LEU A 322 6.40 -7.80 -9.08
C LEU A 322 7.73 -7.28 -8.56
N ALA A 323 7.72 -6.20 -7.77
CA ALA A 323 8.96 -5.50 -7.41
C ALA A 323 9.43 -5.81 -6.00
N SER A 324 9.63 -7.09 -5.69
CA SER A 324 10.16 -7.42 -4.37
C SER A 324 11.66 -7.11 -4.29
N GLY A 325 12.17 -7.13 -3.06
CA GLY A 325 13.62 -6.98 -2.88
C GLY A 325 14.44 -8.01 -3.66
N ASP A 326 13.93 -9.26 -3.76
CA ASP A 326 14.64 -10.27 -4.55
C ASP A 326 14.60 -10.00 -6.05
N ASN A 327 13.66 -9.18 -6.51
CA ASN A 327 13.50 -8.89 -7.93
C ASN A 327 14.10 -7.55 -8.34
N ILE A 328 14.64 -6.78 -7.39
CA ILE A 328 14.81 -5.35 -7.64
C ILE A 328 15.83 -5.10 -8.74
N ASN A 329 16.89 -5.92 -8.79
CA ASN A 329 17.90 -5.80 -9.84
C ASN A 329 17.28 -6.01 -11.21
N ASP A 330 16.41 -7.02 -11.33
CA ASP A 330 15.67 -7.24 -12.57
C ASP A 330 14.75 -6.07 -12.88
N ILE A 331 14.05 -5.53 -11.87
CA ILE A 331 13.14 -4.40 -12.08
C ILE A 331 13.93 -3.18 -12.56
N GLN A 332 15.09 -2.94 -11.96
CA GLN A 332 15.93 -1.83 -12.37
C GLN A 332 16.40 -1.96 -13.82
N PHE A 333 16.81 -3.17 -14.22
CA PHE A 333 17.20 -3.36 -15.61
C PHE A 333 16.05 -3.08 -16.55
N ILE A 334 14.87 -3.60 -16.23
CA ILE A 334 13.69 -3.38 -17.06
C ILE A 334 13.38 -1.90 -17.18
N ASP A 335 13.34 -1.21 -16.03
CA ASP A 335 12.96 0.19 -16.07
C ASP A 335 14.01 1.01 -16.81
N THR A 336 15.29 0.71 -16.59
CA THR A 336 16.34 1.41 -17.30
C THR A 336 16.21 1.23 -18.81
N TYR A 337 15.91 -0.01 -19.23
CA TYR A 337 15.81 -0.31 -20.66
C TYR A 337 14.71 0.50 -21.32
N GLU A 338 13.58 0.69 -20.62
CA GLU A 338 12.52 1.53 -21.16
C GLU A 338 12.92 3.00 -21.18
N LYS A 339 13.54 3.47 -20.08
CA LYS A 339 14.01 4.84 -19.98
C LYS A 339 14.97 5.17 -21.10
N THR A 340 15.92 4.26 -21.37
CA THR A 340 16.88 4.46 -22.45
C THR A 340 16.17 4.68 -23.78
N PHE A 341 15.15 3.87 -24.08
CA PHE A 341 14.45 4.00 -25.35
C PHE A 341 13.72 5.34 -25.44
N LEU A 342 13.13 5.81 -24.33
CA LEU A 342 12.54 7.15 -24.32
C LEU A 342 13.60 8.24 -24.53
N GLN A 343 14.80 8.02 -23.99
CA GLN A 343 15.87 8.97 -24.27
C GLN A 343 16.27 8.93 -25.74
N LEU A 344 16.25 7.73 -26.35
CA LEU A 344 16.56 7.65 -27.78
C LEU A 344 15.53 8.42 -28.60
N LEU A 345 14.25 8.36 -28.21
CA LEU A 345 13.21 9.13 -28.90
C LEU A 345 13.43 10.62 -28.73
N GLN A 346 13.99 11.04 -27.61
CA GLN A 346 14.39 12.44 -27.47
C GLN A 346 15.56 12.77 -28.40
N LYS A 347 16.54 11.86 -28.51
CA LYS A 347 17.72 12.14 -29.33
C LYS A 347 17.38 12.22 -30.80
N GLY A 348 16.57 11.31 -31.30
CA GLY A 348 16.17 11.30 -32.71
C GLY A 348 17.20 10.74 -33.68
N GLN A 349 18.41 11.27 -33.65
CA GLN A 349 19.53 10.76 -34.44
C GLN A 349 20.72 10.61 -33.50
N PHE A 350 21.31 9.42 -33.49
CA PHE A 350 22.25 9.06 -32.44
C PHE A 350 23.04 7.83 -32.87
N LYS A 351 24.07 7.54 -32.08
CA LYS A 351 24.88 6.34 -32.18
C LYS A 351 24.60 5.47 -30.97
N ALA A 352 24.21 4.20 -31.21
CA ALA A 352 23.92 3.23 -30.15
C ALA A 352 24.54 1.89 -30.51
N TYR A 353 25.29 1.31 -29.58
CA TYR A 353 25.98 0.05 -29.82
C TYR A 353 26.83 0.14 -31.11
N LYS A 354 27.40 1.32 -31.33
CA LYS A 354 28.20 1.64 -32.50
C LYS A 354 27.40 1.61 -33.81
N GLN A 355 26.08 1.71 -33.77
CA GLN A 355 25.25 1.80 -34.97
C GLN A 355 24.71 3.21 -35.09
N GLU A 356 24.84 3.84 -36.26
CA GLU A 356 24.16 5.11 -36.46
C GLU A 356 22.72 4.91 -36.89
N VAL A 357 21.81 5.52 -36.15
CA VAL A 357 20.38 5.33 -36.28
C VAL A 357 19.75 6.70 -36.50
N ASP A 358 18.85 6.77 -37.47
CA ASP A 358 18.10 7.98 -37.80
C ASP A 358 16.63 7.64 -37.67
N LEU A 359 16.00 8.00 -36.54
CA LEU A 359 14.61 7.58 -36.32
C LEU A 359 13.63 8.27 -37.27
N TYR A 360 14.04 9.36 -37.93
CA TYR A 360 13.23 9.93 -38.99
C TYR A 360 13.13 9.01 -40.21
N ASN A 361 14.05 8.04 -40.33
CA ASN A 361 14.10 7.15 -41.47
C ASN A 361 13.36 5.86 -41.11
N SER A 362 12.41 5.46 -41.96
CA SER A 362 11.62 4.27 -41.67
C SER A 362 12.48 2.99 -41.61
N LYS A 363 13.69 3.02 -42.15
CA LYS A 363 14.55 1.84 -42.07
C LYS A 363 15.01 1.56 -40.64
N SER A 364 14.92 2.55 -39.76
CA SER A 364 15.39 2.35 -38.40
C SER A 364 14.49 1.41 -37.59
N ILE A 365 13.35 0.95 -38.13
CA ILE A 365 12.57 -0.08 -37.45
C ILE A 365 13.42 -1.34 -37.23
N ASN A 366 14.47 -1.54 -38.05
CA ASN A 366 15.37 -2.66 -37.83
C ASN A 366 16.14 -2.52 -36.50
N PHE A 367 16.76 -1.37 -36.28
CA PHE A 367 17.42 -1.15 -35.00
C PHE A 367 16.42 -1.26 -33.85
N VAL A 368 15.24 -0.65 -34.02
CA VAL A 368 14.25 -0.56 -32.95
C VAL A 368 13.77 -1.96 -32.54
N GLY A 369 13.43 -2.79 -33.52
CA GLY A 369 13.01 -4.15 -33.21
C GLY A 369 14.10 -5.01 -32.61
N ASN A 370 15.34 -4.90 -33.13
CA ASN A 370 16.46 -5.62 -32.55
C ASN A 370 16.77 -5.11 -31.15
N TYR A 371 16.54 -3.80 -30.90
CA TYR A 371 16.72 -3.26 -29.56
C TYR A 371 15.78 -3.95 -28.57
N TRP A 372 14.49 -4.02 -28.92
CA TRP A 372 13.54 -4.60 -27.99
C TRP A 372 13.69 -6.11 -27.85
N GLN A 373 14.27 -6.79 -28.84
CA GLN A 373 14.52 -8.22 -28.70
C GLN A 373 15.89 -8.53 -28.09
N SER A 374 16.73 -7.53 -27.86
CA SER A 374 18.07 -7.74 -27.32
C SER A 374 18.82 -8.82 -28.10
N ASN A 375 18.63 -8.87 -29.42
CA ASN A 375 19.12 -10.01 -30.19
C ASN A 375 20.59 -9.80 -30.59
N ALA A 376 21.16 -10.79 -31.27
CA ALA A 376 22.58 -10.75 -31.62
C ALA A 376 22.89 -9.59 -32.56
N ASP A 377 21.95 -9.23 -33.45
CA ASP A 377 22.21 -8.13 -34.37
C ASP A 377 22.30 -6.80 -33.65
N LEU A 378 21.68 -6.67 -32.47
CA LEU A 378 21.83 -5.44 -31.71
C LEU A 378 23.28 -5.22 -31.31
N TYR A 379 24.02 -6.29 -31.04
CA TYR A 379 25.38 -6.21 -30.51
C TYR A 379 26.45 -6.50 -31.55
N GLU A 380 26.09 -6.60 -32.83
CA GLU A 380 27.05 -7.10 -33.80
C GLU A 380 28.22 -6.15 -34.02
N LYS A 381 28.05 -4.86 -33.79
CA LYS A 381 29.15 -3.96 -34.05
C LYS A 381 30.01 -3.70 -32.82
N VAL A 382 29.75 -4.37 -31.71
CA VAL A 382 30.61 -4.20 -30.54
C VAL A 382 31.38 -5.49 -30.30
N PRO A 383 32.53 -5.44 -29.61
CA PRO A 383 33.29 -6.65 -29.32
C PRO A 383 32.45 -7.64 -28.54
N LYS A 384 32.73 -8.92 -28.78
CA LYS A 384 31.94 -9.97 -28.17
C LYS A 384 31.92 -9.75 -26.66
N ARG A 385 30.74 -9.90 -26.07
CA ARG A 385 30.53 -9.54 -24.67
C ARG A 385 30.29 -10.78 -23.84
N ASN A 386 30.94 -10.84 -22.68
CA ASN A 386 30.55 -11.79 -21.66
C ASN A 386 29.42 -11.26 -20.76
N TYR A 387 29.09 -9.97 -20.86
CA TYR A 387 27.97 -9.38 -20.12
C TYR A 387 26.76 -9.26 -21.04
N TRP A 388 25.67 -9.89 -20.65
CA TRP A 388 24.45 -9.85 -21.45
C TRP A 388 23.23 -9.94 -20.55
N ARG A 389 22.24 -9.08 -20.82
CA ARG A 389 20.93 -9.12 -20.20
C ARG A 389 19.91 -8.93 -21.31
N SER A 390 18.76 -9.59 -21.18
CA SER A 390 17.69 -9.47 -22.15
C SER A 390 16.49 -8.80 -21.49
N TYR A 391 15.94 -7.76 -22.15
CA TYR A 391 14.72 -7.15 -21.65
C TYR A 391 13.61 -8.17 -21.54
N GLU A 392 13.35 -8.89 -22.62
CA GLU A 392 12.24 -9.82 -22.67
C GLU A 392 12.40 -10.94 -21.65
N ALA A 393 13.59 -11.53 -21.55
CA ALA A 393 13.81 -12.62 -20.60
C ALA A 393 13.63 -12.15 -19.17
N THR A 394 14.09 -10.92 -18.87
CA THR A 394 13.95 -10.40 -17.51
C THR A 394 12.48 -10.15 -17.17
N ALA A 395 11.74 -9.56 -18.12
CA ALA A 395 10.30 -9.33 -17.94
C ALA A 395 9.52 -10.64 -17.78
N ARG A 396 9.84 -11.65 -18.60
CA ARG A 396 9.18 -12.96 -18.47
C ARG A 396 9.46 -13.57 -17.10
N ARG A 397 10.70 -13.44 -16.62
CA ARG A 397 11.03 -13.97 -15.31
C ARG A 397 10.25 -13.25 -14.22
N VAL A 398 10.13 -11.92 -14.33
CA VAL A 398 9.38 -11.18 -13.33
C VAL A 398 7.88 -11.52 -13.38
N LEU A 399 7.28 -11.59 -14.57
CA LEU A 399 5.85 -11.83 -14.64
C LEU A 399 5.50 -13.29 -14.36
N GLY A 400 6.50 -14.18 -14.47
CA GLY A 400 6.24 -15.62 -14.38
C GLY A 400 5.89 -16.14 -12.99
N ALA A 401 6.27 -15.40 -11.93
CA ALA A 401 5.93 -15.68 -10.52
C ALA A 401 6.55 -16.97 -9.99
N ALA A 402 7.63 -17.46 -10.57
CA ALA A 402 8.37 -18.56 -9.95
C ALA A 402 9.01 -18.07 -8.65
N PRO A 403 9.25 -18.96 -7.71
CA PRO A 403 9.99 -18.53 -6.50
C PRO A 403 11.36 -18.01 -6.90
N ARG A 404 11.83 -16.98 -6.19
CA ARG A 404 13.09 -16.34 -6.58
C ARG A 404 14.25 -17.31 -6.53
N SER A 405 14.22 -18.26 -5.61
CA SER A 405 15.22 -19.31 -5.56
C SER A 405 15.31 -20.08 -6.88
N SER A 406 14.20 -20.16 -7.63
CA SER A 406 14.24 -20.79 -8.95
C SER A 406 15.17 -20.03 -9.89
N ILE A 407 15.36 -18.74 -9.66
CA ILE A 407 16.27 -17.94 -10.46
C ILE A 407 17.71 -18.01 -9.95
N ASN A 408 17.90 -18.13 -8.64
CA ASN A 408 19.26 -18.12 -8.09
C ASN A 408 20.01 -19.42 -8.36
N TYR A 409 19.34 -20.56 -8.36
CA TYR A 409 20.04 -21.84 -8.42
C TYR A 409 19.95 -22.38 -9.84
N GLU A 410 21.10 -22.67 -10.43
CA GLU A 410 21.09 -23.14 -11.80
C GLU A 410 20.46 -24.51 -11.91
N ASN A 411 20.63 -25.35 -10.91
CA ASN A 411 20.15 -26.72 -11.04
C ASN A 411 18.63 -26.86 -10.95
N MET A 412 17.91 -25.94 -10.31
CA MET A 412 16.51 -26.19 -9.98
C MET A 412 15.60 -25.09 -10.50
N ASN A 413 14.51 -25.47 -11.17
CA ASN A 413 13.56 -24.52 -11.73
C ASN A 413 12.12 -25.00 -11.52
N ILE A 414 11.22 -24.08 -11.23
CA ILE A 414 9.79 -24.32 -11.41
C ILE A 414 9.40 -23.71 -12.75
N PRO A 415 8.99 -24.51 -13.73
CA PRO A 415 8.80 -23.95 -15.06
C PRO A 415 7.60 -23.03 -15.08
N THR A 416 7.64 -22.03 -15.95
CA THR A 416 6.49 -21.16 -16.20
C THR A 416 6.09 -21.23 -17.67
N ALA A 417 4.85 -20.80 -17.96
CA ALA A 417 4.40 -20.71 -19.35
C ALA A 417 5.28 -19.77 -20.16
N LEU A 418 5.90 -18.78 -19.49
CA LEU A 418 6.75 -17.81 -20.17
C LEU A 418 8.16 -18.33 -20.42
N ASP A 419 8.47 -19.55 -19.97
CA ASP A 419 9.73 -20.23 -20.25
C ASP A 419 9.73 -20.98 -21.58
N PHE A 420 8.58 -21.14 -22.23
CA PHE A 420 8.52 -21.95 -23.45
C PHE A 420 7.80 -21.18 -24.54
N TYR A 421 8.40 -21.15 -25.72
CA TYR A 421 7.66 -20.58 -26.84
C TYR A 421 6.45 -21.43 -27.19
N GLN A 422 6.42 -22.70 -26.74
CA GLN A 422 5.24 -23.56 -26.96
C GLN A 422 4.01 -23.09 -26.19
N THR A 423 4.20 -22.42 -25.04
CA THR A 423 3.08 -22.13 -24.13
C THR A 423 2.89 -20.63 -23.84
N SER A 424 3.76 -19.77 -24.35
CA SER A 424 3.74 -18.35 -24.00
C SER A 424 2.37 -17.71 -24.23
N LEU A 425 1.71 -18.05 -25.34
CA LEU A 425 0.48 -17.41 -25.73
C LEU A 425 -0.70 -17.78 -24.84
N ARG A 426 -0.53 -18.75 -23.95
CA ARG A 426 -1.59 -19.11 -22.99
C ARG A 426 -1.68 -18.15 -21.81
N ASP A 427 -0.60 -17.42 -21.51
CA ASP A 427 -0.59 -16.52 -20.36
C ASP A 427 -1.06 -15.14 -20.79
N PRO A 428 -2.13 -14.61 -20.21
CA PRO A 428 -2.55 -13.23 -20.55
C PRO A 428 -1.45 -12.21 -20.31
N ALA A 429 -0.50 -12.47 -19.40
CA ALA A 429 0.62 -11.56 -19.20
C ALA A 429 1.48 -11.42 -20.46
N PHE A 430 1.51 -12.46 -21.31
CA PHE A 430 2.30 -12.38 -22.54
C PHE A 430 1.83 -11.21 -23.41
N TYR A 431 0.51 -11.08 -23.59
CA TYR A 431 0.00 -10.03 -24.47
C TYR A 431 0.21 -8.66 -23.86
N GLN A 432 0.09 -8.56 -22.55
CA GLN A 432 0.31 -7.28 -21.89
C GLN A 432 1.78 -6.86 -21.99
N LEU A 433 2.72 -7.81 -21.85
CA LEU A 433 4.12 -7.46 -21.99
C LEU A 433 4.39 -6.93 -23.39
N TYR A 434 3.96 -7.65 -24.44
CA TYR A 434 4.29 -7.18 -25.78
C TYR A 434 3.44 -5.98 -26.21
N ALA A 435 2.29 -5.76 -25.57
CA ALA A 435 1.59 -4.51 -25.79
C ALA A 435 2.39 -3.35 -25.22
N LYS A 436 3.01 -3.56 -24.06
CA LYS A 436 3.92 -2.55 -23.52
C LYS A 436 5.05 -2.25 -24.48
N ILE A 437 5.69 -3.30 -25.01
CA ILE A 437 6.79 -3.09 -25.96
C ILE A 437 6.29 -2.39 -27.22
N LEU A 438 5.18 -2.86 -27.78
CA LEU A 438 4.74 -2.23 -29.02
C LEU A 438 4.20 -0.80 -28.80
N ASP A 439 3.71 -0.47 -27.60
CA ASP A 439 3.41 0.94 -27.29
C ASP A 439 4.63 1.82 -27.51
N TYR A 440 5.80 1.38 -27.00
CA TYR A 440 7.04 2.13 -27.19
C TYR A 440 7.42 2.21 -28.67
N ILE A 441 7.28 1.10 -29.40
CA ILE A 441 7.61 1.13 -30.83
C ILE A 441 6.63 2.03 -31.60
N ASN A 442 5.35 2.01 -31.22
CA ASN A 442 4.40 2.91 -31.89
C ASN A 442 4.67 4.38 -31.57
N GLU A 443 5.28 4.68 -30.41
CA GLU A 443 5.80 6.04 -30.19
C GLU A 443 6.90 6.36 -31.19
N TYR A 444 7.80 5.41 -31.43
CA TYR A 444 8.83 5.62 -32.43
C TYR A 444 8.20 5.88 -33.79
N LYS A 445 7.09 5.19 -34.09
CA LYS A 445 6.44 5.35 -35.40
C LYS A 445 5.94 6.75 -35.65
N GLU A 446 5.69 7.52 -34.58
CA GLU A 446 5.28 8.91 -34.73
C GLU A 446 6.34 9.76 -35.38
N TYR A 447 7.61 9.32 -35.37
CA TYR A 447 8.65 10.02 -36.14
C TYR A 447 8.40 9.97 -37.64
N LEU A 448 7.75 8.91 -38.13
CA LEU A 448 7.69 8.66 -39.56
C LEU A 448 6.73 9.63 -40.24
N GLU A 449 7.09 10.01 -41.46
CA GLU A 449 6.25 10.91 -42.25
C GLU A 449 5.05 10.13 -42.76
N PRO A 450 3.83 10.60 -42.50
CA PRO A 450 2.66 9.89 -43.05
C PRO A 450 2.67 9.88 -44.57
N TYR A 451 2.15 8.81 -45.16
CA TYR A 451 2.12 8.71 -46.61
C TYR A 451 1.30 9.85 -47.21
N SER A 452 1.84 10.48 -48.25
CA SER A 452 1.09 11.53 -48.94
C SER A 452 -0.01 10.93 -49.81
N GLN A 453 -0.97 11.78 -50.18
CA GLN A 453 -2.02 11.37 -51.11
C GLN A 453 -1.48 10.89 -52.46
N ASP A 454 -0.41 11.52 -52.97
CA ASP A 454 0.17 11.11 -54.25
C ASP A 454 0.71 9.68 -54.20
N VAL A 455 1.31 9.30 -53.07
CA VAL A 455 1.77 7.92 -52.90
C VAL A 455 0.59 6.95 -52.81
N LEU A 456 -0.46 7.32 -52.09
CA LEU A 456 -1.54 6.36 -51.84
C LEU A 456 -2.49 6.21 -53.03
N HIS A 457 -2.68 7.27 -53.81
CA HIS A 457 -3.69 7.30 -54.87
C HIS A 457 -3.14 6.63 -56.13
N TYR A 458 -3.89 5.69 -56.68
CA TYR A 458 -3.54 5.04 -57.94
C TYR A 458 -4.41 5.66 -59.02
N VAL A 459 -3.86 6.59 -59.78
CA VAL A 459 -4.63 7.30 -60.80
C VAL A 459 -5.10 6.31 -61.85
N GLY A 460 -6.39 6.37 -62.17
CA GLY A 460 -6.98 5.52 -63.18
C GLY A 460 -7.52 4.19 -62.69
N VAL A 461 -7.43 3.91 -61.40
CA VAL A 461 -7.90 2.66 -60.82
C VAL A 461 -8.91 2.99 -59.73
N LYS A 462 -10.10 2.41 -59.81
CA LYS A 462 -11.16 2.68 -58.85
C LYS A 462 -11.79 1.37 -58.39
N ILE A 463 -11.84 1.14 -57.08
CA ILE A 463 -12.57 -0.01 -56.55
C ILE A 463 -14.05 0.40 -56.43
N ASN A 464 -14.91 -0.19 -57.25
CA ASN A 464 -16.32 0.18 -57.29
C ASN A 464 -17.09 -0.43 -56.14
N ASP A 465 -16.73 -1.66 -55.77
CA ASP A 465 -17.54 -2.43 -54.84
C ASP A 465 -16.71 -3.60 -54.32
N VAL A 466 -17.03 -4.01 -53.08
CA VAL A 466 -16.50 -5.22 -52.48
C VAL A 466 -17.69 -6.02 -51.94
N LYS A 467 -17.83 -7.26 -52.40
CA LYS A 467 -18.88 -8.14 -51.91
C LYS A 467 -18.25 -9.38 -51.30
N VAL A 468 -18.72 -9.74 -50.11
CA VAL A 468 -18.14 -10.83 -49.33
C VAL A 468 -19.23 -11.85 -49.04
N ASP A 469 -18.93 -13.12 -49.28
CA ASP A 469 -19.83 -14.18 -48.86
C ASP A 469 -20.06 -14.10 -47.35
N LYS A 470 -21.10 -14.80 -46.90
CA LYS A 470 -21.42 -14.85 -45.49
C LYS A 470 -20.24 -15.38 -44.68
N LEU A 471 -19.91 -14.68 -43.61
CA LEU A 471 -18.80 -15.04 -42.73
C LEU A 471 -19.37 -15.80 -41.54
N VAL A 472 -19.01 -17.08 -41.45
CA VAL A 472 -19.57 -18.00 -40.47
C VAL A 472 -18.43 -18.71 -39.76
N THR A 473 -18.43 -18.67 -38.43
CA THR A 473 -17.53 -19.49 -37.65
C THR A 473 -18.31 -20.62 -37.00
N TYR A 474 -17.58 -21.65 -36.59
CA TYR A 474 -18.16 -22.79 -35.89
C TYR A 474 -17.04 -23.56 -35.19
N PHE A 475 -17.43 -24.41 -34.24
CA PHE A 475 -16.47 -25.31 -33.58
C PHE A 475 -16.58 -26.70 -34.20
N GLU A 476 -15.45 -27.37 -34.33
CA GLU A 476 -15.42 -28.72 -34.83
C GLU A 476 -14.37 -29.51 -34.07
N TYR A 477 -14.58 -30.83 -33.97
CA TYR A 477 -13.59 -31.70 -33.35
C TYR A 477 -12.36 -31.84 -34.25
N PHE A 478 -11.18 -31.77 -33.63
CA PHE A 478 -9.90 -31.93 -34.33
C PHE A 478 -9.04 -32.94 -33.56
N ASP A 479 -8.59 -33.98 -34.24
CA ASP A 479 -7.80 -35.05 -33.65
C ASP A 479 -6.32 -34.75 -33.81
N TRP A 480 -5.56 -34.89 -32.73
CA TRP A 480 -4.11 -34.76 -32.82
C TRP A 480 -3.43 -35.78 -31.90
N ASN A 481 -2.21 -36.09 -32.25
CA ASN A 481 -1.50 -37.26 -31.73
C ASN A 481 -0.62 -36.86 -30.55
N ALA A 482 -0.90 -37.42 -29.38
CA ALA A 482 -0.18 -37.11 -28.16
C ALA A 482 0.70 -38.25 -27.69
N THR A 483 0.99 -39.23 -28.57
CA THR A 483 1.72 -40.41 -28.14
C THR A 483 3.12 -40.08 -27.64
N ASN A 484 3.73 -39.01 -28.18
CA ASN A 484 5.06 -38.63 -27.69
C ASN A 484 5.05 -38.15 -26.24
N ALA A 485 3.89 -37.99 -25.60
CA ALA A 485 3.87 -37.62 -24.19
C ALA A 485 4.09 -38.82 -23.25
N VAL A 486 3.81 -40.04 -23.67
CA VAL A 486 3.79 -41.17 -22.76
C VAL A 486 5.10 -41.94 -22.86
N TYR A 487 5.44 -42.64 -21.79
CA TYR A 487 6.62 -43.49 -21.77
C TYR A 487 6.18 -44.90 -22.11
N LEU A 488 6.74 -45.44 -23.19
CA LEU A 488 6.36 -46.73 -23.73
C LEU A 488 7.23 -47.82 -23.13
N SER A 489 6.68 -49.04 -23.12
CA SER A 489 7.45 -50.21 -22.74
C SER A 489 8.42 -50.60 -23.85
N GLU A 490 9.39 -51.46 -23.50
CA GLU A 490 10.34 -51.95 -24.49
C GLU A 490 9.65 -52.72 -25.60
N GLN A 491 8.66 -53.55 -25.24
CA GLN A 491 7.89 -54.28 -26.26
C GLN A 491 7.20 -53.31 -27.22
N GLN A 492 6.61 -52.24 -26.69
CA GLN A 492 5.93 -51.26 -27.54
C GLN A 492 6.95 -50.49 -28.38
N LEU A 493 8.10 -50.15 -27.80
CA LEU A 493 9.13 -49.45 -28.56
C LEU A 493 9.67 -50.32 -29.69
N ASP A 494 9.74 -51.64 -29.46
CA ASP A 494 10.31 -52.57 -30.45
C ASP A 494 9.33 -52.93 -31.54
N THR A 495 8.04 -53.01 -31.24
CA THR A 495 7.11 -53.19 -32.33
C THR A 495 6.31 -51.94 -32.70
N VAL A 496 5.34 -51.58 -31.86
CA VAL A 496 4.49 -50.43 -32.14
C VAL A 496 3.66 -50.07 -30.90
N SER A 497 3.45 -48.80 -30.70
CA SER A 497 2.63 -48.34 -29.60
C SER A 497 1.15 -48.32 -29.97
N PRO A 498 0.27 -48.33 -28.99
CA PRO A 498 -1.06 -47.77 -29.22
C PRO A 498 -0.95 -46.27 -29.41
N SER A 499 -1.95 -45.69 -30.04
CA SER A 499 -1.99 -44.26 -30.30
C SER A 499 -2.84 -43.59 -29.24
N TYR A 500 -2.36 -42.45 -28.75
CA TYR A 500 -3.10 -41.64 -27.79
C TYR A 500 -3.44 -40.34 -28.48
N ILE A 501 -4.72 -40.21 -28.83
CA ILE A 501 -5.22 -39.12 -29.67
C ILE A 501 -6.06 -38.18 -28.83
N VAL A 502 -5.73 -36.89 -28.87
CA VAL A 502 -6.55 -35.87 -28.22
C VAL A 502 -7.61 -35.43 -29.22
N ARG A 503 -8.86 -35.41 -28.78
CA ARG A 503 -9.96 -34.97 -29.63
C ARG A 503 -10.55 -33.72 -29.00
N GLN A 504 -10.44 -32.61 -29.73
CA GLN A 504 -10.60 -31.30 -29.15
C GLN A 504 -11.39 -30.38 -30.07
N PRO A 505 -12.43 -29.70 -29.56
CA PRO A 505 -13.10 -28.69 -30.38
C PRO A 505 -12.15 -27.55 -30.70
N ARG A 506 -12.18 -27.13 -31.96
CA ARG A 506 -11.35 -26.02 -32.43
C ARG A 506 -12.17 -25.12 -33.34
N LEU A 507 -11.85 -23.83 -33.29
CA LEU A 507 -12.50 -22.83 -34.12
C LEU A 507 -12.19 -23.04 -35.60
N ASN A 508 -13.18 -22.76 -36.44
CA ASN A 508 -12.98 -22.76 -37.89
C ASN A 508 -14.00 -21.81 -38.49
N ASN A 509 -13.82 -21.52 -39.78
CA ASN A 509 -14.75 -20.66 -40.54
C ASN A 509 -15.10 -21.31 -41.87
N LYS A 510 -16.30 -21.04 -42.37
CA LYS A 510 -16.71 -21.52 -43.68
C LYS A 510 -15.93 -20.82 -44.78
N PRO A 511 -15.55 -21.55 -45.83
CA PRO A 511 -14.87 -20.91 -46.97
C PRO A 511 -15.70 -19.74 -47.47
N PHE A 512 -15.03 -18.63 -47.76
CA PHE A 512 -15.71 -17.44 -48.22
C PHE A 512 -14.88 -16.77 -49.29
N THR A 513 -15.57 -16.04 -50.16
CA THR A 513 -14.96 -15.34 -51.28
C THR A 513 -15.16 -13.84 -51.12
N VAL A 514 -14.09 -13.09 -51.37
CA VAL A 514 -14.10 -11.63 -51.42
C VAL A 514 -14.12 -11.24 -52.88
N ASN A 515 -15.19 -10.57 -53.32
CA ASN A 515 -15.35 -10.17 -54.72
C ASN A 515 -15.07 -8.67 -54.82
N ILE A 516 -14.09 -8.30 -55.62
CA ILE A 516 -13.61 -6.94 -55.72
C ILE A 516 -13.88 -6.46 -57.14
N ASP A 517 -14.71 -5.42 -57.26
CA ASP A 517 -15.05 -4.79 -58.54
C ASP A 517 -14.19 -3.56 -58.74
N ILE A 518 -13.42 -3.56 -59.82
CA ILE A 518 -12.43 -2.52 -60.09
C ILE A 518 -12.63 -1.99 -61.50
N LYS A 519 -12.75 -0.67 -61.63
CA LYS A 519 -12.71 -0.05 -62.96
C LYS A 519 -11.31 0.50 -63.20
N SER A 520 -10.71 0.13 -64.33
CA SER A 520 -9.35 0.52 -64.65
C SER A 520 -9.27 1.27 -65.98
N ASP A 521 -8.65 2.46 -65.94
CA ASP A 521 -8.33 3.16 -67.19
C ASP A 521 -7.23 2.45 -67.96
N VAL A 522 -6.30 1.85 -67.25
CA VAL A 522 -5.10 1.33 -67.89
C VAL A 522 -5.07 -0.18 -67.73
N GLU A 523 -4.46 -0.84 -68.70
CA GLU A 523 -4.17 -2.26 -68.59
C GLU A 523 -2.83 -2.41 -67.88
N SER A 524 -2.83 -3.07 -66.73
CA SER A 524 -1.65 -3.08 -65.89
C SER A 524 -1.70 -4.20 -64.87
N GLU A 525 -0.53 -4.68 -64.51
CA GLU A 525 -0.37 -5.62 -63.40
C GLU A 525 -0.27 -4.83 -62.10
N VAL A 526 -1.11 -5.20 -61.13
CA VAL A 526 -1.24 -4.43 -59.89
C VAL A 526 -1.10 -5.34 -58.68
N VAL A 527 -0.88 -4.74 -57.53
CA VAL A 527 -0.90 -5.46 -56.26
C VAL A 527 -2.22 -5.17 -55.56
N VAL A 528 -2.84 -6.22 -55.03
CA VAL A 528 -4.04 -6.10 -54.20
C VAL A 528 -3.66 -6.56 -52.80
N LYS A 529 -4.12 -5.84 -51.78
CA LYS A 529 -4.02 -6.33 -50.41
C LYS A 529 -5.39 -6.30 -49.75
N ILE A 530 -5.59 -7.23 -48.82
CA ILE A 530 -6.80 -7.34 -48.03
C ILE A 530 -6.41 -7.32 -46.55
N PHE A 531 -7.05 -6.44 -45.79
CA PHE A 531 -6.86 -6.30 -44.36
C PHE A 531 -8.18 -6.53 -43.62
N LEU A 532 -8.09 -6.99 -42.39
CA LEU A 532 -9.24 -7.20 -41.51
C LEU A 532 -9.00 -6.46 -40.20
N GLY A 533 -9.99 -5.70 -39.77
CA GLY A 533 -9.81 -4.90 -38.59
C GLY A 533 -11.07 -4.76 -37.77
N PRO A 534 -10.93 -4.32 -36.52
CA PRO A 534 -12.12 -4.10 -35.69
C PRO A 534 -12.88 -2.86 -36.13
N LYS A 535 -14.16 -2.82 -35.77
CA LYS A 535 -15.01 -1.66 -36.01
C LYS A 535 -15.25 -0.85 -34.74
N TYR A 536 -15.56 -1.52 -33.63
CA TYR A 536 -15.89 -0.86 -32.36
C TYR A 536 -14.89 -1.22 -31.27
N ASP A 537 -14.63 -0.26 -30.40
CA ASP A 537 -13.79 -0.58 -29.27
C ASP A 537 -14.65 -1.24 -28.18
N GLY A 538 -14.02 -1.53 -27.04
CA GLY A 538 -14.73 -2.19 -25.94
C GLY A 538 -15.86 -1.38 -25.34
N ASN A 539 -15.85 -0.06 -25.52
CA ASN A 539 -16.90 0.82 -25.06
C ASN A 539 -18.01 0.98 -26.09
N GLY A 540 -17.93 0.26 -27.22
CA GLY A 540 -18.92 0.33 -28.27
C GLY A 540 -18.77 1.54 -29.18
N LEU A 541 -17.63 2.20 -29.13
CA LEU A 541 -17.53 3.39 -29.95
C LEU A 541 -16.71 3.11 -31.20
N PRO A 542 -17.08 3.69 -32.34
CA PRO A 542 -16.31 3.42 -33.56
C PRO A 542 -14.90 3.92 -33.44
N ILE A 543 -13.95 3.09 -33.87
CA ILE A 543 -12.53 3.42 -33.80
C ILE A 543 -12.16 4.17 -35.08
N SER A 544 -11.72 5.42 -34.93
CA SER A 544 -11.30 6.16 -36.10
C SER A 544 -9.98 5.62 -36.63
N LEU A 545 -9.73 5.87 -37.92
CA LEU A 545 -8.58 5.27 -38.58
C LEU A 545 -7.26 5.71 -37.96
N GLU A 546 -7.20 6.95 -37.46
CA GLU A 546 -5.97 7.41 -36.83
C GLU A 546 -5.63 6.60 -35.57
N ASP A 547 -6.61 5.98 -34.93
CA ASP A 547 -6.32 5.07 -33.83
C ASP A 547 -6.32 3.61 -34.25
N ASN A 548 -7.01 3.27 -35.34
CA ASN A 548 -7.25 1.88 -35.72
C ASN A 548 -6.20 1.28 -36.65
N TRP A 549 -5.27 2.07 -37.19
CA TRP A 549 -4.34 1.55 -38.20
C TRP A 549 -3.47 0.43 -37.66
N ILE A 550 -3.10 0.47 -36.38
CA ILE A 550 -2.32 -0.63 -35.81
C ILE A 550 -3.15 -1.90 -35.65
N ASN A 551 -4.49 -1.80 -35.62
CA ASN A 551 -5.34 -2.96 -35.34
C ASN A 551 -5.68 -3.79 -36.58
N PHE A 552 -5.39 -3.30 -37.78
CA PHE A 552 -5.73 -4.02 -39.00
C PHE A 552 -4.76 -5.18 -39.20
N ILE A 553 -5.32 -6.32 -39.61
CA ILE A 553 -4.56 -7.56 -39.79
C ILE A 553 -4.51 -7.84 -41.27
N GLU A 554 -3.30 -7.94 -41.80
CA GLU A 554 -3.11 -8.23 -43.22
C GLU A 554 -3.50 -9.68 -43.50
N LEU A 555 -4.48 -9.89 -44.38
CA LEU A 555 -4.91 -11.25 -44.72
C LEU A 555 -4.27 -11.79 -45.99
N ASP A 556 -4.09 -10.91 -47.00
CA ASP A 556 -3.81 -11.37 -48.34
C ASP A 556 -2.93 -10.35 -49.06
N TRP A 557 -2.22 -10.84 -50.07
CA TRP A 557 -1.19 -10.06 -50.77
C TRP A 557 -0.94 -10.76 -52.11
N PHE A 558 -1.34 -10.17 -53.24
CA PHE A 558 -1.18 -10.89 -54.50
C PHE A 558 -1.17 -9.92 -55.67
N THR A 559 -0.64 -10.40 -56.81
CA THR A 559 -0.65 -9.60 -58.02
C THR A 559 -1.83 -10.01 -58.91
N HIS A 560 -2.23 -9.07 -59.76
CA HIS A 560 -3.35 -9.31 -60.65
C HIS A 560 -3.21 -8.37 -61.85
N LYS A 561 -3.65 -8.86 -63.01
CA LYS A 561 -3.62 -8.08 -64.25
C LYS A 561 -4.99 -7.48 -64.52
N LEU A 562 -5.08 -6.15 -64.49
CA LEU A 562 -6.31 -5.44 -64.80
C LEU A 562 -6.36 -5.13 -66.31
N THR A 563 -7.47 -5.45 -66.94
CA THR A 563 -7.71 -4.96 -68.30
C THR A 563 -8.46 -3.64 -68.24
N SER A 564 -8.44 -2.93 -69.35
CA SER A 564 -9.11 -1.64 -69.42
C SER A 564 -10.62 -1.82 -69.28
N GLY A 565 -11.25 -0.96 -68.47
CA GLY A 565 -12.67 -1.09 -68.20
C GLY A 565 -12.95 -1.81 -66.90
N GLN A 566 -14.09 -2.51 -66.84
CA GLN A 566 -14.52 -3.15 -65.61
C GLN A 566 -13.79 -4.47 -65.40
N ASN A 567 -13.33 -4.70 -64.16
CA ASN A 567 -12.69 -5.93 -63.76
C ASN A 567 -13.39 -6.50 -62.54
N LYS A 568 -13.40 -7.83 -62.43
CA LYS A 568 -13.89 -8.51 -61.24
C LYS A 568 -12.84 -9.51 -60.76
N ILE A 569 -12.46 -9.39 -59.50
CA ILE A 569 -11.53 -10.31 -58.87
C ILE A 569 -12.30 -11.09 -57.84
N ALA A 570 -12.29 -12.42 -57.98
CA ALA A 570 -12.87 -13.31 -56.98
C ALA A 570 -11.71 -13.94 -56.23
N ARG A 571 -11.55 -13.55 -54.98
CA ARG A 571 -10.42 -13.99 -54.17
C ARG A 571 -10.94 -14.86 -53.04
N LYS A 572 -10.56 -16.14 -53.06
CA LYS A 572 -11.04 -17.12 -52.10
C LYS A 572 -10.22 -17.09 -50.82
N SER A 573 -10.90 -17.30 -49.68
CA SER A 573 -10.18 -17.32 -48.40
C SER A 573 -9.13 -18.42 -48.39
N GLU A 574 -9.36 -19.51 -49.11
CA GLU A 574 -8.38 -20.59 -49.21
C GLU A 574 -7.14 -20.19 -49.98
N GLU A 575 -7.16 -19.04 -50.66
CA GLU A 575 -6.00 -18.54 -51.38
C GLU A 575 -5.24 -17.46 -50.61
N PHE A 576 -5.76 -17.02 -49.45
CA PHE A 576 -5.17 -15.89 -48.76
C PHE A 576 -3.69 -16.16 -48.48
N PHE A 577 -2.86 -15.17 -48.83
CA PHE A 577 -1.40 -15.32 -48.76
C PHE A 577 -0.92 -15.63 -47.36
N PHE A 578 -1.54 -15.05 -46.33
CA PHE A 578 -0.99 -15.08 -44.98
C PHE A 578 -1.57 -16.19 -44.11
N PHE A 579 -2.25 -17.18 -44.69
CA PHE A 579 -2.82 -18.24 -43.88
C PHE A 579 -2.55 -19.60 -44.52
N LYS A 580 -2.42 -20.64 -43.70
CA LYS A 580 -2.05 -21.96 -44.17
C LYS A 580 -3.10 -23.01 -43.82
N ASP A 581 -3.07 -24.13 -44.55
CA ASP A 581 -3.86 -25.29 -44.17
C ASP A 581 -3.37 -25.84 -42.84
N ASP A 582 -4.25 -26.56 -42.15
CA ASP A 582 -3.83 -27.25 -40.94
C ASP A 582 -2.67 -28.17 -41.21
N SER A 583 -1.77 -28.26 -40.24
CA SER A 583 -0.79 -29.34 -40.26
C SER A 583 -1.51 -30.68 -40.25
N VAL A 584 -0.85 -31.66 -40.78
CA VAL A 584 -1.38 -33.00 -40.83
C VAL A 584 -0.69 -33.87 -39.78
N SER A 585 -1.40 -34.87 -39.30
CA SER A 585 -0.89 -35.71 -38.21
C SER A 585 0.20 -36.67 -38.72
N LEU A 586 0.98 -37.19 -37.76
CA LEU A 586 2.10 -38.07 -38.06
C LEU A 586 1.72 -39.25 -38.96
N PHE A 587 0.60 -39.91 -38.65
CA PHE A 587 0.17 -41.06 -39.46
C PHE A 587 -0.08 -40.63 -40.90
N LYS A 588 -0.67 -39.45 -41.08
CA LYS A 588 -0.91 -38.97 -42.43
C LYS A 588 0.41 -38.69 -43.15
N ILE A 589 1.41 -38.15 -42.45
CA ILE A 589 2.70 -37.89 -43.06
C ILE A 589 3.33 -39.18 -43.58
N TYR A 590 3.29 -40.24 -42.76
CA TYR A 590 3.84 -41.54 -43.16
C TYR A 590 3.06 -42.13 -44.31
N GLU A 591 1.73 -41.97 -44.30
CA GLU A 591 0.91 -42.44 -45.40
C GLU A 591 1.27 -41.72 -46.70
N LEU A 592 1.36 -40.38 -46.64
CA LEU A 592 1.75 -39.61 -47.82
C LEU A 592 3.15 -39.98 -48.30
N LEU A 593 4.09 -40.24 -47.37
CA LEU A 593 5.44 -40.64 -47.77
C LEU A 593 5.43 -41.91 -48.60
N SER A 594 4.60 -42.89 -48.23
CA SER A 594 4.54 -44.12 -49.00
C SER A 594 4.08 -43.87 -50.44
N ASN A 595 3.45 -42.72 -50.69
CA ASN A 595 3.16 -42.28 -52.05
C ASN A 595 4.16 -41.25 -52.55
N GLY A 596 5.27 -41.05 -51.85
CA GLY A 596 6.25 -40.07 -52.26
C GLY A 596 5.78 -38.63 -52.14
N GLN A 597 4.88 -38.35 -51.18
CA GLN A 597 4.26 -37.05 -51.02
C GLN A 597 4.56 -36.41 -49.68
N VAL A 598 4.44 -35.09 -49.65
CA VAL A 598 4.51 -34.31 -48.42
C VAL A 598 3.37 -33.29 -48.43
N PRO A 599 2.89 -32.86 -47.26
CA PRO A 599 1.91 -31.76 -47.19
C PRO A 599 2.58 -30.44 -47.57
N SER A 600 2.07 -29.80 -48.62
CA SER A 600 2.73 -28.64 -49.21
C SER A 600 2.84 -27.49 -48.23
N TYR A 601 1.76 -27.19 -47.50
CA TYR A 601 1.80 -26.07 -46.57
C TYR A 601 2.76 -26.35 -45.41
N MET A 602 2.88 -27.61 -44.99
CA MET A 602 3.82 -27.92 -43.92
C MET A 602 5.26 -27.67 -44.34
N VAL A 603 5.60 -27.81 -45.63
CA VAL A 603 7.00 -27.64 -46.01
C VAL A 603 7.33 -26.17 -46.25
N ASP A 604 6.59 -25.48 -47.11
CA ASP A 604 7.00 -24.13 -47.49
C ASP A 604 6.31 -23.04 -46.69
N ARG A 605 5.12 -23.29 -46.14
CA ARG A 605 4.38 -22.19 -45.56
C ARG A 605 3.93 -22.49 -44.14
N TYR A 606 4.75 -23.23 -43.38
CA TYR A 606 4.41 -23.51 -41.98
C TYR A 606 4.43 -22.26 -41.12
N ILE A 607 5.07 -21.17 -41.58
CA ILE A 607 5.19 -19.98 -40.75
C ILE A 607 3.97 -19.08 -40.76
N TYR A 608 2.86 -19.47 -41.40
CA TYR A 608 1.71 -18.59 -41.47
C TYR A 608 0.61 -19.10 -40.53
N LEU A 609 -0.26 -18.19 -40.12
CA LEU A 609 -1.34 -18.56 -39.19
C LEU A 609 -2.27 -19.58 -39.83
N PRO A 610 -2.85 -20.48 -39.04
CA PRO A 610 -3.85 -21.41 -39.58
C PRO A 610 -5.06 -20.66 -40.13
N ARG A 611 -5.50 -21.08 -41.31
CA ARG A 611 -6.65 -20.46 -41.98
C ARG A 611 -7.92 -20.52 -41.14
N ARG A 612 -8.02 -21.53 -40.27
CA ARG A 612 -9.18 -21.68 -39.38
C ARG A 612 -9.30 -20.56 -38.37
N LEU A 613 -8.25 -19.77 -38.17
CA LEU A 613 -8.25 -18.67 -37.21
C LEU A 613 -8.43 -17.29 -37.86
N ILE A 614 -8.74 -17.22 -39.15
CA ILE A 614 -8.87 -15.93 -39.83
C ILE A 614 -9.87 -15.04 -39.10
N LEU A 615 -11.06 -15.59 -38.80
CA LEU A 615 -12.16 -14.81 -38.21
C LEU A 615 -12.24 -15.04 -36.72
N PRO A 616 -12.48 -13.99 -35.92
CA PRO A 616 -12.81 -14.22 -34.51
C PRO A 616 -14.15 -14.93 -34.45
N ARG A 617 -14.37 -15.68 -33.37
CA ARG A 617 -15.63 -16.41 -33.25
C ARG A 617 -16.76 -15.41 -33.23
N GLY A 618 -17.79 -15.65 -34.04
CA GLY A 618 -18.84 -14.67 -34.14
C GLY A 618 -19.65 -14.56 -32.87
N THR A 619 -20.49 -13.52 -32.83
CA THR A 619 -21.33 -13.18 -31.69
C THR A 619 -22.78 -13.11 -32.11
N GLN A 620 -23.67 -13.15 -31.12
CA GLN A 620 -25.09 -13.14 -31.41
C GLN A 620 -25.51 -11.92 -32.19
N ARG A 621 -24.83 -10.79 -31.98
CA ARG A 621 -25.12 -9.57 -32.72
C ARG A 621 -24.61 -9.63 -34.16
N GLY A 622 -23.68 -10.53 -34.46
CA GLY A 622 -23.05 -10.58 -35.76
C GLY A 622 -21.87 -9.70 -35.46
N PHE A 623 -20.69 -10.26 -35.25
CA PHE A 623 -19.65 -9.41 -34.72
C PHE A 623 -19.16 -8.49 -35.83
N PRO A 624 -19.23 -7.17 -35.64
CA PRO A 624 -18.92 -6.25 -36.74
C PRO A 624 -17.41 -6.06 -36.89
N LEU A 625 -16.97 -6.12 -38.14
CA LEU A 625 -15.56 -5.98 -38.46
C LEU A 625 -15.43 -5.09 -39.68
N GLN A 626 -14.20 -4.70 -39.96
CA GLN A 626 -13.90 -3.89 -41.12
C GLN A 626 -12.97 -4.66 -42.04
N LEU A 627 -13.36 -4.77 -43.30
CA LEU A 627 -12.50 -5.27 -44.36
C LEU A 627 -11.95 -4.08 -45.14
N PHE A 628 -10.64 -4.00 -45.27
CA PHE A 628 -9.98 -2.95 -46.03
C PHE A 628 -9.29 -3.57 -47.24
N VAL A 629 -9.58 -3.02 -48.43
CA VAL A 629 -8.99 -3.51 -49.68
C VAL A 629 -8.24 -2.35 -50.35
N VAL A 630 -7.03 -2.62 -50.83
CA VAL A 630 -6.23 -1.62 -51.53
C VAL A 630 -5.61 -2.23 -52.78
N VAL A 631 -5.58 -1.45 -53.87
CA VAL A 631 -4.90 -1.77 -55.11
C VAL A 631 -3.87 -0.67 -55.37
N TYR A 632 -2.63 -1.05 -55.62
CA TYR A 632 -1.56 -0.10 -55.91
C TYR A 632 -0.63 -0.70 -56.97
N PRO A 633 0.20 0.13 -57.61
CA PRO A 633 1.01 -0.37 -58.74
C PRO A 633 2.01 -1.44 -58.32
N TYR A 634 2.26 -2.38 -59.23
CA TYR A 634 3.17 -3.49 -58.98
C TYR A 634 4.59 -3.14 -59.40
N GLN A 635 5.53 -3.23 -58.46
CA GLN A 635 6.97 -3.26 -58.77
C GLN A 635 7.51 -4.59 -58.23
N ALA A 636 8.11 -5.36 -59.13
CA ALA A 636 8.60 -6.69 -58.77
C ALA A 636 9.62 -6.58 -57.64
N PRO A 637 9.73 -7.59 -56.77
CA PRO A 637 10.76 -7.53 -55.73
C PRO A 637 12.14 -7.37 -56.35
N VAL A 638 12.95 -6.54 -55.68
CA VAL A 638 14.30 -6.24 -56.14
C VAL A 638 15.18 -7.48 -56.15
N LYS A 639 16.17 -7.48 -57.05
CA LYS A 639 17.03 -8.65 -57.24
C LYS A 639 17.70 -9.07 -55.93
N GLU A 640 18.16 -8.10 -55.13
CA GLU A 640 18.76 -8.37 -53.82
C GLU A 640 18.04 -9.46 -53.03
N TRP A 641 16.73 -9.64 -53.28
CA TRP A 641 15.89 -10.60 -52.58
C TRP A 641 15.40 -11.70 -53.52
N GLU A 642 16.33 -12.30 -54.29
CA GLU A 642 15.94 -13.28 -55.30
C GLU A 642 15.32 -14.52 -54.71
N SER A 643 15.77 -14.92 -53.52
CA SER A 643 15.27 -16.13 -52.90
C SER A 643 13.84 -16.02 -52.40
N MET A 644 13.42 -14.83 -51.94
CA MET A 644 12.24 -14.69 -51.10
C MET A 644 10.95 -14.31 -51.85
N ARG A 645 10.76 -14.68 -53.12
CA ARG A 645 9.57 -14.17 -53.82
C ARG A 645 8.29 -14.85 -53.33
N GLN A 646 8.34 -16.12 -52.95
CA GLN A 646 7.12 -16.73 -52.46
C GLN A 646 6.72 -16.21 -51.08
N TYR A 647 7.61 -15.50 -50.40
CA TYR A 647 7.29 -14.89 -49.11
C TYR A 647 7.17 -13.38 -49.17
N ILE A 648 7.58 -12.76 -50.28
CA ILE A 648 7.61 -11.31 -50.46
C ILE A 648 7.05 -10.99 -51.85
N VAL A 649 5.86 -10.39 -51.90
CA VAL A 649 5.20 -10.19 -53.19
C VAL A 649 5.73 -8.96 -53.92
N ASP A 650 6.07 -7.89 -53.20
CA ASP A 650 6.60 -6.67 -53.80
C ASP A 650 7.65 -6.06 -52.86
N ASN A 651 8.00 -4.80 -53.10
CA ASN A 651 9.08 -4.13 -52.40
C ASN A 651 8.60 -3.30 -51.21
N LYS A 652 7.31 -3.35 -50.88
CA LYS A 652 6.78 -2.41 -49.91
C LYS A 652 7.10 -2.83 -48.47
N PRO A 653 7.00 -1.89 -47.54
CA PRO A 653 7.08 -2.25 -46.13
C PRO A 653 6.05 -3.31 -45.80
N PHE A 654 6.44 -4.26 -44.95
CA PHE A 654 5.49 -5.24 -44.43
C PHE A 654 4.35 -4.51 -43.72
N GLY A 655 3.12 -4.92 -44.02
CA GLY A 655 1.97 -4.23 -43.47
C GLY A 655 1.58 -2.97 -44.22
N TYR A 656 2.28 -2.59 -45.29
CA TYR A 656 1.94 -1.41 -46.08
C TYR A 656 0.49 -1.54 -46.56
N PRO A 657 -0.30 -0.44 -46.53
CA PRO A 657 0.02 0.95 -46.17
C PRO A 657 -0.23 1.31 -44.71
N PHE A 658 -0.36 0.31 -43.83
CA PHE A 658 -0.60 0.54 -42.42
C PHE A 658 0.63 0.33 -41.55
N ASP A 659 1.82 0.54 -42.10
CA ASP A 659 3.03 0.41 -41.30
C ASP A 659 3.39 1.66 -40.54
N ARG A 660 2.67 2.76 -40.73
CA ARG A 660 3.00 4.02 -40.08
C ARG A 660 1.73 4.80 -39.79
N PRO A 661 1.78 5.78 -38.89
CA PRO A 661 0.55 6.46 -38.44
C PRO A 661 -0.23 7.11 -39.58
N VAL A 662 -1.55 7.01 -39.48
CA VAL A 662 -2.50 7.72 -40.30
C VAL A 662 -2.91 8.97 -39.54
N THR A 663 -2.40 10.13 -39.92
CA THR A 663 -2.75 11.34 -39.17
C THR A 663 -3.91 12.09 -39.79
N LEU A 664 -4.13 11.97 -41.08
CA LEU A 664 -5.27 12.61 -41.75
C LEU A 664 -6.08 11.54 -42.45
N PRO A 665 -7.14 11.03 -41.82
CA PRO A 665 -7.86 9.87 -42.39
C PRO A 665 -8.40 10.10 -43.78
N TYR A 666 -8.74 11.34 -44.15
CA TYR A 666 -9.26 11.59 -45.48
C TYR A 666 -8.24 11.29 -46.56
N TYR A 667 -6.96 11.17 -46.21
CA TYR A 667 -5.93 10.70 -47.16
C TYR A 667 -6.23 9.30 -47.67
N PHE A 668 -6.89 8.47 -46.86
CA PHE A 668 -7.22 7.12 -47.22
C PHE A 668 -8.58 7.03 -47.90
N ASN A 669 -9.19 8.16 -48.21
CA ASN A 669 -10.35 8.15 -49.08
C ASN A 669 -9.86 8.18 -50.53
N GLN A 670 -9.12 7.06 -50.93
CA GLN A 670 -8.65 7.05 -52.30
C GLN A 670 -9.51 6.09 -53.12
N PRO A 671 -9.72 6.40 -54.41
CA PRO A 671 -10.56 5.52 -55.23
C PRO A 671 -10.04 4.09 -55.31
N ASN A 672 -8.73 3.89 -55.15
CA ASN A 672 -8.13 2.55 -55.16
C ASN A 672 -8.13 1.90 -53.77
N MET A 673 -8.90 2.45 -52.83
CA MET A 673 -9.09 1.87 -51.52
C MET A 673 -10.58 1.68 -51.26
N TYR A 674 -10.88 0.75 -50.36
CA TYR A 674 -12.27 0.44 -50.05
C TYR A 674 -12.33 -0.10 -48.63
N PHE A 675 -13.22 0.47 -47.82
CA PHE A 675 -13.54 -0.03 -46.49
C PHE A 675 -14.94 -0.64 -46.52
N LYS A 676 -15.07 -1.89 -46.10
CA LYS A 676 -16.36 -2.57 -46.11
C LYS A 676 -16.68 -3.14 -44.73
N ASP A 677 -17.84 -2.80 -44.20
CA ASP A 677 -18.35 -3.39 -42.98
C ASP A 677 -18.82 -4.82 -43.24
N VAL A 678 -18.40 -5.75 -42.39
CA VAL A 678 -18.78 -7.16 -42.48
C VAL A 678 -19.16 -7.65 -41.08
N TYR A 679 -19.89 -8.76 -41.04
CA TYR A 679 -20.38 -9.31 -39.79
C TYR A 679 -20.07 -10.79 -39.73
N VAL A 680 -19.61 -11.29 -38.59
CA VAL A 680 -19.22 -12.69 -38.46
C VAL A 680 -20.31 -13.46 -37.76
N TYR A 681 -20.78 -14.53 -38.39
CA TYR A 681 -21.86 -15.35 -37.79
C TYR A 681 -21.30 -16.68 -37.26
N GLN A 682 -21.80 -17.09 -36.12
CA GLN A 682 -21.45 -18.36 -35.45
C GLN A 682 -22.61 -19.31 -35.62
N GLU A 683 -22.34 -20.49 -36.15
CA GLU A 683 -23.34 -21.52 -36.31
C GLU A 683 -23.01 -22.66 -35.35
N GLY A 684 -24.05 -23.32 -34.87
CA GLY A 684 -23.88 -24.38 -33.89
C GLY A 684 -23.66 -23.83 -32.49
N GLU A 685 -23.09 -24.69 -31.64
CA GLU A 685 -22.86 -24.33 -30.25
C GLU A 685 -21.99 -23.08 -30.16
N GLN A 686 -22.37 -22.18 -29.26
CA GLN A 686 -21.59 -20.96 -29.04
C GLN A 686 -20.33 -21.24 -28.23
N TYR A 687 -20.37 -22.27 -27.36
CA TYR A 687 -19.29 -22.63 -26.46
C TYR A 687 -18.68 -23.97 -26.86
N PRO A 688 -17.38 -24.15 -26.61
CA PRO A 688 -16.70 -25.40 -26.99
C PRO A 688 -16.79 -26.57 -26.00
N TYR A 689 -17.44 -26.42 -24.84
CA TYR A 689 -17.34 -27.42 -23.77
C TYR A 689 -18.49 -28.42 -23.77
N TYR A 690 -19.41 -28.34 -24.74
CA TYR A 690 -20.57 -29.23 -24.79
C TYR A 690 -20.20 -30.56 -25.48
N ASN A 691 -19.30 -31.31 -24.84
CA ASN A 691 -18.74 -32.52 -25.43
C ASN A 691 -18.81 -33.73 -24.49
N SER A 692 -19.68 -33.69 -23.48
CA SER A 692 -19.85 -34.83 -22.60
C SER A 692 -20.61 -35.94 -23.33
N TYR A 693 -20.55 -37.13 -22.74
CA TYR A 693 -21.31 -38.27 -23.24
C TYR A 693 -22.79 -37.91 -23.42
N TRP A 694 -23.34 -37.13 -22.49
CA TRP A 694 -24.74 -36.75 -22.56
C TRP A 694 -25.02 -35.67 -23.59
N SER A 695 -24.00 -34.93 -24.03
CA SER A 695 -24.16 -34.03 -25.16
C SER A 695 -23.83 -34.78 -26.45
N TYR B 18 -16.81 45.96 3.74
CA TYR B 18 -15.77 46.20 2.74
C TYR B 18 -16.07 47.46 1.93
N PRO B 19 -15.05 48.29 1.71
CA PRO B 19 -15.22 49.47 0.85
C PRO B 19 -15.39 49.13 -0.62
N GLN B 20 -15.93 50.08 -1.36
CA GLN B 20 -15.91 50.03 -2.81
C GLN B 20 -14.64 50.67 -3.34
N TYR B 21 -14.21 50.22 -4.50
CA TYR B 21 -12.95 50.62 -5.14
C TYR B 21 -13.20 51.82 -6.04
N HIS B 22 -12.41 52.88 -5.84
CA HIS B 22 -12.34 54.01 -6.76
C HIS B 22 -10.87 54.33 -7.00
N TYR B 23 -10.46 54.38 -8.28
CA TYR B 23 -9.07 54.72 -8.56
C TYR B 23 -8.92 55.38 -9.93
N ASP B 24 -8.13 56.45 -9.97
CA ASP B 24 -7.71 57.05 -11.24
C ASP B 24 -6.65 56.17 -11.92
N VAL B 25 -6.87 55.81 -13.18
CA VAL B 25 -6.00 54.90 -13.91
C VAL B 25 -5.21 55.70 -14.93
N GLU B 26 -3.93 55.35 -15.09
CA GLU B 26 -3.11 55.99 -16.12
C GLU B 26 -3.68 55.77 -17.52
N THR B 27 -3.85 56.87 -18.24
CA THR B 27 -4.35 56.85 -19.61
C THR B 27 -3.39 57.60 -20.50
N ARG B 28 -3.43 57.30 -21.79
CA ARG B 28 -2.74 58.11 -22.78
C ARG B 28 -3.55 58.16 -24.06
N LYS B 29 -3.30 59.19 -24.86
CA LYS B 29 -3.94 59.29 -26.17
C LYS B 29 -3.51 58.12 -27.03
N LEU B 30 -4.47 57.50 -27.73
CA LEU B 30 -4.18 56.46 -28.70
C LEU B 30 -3.84 57.09 -30.04
N ASP B 31 -2.85 56.53 -30.72
CA ASP B 31 -2.46 57.04 -32.03
C ASP B 31 -3.67 57.03 -32.98
N PRO B 32 -3.97 58.15 -33.68
CA PRO B 32 -5.18 58.22 -34.51
C PRO B 32 -5.25 57.18 -35.61
N SER B 33 -4.11 56.73 -36.13
CA SER B 33 -4.11 55.70 -37.16
C SER B 33 -4.63 54.36 -36.65
N LEU B 34 -4.69 54.16 -35.34
CA LEU B 34 -5.13 52.90 -34.74
C LEU B 34 -6.60 52.89 -34.33
N LEU B 35 -7.32 54.01 -34.49
CA LEU B 35 -8.66 54.15 -33.93
C LEU B 35 -9.66 53.17 -34.58
N ASN B 36 -9.66 53.09 -35.91
CA ASN B 36 -10.56 52.15 -36.56
C ASN B 36 -10.19 50.70 -36.21
N ILE B 37 -8.89 50.38 -36.22
CA ILE B 37 -8.46 49.03 -35.84
C ILE B 37 -8.89 48.71 -34.41
N GLN B 38 -8.75 49.69 -33.50
CA GLN B 38 -9.15 49.48 -32.12
C GLN B 38 -10.65 49.14 -32.03
N THR B 39 -11.47 49.84 -32.81
CA THR B 39 -12.92 49.61 -32.80
C THR B 39 -13.27 48.24 -33.37
N LYS B 40 -12.66 47.88 -34.51
CA LYS B 40 -12.98 46.63 -35.16
C LYS B 40 -12.57 45.43 -34.30
N VAL B 41 -11.42 45.52 -33.63
CA VAL B 41 -10.98 44.42 -32.77
C VAL B 41 -11.96 44.23 -31.62
N LEU B 42 -12.39 45.32 -30.99
CA LEU B 42 -13.32 45.21 -29.87
C LEU B 42 -14.66 44.62 -30.32
N SER B 43 -15.17 45.02 -31.49
CA SER B 43 -16.47 44.50 -31.91
C SER B 43 -16.41 43.00 -32.19
N LEU B 44 -15.31 42.51 -32.75
CA LEU B 44 -15.20 41.08 -32.98
C LEU B 44 -15.12 40.29 -31.67
N LEU B 45 -14.82 40.95 -30.55
CA LEU B 45 -14.75 40.28 -29.26
C LEU B 45 -16.06 40.33 -28.47
N GLU B 46 -16.99 41.20 -28.81
CA GLU B 46 -18.21 41.31 -28.02
C GLU B 46 -19.10 40.09 -28.21
N ASN B 47 -19.50 39.47 -27.10
CA ASN B 47 -20.39 38.30 -27.10
C ASN B 47 -19.93 37.23 -28.09
N TRP B 48 -18.62 36.96 -28.05
CA TRP B 48 -17.97 36.05 -28.97
C TRP B 48 -18.52 34.63 -28.90
N LYS B 49 -19.25 34.27 -27.83
CA LYS B 49 -19.85 32.94 -27.78
C LYS B 49 -21.01 32.75 -28.77
N GLN B 50 -21.54 33.82 -29.35
CA GLN B 50 -22.68 33.74 -30.26
C GLN B 50 -22.34 34.44 -31.56
N VAL B 51 -23.09 34.11 -32.60
CA VAL B 51 -23.00 34.79 -33.90
C VAL B 51 -24.33 35.47 -34.15
N ASN B 52 -24.29 36.79 -34.37
CA ASN B 52 -25.48 37.54 -34.70
C ASN B 52 -25.51 37.77 -36.20
N PRO B 53 -26.48 37.22 -36.94
CA PRO B 53 -26.51 37.41 -38.40
C PRO B 53 -26.63 38.85 -38.84
N ASP B 54 -27.16 39.74 -38.00
CA ASP B 54 -27.31 41.14 -38.39
C ASP B 54 -26.03 41.95 -38.20
N ASP B 55 -25.00 41.41 -37.57
CA ASP B 55 -23.79 42.16 -37.35
C ASP B 55 -22.99 42.24 -38.65
N GLU B 56 -22.10 43.24 -38.70
CA GLU B 56 -21.32 43.49 -39.92
C GLU B 56 -20.41 42.32 -40.28
N TYR B 57 -19.75 41.71 -39.30
CA TYR B 57 -18.78 40.67 -39.61
C TYR B 57 -19.41 39.44 -40.26
N TYR B 58 -20.72 39.26 -40.11
CA TYR B 58 -21.35 38.01 -40.49
C TYR B 58 -21.26 37.77 -42.00
N LYS B 59 -21.71 38.74 -42.79
CA LYS B 59 -21.68 38.60 -44.24
C LYS B 59 -20.24 38.46 -44.72
N ILE B 60 -19.33 39.25 -44.13
CA ILE B 60 -17.92 39.17 -44.49
C ILE B 60 -17.36 37.79 -44.22
N GLY B 61 -17.59 37.29 -43.00
CA GLY B 61 -17.05 35.99 -42.65
C GLY B 61 -17.69 34.85 -43.40
N LYS B 62 -19.00 34.92 -43.61
CA LYS B 62 -19.68 33.83 -44.28
C LYS B 62 -19.18 33.67 -45.72
N GLU B 63 -18.87 34.78 -46.38
CA GLU B 63 -18.49 34.76 -47.79
C GLU B 63 -16.99 34.66 -48.04
N TYR B 64 -16.14 34.82 -47.02
CA TYR B 64 -14.71 34.85 -47.26
C TYR B 64 -14.18 33.47 -47.62
N ASN B 65 -13.33 33.41 -48.64
CA ASN B 65 -12.74 32.15 -49.10
C ASN B 65 -11.24 32.25 -48.88
N VAL B 66 -10.73 31.52 -47.89
CA VAL B 66 -9.31 31.62 -47.57
C VAL B 66 -8.46 31.19 -48.76
N GLU B 67 -8.83 30.07 -49.38
CA GLU B 67 -8.01 29.55 -50.48
C GLU B 67 -7.95 30.54 -51.63
N ALA B 68 -9.07 31.18 -51.95
CA ALA B 68 -9.10 32.18 -53.01
C ALA B 68 -8.21 33.37 -52.69
N ASN B 69 -7.94 33.63 -51.41
CA ASN B 69 -7.11 34.76 -50.99
C ASN B 69 -5.72 34.32 -50.57
N MET B 70 -5.24 33.20 -51.10
CA MET B 70 -3.97 32.63 -50.65
C MET B 70 -2.84 33.64 -50.76
N GLU B 71 -2.89 34.51 -51.75
CA GLU B 71 -1.83 35.47 -51.94
C GLU B 71 -1.82 36.58 -50.88
N SER B 72 -2.90 36.75 -50.11
CA SER B 72 -2.97 37.79 -49.09
C SER B 72 -2.34 37.39 -47.76
N TYR B 73 -1.67 36.24 -47.71
CA TYR B 73 -0.94 35.81 -46.53
C TYR B 73 0.54 35.70 -46.91
N THR B 74 1.42 36.18 -46.03
CA THR B 74 2.82 36.29 -46.40
C THR B 74 3.56 34.95 -46.38
N ASN B 75 2.89 33.85 -46.06
CA ASN B 75 3.55 32.55 -46.08
C ASN B 75 2.63 31.52 -46.72
N ARG B 76 3.02 31.03 -47.89
CA ARG B 76 2.20 30.07 -48.62
C ARG B 76 1.97 28.80 -47.83
N GLU B 77 2.99 28.34 -47.11
CA GLU B 77 2.88 27.10 -46.35
C GLU B 77 1.90 27.23 -45.19
N VAL B 78 1.82 28.41 -44.58
CA VAL B 78 0.84 28.62 -43.51
C VAL B 78 -0.57 28.43 -44.06
N VAL B 79 -0.86 28.98 -45.25
CA VAL B 79 -2.17 28.78 -45.87
C VAL B 79 -2.38 27.32 -46.23
N THR B 80 -1.39 26.67 -46.84
CA THR B 80 -1.55 25.28 -47.23
C THR B 80 -1.79 24.39 -46.03
N GLU B 81 -1.04 24.61 -44.95
CA GLU B 81 -1.24 23.83 -43.73
C GLU B 81 -2.64 24.04 -43.17
N PHE B 82 -3.12 25.28 -43.14
CA PHE B 82 -4.47 25.54 -42.65
C PHE B 82 -5.52 24.78 -43.47
N LEU B 83 -5.43 24.88 -44.79
CA LEU B 83 -6.42 24.21 -45.64
C LEU B 83 -6.36 22.70 -45.50
N SER B 84 -5.18 22.14 -45.28
CA SER B 84 -5.08 20.70 -45.12
C SER B 84 -5.84 20.24 -43.86
N LEU B 85 -5.68 20.98 -42.76
CA LEU B 85 -6.43 20.68 -41.55
C LEU B 85 -7.91 20.99 -41.71
N TYR B 86 -8.23 22.10 -42.39
CA TYR B 86 -9.63 22.48 -42.52
C TYR B 86 -10.41 21.45 -43.32
N LYS B 87 -9.79 20.84 -44.34
CA LYS B 87 -10.46 19.77 -45.08
C LYS B 87 -10.72 18.54 -44.21
N ALA B 88 -9.81 18.22 -43.28
CA ALA B 88 -10.08 17.14 -42.36
C ALA B 88 -11.25 17.45 -41.44
N GLY B 89 -11.53 18.72 -41.20
CA GLY B 89 -12.62 19.10 -40.32
C GLY B 89 -12.16 19.64 -38.98
N PHE B 90 -12.44 20.91 -38.73
CA PHE B 90 -12.17 21.43 -37.41
C PHE B 90 -13.23 20.92 -36.43
N ILE B 91 -12.93 21.06 -35.15
CA ILE B 91 -13.87 20.64 -34.11
C ILE B 91 -15.16 21.43 -34.26
N PRO B 92 -16.32 20.88 -33.92
CA PRO B 92 -17.56 21.64 -34.07
C PRO B 92 -17.65 22.77 -33.07
N LYS B 93 -18.53 23.73 -33.38
CA LYS B 93 -18.89 24.74 -32.41
C LYS B 93 -19.52 24.09 -31.19
N ASN B 94 -19.50 24.83 -30.08
CA ASN B 94 -20.21 24.42 -28.87
C ASN B 94 -19.58 23.17 -28.24
N GLU B 95 -18.25 23.06 -28.33
CA GLU B 95 -17.47 22.06 -27.62
C GLU B 95 -16.39 22.76 -26.81
N VAL B 96 -16.00 22.13 -25.71
CA VAL B 96 -14.92 22.67 -24.90
C VAL B 96 -13.60 22.63 -25.68
N PHE B 97 -12.90 23.76 -25.69
CA PHE B 97 -11.61 23.93 -26.34
C PHE B 97 -10.49 24.13 -25.32
N SER B 98 -9.39 23.40 -25.49
CA SER B 98 -8.18 23.66 -24.71
C SER B 98 -6.97 23.52 -25.62
N ILE B 99 -5.94 24.35 -25.39
CA ILE B 99 -4.67 24.24 -26.11
C ILE B 99 -3.96 22.93 -25.76
N PHE B 100 -4.33 22.29 -24.67
CA PHE B 100 -3.72 21.02 -24.28
C PHE B 100 -4.42 19.82 -24.94
N TYR B 101 -5.48 20.03 -25.71
CA TYR B 101 -6.10 18.94 -26.46
C TYR B 101 -5.45 18.92 -27.84
N GLU B 102 -4.63 17.90 -28.12
CA GLU B 102 -3.63 18.01 -29.17
C GLU B 102 -4.25 18.25 -30.53
N ASN B 103 -5.31 17.51 -30.87
CA ASN B 103 -5.98 17.73 -32.15
C ASN B 103 -6.49 19.16 -32.27
N GLN B 104 -7.05 19.69 -31.18
CA GLN B 104 -7.57 21.04 -31.18
C GLN B 104 -6.45 22.07 -31.22
N ALA B 105 -5.31 21.73 -30.59
CA ALA B 105 -4.17 22.63 -30.57
C ALA B 105 -3.60 22.81 -31.96
N LEU B 106 -3.47 21.72 -32.71
CA LEU B 106 -2.94 21.81 -34.08
C LEU B 106 -3.82 22.72 -34.94
N GLU B 107 -5.14 22.58 -34.80
CA GLU B 107 -6.06 23.43 -35.54
C GLU B 107 -5.91 24.88 -35.13
N VAL B 108 -5.86 25.15 -33.81
CA VAL B 108 -5.87 26.53 -33.34
C VAL B 108 -4.55 27.23 -33.67
N ILE B 109 -3.43 26.51 -33.64
CA ILE B 109 -2.14 27.11 -34.01
C ILE B 109 -2.13 27.44 -35.50
N ALA B 110 -2.69 26.55 -36.33
CA ALA B 110 -2.79 26.82 -37.76
C ALA B 110 -3.65 28.05 -38.03
N LEU B 111 -4.76 28.16 -37.30
CA LEU B 111 -5.63 29.32 -37.39
C LEU B 111 -4.90 30.58 -36.93
N TYR B 112 -4.17 30.47 -35.81
CA TYR B 112 -3.45 31.65 -35.32
C TYR B 112 -2.45 32.15 -36.36
N ARG B 113 -1.71 31.24 -36.98
CA ARG B 113 -0.72 31.64 -37.97
C ARG B 113 -1.39 32.25 -39.21
N LEU B 114 -2.56 31.75 -39.59
CA LEU B 114 -3.30 32.42 -40.66
C LEU B 114 -3.59 33.86 -40.28
N PHE B 115 -4.05 34.09 -39.03
CA PHE B 115 -4.26 35.45 -38.55
C PHE B 115 -2.95 36.24 -38.59
N TYR B 116 -1.86 35.62 -38.12
CA TYR B 116 -0.61 36.34 -37.93
C TYR B 116 0.03 36.74 -39.26
N TYR B 117 -0.05 35.86 -40.26
CA TYR B 117 0.61 36.10 -41.56
C TYR B 117 -0.30 36.80 -42.57
N ALA B 118 -1.52 37.19 -42.19
CA ALA B 118 -2.32 38.04 -43.05
C ALA B 118 -1.56 39.33 -43.33
N LYS B 119 -1.53 39.74 -44.60
CA LYS B 119 -0.60 40.77 -45.05
C LYS B 119 -0.92 42.17 -44.50
N ASP B 120 -2.20 42.44 -44.23
CA ASP B 120 -2.60 43.75 -43.73
C ASP B 120 -3.82 43.57 -42.84
N PHE B 121 -4.26 44.66 -42.21
CA PHE B 121 -5.34 44.52 -41.23
C PHE B 121 -6.64 44.08 -41.87
N GLU B 122 -6.89 44.51 -43.10
CA GLU B 122 -8.15 44.14 -43.77
C GLU B 122 -8.23 42.63 -43.96
N THR B 123 -7.13 42.01 -44.37
CA THR B 123 -7.09 40.55 -44.50
C THR B 123 -7.23 39.87 -43.13
N PHE B 124 -6.58 40.41 -42.12
CA PHE B 124 -6.70 39.85 -40.78
C PHE B 124 -8.15 39.88 -40.33
N TYR B 125 -8.80 41.04 -40.48
CA TYR B 125 -10.20 41.17 -40.07
C TYR B 125 -11.09 40.18 -40.82
N LYS B 126 -10.90 40.05 -42.13
CA LYS B 126 -11.72 39.11 -42.89
C LYS B 126 -11.52 37.69 -42.43
N THR B 127 -10.27 37.31 -42.15
CA THR B 127 -9.99 35.95 -41.68
C THR B 127 -10.63 35.71 -40.30
N ALA B 128 -10.56 36.71 -39.40
CA ALA B 128 -11.19 36.57 -38.09
C ALA B 128 -12.71 36.52 -38.19
N ALA B 129 -13.30 37.30 -39.10
CA ALA B 129 -14.74 37.23 -39.29
C ALA B 129 -15.14 35.85 -39.79
N PHE B 130 -14.37 35.31 -40.77
CA PHE B 130 -14.57 33.94 -41.21
C PHE B 130 -14.47 32.96 -40.06
N ALA B 131 -13.46 33.14 -39.20
CA ALA B 131 -13.24 32.24 -38.07
C ALA B 131 -14.42 32.31 -37.09
N ARG B 132 -14.87 33.52 -36.77
CA ARG B 132 -16.00 33.64 -35.86
C ARG B 132 -17.25 33.00 -36.44
N VAL B 133 -17.48 33.18 -37.76
CA VAL B 133 -18.69 32.64 -38.37
C VAL B 133 -18.65 31.10 -38.42
N TRP B 134 -17.52 30.53 -38.81
CA TRP B 134 -17.50 29.13 -39.20
C TRP B 134 -16.97 28.17 -38.16
N LEU B 135 -16.15 28.62 -37.21
CA LEU B 135 -15.36 27.74 -36.37
C LEU B 135 -15.77 27.80 -34.89
N ASN B 136 -15.21 26.86 -34.13
CA ASN B 136 -15.44 26.76 -32.70
C ASN B 136 -15.17 28.08 -31.99
N GLU B 137 -16.09 28.45 -31.08
CA GLU B 137 -16.03 29.75 -30.42
C GLU B 137 -14.78 29.89 -29.57
N GLY B 138 -14.46 28.87 -28.76
CA GLY B 138 -13.26 28.93 -27.93
C GLY B 138 -11.99 29.04 -28.77
N GLN B 139 -11.92 28.32 -29.89
CA GLN B 139 -10.77 28.42 -30.77
C GLN B 139 -10.66 29.81 -31.39
N PHE B 140 -11.78 30.38 -31.86
CA PHE B 140 -11.72 31.71 -32.45
C PHE B 140 -11.16 32.72 -31.46
N VAL B 141 -11.71 32.74 -30.24
CA VAL B 141 -11.39 33.82 -29.31
C VAL B 141 -9.95 33.66 -28.82
N TYR B 142 -9.49 32.42 -28.63
CA TYR B 142 -8.11 32.20 -28.21
C TYR B 142 -7.13 32.71 -29.27
N ALA B 143 -7.33 32.29 -30.52
CA ALA B 143 -6.43 32.73 -31.59
C ALA B 143 -6.56 34.24 -31.85
N PHE B 144 -7.77 34.78 -31.77
CA PHE B 144 -7.95 36.19 -32.11
C PHE B 144 -7.29 37.10 -31.07
N TYR B 145 -7.54 36.81 -29.79
CA TYR B 145 -6.92 37.58 -28.72
C TYR B 145 -5.39 37.51 -28.84
N LEU B 146 -4.88 36.31 -29.11
CA LEU B 146 -3.45 36.09 -29.24
C LEU B 146 -2.87 36.88 -30.41
N ALA B 147 -3.56 36.86 -31.55
CA ALA B 147 -3.03 37.53 -32.74
C ALA B 147 -2.95 39.03 -32.53
N VAL B 148 -3.93 39.61 -31.84
CA VAL B 148 -3.89 41.05 -31.59
C VAL B 148 -2.63 41.41 -30.80
N ILE B 149 -2.22 40.53 -29.88
CA ILE B 149 -1.03 40.75 -29.05
C ILE B 149 0.25 40.74 -29.88
N HIS B 150 0.30 39.97 -30.97
CA HIS B 150 1.55 39.76 -31.69
C HIS B 150 1.65 40.48 -33.04
N ARG B 151 0.54 40.84 -33.68
CA ARG B 151 0.65 41.51 -34.98
C ARG B 151 1.22 42.92 -34.80
N ALA B 152 2.11 43.32 -35.73
CA ALA B 152 2.69 44.66 -35.68
C ALA B 152 1.63 45.76 -35.85
N ASP B 153 0.63 45.53 -36.71
CA ASP B 153 -0.35 46.56 -37.04
C ASP B 153 -1.44 46.72 -36.00
N THR B 154 -1.47 45.87 -34.97
CA THR B 154 -2.38 46.06 -33.84
C THR B 154 -1.67 46.51 -32.58
N ARG B 155 -0.35 46.73 -32.66
CA ARG B 155 0.41 47.20 -31.52
C ARG B 155 -0.10 48.56 -31.06
N GLY B 156 -0.28 48.72 -29.75
CA GLY B 156 -0.74 49.96 -29.17
C GLY B 156 -2.21 50.05 -28.86
N ILE B 157 -3.02 49.06 -29.26
CA ILE B 157 -4.44 49.05 -28.89
C ILE B 157 -4.62 48.22 -27.62
N VAL B 158 -5.78 48.41 -26.98
CA VAL B 158 -6.10 47.72 -25.74
C VAL B 158 -7.02 46.56 -26.07
N LEU B 159 -6.79 45.49 -25.45
CA LEU B 159 -7.70 44.36 -25.34
C LEU B 159 -8.38 44.38 -23.97
N PRO B 160 -9.63 43.94 -23.91
CA PRO B 160 -10.29 43.76 -22.61
C PRO B 160 -9.53 42.74 -21.77
N ALA B 161 -9.73 42.83 -20.44
CA ALA B 161 -9.07 41.93 -19.53
C ALA B 161 -9.51 40.48 -19.78
N PRO B 162 -8.62 39.52 -19.50
CA PRO B 162 -9.01 38.11 -19.69
C PRO B 162 -10.26 37.72 -18.91
N TYR B 163 -10.44 38.26 -17.69
CA TYR B 163 -11.61 37.89 -16.90
C TYR B 163 -12.91 38.43 -17.48
N GLU B 164 -12.87 39.47 -18.30
CA GLU B 164 -14.06 39.92 -19.00
C GLU B 164 -14.24 39.26 -20.37
N ILE B 165 -13.23 38.56 -20.89
CA ILE B 165 -13.41 37.78 -22.11
C ILE B 165 -13.92 36.37 -21.77
N TRP B 166 -13.36 35.74 -20.75
CA TRP B 166 -13.78 34.41 -20.32
C TRP B 166 -14.34 34.48 -18.90
N PRO B 167 -15.44 35.23 -18.69
CA PRO B 167 -15.93 35.42 -17.30
C PRO B 167 -16.20 34.11 -16.60
N GLU B 168 -16.64 33.10 -17.36
CA GLU B 168 -16.94 31.79 -16.79
C GLU B 168 -15.73 31.10 -16.19
N TYR B 169 -14.49 31.49 -16.55
CA TYR B 169 -13.29 30.90 -15.95
C TYR B 169 -12.76 31.68 -14.74
N PHE B 170 -13.49 32.71 -14.26
CA PHE B 170 -12.97 33.57 -13.19
C PHE B 170 -13.95 33.72 -12.03
N MET B 171 -14.98 32.88 -11.95
CA MET B 171 -15.90 32.92 -10.84
C MET B 171 -16.41 31.51 -10.62
N ASN B 172 -17.00 31.27 -9.46
CA ASN B 172 -17.50 29.94 -9.19
C ASN B 172 -18.91 29.74 -9.76
N SER B 173 -19.31 28.47 -9.82
CA SER B 173 -20.58 28.10 -10.44
C SER B 173 -21.78 28.63 -9.66
N ASP B 174 -21.64 28.90 -8.36
CA ASP B 174 -22.78 29.45 -7.62
C ASP B 174 -23.09 30.89 -8.06
N VAL B 175 -22.07 31.69 -8.36
CA VAL B 175 -22.32 33.04 -8.88
C VAL B 175 -22.87 32.98 -10.29
N LEU B 176 -22.26 32.14 -11.13
CA LEU B 176 -22.65 32.03 -12.54
C LEU B 176 -24.09 31.57 -12.69
N SER B 177 -24.49 30.58 -11.90
CA SER B 177 -25.86 30.08 -12.01
C SER B 177 -26.89 31.17 -11.65
N LYS B 178 -26.54 32.08 -10.74
CA LYS B 178 -27.43 33.21 -10.48
C LYS B 178 -27.55 34.09 -11.72
N ILE B 179 -26.42 34.33 -12.40
CA ILE B 179 -26.40 35.17 -13.60
C ILE B 179 -27.26 34.55 -14.71
N TYR B 180 -27.08 33.24 -14.97
CA TYR B 180 -27.87 32.58 -16.00
C TYR B 180 -29.35 32.67 -15.65
N ARG B 181 -29.69 32.55 -14.37
CA ARG B 181 -31.07 32.59 -13.95
C ARG B 181 -31.72 33.94 -14.24
N ILE B 182 -31.00 35.04 -13.94
CA ILE B 182 -31.53 36.37 -14.22
C ILE B 182 -31.77 36.53 -15.71
N GLN B 183 -30.81 36.09 -16.53
CA GLN B 183 -30.97 36.14 -17.98
C GLN B 183 -32.15 35.26 -18.44
N MET B 184 -32.31 34.07 -17.85
CA MET B 184 -33.48 33.24 -18.19
C MET B 184 -34.80 33.96 -17.85
N GLN B 185 -34.86 34.61 -16.68
CA GLN B 185 -36.09 35.25 -16.23
C GLN B 185 -36.25 36.64 -16.81
N LYS B 186 -35.22 37.18 -17.48
CA LYS B 186 -35.22 38.57 -17.91
C LYS B 186 -35.47 39.51 -16.72
N GLY B 187 -34.78 39.25 -15.60
CA GLY B 187 -34.83 40.09 -14.42
C GLY B 187 -35.19 39.30 -13.18
N LEU B 188 -35.55 40.02 -12.11
CA LEU B 188 -35.96 39.42 -10.86
C LEU B 188 -37.48 39.29 -10.85
N ILE B 189 -37.97 38.10 -10.51
CA ILE B 189 -39.41 37.93 -10.41
C ILE B 189 -39.94 38.72 -9.21
N ILE B 190 -39.22 38.68 -8.10
CA ILE B 190 -39.59 39.44 -6.91
C ILE B 190 -38.43 40.36 -6.57
N PRO B 191 -38.42 41.60 -7.09
CA PRO B 191 -37.21 42.43 -6.96
C PRO B 191 -36.74 42.64 -5.53
N GLU B 192 -37.67 42.71 -4.58
CA GLU B 192 -37.31 42.98 -3.18
C GLU B 192 -36.47 41.88 -2.56
N GLN B 193 -36.55 40.65 -3.07
CA GLN B 193 -35.71 39.58 -2.54
C GLN B 193 -34.27 39.62 -3.04
N GLY B 194 -33.99 40.34 -4.12
CA GLY B 194 -32.69 40.35 -4.74
C GLY B 194 -31.53 40.58 -3.79
N PRO B 195 -31.56 41.66 -3.02
CA PRO B 195 -30.43 41.90 -2.09
C PRO B 195 -30.25 40.80 -1.07
N TYR B 196 -31.33 40.13 -0.67
CA TYR B 196 -31.23 39.04 0.27
C TYR B 196 -30.50 37.84 -0.30
N TYR B 197 -30.37 37.76 -1.62
CA TYR B 197 -29.58 36.73 -2.29
C TYR B 197 -28.33 37.30 -2.95
N GLY B 198 -27.90 38.47 -2.52
CA GLY B 198 -26.69 39.07 -3.05
C GLY B 198 -26.79 39.63 -4.45
N ILE B 199 -27.98 40.04 -4.89
CA ILE B 199 -28.18 40.56 -6.23
C ILE B 199 -28.74 41.98 -6.10
N LEU B 200 -28.05 42.95 -6.73
CA LEU B 200 -28.52 44.33 -6.79
C LEU B 200 -28.87 44.69 -8.22
N SER B 201 -29.89 45.54 -8.35
CA SER B 201 -30.41 45.93 -9.64
C SER B 201 -30.44 47.45 -9.71
N LYS B 202 -29.86 48.01 -10.76
CA LYS B 202 -29.85 49.46 -10.99
C LYS B 202 -29.66 49.70 -12.47
N ASP B 203 -30.63 50.37 -13.11
CA ASP B 203 -30.44 50.92 -14.45
C ASP B 203 -30.00 49.86 -15.45
N ASN B 204 -30.79 48.80 -15.54
CA ASN B 204 -30.56 47.68 -16.46
C ASN B 204 -29.25 46.95 -16.20
N ALA B 205 -28.59 47.20 -15.06
CA ALA B 205 -27.42 46.43 -14.65
C ALA B 205 -27.73 45.62 -13.41
N TYR B 206 -27.23 44.39 -13.38
CA TYR B 206 -27.37 43.52 -12.21
C TYR B 206 -25.99 43.32 -11.60
N TYR B 207 -25.90 43.48 -10.28
CA TYR B 207 -24.65 43.31 -9.54
C TYR B 207 -24.75 42.06 -8.67
N PHE B 208 -23.80 41.13 -8.82
CA PHE B 208 -23.81 39.85 -8.11
C PHE B 208 -22.63 39.80 -7.14
N TYR B 209 -22.92 39.86 -5.85
CA TYR B 209 -21.87 39.64 -4.86
C TYR B 209 -21.35 38.20 -4.97
N ALA B 210 -20.04 38.04 -4.96
CA ALA B 210 -19.42 36.75 -5.17
C ALA B 210 -18.47 36.46 -4.04
N ASN B 211 -18.50 35.22 -3.54
CA ASN B 211 -17.49 34.72 -2.60
C ASN B 211 -16.45 33.87 -3.31
N TYR B 212 -15.23 33.87 -2.76
CA TYR B 212 -14.23 32.90 -3.18
C TYR B 212 -14.58 31.49 -2.66
N SER B 213 -13.86 30.48 -3.16
CA SER B 213 -14.13 29.12 -2.72
C SER B 213 -13.83 28.92 -1.23
N GLY B 214 -14.51 27.96 -0.64
CA GLY B 214 -14.29 27.62 0.75
C GLY B 214 -13.73 26.22 0.92
N PRO B 215 -13.98 25.62 2.09
CA PRO B 215 -13.41 24.30 2.40
C PRO B 215 -13.96 23.16 1.57
N LEU B 216 -15.07 23.36 0.83
CA LEU B 216 -15.53 22.34 -0.12
C LEU B 216 -14.52 22.16 -1.25
N THR B 217 -13.95 23.25 -1.74
CA THR B 217 -13.03 23.19 -2.86
C THR B 217 -11.61 22.85 -2.41
N TYR B 218 -11.16 23.44 -1.30
CA TYR B 218 -9.79 23.38 -0.83
C TYR B 218 -9.70 22.71 0.54
N GLU B 219 -8.71 21.84 0.72
CA GLU B 219 -8.49 21.14 1.97
C GLU B 219 -7.27 21.72 2.68
N ASP B 220 -6.97 21.16 3.85
CA ASP B 220 -5.76 21.49 4.60
C ASP B 220 -5.67 22.99 4.89
N ASN B 221 -6.82 23.60 5.14
CA ASN B 221 -6.96 25.01 5.46
C ASN B 221 -6.55 25.95 4.32
N GLU B 222 -6.30 25.43 3.11
CA GLU B 222 -5.89 26.32 2.00
C GLU B 222 -7.03 27.25 1.54
N ASN B 223 -8.28 26.97 1.91
CA ASN B 223 -9.36 27.90 1.60
C ASN B 223 -9.12 29.28 2.19
N LEU B 224 -8.30 29.38 3.24
CA LEU B 224 -7.99 30.68 3.84
C LEU B 224 -7.41 31.66 2.82
N LEU B 225 -6.70 31.19 1.80
CA LEU B 225 -6.12 32.10 0.84
C LEU B 225 -6.81 32.03 -0.53
N SER B 226 -8.06 31.55 -0.59
CA SER B 226 -8.72 31.51 -1.90
C SER B 226 -8.91 32.90 -2.48
N TYR B 227 -9.01 33.94 -1.63
CA TYR B 227 -9.08 35.32 -2.12
C TYR B 227 -7.85 35.68 -2.96
N PHE B 228 -6.74 34.95 -2.78
CA PHE B 228 -5.51 35.23 -3.52
C PHE B 228 -5.36 34.34 -4.76
N ILE B 229 -5.37 33.02 -4.59
CA ILE B 229 -5.13 32.16 -5.75
C ILE B 229 -6.30 32.18 -6.73
N GLU B 230 -7.49 32.66 -6.32
CA GLU B 230 -8.60 32.86 -7.24
C GLU B 230 -8.75 34.31 -7.69
N ASP B 231 -7.88 35.22 -7.23
CA ASP B 231 -7.97 36.61 -7.66
C ASP B 231 -7.89 36.71 -9.19
N ILE B 232 -8.76 37.55 -9.78
CA ILE B 232 -8.89 37.61 -11.23
C ILE B 232 -7.62 38.20 -11.89
N GLY B 233 -6.98 39.17 -11.23
CA GLY B 233 -5.74 39.71 -11.77
C GLY B 233 -4.58 38.75 -11.64
N TRP B 234 -4.52 38.03 -10.50
CA TRP B 234 -3.51 36.97 -10.32
C TRP B 234 -3.62 35.93 -11.44
N ASN B 235 -4.84 35.44 -11.70
CA ASN B 235 -5.03 34.45 -12.75
C ASN B 235 -4.82 35.07 -14.14
N SER B 236 -5.26 36.32 -14.34
CA SER B 236 -5.07 36.99 -15.63
C SER B 236 -3.60 37.24 -15.93
N TYR B 237 -2.79 37.52 -14.91
CA TYR B 237 -1.36 37.66 -15.10
C TYR B 237 -0.75 36.42 -15.76
N TYR B 238 -1.13 35.22 -15.28
CA TYR B 238 -0.59 34.02 -15.92
C TYR B 238 -1.09 33.92 -17.36
N TYR B 239 -2.35 34.26 -17.60
CA TYR B 239 -2.89 34.18 -18.96
C TYR B 239 -2.14 35.13 -19.87
N TYR B 240 -1.91 36.36 -19.41
CA TYR B 240 -1.08 37.29 -20.17
C TYR B 240 0.31 36.72 -20.47
N PHE B 241 0.90 36.04 -19.48
CA PHE B 241 2.24 35.47 -19.68
C PHE B 241 2.23 34.39 -20.76
N HIS B 242 1.21 33.53 -20.78
CA HIS B 242 1.11 32.52 -21.84
C HIS B 242 0.96 33.15 -23.22
N ASN B 243 0.12 34.20 -23.32
CA ASN B 243 -0.13 34.83 -24.62
C ASN B 243 1.08 35.56 -25.18
N ARG B 244 1.89 36.16 -24.29
CA ARG B 244 3.09 36.85 -24.74
C ARG B 244 4.19 35.87 -25.16
N PHE B 245 4.28 34.71 -24.49
CA PHE B 245 5.33 33.73 -24.77
C PHE B 245 4.76 32.33 -24.99
N PRO B 246 3.97 32.12 -26.03
CA PRO B 246 3.41 30.78 -26.27
C PRO B 246 4.49 29.75 -26.57
N PHE B 247 4.35 28.58 -25.94
CA PHE B 247 5.39 27.56 -25.96
C PHE B 247 5.65 27.04 -27.36
N TRP B 248 4.64 27.07 -28.24
CA TRP B 248 4.79 26.52 -29.59
CA TRP B 248 4.79 26.52 -29.59
C TRP B 248 5.40 27.50 -30.58
N GLU B 249 5.65 28.74 -30.20
CA GLU B 249 6.22 29.69 -31.13
C GLU B 249 7.73 29.79 -30.93
N ASN B 250 8.42 30.02 -32.04
CA ASN B 250 9.86 30.25 -32.05
C ASN B 250 10.20 31.56 -31.33
N GLY B 251 11.37 31.55 -30.68
CA GLY B 251 11.79 32.68 -29.88
C GLY B 251 12.12 33.91 -30.69
N GLU B 252 12.63 33.73 -31.90
CA GLU B 252 12.94 34.89 -32.75
C GLU B 252 11.67 35.67 -33.05
N GLN B 253 10.57 34.96 -33.32
CA GLN B 253 9.30 35.64 -33.51
C GLN B 253 8.84 36.35 -32.24
N LEU B 254 9.06 35.74 -31.06
CA LEU B 254 8.46 36.25 -29.83
C LEU B 254 9.21 37.44 -29.25
N ILE B 255 10.54 37.36 -29.17
CA ILE B 255 11.35 38.37 -28.49
C ILE B 255 12.59 38.77 -29.29
N GLY B 256 12.65 38.37 -30.56
CA GLY B 256 13.69 38.83 -31.45
C GLY B 256 15.08 38.71 -30.88
N PRO B 257 15.74 39.84 -30.63
CA PRO B 257 17.11 39.81 -30.10
C PRO B 257 17.21 39.35 -28.65
N LEU B 258 16.09 39.22 -27.92
CA LEU B 258 16.09 38.63 -26.58
C LEU B 258 15.90 37.12 -26.59
N LYS B 259 15.92 36.49 -27.77
CA LYS B 259 15.66 35.06 -27.90
C LYS B 259 16.51 34.23 -26.93
N GLU B 260 17.78 34.57 -26.77
CA GLU B 260 18.68 33.82 -25.92
C GLU B 260 18.34 33.98 -24.44
N ARG B 261 17.35 34.80 -24.07
CA ARG B 261 16.94 34.93 -22.68
C ARG B 261 15.58 34.29 -22.40
N ARG B 262 15.03 33.53 -23.36
CA ARG B 262 13.69 32.97 -23.19
C ARG B 262 13.61 32.07 -21.95
N GLY B 263 14.56 31.14 -21.80
CA GLY B 263 14.55 30.27 -20.64
C GLY B 263 14.80 31.02 -19.35
N GLU B 264 15.52 32.14 -19.44
CA GLU B 264 15.72 33.01 -18.28
C GLU B 264 14.39 33.66 -17.86
N ILE B 265 13.57 34.08 -18.83
CA ILE B 265 12.25 34.62 -18.51
C ILE B 265 11.36 33.54 -17.89
N TYR B 266 11.44 32.32 -18.42
CA TYR B 266 10.69 31.20 -17.88
C TYR B 266 10.96 31.02 -16.40
N TYR B 267 12.25 30.93 -16.05
CA TYR B 267 12.62 30.77 -14.66
C TYR B 267 12.16 31.97 -13.84
N TYR B 268 12.40 33.18 -14.36
CA TYR B 268 12.09 34.36 -13.57
C TYR B 268 10.60 34.43 -13.23
N VAL B 269 9.73 34.16 -14.21
CA VAL B 269 8.30 34.32 -13.98
C VAL B 269 7.79 33.24 -13.04
N TYR B 270 8.21 31.99 -13.23
CA TYR B 270 7.69 30.93 -12.36
C TYR B 270 8.24 31.09 -10.93
N GLN B 271 9.47 31.55 -10.78
CA GLN B 271 10.01 31.83 -9.44
C GLN B 271 9.18 32.91 -8.74
N LYS B 272 8.86 33.98 -9.45
CA LYS B 272 8.08 35.05 -8.86
C LYS B 272 6.69 34.59 -8.45
N ILE B 273 6.04 33.79 -9.29
CA ILE B 273 4.71 33.29 -8.98
C ILE B 273 4.76 32.41 -7.74
N LEU B 274 5.75 31.51 -7.68
CA LEU B 274 5.86 30.61 -6.53
C LEU B 274 6.21 31.38 -5.27
N ALA B 275 7.14 32.34 -5.37
CA ALA B 275 7.55 33.10 -4.18
C ALA B 275 6.39 33.93 -3.64
N ARG B 276 5.62 34.54 -4.52
CA ARG B 276 4.48 35.34 -4.06
C ARG B 276 3.41 34.45 -3.44
N TYR B 277 3.18 33.28 -4.03
CA TYR B 277 2.25 32.32 -3.42
C TYR B 277 2.74 31.88 -2.04
N TYR B 278 4.05 31.64 -1.91
CA TYR B 278 4.63 31.28 -0.62
C TYR B 278 4.42 32.38 0.43
N LEU B 279 4.55 33.66 0.05
CA LEU B 279 4.28 34.71 1.01
C LEU B 279 2.83 34.67 1.50
N GLU B 280 1.87 34.41 0.60
CA GLU B 280 0.48 34.33 1.04
C GLU B 280 0.23 33.10 1.91
N ARG B 281 0.94 31.99 1.64
CA ARG B 281 0.86 30.85 2.55
C ARG B 281 1.33 31.25 3.95
N LEU B 282 2.49 31.90 4.03
CA LEU B 282 3.04 32.26 5.33
C LEU B 282 2.10 33.20 6.07
N ALA B 283 1.53 34.17 5.37
CA ALA B 283 0.59 35.09 5.98
C ALA B 283 -0.69 34.42 6.44
N ASN B 284 -0.98 33.18 6.00
CA ASN B 284 -2.15 32.44 6.47
C ASN B 284 -1.78 31.17 7.24
N GLY B 285 -0.54 31.07 7.74
CA GLY B 285 -0.17 29.93 8.57
C GLY B 285 -0.10 28.60 7.86
N LEU B 286 0.13 28.59 6.54
CA LEU B 286 0.14 27.35 5.77
C LEU B 286 1.53 26.83 5.42
N GLY B 287 2.58 27.55 5.79
CA GLY B 287 3.89 26.94 5.60
C GLY B 287 4.35 26.81 4.15
N GLU B 288 5.27 25.88 3.94
CA GLU B 288 6.02 25.71 2.71
C GLU B 288 5.20 24.97 1.63
N ILE B 289 5.59 25.17 0.38
CA ILE B 289 4.93 24.45 -0.73
C ILE B 289 5.28 22.97 -0.64
N PRO B 290 4.30 22.08 -0.65
CA PRO B 290 4.61 20.63 -0.57
C PRO B 290 5.37 20.13 -1.80
N ARG B 291 6.22 19.14 -1.57
CA ARG B 291 6.88 18.34 -2.59
C ARG B 291 6.22 16.95 -2.63
N PHE B 292 6.29 16.26 -3.77
CA PHE B 292 5.53 15.01 -3.88
C PHE B 292 6.24 14.00 -4.78
N ASN B 293 5.92 12.74 -4.54
CA ASN B 293 6.41 11.57 -5.27
C ASN B 293 5.34 11.16 -6.29
N TRP B 294 5.71 11.09 -7.57
CA TRP B 294 4.76 10.71 -8.61
C TRP B 294 4.13 9.35 -8.36
N LEU B 295 4.81 8.47 -7.63
CA LEU B 295 4.38 7.08 -7.45
C LEU B 295 3.61 6.85 -6.16
N ASP B 296 3.34 7.89 -5.37
CA ASP B 296 2.60 7.75 -4.13
C ASP B 296 1.24 8.41 -4.30
N LYS B 297 0.35 8.17 -3.32
CA LYS B 297 -0.95 8.82 -3.30
C LYS B 297 -0.75 10.34 -3.26
N TYR B 298 -1.53 11.08 -4.05
CA TYR B 298 -1.35 12.53 -4.12
C TYR B 298 -2.22 13.18 -3.03
N GLN B 299 -1.61 13.98 -2.16
CA GLN B 299 -2.27 14.32 -0.89
C GLN B 299 -2.99 15.67 -0.89
N THR B 300 -3.09 16.33 -2.04
CA THR B 300 -3.74 17.63 -2.16
C THR B 300 -4.95 17.52 -3.09
N SER B 301 -6.13 17.40 -2.51
CA SER B 301 -7.37 17.29 -3.26
C SER B 301 -7.77 18.66 -3.81
N TYR B 302 -8.75 18.64 -4.71
CA TYR B 302 -9.23 19.88 -5.32
C TYR B 302 -10.61 19.61 -5.91
N TYR B 303 -11.61 20.38 -5.46
CA TYR B 303 -13.00 20.23 -5.90
C TYR B 303 -13.45 21.57 -6.47
N PRO B 304 -13.04 21.88 -7.70
CA PRO B 304 -13.41 23.18 -8.29
C PRO B 304 -14.91 23.26 -8.55
N LEU B 305 -15.46 24.42 -8.25
CA LEU B 305 -16.82 24.80 -8.59
C LEU B 305 -16.80 25.60 -9.87
N LEU B 306 -15.96 25.17 -10.78
CA LEU B 306 -15.84 25.77 -12.09
C LEU B 306 -16.55 24.85 -13.07
N SER B 307 -17.07 25.42 -14.14
CA SER B 307 -17.63 24.62 -15.21
C SER B 307 -17.31 25.27 -16.54
N SER B 308 -17.33 24.47 -17.60
CA SER B 308 -17.28 25.01 -18.96
C SER B 308 -18.68 25.07 -19.58
N TYR B 309 -19.68 25.23 -18.73
CA TYR B 309 -21.09 25.46 -19.01
C TYR B 309 -21.79 24.24 -19.58
N GLN B 310 -21.08 23.43 -20.35
CA GLN B 310 -21.61 22.21 -20.89
C GLN B 310 -21.22 21.02 -20.04
N LEU B 311 -20.13 21.16 -19.28
CA LEU B 311 -19.50 20.08 -18.54
C LEU B 311 -18.90 20.63 -17.27
N PRO B 312 -18.91 19.86 -16.19
CA PRO B 312 -18.19 20.26 -14.98
C PRO B 312 -16.70 20.06 -15.14
N PHE B 313 -15.92 20.83 -14.37
CA PHE B 313 -14.50 20.55 -14.27
C PHE B 313 -14.24 19.26 -13.52
N ALA B 314 -13.13 18.61 -13.84
CA ALA B 314 -12.71 17.43 -13.08
C ALA B 314 -12.35 17.80 -11.65
N GLN B 315 -12.77 16.95 -10.71
CA GLN B 315 -12.44 17.06 -9.30
C GLN B 315 -11.40 15.99 -8.97
N ARG B 316 -10.44 16.32 -8.13
CA ARG B 316 -9.41 15.38 -7.72
C ARG B 316 -9.68 15.02 -6.25
N ASN B 317 -10.07 13.77 -6.00
CA ASN B 317 -10.30 13.31 -4.63
C ASN B 317 -8.99 13.27 -3.83
N ASP B 318 -9.12 13.27 -2.51
CA ASP B 318 -7.94 13.13 -1.67
C ASP B 318 -7.24 11.78 -1.93
N ASP B 319 -5.90 11.81 -1.82
CA ASP B 319 -5.07 10.62 -1.96
C ASP B 319 -5.23 9.92 -3.30
N TYR B 320 -5.45 10.71 -4.35
CA TYR B 320 -5.58 10.17 -5.70
C TYR B 320 -4.27 9.53 -6.15
N TYR B 321 -4.36 8.32 -6.70
CA TYR B 321 -3.19 7.57 -7.13
C TYR B 321 -2.84 7.96 -8.56
N LEU B 322 -1.67 8.58 -8.74
CA LEU B 322 -1.30 9.10 -10.06
C LEU B 322 -0.80 8.03 -11.03
N ALA B 323 -0.17 6.95 -10.54
CA ALA B 323 0.52 6.02 -11.44
C ALA B 323 -0.29 4.74 -11.70
N SER B 324 -1.51 4.89 -12.19
CA SER B 324 -2.28 3.71 -12.57
C SER B 324 -1.72 3.11 -13.87
N GLY B 325 -2.17 1.89 -14.15
CA GLY B 325 -1.83 1.28 -15.43
C GLY B 325 -2.30 2.09 -16.63
N ASP B 326 -3.43 2.80 -16.50
CA ASP B 326 -3.85 3.66 -17.60
C ASP B 326 -2.91 4.85 -17.81
N ASN B 327 -2.13 5.21 -16.79
CA ASN B 327 -1.25 6.37 -16.82
C ASN B 327 0.22 6.04 -17.04
N ILE B 328 0.59 4.77 -17.16
CA ILE B 328 1.98 4.40 -16.93
C ILE B 328 2.90 4.99 -18.01
N ASN B 329 2.46 5.04 -19.27
CA ASN B 329 3.29 5.66 -20.31
C ASN B 329 3.55 7.14 -20.00
N ASP B 330 2.53 7.86 -19.54
CA ASP B 330 2.73 9.25 -19.11
C ASP B 330 3.70 9.36 -17.92
N ILE B 331 3.54 8.48 -16.92
CA ILE B 331 4.44 8.47 -15.77
C ILE B 331 5.88 8.16 -16.19
N GLN B 332 6.07 7.16 -17.07
CA GLN B 332 7.43 6.84 -17.54
C GLN B 332 8.06 8.02 -18.27
N PHE B 333 7.30 8.69 -19.13
CA PHE B 333 7.84 9.87 -19.79
C PHE B 333 8.26 10.93 -18.77
N ILE B 334 7.38 11.20 -17.79
CA ILE B 334 7.67 12.20 -16.77
C ILE B 334 8.94 11.82 -16.00
N ASP B 335 9.01 10.56 -15.57
CA ASP B 335 10.15 10.13 -14.80
C ASP B 335 11.43 10.16 -15.62
N THR B 336 11.35 9.72 -16.88
CA THR B 336 12.50 9.77 -17.76
C THR B 336 12.99 11.21 -17.96
N TYR B 337 12.07 12.15 -18.15
CA TYR B 337 12.45 13.53 -18.36
C TYR B 337 13.22 14.08 -17.17
N GLU B 338 12.79 13.72 -15.95
CA GLU B 338 13.53 14.17 -14.76
C GLU B 338 14.88 13.49 -14.65
N LYS B 339 14.92 12.19 -14.89
CA LYS B 339 16.19 11.46 -14.88
C LYS B 339 17.16 12.06 -15.88
N THR B 340 16.66 12.37 -17.08
CA THR B 340 17.51 12.97 -18.11
C THR B 340 18.15 14.25 -17.59
N PHE B 341 17.36 15.11 -16.92
CA PHE B 341 17.91 16.36 -16.45
C PHE B 341 18.99 16.11 -15.39
N LEU B 342 18.75 15.17 -14.47
CA LEU B 342 19.77 14.88 -13.46
C LEU B 342 21.04 14.35 -14.11
N GLN B 343 20.92 13.54 -15.19
CA GLN B 343 22.12 13.11 -15.91
C GLN B 343 22.84 14.29 -16.55
N LEU B 344 22.08 15.24 -17.11
CA LEU B 344 22.72 16.43 -17.68
C LEU B 344 23.51 17.18 -16.60
N LEU B 345 22.99 17.24 -15.37
CA LEU B 345 23.74 17.88 -14.30
C LEU B 345 25.00 17.08 -13.97
N GLN B 346 24.98 15.76 -14.13
CA GLN B 346 26.21 15.01 -14.01
C GLN B 346 27.20 15.35 -15.13
N LYS B 347 26.72 15.49 -16.38
CA LYS B 347 27.62 15.78 -17.50
C LYS B 347 28.22 17.17 -17.41
N GLY B 348 27.43 18.18 -17.05
CA GLY B 348 27.94 19.56 -16.92
C GLY B 348 28.17 20.29 -18.25
N GLN B 349 28.93 19.68 -19.15
CA GLN B 349 29.13 20.21 -20.50
C GLN B 349 28.78 19.11 -21.47
N PHE B 350 27.89 19.39 -22.41
CA PHE B 350 27.29 18.34 -23.22
C PHE B 350 26.64 18.94 -24.45
N LYS B 351 26.27 18.04 -25.36
CA LYS B 351 25.50 18.36 -26.55
C LYS B 351 24.14 17.68 -26.42
N ALA B 352 23.08 18.47 -26.52
CA ALA B 352 21.71 17.96 -26.40
C ALA B 352 20.85 18.64 -27.45
N TYR B 353 20.14 17.84 -28.24
CA TYR B 353 19.33 18.36 -29.34
C TYR B 353 20.18 19.23 -30.25
N LYS B 354 21.44 18.81 -30.46
CA LYS B 354 22.41 19.50 -31.31
C LYS B 354 22.74 20.91 -30.83
N GLN B 355 22.43 21.23 -29.57
CA GLN B 355 22.83 22.47 -28.93
C GLN B 355 23.99 22.15 -27.98
N GLU B 356 25.06 22.95 -28.05
CA GLU B 356 26.18 22.85 -27.13
C GLU B 356 25.85 23.61 -25.85
N VAL B 357 25.93 22.95 -24.69
CA VAL B 357 25.51 23.56 -23.44
C VAL B 357 26.65 23.48 -22.42
N ASP B 358 26.92 24.59 -21.75
CA ASP B 358 27.93 24.68 -20.70
C ASP B 358 27.24 25.19 -19.43
N LEU B 359 26.92 24.27 -18.51
CA LEU B 359 26.18 24.62 -17.31
C LEU B 359 27.00 25.47 -16.35
N TYR B 360 28.32 25.56 -16.53
CA TYR B 360 29.12 26.47 -15.72
C TYR B 360 28.82 27.92 -16.07
N ASN B 361 28.22 28.15 -17.23
CA ASN B 361 27.95 29.48 -17.77
C ASN B 361 26.49 29.84 -17.47
N SER B 362 26.30 31.02 -16.89
CA SER B 362 24.93 31.43 -16.54
C SER B 362 24.04 31.56 -17.77
N LYS B 363 24.63 31.66 -18.96
CA LYS B 363 23.80 31.76 -20.15
C LYS B 363 23.07 30.46 -20.45
N SER B 364 23.49 29.35 -19.86
CA SER B 364 22.79 28.08 -20.11
C SER B 364 21.41 28.04 -19.47
N ILE B 365 21.02 29.06 -18.69
CA ILE B 365 19.66 29.16 -18.18
C ILE B 365 18.65 29.20 -19.32
N ASN B 366 19.06 29.67 -20.50
CA ASN B 366 18.15 29.63 -21.63
C ASN B 366 17.81 28.20 -22.01
N PHE B 367 18.83 27.36 -22.17
CA PHE B 367 18.58 25.96 -22.50
C PHE B 367 17.77 25.27 -21.39
N VAL B 368 18.09 25.54 -20.13
CA VAL B 368 17.43 24.86 -19.02
C VAL B 368 15.94 25.20 -18.97
N GLY B 369 15.60 26.49 -19.10
CA GLY B 369 14.20 26.88 -19.15
C GLY B 369 13.47 26.34 -20.37
N ASN B 370 14.11 26.39 -21.54
CA ASN B 370 13.48 25.82 -22.72
C ASN B 370 13.32 24.31 -22.61
N TYR B 371 14.25 23.65 -21.89
CA TYR B 371 14.13 22.22 -21.67
C TYR B 371 12.88 21.91 -20.85
N TRP B 372 12.69 22.62 -19.73
CA TRP B 372 11.56 22.29 -18.88
C TRP B 372 10.23 22.71 -19.50
N GLN B 373 10.22 23.67 -20.42
CA GLN B 373 8.97 24.02 -21.10
C GLN B 373 8.76 23.21 -22.38
N SER B 374 9.74 22.40 -22.78
CA SER B 374 9.67 21.63 -24.03
C SER B 374 9.25 22.51 -25.20
N ASN B 375 9.73 23.75 -25.22
CA ASN B 375 9.17 24.69 -26.18
C ASN B 375 9.88 24.59 -27.53
N ALA B 376 9.41 25.41 -28.48
CA ALA B 376 9.88 25.28 -29.86
C ALA B 376 11.38 25.53 -29.99
N ASP B 377 11.96 26.38 -29.12
CA ASP B 377 13.40 26.66 -29.22
C ASP B 377 14.26 25.48 -28.81
N LEU B 378 13.76 24.59 -27.94
CA LEU B 378 14.53 23.41 -27.56
C LEU B 378 14.85 22.53 -28.76
N TYR B 379 13.97 22.47 -29.74
CA TYR B 379 14.09 21.55 -30.87
C TYR B 379 14.55 22.24 -32.15
N GLU B 380 14.96 23.50 -32.08
CA GLU B 380 15.19 24.28 -33.30
C GLU B 380 16.39 23.80 -34.12
N LYS B 381 17.34 23.08 -33.53
CA LYS B 381 18.50 22.61 -34.27
C LYS B 381 18.39 21.17 -34.76
N VAL B 382 17.27 20.50 -34.54
CA VAL B 382 17.10 19.15 -35.10
C VAL B 382 16.04 19.21 -36.20
N PRO B 383 16.04 18.27 -37.16
CA PRO B 383 15.01 18.31 -38.20
C PRO B 383 13.63 18.24 -37.56
N LYS B 384 12.68 18.92 -38.19
CA LYS B 384 11.34 19.03 -37.63
C LYS B 384 10.73 17.66 -37.39
N ARG B 385 10.08 17.52 -36.24
CA ARG B 385 9.63 16.23 -35.74
C ARG B 385 8.12 16.13 -35.75
N ASN B 386 7.63 14.97 -36.18
CA ASN B 386 6.24 14.60 -35.92
C ASN B 386 6.05 13.97 -34.55
N TYR B 387 7.15 13.62 -33.85
CA TYR B 387 7.11 13.08 -32.49
C TYR B 387 7.39 14.19 -31.50
N TRP B 388 6.44 14.43 -30.61
CA TRP B 388 6.64 15.48 -29.63
C TRP B 388 5.90 15.10 -28.36
N ARG B 389 6.57 15.22 -27.21
CA ARG B 389 5.93 15.08 -25.91
C ARG B 389 6.37 16.26 -25.07
N SER B 390 5.46 16.74 -24.23
CA SER B 390 5.72 17.84 -23.34
C SER B 390 5.69 17.35 -21.90
N TYR B 391 6.73 17.66 -21.14
CA TYR B 391 6.76 17.33 -19.73
C TYR B 391 5.59 17.98 -19.02
N GLU B 392 5.43 19.29 -19.20
CA GLU B 392 4.39 20.06 -18.51
C GLU B 392 2.99 19.57 -18.89
N ALA B 393 2.74 19.34 -20.18
CA ALA B 393 1.42 18.86 -20.57
C ALA B 393 1.13 17.48 -19.97
N THR B 394 2.14 16.59 -19.97
CA THR B 394 1.95 15.26 -19.40
C THR B 394 1.71 15.31 -17.89
N ALA B 395 2.49 16.15 -17.19
CA ALA B 395 2.30 16.31 -15.75
C ALA B 395 0.92 16.91 -15.42
N ARG B 396 0.48 17.90 -16.20
CA ARG B 396 -0.85 18.49 -15.96
C ARG B 396 -1.96 17.47 -16.15
N ARG B 397 -1.84 16.62 -17.17
CA ARG B 397 -2.84 15.60 -17.40
C ARG B 397 -2.89 14.59 -16.26
N VAL B 398 -1.73 14.22 -15.72
CA VAL B 398 -1.68 13.29 -14.61
C VAL B 398 -2.31 13.90 -13.36
N LEU B 399 -2.01 15.16 -13.07
CA LEU B 399 -2.51 15.79 -11.87
C LEU B 399 -3.98 16.20 -12.00
N GLY B 400 -4.51 16.34 -13.23
CA GLY B 400 -5.86 16.84 -13.42
C GLY B 400 -6.96 15.89 -12.97
N ALA B 401 -6.66 14.59 -12.87
CA ALA B 401 -7.62 13.62 -12.36
C ALA B 401 -8.86 13.48 -13.25
N ALA B 402 -8.79 13.90 -14.52
CA ALA B 402 -9.84 13.57 -15.46
C ALA B 402 -9.82 12.05 -15.72
N PRO B 403 -10.96 11.46 -16.09
CA PRO B 403 -10.96 10.04 -16.44
C PRO B 403 -10.03 9.76 -17.62
N ARG B 404 -9.37 8.58 -17.61
CA ARG B 404 -8.39 8.29 -18.67
C ARG B 404 -9.04 8.25 -20.04
N SER B 405 -10.32 7.85 -20.10
CA SER B 405 -11.03 7.94 -21.36
C SER B 405 -11.04 9.37 -21.90
N SER B 406 -11.07 10.37 -21.03
CA SER B 406 -11.02 11.75 -21.50
C SER B 406 -9.73 12.01 -22.26
N ILE B 407 -8.67 11.28 -21.93
CA ILE B 407 -7.41 11.46 -22.62
C ILE B 407 -7.38 10.65 -23.92
N ASN B 408 -8.02 9.47 -23.95
CA ASN B 408 -7.91 8.57 -25.09
C ASN B 408 -8.73 9.02 -26.30
N TYR B 409 -9.86 9.68 -26.08
CA TYR B 409 -10.79 10.01 -27.16
C TYR B 409 -10.67 11.49 -27.53
N GLU B 410 -10.45 11.74 -28.83
CA GLU B 410 -10.22 13.09 -29.31
C GLU B 410 -11.48 13.95 -29.15
N ASN B 411 -12.64 13.36 -29.41
CA ASN B 411 -13.87 14.14 -29.41
C ASN B 411 -14.35 14.55 -28.01
N MET B 412 -13.98 13.84 -26.95
CA MET B 412 -14.63 14.06 -25.66
C MET B 412 -13.65 14.31 -24.53
N ASN B 413 -13.90 15.38 -23.79
CA ASN B 413 -13.04 15.78 -22.68
C ASN B 413 -13.87 16.23 -21.48
N ILE B 414 -13.44 15.85 -20.28
CA ILE B 414 -13.85 16.53 -19.07
C ILE B 414 -12.76 17.56 -18.73
N PRO B 415 -13.02 18.85 -18.81
CA PRO B 415 -11.95 19.83 -18.65
C PRO B 415 -11.46 19.87 -17.20
N THR B 416 -10.19 20.23 -17.04
CA THR B 416 -9.62 20.46 -15.72
C THR B 416 -9.11 21.89 -15.62
N ALA B 417 -8.90 22.34 -14.38
CA ALA B 417 -8.30 23.67 -14.16
C ALA B 417 -6.93 23.77 -14.79
N LEU B 418 -6.23 22.64 -14.93
CA LEU B 418 -4.91 22.67 -15.54
C LEU B 418 -4.97 22.64 -17.06
N ASP B 419 -6.18 22.60 -17.66
CA ASP B 419 -6.33 22.70 -19.10
C ASP B 419 -6.35 24.13 -19.60
N PHE B 420 -6.38 25.11 -18.71
CA PHE B 420 -6.53 26.51 -19.10
C PHE B 420 -5.55 27.37 -18.33
N TYR B 421 -4.86 28.24 -19.07
CA TYR B 421 -4.03 29.22 -18.41
C TYR B 421 -4.86 30.22 -17.63
N GLN B 422 -6.16 30.33 -17.94
CA GLN B 422 -7.04 31.21 -17.16
C GLN B 422 -7.26 30.68 -15.73
N THR B 423 -7.22 29.36 -15.54
CA THR B 423 -7.64 28.76 -14.27
C THR B 423 -6.55 28.00 -13.56
N SER B 424 -5.36 27.85 -14.16
CA SER B 424 -4.31 27.00 -13.60
C SER B 424 -3.97 27.36 -12.17
N LEU B 425 -3.87 28.64 -11.88
CA LEU B 425 -3.41 29.11 -10.58
C LEU B 425 -4.41 28.82 -9.47
N ARG B 426 -5.61 28.33 -9.80
CA ARG B 426 -6.58 27.92 -8.79
C ARG B 426 -6.31 26.51 -8.21
N ASP B 427 -5.61 25.63 -8.94
CA ASP B 427 -5.35 24.28 -8.42
C ASP B 427 -4.06 24.35 -7.63
N PRO B 428 -4.06 24.00 -6.33
CA PRO B 428 -2.81 24.01 -5.57
C PRO B 428 -1.74 23.11 -6.17
N ALA B 429 -2.14 22.09 -6.95
CA ALA B 429 -1.16 21.23 -7.60
C ALA B 429 -0.30 21.99 -8.61
N PHE B 430 -0.81 23.09 -9.16
CA PHE B 430 -0.02 23.90 -10.07
C PHE B 430 1.29 24.35 -9.39
N TYR B 431 1.17 24.85 -8.16
CA TYR B 431 2.34 25.37 -7.45
C TYR B 431 3.29 24.24 -7.07
N GLN B 432 2.75 23.08 -6.69
CA GLN B 432 3.60 21.92 -6.39
C GLN B 432 4.33 21.43 -7.64
N LEU B 433 3.66 21.42 -8.80
CA LEU B 433 4.32 21.01 -10.04
C LEU B 433 5.47 21.93 -10.40
N TYR B 434 5.23 23.25 -10.39
CA TYR B 434 6.30 24.15 -10.79
C TYR B 434 7.35 24.31 -9.69
N ALA B 435 7.02 24.01 -8.43
CA ALA B 435 8.07 23.93 -7.41
C ALA B 435 8.99 22.74 -7.68
N LYS B 436 8.43 21.61 -8.13
CA LYS B 436 9.26 20.49 -8.52
C LYS B 436 10.22 20.88 -9.65
N ILE B 437 9.70 21.56 -10.67
CA ILE B 437 10.55 21.98 -11.77
C ILE B 437 11.61 22.95 -11.29
N LEU B 438 11.21 23.93 -10.46
CA LEU B 438 12.18 24.91 -9.99
C LEU B 438 13.16 24.31 -9.00
N ASP B 439 12.79 23.24 -8.28
CA ASP B 439 13.80 22.49 -7.52
C ASP B 439 14.92 21.97 -8.43
N TYR B 440 14.57 21.37 -9.56
CA TYR B 440 15.59 20.89 -10.48
C TYR B 440 16.42 22.04 -11.04
N ILE B 441 15.78 23.16 -11.41
CA ILE B 441 16.51 24.28 -11.98
C ILE B 441 17.44 24.90 -10.94
N ASN B 442 16.99 24.97 -9.68
CA ASN B 442 17.85 25.49 -8.61
C ASN B 442 18.99 24.53 -8.28
N GLU B 443 18.85 23.23 -8.54
CA GLU B 443 20.05 22.38 -8.53
C GLU B 443 21.04 22.81 -9.60
N TYR B 444 20.55 23.10 -10.82
CA TYR B 444 21.45 23.59 -11.88
C TYR B 444 22.13 24.88 -11.45
N LYS B 445 21.40 25.77 -10.76
CA LYS B 445 22.00 27.04 -10.35
C LYS B 445 23.20 26.84 -9.43
N GLU B 446 23.34 25.67 -8.78
CA GLU B 446 24.52 25.39 -7.96
C GLU B 446 25.82 25.33 -8.75
N TYR B 447 25.75 25.16 -10.09
CA TYR B 447 26.93 25.23 -10.94
C TYR B 447 27.55 26.62 -11.01
N LEU B 448 26.74 27.67 -10.85
CA LEU B 448 27.16 29.02 -11.18
C LEU B 448 28.13 29.56 -10.14
N GLU B 449 29.03 30.42 -10.59
CA GLU B 449 29.98 31.05 -9.69
C GLU B 449 29.26 32.13 -8.89
N PRO B 450 29.30 32.08 -7.55
CA PRO B 450 28.66 33.15 -6.76
C PRO B 450 29.36 34.48 -6.99
N TYR B 451 28.60 35.56 -6.89
CA TYR B 451 29.15 36.89 -7.10
C TYR B 451 30.21 37.18 -6.05
N SER B 452 31.35 37.69 -6.49
CA SER B 452 32.39 38.08 -5.56
C SER B 452 32.00 39.38 -4.85
N GLN B 453 32.67 39.63 -3.72
CA GLN B 453 32.52 40.91 -3.04
C GLN B 453 32.88 42.08 -3.95
N ASP B 454 33.85 41.89 -4.85
CA ASP B 454 34.23 42.98 -5.75
C ASP B 454 33.10 43.32 -6.71
N VAL B 455 32.37 42.31 -7.18
CA VAL B 455 31.19 42.53 -8.00
C VAL B 455 30.08 43.21 -7.21
N LEU B 456 29.85 42.78 -5.96
CA LEU B 456 28.69 43.26 -5.21
C LEU B 456 28.91 44.64 -4.60
N HIS B 457 30.15 44.96 -4.27
CA HIS B 457 30.48 46.18 -3.55
C HIS B 457 30.55 47.36 -4.51
N TYR B 458 29.85 48.46 -4.17
CA TYR B 458 29.91 49.71 -4.91
C TYR B 458 30.75 50.69 -4.07
N VAL B 459 32.00 50.89 -4.47
CA VAL B 459 32.92 51.72 -3.72
C VAL B 459 32.43 53.17 -3.73
N GLY B 460 32.34 53.78 -2.55
CA GLY B 460 31.95 55.16 -2.46
C GLY B 460 30.46 55.43 -2.34
N VAL B 461 29.62 54.40 -2.28
CA VAL B 461 28.17 54.55 -2.17
C VAL B 461 27.69 53.80 -0.92
N LYS B 462 26.99 54.50 -0.04
CA LYS B 462 26.56 53.93 1.24
C LYS B 462 25.09 54.25 1.45
N ILE B 463 24.28 53.22 1.69
CA ILE B 463 22.89 53.41 2.08
C ILE B 463 22.86 53.58 3.59
N ASN B 464 22.52 54.80 4.03
CA ASN B 464 22.51 55.09 5.46
C ASN B 464 21.25 54.59 6.16
N ASP B 465 20.12 54.62 5.46
CA ASP B 465 18.85 54.37 6.11
C ASP B 465 17.82 54.09 5.04
N VAL B 466 16.85 53.25 5.38
CA VAL B 466 15.68 53.03 4.55
C VAL B 466 14.47 53.17 5.47
N LYS B 467 13.58 54.09 5.12
CA LYS B 467 12.37 54.35 5.88
C LYS B 467 11.19 54.07 4.98
N VAL B 468 10.21 53.36 5.50
CA VAL B 468 9.05 52.93 4.72
C VAL B 468 7.81 53.47 5.41
N ASP B 469 6.94 54.10 4.63
CA ASP B 469 5.61 54.42 5.13
C ASP B 469 4.93 53.15 5.62
N LYS B 470 3.90 53.32 6.43
CA LYS B 470 3.17 52.19 6.98
C LYS B 470 2.61 51.29 5.88
N LEU B 471 2.80 49.97 6.04
CA LEU B 471 2.35 48.97 5.07
C LEU B 471 1.00 48.42 5.53
N VAL B 472 -0.04 48.72 4.76
CA VAL B 472 -1.42 48.42 5.17
C VAL B 472 -2.13 47.68 4.05
N THR B 473 -2.67 46.52 4.34
CA THR B 473 -3.55 45.86 3.40
C THR B 473 -5.00 45.97 3.87
N TYR B 474 -5.90 45.75 2.92
CA TYR B 474 -7.33 45.78 3.20
C TYR B 474 -8.04 45.09 2.04
N PHE B 475 -9.30 44.75 2.27
CA PHE B 475 -10.16 44.22 1.21
C PHE B 475 -11.12 45.30 0.75
N GLU B 476 -11.39 45.31 -0.55
CA GLU B 476 -12.35 46.24 -1.11
C GLU B 476 -13.15 45.55 -2.20
N TYR B 477 -14.38 46.02 -2.42
CA TYR B 477 -15.19 45.51 -3.52
C TYR B 477 -14.66 45.97 -4.87
N PHE B 478 -14.64 45.04 -5.81
CA PHE B 478 -14.18 45.32 -7.17
C PHE B 478 -15.23 44.81 -8.13
N ASP B 479 -15.69 45.69 -9.01
CA ASP B 479 -16.72 45.34 -9.99
C ASP B 479 -16.08 44.91 -11.29
N TRP B 480 -16.55 43.80 -11.86
CA TRP B 480 -16.11 43.45 -13.20
C TRP B 480 -17.27 42.87 -14.01
N ASN B 481 -17.12 42.96 -15.32
CA ASN B 481 -18.22 42.74 -16.26
C ASN B 481 -18.23 41.30 -16.75
N ALA B 482 -19.32 40.58 -16.49
CA ALA B 482 -19.39 39.17 -16.86
C ALA B 482 -20.37 38.93 -17.99
N THR B 483 -20.78 39.98 -18.70
CA THR B 483 -21.85 39.83 -19.69
C THR B 483 -21.47 38.84 -20.79
N ASN B 484 -20.17 38.69 -21.09
CA ASN B 484 -19.76 37.73 -22.12
C ASN B 484 -20.02 36.27 -21.74
N ALA B 485 -20.39 35.99 -20.49
CA ALA B 485 -20.73 34.63 -20.10
C ALA B 485 -22.16 34.23 -20.48
N VAL B 486 -23.06 35.20 -20.73
CA VAL B 486 -24.48 34.87 -20.90
C VAL B 486 -24.81 34.79 -22.37
N TYR B 487 -25.85 34.03 -22.67
CA TYR B 487 -26.37 33.93 -24.02
C TYR B 487 -27.53 34.91 -24.16
N LEU B 488 -27.40 35.86 -25.10
CA LEU B 488 -28.34 36.96 -25.27
C LEU B 488 -29.41 36.62 -26.28
N SER B 489 -30.57 37.22 -26.10
CA SER B 489 -31.62 37.08 -27.10
C SER B 489 -31.28 37.92 -28.34
N GLU B 490 -31.98 37.66 -29.45
CA GLU B 490 -31.80 38.47 -30.65
C GLU B 490 -32.19 39.92 -30.37
N GLN B 491 -33.25 40.11 -29.60
CA GLN B 491 -33.69 41.45 -29.16
C GLN B 491 -32.57 42.18 -28.44
N GLN B 492 -31.85 41.49 -27.55
CA GLN B 492 -30.76 42.12 -26.83
C GLN B 492 -29.53 42.36 -27.72
N LEU B 493 -29.24 41.44 -28.65
CA LEU B 493 -28.08 41.59 -29.52
C LEU B 493 -28.23 42.78 -30.48
N ASP B 494 -29.45 43.07 -30.94
CA ASP B 494 -29.71 44.15 -31.89
C ASP B 494 -29.82 45.51 -31.20
N THR B 495 -30.40 45.51 -30.00
CA THR B 495 -30.52 46.64 -29.08
C THR B 495 -29.38 46.55 -28.08
N VAL B 496 -29.63 46.90 -26.83
CA VAL B 496 -28.63 46.78 -25.79
C VAL B 496 -28.97 45.64 -24.82
N SER B 497 -27.92 44.96 -24.34
CA SER B 497 -28.06 43.92 -23.33
C SER B 497 -28.09 44.54 -21.94
N PRO B 498 -28.70 43.87 -20.97
CA PRO B 498 -28.44 44.22 -19.57
C PRO B 498 -27.02 43.85 -19.19
N SER B 499 -26.50 44.50 -18.16
CA SER B 499 -25.13 44.26 -17.72
C SER B 499 -25.13 43.29 -16.54
N TYR B 500 -24.25 42.30 -16.59
CA TYR B 500 -24.14 41.38 -15.48
C TYR B 500 -22.78 41.61 -14.84
N ILE B 501 -22.79 42.25 -13.67
CA ILE B 501 -21.60 42.74 -13.01
C ILE B 501 -21.33 41.89 -11.76
N VAL B 502 -20.12 41.33 -11.67
CA VAL B 502 -19.67 40.61 -10.50
C VAL B 502 -19.05 41.62 -9.54
N ARG B 503 -19.47 41.58 -8.28
CA ARG B 503 -18.93 42.47 -7.24
C ARG B 503 -18.23 41.59 -6.22
N GLN B 504 -16.92 41.74 -6.14
CA GLN B 504 -16.10 40.77 -5.48
C GLN B 504 -15.05 41.47 -4.64
N PRO B 505 -14.90 41.10 -3.38
CA PRO B 505 -13.83 41.68 -2.55
C PRO B 505 -12.47 41.26 -3.08
N ARG B 506 -11.54 42.21 -3.13
CA ARG B 506 -10.17 41.92 -3.56
C ARG B 506 -9.17 42.59 -2.64
N LEU B 507 -8.04 41.93 -2.45
CA LEU B 507 -6.94 42.46 -1.68
C LEU B 507 -6.40 43.73 -2.35
N ASN B 508 -5.94 44.67 -1.52
CA ASN B 508 -5.27 45.87 -1.99
C ASN B 508 -4.34 46.36 -0.88
N ASN B 509 -3.48 47.34 -1.19
CA ASN B 509 -2.61 47.97 -0.20
C ASN B 509 -2.68 49.49 -0.35
N LYS B 510 -2.54 50.20 0.77
CA LYS B 510 -2.50 51.67 0.70
C LYS B 510 -1.18 52.12 0.07
N PRO B 511 -1.20 53.18 -0.73
CA PRO B 511 0.05 53.69 -1.33
C PRO B 511 1.12 53.95 -0.27
N PHE B 512 2.36 53.59 -0.57
CA PHE B 512 3.46 53.81 0.35
C PHE B 512 4.71 54.24 -0.40
N THR B 513 5.60 54.90 0.33
CA THR B 513 6.86 55.40 -0.21
C THR B 513 8.01 54.72 0.51
N VAL B 514 9.01 54.32 -0.25
CA VAL B 514 10.27 53.82 0.29
C VAL B 514 11.27 54.96 0.16
N ASN B 515 11.82 55.40 1.28
CA ASN B 515 12.77 56.51 1.30
C ASN B 515 14.17 55.96 1.58
N ILE B 516 15.09 56.18 0.63
CA ILE B 516 16.44 55.64 0.72
C ILE B 516 17.37 56.82 0.87
N ASP B 517 18.10 56.87 1.98
CA ASP B 517 19.09 57.91 2.27
C ASP B 517 20.45 57.35 1.90
N ILE B 518 21.14 58.00 0.98
CA ILE B 518 22.38 57.49 0.42
C ILE B 518 23.44 58.57 0.53
N LYS B 519 24.59 58.22 1.13
CA LYS B 519 25.77 59.06 1.10
C LYS B 519 26.66 58.58 -0.03
N SER B 520 26.98 59.48 -0.97
CA SER B 520 27.75 59.11 -2.15
C SER B 520 29.02 59.95 -2.24
N ASP B 521 30.16 59.27 -2.38
CA ASP B 521 31.42 59.95 -2.66
C ASP B 521 31.42 60.57 -4.04
N VAL B 522 30.69 59.99 -4.98
CA VAL B 522 30.85 60.38 -6.37
C VAL B 522 29.50 60.81 -6.96
N GLU B 523 29.58 61.65 -7.98
CA GLU B 523 28.44 61.92 -8.84
C GLU B 523 28.33 60.79 -9.85
N SER B 524 27.19 60.11 -9.90
CA SER B 524 27.13 58.91 -10.72
C SER B 524 25.71 58.53 -11.06
N GLU B 525 25.55 57.88 -12.21
CA GLU B 525 24.31 57.20 -12.57
C GLU B 525 24.34 55.81 -11.99
N VAL B 526 23.30 55.43 -11.24
CA VAL B 526 23.25 54.15 -10.55
C VAL B 526 21.93 53.43 -10.87
N VAL B 527 21.92 52.12 -10.64
CA VAL B 527 20.69 51.33 -10.66
C VAL B 527 20.29 51.03 -9.22
N VAL B 528 19.00 51.19 -8.92
CA VAL B 528 18.42 50.85 -7.63
C VAL B 528 17.41 49.71 -7.83
N LYS B 529 17.49 48.69 -6.97
CA LYS B 529 16.48 47.64 -6.92
C LYS B 529 15.94 47.50 -5.50
N ILE B 530 14.65 47.15 -5.41
CA ILE B 530 13.94 46.86 -4.18
C ILE B 530 13.34 45.47 -4.30
N PHE B 531 13.61 44.61 -3.30
CA PHE B 531 13.05 43.26 -3.21
C PHE B 531 12.26 43.14 -1.91
N LEU B 532 11.27 42.25 -1.92
CA LEU B 532 10.47 41.90 -0.74
C LEU B 532 10.56 40.39 -0.52
N GLY B 533 10.78 39.98 0.72
CA GLY B 533 10.94 38.57 1.05
C GLY B 533 10.44 38.22 2.43
N PRO B 534 10.30 36.92 2.71
CA PRO B 534 9.89 36.50 4.06
C PRO B 534 11.00 36.63 5.07
N LYS B 535 10.60 36.70 6.34
CA LYS B 535 11.55 36.63 7.45
C LYS B 535 11.53 35.29 8.15
N TYR B 536 10.35 34.76 8.45
CA TYR B 536 10.20 33.51 9.16
C TYR B 536 9.55 32.47 8.24
N ASP B 537 9.98 31.21 8.40
CA ASP B 537 9.38 30.10 7.66
C ASP B 537 8.15 29.57 8.40
N GLY B 538 7.54 28.49 7.88
CA GLY B 538 6.36 27.89 8.49
C GLY B 538 6.60 27.32 9.89
N ASN B 539 7.85 27.05 10.24
CA ASN B 539 8.18 26.62 11.58
C ASN B 539 8.50 27.77 12.52
N GLY B 540 8.34 29.02 12.09
CA GLY B 540 8.60 30.15 12.95
C GLY B 540 10.06 30.52 13.12
N LEU B 541 10.93 30.02 12.28
CA LEU B 541 12.37 30.26 12.39
C LEU B 541 12.84 31.28 11.35
N PRO B 542 13.77 32.17 11.69
CA PRO B 542 14.28 33.12 10.68
C PRO B 542 14.97 32.38 9.55
N ILE B 543 14.64 32.75 8.32
CA ILE B 543 15.22 32.14 7.13
C ILE B 543 16.55 32.82 6.83
N SER B 544 17.63 32.04 6.80
CA SER B 544 18.93 32.58 6.47
C SER B 544 19.04 32.88 4.97
N LEU B 545 19.94 33.81 4.63
CA LEU B 545 20.04 34.29 3.26
C LEU B 545 20.48 33.19 2.30
N GLU B 546 21.25 32.21 2.77
CA GLU B 546 21.64 31.10 1.90
C GLU B 546 20.43 30.33 1.44
N ASP B 547 19.36 30.30 2.24
CA ASP B 547 18.12 29.65 1.84
C ASP B 547 17.06 30.61 1.31
N ASN B 548 17.15 31.89 1.63
CA ASN B 548 16.08 32.84 1.32
C ASN B 548 16.22 33.52 -0.03
N TRP B 549 17.36 33.36 -0.71
CA TRP B 549 17.60 34.14 -1.93
C TRP B 549 16.55 33.84 -3.00
N ILE B 550 16.05 32.60 -3.05
CA ILE B 550 15.00 32.23 -4.01
C ILE B 550 13.66 32.84 -3.68
N ASN B 551 13.44 33.25 -2.44
CA ASN B 551 12.15 33.73 -2.00
C ASN B 551 11.94 35.23 -2.18
N PHE B 552 12.99 35.99 -2.46
CA PHE B 552 12.82 37.43 -2.59
C PHE B 552 12.12 37.72 -3.91
N ILE B 553 11.18 38.66 -3.86
CA ILE B 553 10.39 39.06 -5.00
C ILE B 553 10.84 40.47 -5.40
N GLU B 554 11.27 40.62 -6.64
CA GLU B 554 11.77 41.89 -7.16
C GLU B 554 10.61 42.88 -7.33
N LEU B 555 10.65 44.03 -6.66
CA LEU B 555 9.56 45.00 -6.76
C LEU B 555 9.84 46.12 -7.76
N ASP B 556 11.08 46.59 -7.82
CA ASP B 556 11.39 47.85 -8.48
C ASP B 556 12.81 47.80 -9.06
N TRP B 557 13.02 48.59 -10.11
CA TRP B 557 14.23 48.50 -10.94
C TRP B 557 14.30 49.82 -11.68
N PHE B 558 15.24 50.69 -11.31
CA PHE B 558 15.24 52.00 -11.92
C PHE B 558 16.61 52.66 -11.82
N THR B 559 16.84 53.62 -12.70
CA THR B 559 18.10 54.36 -12.67
C THR B 559 17.91 55.66 -11.90
N HIS B 560 19.02 56.16 -11.37
CA HIS B 560 18.99 57.38 -10.57
C HIS B 560 20.36 58.03 -10.61
N LYS B 561 20.38 59.37 -10.58
CA LYS B 561 21.65 60.09 -10.59
C LYS B 561 21.96 60.53 -9.16
N LEU B 562 23.06 60.01 -8.61
CA LEU B 562 23.54 60.41 -7.30
C LEU B 562 24.45 61.60 -7.47
N THR B 563 24.22 62.64 -6.67
CA THR B 563 25.21 63.70 -6.54
C THR B 563 26.13 63.39 -5.36
N SER B 564 27.24 64.09 -5.33
CA SER B 564 28.19 63.96 -4.23
C SER B 564 27.54 64.42 -2.92
N GLY B 565 27.77 63.68 -1.85
CA GLY B 565 27.16 64.01 -0.58
C GLY B 565 25.88 63.23 -0.32
N GLN B 566 24.96 63.84 0.42
CA GLN B 566 23.72 63.19 0.81
C GLN B 566 22.71 63.17 -0.32
N ASN B 567 22.09 62.03 -0.53
CA ASN B 567 21.00 61.88 -1.48
C ASN B 567 19.80 61.30 -0.76
N LYS B 568 18.62 61.71 -1.19
CA LYS B 568 17.39 61.12 -0.68
C LYS B 568 16.57 60.69 -1.89
N ILE B 569 16.23 59.40 -1.93
CA ILE B 569 15.41 58.86 -3.01
C ILE B 569 14.08 58.52 -2.38
N ALA B 570 13.03 59.19 -2.82
CA ALA B 570 11.67 58.88 -2.41
C ALA B 570 11.00 58.13 -3.55
N ARG B 571 10.82 56.85 -3.38
CA ARG B 571 10.31 55.97 -4.42
C ARG B 571 8.93 55.47 -4.01
N LYS B 572 7.91 55.86 -4.76
CA LYS B 572 6.53 55.53 -4.47
C LYS B 572 6.14 54.15 -5.01
N SER B 573 5.29 53.43 -4.26
CA SER B 573 4.83 52.13 -4.73
C SER B 573 4.09 52.24 -6.06
N GLU B 574 3.43 53.38 -6.33
CA GLU B 574 2.78 53.56 -7.62
C GLU B 574 3.77 53.61 -8.77
N GLU B 575 5.05 53.80 -8.49
CA GLU B 575 6.10 53.80 -9.50
C GLU B 575 6.85 52.49 -9.62
N PHE B 576 6.52 51.48 -8.81
CA PHE B 576 7.33 50.27 -8.83
C PHE B 576 7.33 49.65 -10.23
N PHE B 577 8.51 49.31 -10.73
CA PHE B 577 8.67 48.83 -12.11
C PHE B 577 7.84 47.58 -12.37
N PHE B 578 7.78 46.67 -11.39
CA PHE B 578 7.26 45.33 -11.66
C PHE B 578 5.77 45.18 -11.37
N PHE B 579 5.05 46.28 -11.17
CA PHE B 579 3.63 46.19 -10.87
C PHE B 579 2.84 47.17 -11.73
N LYS B 580 1.57 46.84 -11.98
CA LYS B 580 0.73 47.57 -12.93
C LYS B 580 -0.57 48.04 -12.28
N ASP B 581 -1.20 49.04 -12.90
CA ASP B 581 -2.56 49.39 -12.48
C ASP B 581 -3.51 48.22 -12.77
N ASP B 582 -4.64 48.22 -12.04
CA ASP B 582 -5.72 47.27 -12.37
C ASP B 582 -6.15 47.45 -13.82
N SER B 583 -6.52 46.34 -14.46
CA SER B 583 -7.24 46.48 -15.72
C SER B 583 -8.52 47.29 -15.51
N VAL B 584 -8.98 47.86 -16.61
CA VAL B 584 -10.17 48.69 -16.70
C VAL B 584 -11.28 47.88 -17.38
N SER B 585 -12.52 48.12 -16.96
CA SER B 585 -13.68 47.38 -17.46
C SER B 585 -14.06 47.82 -18.88
N LEU B 586 -14.81 46.95 -19.56
CA LEU B 586 -15.18 47.20 -20.96
C LEU B 586 -15.82 48.57 -21.18
N PHE B 587 -16.79 48.93 -20.32
CA PHE B 587 -17.48 50.21 -20.52
C PHE B 587 -16.51 51.39 -20.38
N LYS B 588 -15.60 51.30 -19.42
CA LYS B 588 -14.58 52.33 -19.24
C LYS B 588 -13.64 52.40 -20.45
N ILE B 589 -13.29 51.25 -21.04
CA ILE B 589 -12.48 51.22 -22.26
C ILE B 589 -13.19 51.97 -23.38
N TYR B 590 -14.49 51.72 -23.56
CA TYR B 590 -15.23 52.40 -24.61
C TYR B 590 -15.29 53.90 -24.34
N GLU B 591 -15.52 54.27 -23.08
CA GLU B 591 -15.62 55.68 -22.72
C GLU B 591 -14.30 56.40 -22.99
N LEU B 592 -13.18 55.81 -22.56
CA LEU B 592 -11.85 56.39 -22.84
C LEU B 592 -11.60 56.48 -24.35
N LEU B 593 -12.00 55.47 -25.12
CA LEU B 593 -11.81 55.48 -26.56
C LEU B 593 -12.54 56.63 -27.22
N SER B 594 -13.76 56.93 -26.75
CA SER B 594 -14.49 58.05 -27.33
C SER B 594 -13.76 59.35 -27.13
N ASN B 595 -12.81 59.39 -26.20
CA ASN B 595 -11.91 60.52 -26.04
C ASN B 595 -10.54 60.23 -26.64
N GLY B 596 -10.42 59.18 -27.46
CA GLY B 596 -9.16 58.80 -28.07
C GLY B 596 -8.12 58.29 -27.10
N GLN B 597 -8.54 57.71 -25.97
CA GLN B 597 -7.63 57.33 -24.90
C GLN B 597 -7.64 55.82 -24.66
N VAL B 598 -6.53 55.31 -24.12
CA VAL B 598 -6.43 53.92 -23.70
C VAL B 598 -5.77 53.84 -22.33
N PRO B 599 -6.03 52.79 -21.57
CA PRO B 599 -5.31 52.57 -20.28
C PRO B 599 -3.86 52.16 -20.54
N SER B 600 -2.93 52.98 -20.05
CA SER B 600 -1.52 52.81 -20.38
C SER B 600 -0.98 51.44 -19.95
N TYR B 601 -1.27 51.02 -18.71
CA TYR B 601 -0.71 49.74 -18.25
C TYR B 601 -1.30 48.54 -18.97
N MET B 602 -2.58 48.59 -19.35
CA MET B 602 -3.17 47.48 -20.08
C MET B 602 -2.51 47.31 -21.45
N VAL B 603 -2.04 48.40 -22.04
CA VAL B 603 -1.39 48.34 -23.35
C VAL B 603 0.10 48.03 -23.24
N ASP B 604 0.82 48.72 -22.35
CA ASP B 604 2.28 48.63 -22.31
C ASP B 604 2.84 47.68 -21.27
N ARG B 605 2.12 47.45 -20.17
CA ARG B 605 2.72 46.74 -19.04
C ARG B 605 1.79 45.66 -18.47
N TYR B 606 1.04 44.96 -19.33
CA TYR B 606 0.13 43.90 -18.87
C TYR B 606 0.84 42.65 -18.35
N ILE B 607 2.12 42.47 -18.66
CA ILE B 607 2.90 41.31 -18.25
C ILE B 607 3.42 41.47 -16.83
N TYR B 608 2.96 42.49 -16.10
CA TYR B 608 3.41 42.74 -14.74
C TYR B 608 2.31 42.41 -13.72
N LEU B 609 2.74 42.14 -12.49
CA LEU B 609 1.81 41.78 -11.45
C LEU B 609 0.89 42.94 -11.09
N PRO B 610 -0.38 42.67 -10.76
CA PRO B 610 -1.24 43.74 -10.25
C PRO B 610 -0.66 44.35 -8.97
N ARG B 611 -0.60 45.70 -8.95
CA ARG B 611 -0.04 46.44 -7.81
C ARG B 611 -0.80 46.16 -6.51
N ARG B 612 -2.10 45.86 -6.59
CA ARG B 612 -2.86 45.55 -5.38
C ARG B 612 -2.37 44.28 -4.68
N LEU B 613 -1.53 43.47 -5.33
CA LEU B 613 -1.04 42.23 -4.76
C LEU B 613 0.39 42.32 -4.25
N ILE B 614 0.96 43.54 -4.17
CA ILE B 614 2.35 43.69 -3.74
C ILE B 614 2.56 43.02 -2.39
N LEU B 615 1.68 43.32 -1.44
CA LEU B 615 1.85 42.87 -0.06
C LEU B 615 0.94 41.69 0.23
N PRO B 616 1.45 40.67 0.90
CA PRO B 616 0.56 39.63 1.42
C PRO B 616 -0.36 40.22 2.47
N ARG B 617 -1.49 39.55 2.68
CA ARG B 617 -2.45 40.09 3.62
C ARG B 617 -1.82 40.24 4.99
N GLY B 618 -1.92 41.47 5.54
CA GLY B 618 -1.35 41.86 6.82
C GLY B 618 -2.15 41.42 8.04
N THR B 619 -1.66 41.82 9.22
CA THR B 619 -2.27 41.62 10.54
C THR B 619 -2.30 42.97 11.29
N GLN B 620 -3.18 43.12 12.30
CA GLN B 620 -3.25 44.43 12.98
C GLN B 620 -1.95 44.79 13.67
N ARG B 621 -1.26 43.80 14.23
CA ARG B 621 0.03 43.98 14.87
C ARG B 621 1.17 44.10 13.87
N GLY B 622 0.96 43.69 12.62
CA GLY B 622 2.05 43.72 11.68
C GLY B 622 2.76 42.40 11.43
N PHE B 623 2.59 41.88 10.19
CA PHE B 623 3.20 40.65 9.69
C PHE B 623 4.64 40.93 9.23
N PRO B 624 5.63 40.18 9.72
CA PRO B 624 7.03 40.54 9.44
C PRO B 624 7.48 40.11 8.05
N LEU B 625 8.16 41.03 7.36
CA LEU B 625 8.71 40.80 6.04
C LEU B 625 10.08 41.47 5.98
N GLN B 626 10.82 41.20 4.91
CA GLN B 626 12.14 41.79 4.68
C GLN B 626 12.12 42.61 3.40
N LEU B 627 12.56 43.85 3.51
CA LEU B 627 12.80 44.70 2.36
C LEU B 627 14.31 44.72 2.08
N PHE B 628 14.70 44.44 0.83
CA PHE B 628 16.11 44.49 0.45
C PHE B 628 16.32 45.55 -0.64
N VAL B 629 17.24 46.47 -0.40
CA VAL B 629 17.57 47.54 -1.33
C VAL B 629 19.02 47.40 -1.73
N VAL B 630 19.29 47.50 -3.03
CA VAL B 630 20.67 47.47 -3.53
C VAL B 630 20.86 48.59 -4.55
N VAL B 631 22.01 49.25 -4.47
CA VAL B 631 22.42 50.26 -5.43
C VAL B 631 23.73 49.80 -6.07
N TYR B 632 23.78 49.80 -7.39
CA TYR B 632 24.97 49.39 -8.11
C TYR B 632 25.15 50.26 -9.35
N PRO B 633 26.35 50.25 -9.95
CA PRO B 633 26.61 51.19 -11.06
C PRO B 633 25.78 50.84 -12.28
N TYR B 634 25.40 51.89 -13.00
CA TYR B 634 24.58 51.75 -14.20
C TYR B 634 25.46 51.56 -15.42
N GLN B 635 25.25 50.46 -16.11
CA GLN B 635 25.77 50.24 -17.45
C GLN B 635 24.58 50.05 -18.38
N ALA B 636 24.52 50.84 -19.43
CA ALA B 636 23.38 50.83 -20.34
C ALA B 636 23.15 49.41 -20.88
N PRO B 637 21.90 49.01 -21.07
CA PRO B 637 21.65 47.73 -21.74
C PRO B 637 22.31 47.76 -23.11
N VAL B 638 22.81 46.59 -23.53
CA VAL B 638 23.50 46.51 -24.80
C VAL B 638 22.60 47.05 -25.90
N LYS B 639 23.21 47.70 -26.90
CA LYS B 639 22.44 48.49 -27.86
C LYS B 639 21.36 47.67 -28.55
N GLU B 640 21.67 46.42 -28.91
CA GLU B 640 20.66 45.53 -29.51
C GLU B 640 19.33 45.56 -28.76
N TRP B 641 19.35 45.88 -27.47
CA TRP B 641 18.13 46.01 -26.70
C TRP B 641 18.01 47.42 -26.12
N GLU B 642 18.51 48.44 -26.84
CA GLU B 642 18.54 49.79 -26.28
C GLU B 642 17.17 50.47 -26.27
N SER B 643 16.27 50.13 -27.20
CA SER B 643 14.91 50.71 -27.16
C SER B 643 14.10 50.12 -26.01
N MET B 644 14.41 48.90 -25.61
CA MET B 644 13.62 48.14 -24.65
C MET B 644 13.87 48.65 -23.24
N ARG B 645 14.22 49.91 -23.11
CA ARG B 645 14.67 50.38 -21.81
C ARG B 645 13.53 50.34 -20.79
N GLN B 646 12.29 50.54 -21.23
CA GLN B 646 11.18 50.43 -20.30
C GLN B 646 10.88 49.00 -19.89
N TYR B 647 11.49 47.99 -20.54
CA TYR B 647 11.38 46.62 -20.09
C TYR B 647 12.67 46.04 -19.56
N ILE B 648 13.81 46.64 -19.89
CA ILE B 648 15.12 46.13 -19.48
C ILE B 648 15.95 47.33 -19.08
N VAL B 649 16.19 47.50 -17.78
CA VAL B 649 16.80 48.74 -17.29
C VAL B 649 18.30 48.71 -17.45
N ASP B 650 18.93 47.55 -17.28
CA ASP B 650 20.37 47.45 -17.39
C ASP B 650 20.72 46.11 -18.04
N ASN B 651 22.00 45.76 -18.01
CA ASN B 651 22.51 44.60 -18.72
C ASN B 651 22.62 43.37 -17.82
N LYS B 652 22.12 43.45 -16.58
CA LYS B 652 22.30 42.42 -15.57
C LYS B 652 21.33 41.27 -15.74
N PRO B 653 21.67 40.10 -15.20
CA PRO B 653 20.71 38.99 -15.17
C PRO B 653 19.40 39.40 -14.49
N PHE B 654 18.29 38.89 -15.02
CA PHE B 654 17.00 39.08 -14.36
C PHE B 654 17.07 38.53 -12.95
N GLY B 655 16.56 39.30 -11.99
CA GLY B 655 16.65 38.93 -10.58
C GLY B 655 17.97 39.27 -9.90
N TYR B 656 18.92 39.88 -10.60
CA TYR B 656 20.19 40.23 -9.99
C TYR B 656 19.94 41.11 -8.76
N PRO B 657 20.64 40.87 -7.64
CA PRO B 657 21.73 39.90 -7.45
C PRO B 657 21.29 38.55 -6.91
N PHE B 658 20.00 38.25 -6.98
CA PHE B 658 19.49 37.00 -6.44
C PHE B 658 19.17 36.00 -7.52
N ASP B 659 19.89 36.04 -8.64
CA ASP B 659 19.68 35.06 -9.70
C ASP B 659 20.45 33.76 -9.48
N ARG B 660 21.27 33.67 -8.44
CA ARG B 660 22.10 32.50 -8.20
C ARG B 660 22.30 32.37 -6.70
N PRO B 661 22.74 31.20 -6.22
CA PRO B 661 22.83 30.98 -4.77
C PRO B 661 23.73 31.98 -4.05
N VAL B 662 23.30 32.38 -2.85
CA VAL B 662 24.14 33.15 -1.94
C VAL B 662 24.82 32.12 -1.03
N THR B 663 26.09 31.82 -1.26
CA THR B 663 26.71 30.78 -0.44
C THR B 663 27.44 31.35 0.77
N LEU B 664 27.87 32.60 0.74
CA LEU B 664 28.47 33.28 1.90
C LEU B 664 27.71 34.56 2.17
N PRO B 665 26.75 34.56 3.11
CA PRO B 665 25.94 35.76 3.34
C PRO B 665 26.71 37.01 3.71
N TYR B 666 27.85 36.90 4.38
CA TYR B 666 28.57 38.12 4.71
C TYR B 666 29.05 38.85 3.47
N TYR B 667 29.04 38.21 2.29
CA TYR B 667 29.31 38.93 1.04
C TYR B 667 28.29 40.02 0.77
N PHE B 668 27.08 39.89 1.30
CA PHE B 668 26.02 40.86 1.12
C PHE B 668 25.96 41.90 2.23
N ASN B 669 26.96 41.91 3.11
CA ASN B 669 27.12 42.99 4.09
C ASN B 669 27.90 44.13 3.41
N GLN B 670 27.27 44.74 2.44
CA GLN B 670 27.93 45.81 1.71
C GLN B 670 27.28 47.15 2.04
N PRO B 671 28.06 48.24 2.03
CA PRO B 671 27.45 49.55 2.34
C PRO B 671 26.35 49.93 1.36
N ASN B 672 26.43 49.49 0.11
CA ASN B 672 25.44 49.77 -0.91
C ASN B 672 24.30 48.75 -0.91
N MET B 673 24.20 47.96 0.15
CA MET B 673 23.07 47.07 0.36
C MET B 673 22.48 47.35 1.74
N TYR B 674 21.20 47.02 1.88
CA TYR B 674 20.47 47.30 3.11
C TYR B 674 19.32 46.31 3.22
N PHE B 675 19.25 45.62 4.35
CA PHE B 675 18.13 44.75 4.71
C PHE B 675 17.33 45.43 5.81
N LYS B 676 16.02 45.55 5.62
CA LYS B 676 15.16 46.21 6.61
C LYS B 676 13.98 45.32 6.95
N ASP B 677 13.76 45.10 8.24
CA ASP B 677 12.52 44.46 8.70
C ASP B 677 11.35 45.43 8.58
N VAL B 678 10.26 44.97 7.97
CA VAL B 678 9.05 45.77 7.84
C VAL B 678 7.85 44.92 8.25
N TYR B 679 6.75 45.60 8.60
CA TYR B 679 5.57 44.89 9.08
C TYR B 679 4.35 45.37 8.31
N VAL B 680 3.51 44.43 7.92
CA VAL B 680 2.32 44.69 7.12
C VAL B 680 1.10 44.60 8.03
N TYR B 681 0.32 45.67 8.07
CA TYR B 681 -0.85 45.79 8.92
C TYR B 681 -2.13 45.60 8.10
N GLN B 682 -3.14 44.98 8.70
CA GLN B 682 -4.43 44.80 8.04
C GLN B 682 -5.45 45.73 8.68
N GLU B 683 -6.19 46.45 7.84
CA GLU B 683 -7.30 47.30 8.24
C GLU B 683 -8.62 46.68 7.77
N GLY B 684 -9.67 46.85 8.58
CA GLY B 684 -10.99 46.32 8.28
C GLY B 684 -11.11 44.83 8.57
N GLU B 685 -12.11 44.21 7.94
CA GLU B 685 -12.33 42.78 8.10
C GLU B 685 -11.08 41.99 7.70
N GLN B 686 -10.73 40.99 8.52
CA GLN B 686 -9.57 40.15 8.20
C GLN B 686 -9.89 39.08 7.16
N TYR B 687 -11.17 38.64 7.07
CA TYR B 687 -11.53 37.61 6.11
C TYR B 687 -12.36 38.22 4.97
N PRO B 688 -12.28 37.67 3.75
CA PRO B 688 -12.99 38.29 2.62
C PRO B 688 -14.47 37.95 2.50
N TYR B 689 -14.97 36.95 3.21
CA TYR B 689 -16.38 36.59 3.10
C TYR B 689 -17.25 37.46 4.02
N TYR C 18 34.22 -16.02 31.23
CA TYR C 18 35.17 -15.56 30.22
C TYR C 18 36.58 -15.30 30.76
N PRO C 19 37.60 -15.75 30.03
CA PRO C 19 38.98 -15.41 30.40
C PRO C 19 39.26 -13.94 30.13
N GLN C 20 40.27 -13.43 30.83
CA GLN C 20 40.79 -12.10 30.55
C GLN C 20 41.87 -12.18 29.48
N TYR C 21 41.97 -11.13 28.69
CA TYR C 21 42.90 -11.07 27.57
C TYR C 21 44.20 -10.40 28.02
N HIS C 22 45.32 -11.07 27.76
CA HIS C 22 46.63 -10.46 27.85
C HIS C 22 47.41 -10.89 26.61
N TYR C 23 48.05 -9.94 25.94
CA TYR C 23 48.80 -10.31 24.76
C TYR C 23 50.06 -9.47 24.64
N ASP C 24 51.15 -10.11 24.25
CA ASP C 24 52.36 -9.39 23.95
C ASP C 24 52.18 -8.61 22.67
N VAL C 25 52.60 -7.37 22.68
CA VAL C 25 52.38 -6.49 21.56
C VAL C 25 53.68 -6.44 20.77
N GLU C 26 53.58 -6.66 19.46
CA GLU C 26 54.75 -6.52 18.62
C GLU C 26 55.18 -5.06 18.63
N THR C 27 56.44 -4.81 18.97
CA THR C 27 56.96 -3.45 19.10
C THR C 27 58.20 -3.29 18.24
N ARG C 28 58.43 -2.06 17.80
CA ARG C 28 59.64 -1.67 17.11
C ARG C 28 60.05 -0.27 17.54
N LYS C 29 61.34 0.01 17.36
CA LYS C 29 61.90 1.29 17.76
C LYS C 29 61.26 2.45 17.01
N LEU C 30 60.96 3.51 17.75
CA LEU C 30 60.54 4.77 17.15
C LEU C 30 61.80 5.55 16.81
N ASP C 31 61.83 6.13 15.61
CA ASP C 31 62.98 6.91 15.18
C ASP C 31 63.20 8.06 16.16
N PRO C 32 64.43 8.24 16.69
CA PRO C 32 64.64 9.23 17.76
C PRO C 32 64.25 10.64 17.38
N SER C 33 64.30 11.01 16.10
CA SER C 33 63.86 12.33 15.68
C SER C 33 62.36 12.54 15.86
N LEU C 34 61.58 11.47 16.03
CA LEU C 34 60.13 11.56 16.15
C LEU C 34 59.61 11.65 17.58
N LEU C 35 60.48 11.57 18.60
CA LEU C 35 59.99 11.46 19.97
C LEU C 35 59.26 12.72 20.42
N ASN C 36 59.82 13.89 20.15
CA ASN C 36 59.13 15.13 20.51
C ASN C 36 57.82 15.23 19.78
N ILE C 37 57.82 14.89 18.49
CA ILE C 37 56.61 14.93 17.69
C ILE C 37 55.57 13.96 18.25
N GLN C 38 56.01 12.75 18.59
CA GLN C 38 55.08 11.77 19.16
C GLN C 38 54.47 12.31 20.44
N THR C 39 55.29 12.96 21.27
CA THR C 39 54.82 13.48 22.55
C THR C 39 53.78 14.57 22.36
N LYS C 40 54.08 15.55 21.50
CA LYS C 40 53.18 16.68 21.29
C LYS C 40 51.87 16.29 20.61
N VAL C 41 51.92 15.36 19.65
CA VAL C 41 50.68 14.91 19.01
C VAL C 41 49.75 14.26 20.04
N LEU C 42 50.32 13.40 20.88
CA LEU C 42 49.56 12.72 21.93
C LEU C 42 48.96 13.70 22.93
N SER C 43 49.73 14.73 23.31
CA SER C 43 49.21 15.66 24.30
C SER C 43 48.02 16.46 23.76
N LEU C 44 48.09 16.84 22.48
CA LEU C 44 46.98 17.56 21.85
C LEU C 44 45.74 16.70 21.66
N LEU C 45 45.85 15.37 21.79
CA LEU C 45 44.68 14.52 21.68
C LEU C 45 44.02 14.24 23.01
N GLU C 46 44.71 14.50 24.13
CA GLU C 46 44.19 14.12 25.44
C GLU C 46 43.06 15.04 25.89
N ASN C 47 41.93 14.42 26.26
CA ASN C 47 40.73 15.12 26.71
C ASN C 47 40.33 16.23 25.74
N TRP C 48 40.35 15.89 24.45
CA TRP C 48 40.08 16.84 23.39
C TRP C 48 38.67 17.45 23.44
N LYS C 49 37.72 16.84 24.19
CA LYS C 49 36.42 17.48 24.35
C LYS C 49 36.48 18.75 25.20
N GLN C 50 37.61 19.00 25.87
CA GLN C 50 37.74 20.17 26.75
C GLN C 50 38.96 21.00 26.38
N VAL C 51 38.93 22.26 26.83
CA VAL C 51 40.07 23.16 26.71
C VAL C 51 40.49 23.55 28.13
N ASN C 52 41.72 23.24 28.49
CA ASN C 52 42.26 23.61 29.79
C ASN C 52 43.19 24.80 29.62
N PRO C 53 42.84 25.98 30.16
CA PRO C 53 43.70 27.16 29.96
C PRO C 53 45.10 27.02 30.54
N ASP C 54 45.33 26.14 31.50
CA ASP C 54 46.65 26.02 32.08
C ASP C 54 47.59 25.15 31.24
N ASP C 55 47.07 24.48 30.22
CA ASP C 55 47.90 23.66 29.37
C ASP C 55 48.70 24.52 28.41
N GLU C 56 49.80 23.94 27.92
CA GLU C 56 50.74 24.65 27.06
C GLU C 56 50.09 25.13 25.78
N TYR C 57 49.26 24.29 25.15
CA TYR C 57 48.70 24.65 23.85
C TYR C 57 47.79 25.88 23.94
N TYR C 58 47.27 26.21 25.12
CA TYR C 58 46.22 27.22 25.21
C TYR C 58 46.72 28.60 24.79
N LYS C 59 47.82 29.06 25.38
CA LYS C 59 48.33 30.38 25.06
C LYS C 59 48.77 30.45 23.60
N ILE C 60 49.43 29.39 23.12
CA ILE C 60 49.83 29.34 21.72
C ILE C 60 48.61 29.44 20.81
N GLY C 61 47.60 28.61 21.09
CA GLY C 61 46.40 28.61 20.26
C GLY C 61 45.61 29.90 20.37
N LYS C 62 45.54 30.47 21.58
CA LYS C 62 44.78 31.70 21.79
C LYS C 62 45.36 32.86 20.98
N GLU C 63 46.69 32.94 20.90
CA GLU C 63 47.37 34.08 20.30
C GLU C 63 47.74 33.87 18.82
N TYR C 64 47.62 32.66 18.29
CA TYR C 64 48.09 32.39 16.94
C TYR C 64 47.17 33.04 15.91
N ASN C 65 47.76 33.71 14.93
CA ASN C 65 47.02 34.39 13.87
C ASN C 65 47.39 33.75 12.53
N VAL C 66 46.44 33.02 11.94
CA VAL C 66 46.70 32.32 10.68
C VAL C 66 47.07 33.33 9.59
N GLU C 67 46.30 34.41 9.49
CA GLU C 67 46.51 35.38 8.42
C GLU C 67 47.91 35.98 8.49
N ALA C 68 48.38 36.28 9.70
CA ALA C 68 49.73 36.81 9.86
C ALA C 68 50.80 35.81 9.42
N ASN C 69 50.49 34.51 9.44
CA ASN C 69 51.42 33.46 9.07
C ASN C 69 51.10 32.88 7.71
N MET C 70 50.50 33.68 6.84
CA MET C 70 50.03 33.18 5.55
C MET C 70 51.17 32.56 4.74
N GLU C 71 52.38 33.11 4.86
CA GLU C 71 53.55 32.60 4.15
C GLU C 71 54.08 31.29 4.72
N SER C 72 53.67 30.92 5.94
CA SER C 72 54.13 29.69 6.57
C SER C 72 53.36 28.46 6.09
N TYR C 73 52.46 28.63 5.13
CA TYR C 73 51.75 27.52 4.51
C TYR C 73 52.15 27.48 3.05
N THR C 74 52.44 26.28 2.55
CA THR C 74 53.04 26.17 1.23
C THR C 74 52.04 26.40 0.11
N ASN C 75 50.76 26.61 0.41
CA ASN C 75 49.76 26.86 -0.62
C ASN C 75 48.92 28.05 -0.21
N ARG C 76 49.06 29.16 -0.96
CA ARG C 76 48.36 30.40 -0.62
C ARG C 76 46.84 30.23 -0.74
N GLU C 77 46.38 29.44 -1.71
CA GLU C 77 44.95 29.28 -1.88
C GLU C 77 44.34 28.58 -0.68
N VAL C 78 45.10 27.67 -0.05
CA VAL C 78 44.59 26.95 1.13
C VAL C 78 44.31 27.92 2.27
N VAL C 79 45.25 28.84 2.54
CA VAL C 79 45.01 29.81 3.60
C VAL C 79 43.84 30.71 3.25
N THR C 80 43.79 31.16 1.99
CA THR C 80 42.73 32.08 1.55
C THR C 80 41.35 31.45 1.67
N GLU C 81 41.22 30.18 1.27
CA GLU C 81 39.93 29.52 1.39
C GLU C 81 39.54 29.35 2.85
N PHE C 82 40.49 29.01 3.71
CA PHE C 82 40.17 28.87 5.13
C PHE C 82 39.66 30.18 5.72
N LEU C 83 40.35 31.29 5.44
CA LEU C 83 39.98 32.57 6.05
C LEU C 83 38.59 33.01 5.63
N SER C 84 38.22 32.75 4.38
CA SER C 84 36.91 33.13 3.89
C SER C 84 35.81 32.38 4.65
N LEU C 85 35.98 31.07 4.84
CA LEU C 85 35.00 30.33 5.63
C LEU C 85 35.04 30.77 7.08
N TYR C 86 36.24 31.03 7.62
CA TYR C 86 36.36 31.41 9.01
C TYR C 86 35.64 32.73 9.29
N LYS C 87 35.74 33.69 8.35
CA LYS C 87 35.05 34.96 8.50
C LYS C 87 33.53 34.79 8.47
N ALA C 88 33.03 33.87 7.63
CA ALA C 88 31.60 33.59 7.64
C ALA C 88 31.13 32.97 8.95
N GLY C 89 32.03 32.31 9.69
CA GLY C 89 31.73 31.69 10.96
C GLY C 89 31.71 30.18 10.94
N PHE C 90 32.65 29.56 11.66
CA PHE C 90 32.60 28.12 11.82
C PHE C 90 31.49 27.72 12.79
N ILE C 91 31.13 26.44 12.79
CA ILE C 91 30.12 25.96 13.72
C ILE C 91 30.64 26.15 15.14
N PRO C 92 29.76 26.39 16.11
CA PRO C 92 30.20 26.56 17.49
C PRO C 92 30.66 25.25 18.11
N LYS C 93 31.42 25.39 19.19
CA LYS C 93 31.72 24.27 20.06
C LYS C 93 30.43 23.68 20.61
N ASN C 94 30.51 22.43 21.05
CA ASN C 94 29.39 21.75 21.72
C ASN C 94 28.23 21.53 20.77
N GLU C 95 28.54 21.23 19.51
CA GLU C 95 27.56 20.81 18.52
C GLU C 95 28.03 19.52 17.89
N VAL C 96 27.07 18.68 17.50
CA VAL C 96 27.38 17.42 16.85
C VAL C 96 28.04 17.70 15.50
N PHE C 97 29.18 17.07 15.23
CA PHE C 97 29.90 17.23 13.99
C PHE C 97 29.91 15.93 13.18
N SER C 98 29.58 16.03 11.89
CA SER C 98 29.74 14.91 10.96
C SER C 98 30.31 15.40 9.64
N ILE C 99 31.17 14.57 9.03
CA ILE C 99 31.69 14.87 7.71
C ILE C 99 30.58 14.87 6.64
N PHE C 100 29.40 14.31 6.95
CA PHE C 100 28.25 14.32 6.06
C PHE C 100 27.35 15.55 6.19
N TYR C 101 27.60 16.43 7.15
CA TYR C 101 26.85 17.68 7.26
C TYR C 101 27.60 18.70 6.42
N GLU C 102 27.01 19.08 5.28
CA GLU C 102 27.83 19.65 4.21
C GLU C 102 28.53 20.94 4.61
N ASN C 103 27.82 21.85 5.28
CA ASN C 103 28.47 23.08 5.74
C ASN C 103 29.62 22.74 6.70
N GLN C 104 29.43 21.73 7.55
CA GLN C 104 30.51 21.33 8.43
C GLN C 104 31.65 20.68 7.66
N ALA C 105 31.33 19.97 6.58
CA ALA C 105 32.36 19.30 5.79
C ALA C 105 33.28 20.29 5.10
N LEU C 106 32.70 21.37 4.55
CA LEU C 106 33.52 22.41 3.95
C LEU C 106 34.46 23.02 4.98
N GLU C 107 33.96 23.24 6.20
CA GLU C 107 34.82 23.81 7.22
C GLU C 107 35.97 22.89 7.60
N VAL C 108 35.67 21.63 7.90
CA VAL C 108 36.72 20.77 8.43
C VAL C 108 37.71 20.38 7.33
N ILE C 109 37.26 20.27 6.09
CA ILE C 109 38.18 19.99 5.00
C ILE C 109 39.10 21.19 4.78
N ALA C 110 38.56 22.41 4.83
CA ALA C 110 39.43 23.58 4.77
C ALA C 110 40.42 23.55 5.93
N LEU C 111 39.95 23.18 7.12
CA LEU C 111 40.84 23.08 8.28
C LEU C 111 41.90 22.00 8.06
N TYR C 112 41.50 20.84 7.53
CA TYR C 112 42.44 19.77 7.29
C TYR C 112 43.56 20.22 6.34
N ARG C 113 43.21 20.93 5.26
CA ARG C 113 44.23 21.39 4.32
C ARG C 113 45.14 22.44 4.94
N LEU C 114 44.60 23.26 5.84
CA LEU C 114 45.45 24.14 6.61
C LEU C 114 46.47 23.33 7.43
N PHE C 115 46.02 22.24 8.06
CA PHE C 115 46.93 21.35 8.77
C PHE C 115 47.95 20.72 7.82
N TYR C 116 47.49 20.23 6.67
CA TYR C 116 48.34 19.45 5.79
C TYR C 116 49.39 20.32 5.09
N TYR C 117 49.04 21.55 4.73
CA TYR C 117 49.96 22.38 3.99
C TYR C 117 50.83 23.27 4.89
N ALA C 118 50.76 23.11 6.21
CA ALA C 118 51.73 23.78 7.09
C ALA C 118 53.14 23.31 6.78
N LYS C 119 54.08 24.27 6.65
CA LYS C 119 55.39 23.96 6.08
C LYS C 119 56.24 23.08 6.98
N ASP C 120 56.04 23.12 8.30
CA ASP C 120 56.86 22.34 9.22
C ASP C 120 56.00 21.97 10.42
N PHE C 121 56.59 21.22 11.36
CA PHE C 121 55.80 20.73 12.49
C PHE C 121 55.40 21.86 13.42
N GLU C 122 56.27 22.84 13.62
CA GLU C 122 55.93 23.94 14.54
C GLU C 122 54.71 24.71 14.04
N THR C 123 54.66 24.99 12.74
CA THR C 123 53.51 25.65 12.17
C THR C 123 52.27 24.76 12.26
N PHE C 124 52.43 23.47 12.00
CA PHE C 124 51.32 22.53 12.12
C PHE C 124 50.79 22.47 13.55
N TYR C 125 51.69 22.35 14.52
CA TYR C 125 51.30 22.30 15.93
C TYR C 125 50.55 23.57 16.35
N LYS C 126 51.08 24.73 15.98
CA LYS C 126 50.45 26.00 16.32
C LYS C 126 49.05 26.08 15.71
N THR C 127 48.92 25.67 14.44
CA THR C 127 47.61 25.70 13.79
C THR C 127 46.65 24.77 14.52
N ALA C 128 47.13 23.59 14.93
CA ALA C 128 46.30 22.68 15.70
C ALA C 128 45.97 23.23 17.08
N ALA C 129 46.91 23.94 17.72
CA ALA C 129 46.58 24.58 18.99
C ALA C 129 45.49 25.63 18.82
N PHE C 130 45.59 26.42 17.75
CA PHE C 130 44.54 27.38 17.42
C PHE C 130 43.21 26.68 17.22
N ALA C 131 43.21 25.56 16.50
CA ALA C 131 41.96 24.85 16.23
C ALA C 131 41.30 24.37 17.53
N ARG C 132 42.09 23.76 18.42
CA ARG C 132 41.51 23.25 19.66
C ARG C 132 40.94 24.37 20.53
N VAL C 133 41.65 25.49 20.63
CA VAL C 133 41.17 26.57 21.48
C VAL C 133 39.89 27.17 20.91
N TRP C 134 39.84 27.39 19.59
CA TRP C 134 38.83 28.27 19.01
C TRP C 134 37.67 27.53 18.34
N LEU C 135 37.85 26.29 17.89
CA LEU C 135 36.88 25.67 16.99
C LEU C 135 36.19 24.50 17.67
N ASN C 136 35.17 23.99 16.98
CA ASN C 136 34.39 22.84 17.41
C ASN C 136 35.28 21.62 17.72
N GLU C 137 34.98 20.96 18.84
CA GLU C 137 35.81 19.86 19.33
C GLU C 137 35.82 18.69 18.34
N GLY C 138 34.65 18.33 17.82
CA GLY C 138 34.59 17.26 16.84
C GLY C 138 35.38 17.57 15.58
N GLN C 139 35.31 18.82 15.09
CA GLN C 139 36.07 19.21 13.91
C GLN C 139 37.57 19.16 14.16
N PHE C 140 38.02 19.63 15.32
CA PHE C 140 39.44 19.61 15.59
C PHE C 140 40.00 18.20 15.54
N VAL C 141 39.40 17.28 16.30
CA VAL C 141 40.01 15.96 16.47
C VAL C 141 39.92 15.17 15.18
N TYR C 142 38.85 15.33 14.41
CA TYR C 142 38.76 14.63 13.14
C TYR C 142 39.87 15.08 12.20
N ALA C 143 40.02 16.40 12.03
CA ALA C 143 41.04 16.94 11.13
C ALA C 143 42.44 16.65 11.64
N PHE C 144 42.65 16.75 12.95
CA PHE C 144 43.98 16.56 13.51
C PHE C 144 44.43 15.11 13.40
N TYR C 145 43.55 14.19 13.77
CA TYR C 145 43.88 12.77 13.64
C TYR C 145 44.22 12.44 12.19
N LEU C 146 43.41 12.95 11.26
CA LEU C 146 43.63 12.74 9.82
C LEU C 146 44.95 13.36 9.35
N ALA C 147 45.25 14.58 9.79
CA ALA C 147 46.48 15.22 9.33
C ALA C 147 47.71 14.45 9.79
N VAL C 148 47.69 13.91 11.01
CA VAL C 148 48.82 13.10 11.48
C VAL C 148 49.01 11.87 10.59
N ILE C 149 47.91 11.28 10.10
CA ILE C 149 48.04 10.10 9.24
C ILE C 149 48.68 10.46 7.90
N HIS C 150 48.49 11.68 7.40
CA HIS C 150 48.93 12.00 6.05
C HIS C 150 50.16 12.87 5.94
N ARG C 151 50.51 13.65 6.98
CA ARG C 151 51.69 14.50 6.88
C ARG C 151 52.95 13.65 6.83
N ALA C 152 53.88 14.07 5.98
CA ALA C 152 55.16 13.37 5.85
C ALA C 152 55.97 13.44 7.13
N ASP C 153 55.96 14.59 7.82
CA ASP C 153 56.80 14.71 9.01
C ASP C 153 56.21 14.07 10.26
N THR C 154 54.96 13.61 10.24
CA THR C 154 54.46 12.87 11.39
C THR C 154 54.28 11.40 11.12
N ARG C 155 54.44 10.95 9.89
CA ARG C 155 54.25 9.53 9.63
C ARG C 155 55.34 8.76 10.35
N GLY C 156 54.97 7.63 10.92
CA GLY C 156 55.87 6.82 11.71
C GLY C 156 55.65 6.93 13.21
N ILE C 157 54.75 7.81 13.64
CA ILE C 157 54.35 7.87 15.02
C ILE C 157 53.06 7.08 15.18
N VAL C 158 52.69 6.78 16.42
CA VAL C 158 51.47 6.03 16.70
C VAL C 158 50.40 7.01 17.16
N LEU C 159 49.17 6.78 16.70
CA LEU C 159 47.96 7.41 17.20
C LEU C 159 47.21 6.43 18.09
N PRO C 160 46.48 6.92 19.10
CA PRO C 160 45.60 6.04 19.86
C PRO C 160 44.54 5.46 18.95
N ALA C 161 44.00 4.30 19.38
CA ALA C 161 42.98 3.63 18.59
C ALA C 161 41.73 4.51 18.50
N PRO C 162 40.97 4.41 17.41
CA PRO C 162 39.77 5.24 17.31
C PRO C 162 38.81 5.06 18.47
N TYR C 163 38.68 3.86 19.04
CA TYR C 163 37.75 3.70 20.16
C TYR C 163 38.23 4.41 21.42
N GLU C 164 39.53 4.69 21.54
CA GLU C 164 39.99 5.48 22.67
C GLU C 164 39.97 6.99 22.40
N ILE C 165 39.78 7.40 21.15
CA ILE C 165 39.58 8.81 20.86
C ILE C 165 38.10 9.19 20.94
N TRP C 166 37.22 8.35 20.40
CA TRP C 166 35.78 8.57 20.41
C TRP C 166 35.07 7.45 21.16
N PRO C 167 35.36 7.26 22.46
CA PRO C 167 34.75 6.12 23.18
C PRO C 167 33.24 6.14 23.14
N GLU C 168 32.65 7.34 23.12
CA GLU C 168 31.20 7.46 23.06
C GLU C 168 30.62 6.86 21.78
N TYR C 169 31.41 6.66 20.74
CA TYR C 169 30.92 6.02 19.53
C TYR C 169 31.16 4.50 19.51
N PHE C 170 31.66 3.92 20.61
CA PHE C 170 31.99 2.49 20.59
C PHE C 170 31.37 1.70 21.75
N MET C 171 30.41 2.28 22.46
CA MET C 171 29.72 1.55 23.51
C MET C 171 28.28 2.05 23.56
N ASN C 172 27.42 1.25 24.17
CA ASN C 172 26.01 1.64 24.29
C ASN C 172 25.80 2.60 25.46
N SER C 173 24.66 3.29 25.42
CA SER C 173 24.38 4.34 26.39
C SER C 173 24.25 3.82 27.81
N ASP C 174 23.88 2.55 28.00
CA ASP C 174 23.79 2.02 29.37
C ASP C 174 25.17 1.90 30.02
N VAL C 175 26.21 1.62 29.23
CA VAL C 175 27.58 1.66 29.78
C VAL C 175 28.03 3.11 30.02
N LEU C 176 27.83 3.98 29.03
CA LEU C 176 28.28 5.36 29.15
C LEU C 176 27.65 6.05 30.35
N SER C 177 26.34 5.85 30.56
CA SER C 177 25.68 6.51 31.68
C SER C 177 26.26 6.08 33.03
N LYS C 178 26.69 4.82 33.15
CA LYS C 178 27.38 4.43 34.38
C LYS C 178 28.69 5.19 34.54
N ILE C 179 29.44 5.34 33.44
CA ILE C 179 30.72 6.05 33.49
C ILE C 179 30.50 7.51 33.86
N TYR C 180 29.53 8.18 33.23
CA TYR C 180 29.23 9.57 33.57
C TYR C 180 28.79 9.70 35.03
N ARG C 181 27.99 8.74 35.51
CA ARG C 181 27.53 8.83 36.89
C ARG C 181 28.69 8.75 37.88
N ILE C 182 29.65 7.86 37.63
CA ILE C 182 30.81 7.78 38.50
C ILE C 182 31.60 9.10 38.47
N GLN C 183 31.77 9.68 37.28
CA GLN C 183 32.45 10.97 37.22
C GLN C 183 31.67 12.04 37.99
N MET C 184 30.35 12.06 37.83
CA MET C 184 29.52 12.99 38.60
C MET C 184 29.68 12.76 40.10
N GLN C 185 29.69 11.51 40.53
CA GLN C 185 29.77 11.23 41.96
C GLN C 185 31.19 11.29 42.50
N LYS C 186 32.20 11.39 41.63
CA LYS C 186 33.61 11.28 42.07
C LYS C 186 33.86 9.98 42.85
N GLY C 187 33.33 8.87 42.33
CA GLY C 187 33.49 7.54 42.87
C GLY C 187 32.15 6.88 43.08
N LEU C 188 32.16 5.76 43.80
CA LEU C 188 30.97 5.02 44.18
C LEU C 188 30.57 5.46 45.58
N ILE C 189 29.29 5.80 45.77
CA ILE C 189 28.84 6.17 47.10
C ILE C 189 28.97 4.99 48.06
N ILE C 190 28.65 3.79 47.58
CA ILE C 190 28.81 2.55 48.33
C ILE C 190 29.73 1.64 47.51
N PRO C 191 31.05 1.70 47.72
CA PRO C 191 31.97 1.01 46.79
C PRO C 191 31.72 -0.48 46.65
N GLU C 192 31.33 -1.16 47.73
CA GLU C 192 31.13 -2.59 47.63
C GLU C 192 29.94 -2.95 46.74
N GLN C 193 29.01 -2.03 46.51
CA GLN C 193 27.86 -2.34 45.66
C GLN C 193 28.21 -2.30 44.18
N GLY C 194 29.36 -1.74 43.83
CA GLY C 194 29.77 -1.61 42.44
C GLY C 194 29.67 -2.89 41.64
N PRO C 195 30.28 -3.98 42.13
CA PRO C 195 30.27 -5.24 41.36
C PRO C 195 28.88 -5.76 41.02
N TYR C 196 27.86 -5.50 41.85
CA TYR C 196 26.51 -5.99 41.53
C TYR C 196 25.97 -5.31 40.28
N TYR C 197 26.50 -4.14 39.96
CA TYR C 197 26.11 -3.37 38.80
C TYR C 197 27.22 -3.35 37.76
N GLY C 198 28.12 -4.33 37.82
CA GLY C 198 29.18 -4.49 36.85
C GLY C 198 30.30 -3.48 36.92
N ILE C 199 30.59 -2.93 38.10
CA ILE C 199 31.61 -1.89 38.27
C ILE C 199 32.66 -2.36 39.28
N LEU C 200 33.92 -2.38 38.85
CA LEU C 200 35.05 -2.69 39.70
C LEU C 200 35.94 -1.46 39.84
N SER C 201 36.56 -1.34 41.02
CA SER C 201 37.40 -0.21 41.37
C SER C 201 38.76 -0.69 41.84
N LYS C 202 39.83 -0.15 41.28
CA LYS C 202 41.19 -0.46 41.72
C LYS C 202 42.12 0.68 41.36
N ASP C 203 42.74 1.29 42.37
CA ASP C 203 43.85 2.22 42.19
C ASP C 203 43.46 3.41 41.31
N ASN C 204 42.35 4.05 41.66
CA ASN C 204 41.83 5.21 40.93
C ASN C 204 41.41 4.86 39.49
N ALA C 205 41.25 3.58 39.19
CA ALA C 205 40.68 3.16 37.91
C ALA C 205 39.34 2.46 38.18
N TYR C 206 38.36 2.75 37.32
CA TYR C 206 37.06 2.11 37.40
C TYR C 206 36.84 1.24 36.17
N TYR C 207 36.34 0.03 36.40
CA TYR C 207 36.12 -0.96 35.35
C TYR C 207 34.64 -1.20 35.16
N PHE C 208 34.18 -1.06 33.92
CA PHE C 208 32.77 -1.17 33.54
C PHE C 208 32.59 -2.36 32.61
N TYR C 209 31.96 -3.42 33.12
CA TYR C 209 31.56 -4.52 32.26
C TYR C 209 30.50 -4.02 31.27
N ALA C 210 30.64 -4.43 30.01
CA ALA C 210 29.79 -3.94 28.93
C ALA C 210 29.25 -5.10 28.12
N ASN C 211 27.95 -5.09 27.86
CA ASN C 211 27.30 -6.01 26.95
C ASN C 211 27.12 -5.37 25.58
N TYR C 212 27.17 -6.20 24.54
CA TYR C 212 26.71 -5.74 23.24
C TYR C 212 25.18 -5.61 23.25
N SER C 213 24.64 -5.00 22.20
CA SER C 213 23.20 -4.78 22.11
C SER C 213 22.43 -6.10 22.02
N GLY C 214 21.17 -6.05 22.43
CA GLY C 214 20.31 -7.20 22.31
C GLY C 214 19.14 -6.94 21.39
N PRO C 215 18.04 -7.68 21.61
CA PRO C 215 16.89 -7.60 20.71
C PRO C 215 16.17 -6.25 20.70
N LEU C 216 16.41 -5.37 21.67
CA LEU C 216 15.85 -4.02 21.57
C LEU C 216 16.40 -3.31 20.34
N THR C 217 17.69 -3.44 20.11
CA THR C 217 18.36 -2.71 19.03
C THR C 217 18.23 -3.43 17.69
N TYR C 218 18.36 -4.76 17.67
CA TYR C 218 18.40 -5.51 16.42
C TYR C 218 17.21 -6.46 16.32
N GLU C 219 16.55 -6.48 15.16
CA GLU C 219 15.39 -7.34 14.96
C GLU C 219 15.81 -8.56 14.13
N ASP C 220 14.85 -9.47 13.95
CA ASP C 220 14.99 -10.64 13.08
C ASP C 220 16.19 -11.49 13.49
N ASN C 221 16.39 -11.61 14.80
CA ASN C 221 17.44 -12.41 15.44
C ASN C 221 18.84 -11.90 15.15
N GLU C 222 18.97 -10.71 14.56
CA GLU C 222 20.30 -10.21 14.23
C GLU C 222 21.10 -9.84 15.48
N ASN C 223 20.45 -9.70 16.63
CA ASN C 223 21.21 -9.45 17.85
C ASN C 223 22.20 -10.56 18.13
N LEU C 224 21.99 -11.76 17.57
CA LEU C 224 22.90 -12.89 17.79
C LEU C 224 24.34 -12.56 17.40
N LEU C 225 24.56 -11.69 16.41
CA LEU C 225 25.92 -11.34 16.02
C LEU C 225 26.33 -9.92 16.43
N SER C 226 25.66 -9.31 17.42
CA SER C 226 26.05 -7.96 17.82
C SER C 226 27.48 -7.93 18.39
N TYR C 227 27.96 -9.05 18.95
CA TYR C 227 29.35 -9.11 19.40
C TYR C 227 30.30 -8.85 18.23
N PHE C 228 29.86 -9.11 16.99
CA PHE C 228 30.69 -8.91 15.82
C PHE C 228 30.49 -7.52 15.20
N ILE C 229 29.26 -7.15 14.83
CA ILE C 229 29.13 -5.87 14.12
C ILE C 229 29.35 -4.66 15.05
N GLU C 230 29.30 -4.85 16.36
CA GLU C 230 29.63 -3.77 17.30
C GLU C 230 31.06 -3.86 17.82
N ASP C 231 31.81 -4.86 17.38
CA ASP C 231 33.18 -5.01 17.86
C ASP C 231 34.00 -3.76 17.55
N ILE C 232 34.80 -3.32 18.54
CA ILE C 232 35.52 -2.06 18.41
C ILE C 232 36.59 -2.14 17.33
N GLY C 233 37.19 -3.31 17.12
CA GLY C 233 38.19 -3.44 16.06
C GLY C 233 37.57 -3.48 14.68
N TRP C 234 36.44 -4.19 14.54
CA TRP C 234 35.70 -4.18 13.29
C TRP C 234 35.30 -2.76 12.90
N ASN C 235 34.72 -2.01 13.84
CA ASN C 235 34.34 -0.63 13.52
C ASN C 235 35.58 0.26 13.34
N SER C 236 36.63 0.04 14.12
CA SER C 236 37.84 0.84 13.97
C SER C 236 38.52 0.61 12.61
N TYR C 237 38.46 -0.63 12.08
CA TYR C 237 38.99 -0.93 10.75
C TYR C 237 38.35 -0.06 9.67
N TYR C 238 37.03 0.07 9.70
CA TYR C 238 36.36 0.96 8.75
C TYR C 238 36.78 2.41 8.97
N TYR C 239 36.96 2.83 10.23
CA TYR C 239 37.37 4.22 10.47
C TYR C 239 38.75 4.49 9.88
N TYR C 240 39.71 3.58 10.11
CA TYR C 240 41.03 3.70 9.50
C TYR C 240 40.95 3.76 7.98
N PHE C 241 40.07 2.94 7.38
CA PHE C 241 39.95 2.93 5.92
C PHE C 241 39.54 4.29 5.38
N HIS C 242 38.55 4.92 6.03
CA HIS C 242 38.15 6.27 5.61
C HIS C 242 39.29 7.27 5.78
N ASN C 243 40.02 7.19 6.89
CA ASN C 243 41.09 8.17 7.11
C ASN C 243 42.25 8.00 6.13
N ARG C 244 42.58 6.76 5.74
CA ARG C 244 43.68 6.57 4.79
C ARG C 244 43.27 6.97 3.39
N PHE C 245 42.01 6.80 3.03
CA PHE C 245 41.50 7.09 1.70
C PHE C 245 40.27 7.97 1.78
N PRO C 246 40.39 9.19 2.30
CA PRO C 246 39.19 10.06 2.37
C PRO C 246 38.69 10.43 0.99
N PHE C 247 37.36 10.37 0.83
CA PHE C 247 36.72 10.50 -0.47
C PHE C 247 36.98 11.86 -1.13
N TRP C 248 37.17 12.92 -0.35
CA TRP C 248 37.28 14.26 -0.92
CA TRP C 248 37.29 14.27 -0.93
C TRP C 248 38.70 14.59 -1.38
N GLU C 249 39.65 13.71 -1.18
CA GLU C 249 41.03 13.99 -1.50
C GLU C 249 41.40 13.42 -2.87
N ASN C 250 42.31 14.12 -3.55
CA ASN C 250 42.87 13.67 -4.82
C ASN C 250 43.71 12.41 -4.64
N GLY C 251 43.61 11.52 -5.63
CA GLY C 251 44.31 10.24 -5.53
C GLY C 251 45.83 10.38 -5.57
N GLU C 252 46.34 11.39 -6.26
CA GLU C 252 47.79 11.58 -6.33
C GLU C 252 48.35 11.84 -4.93
N GLN C 253 47.70 12.71 -4.15
CA GLN C 253 48.12 12.92 -2.76
C GLN C 253 47.97 11.65 -1.92
N LEU C 254 46.91 10.88 -2.16
CA LEU C 254 46.59 9.78 -1.24
C LEU C 254 47.48 8.57 -1.45
N ILE C 255 47.70 8.16 -2.71
CA ILE C 255 48.43 6.92 -2.95
C ILE C 255 49.45 7.02 -4.08
N GLY C 256 49.75 8.24 -4.53
CA GLY C 256 50.81 8.45 -5.49
C GLY C 256 50.74 7.54 -6.71
N PRO C 257 51.72 6.64 -6.83
CA PRO C 257 51.77 5.75 -7.98
C PRO C 257 50.71 4.65 -7.99
N LEU C 258 49.95 4.46 -6.89
CA LEU C 258 48.82 3.54 -6.88
C LEU C 258 47.50 4.24 -7.24
N LYS C 259 47.57 5.48 -7.72
CA LYS C 259 46.36 6.26 -8.00
C LYS C 259 45.38 5.48 -8.86
N GLU C 260 45.87 4.86 -9.93
CA GLU C 260 44.97 4.14 -10.83
C GLU C 260 44.45 2.83 -10.25
N ARG C 261 44.72 2.51 -9.00
CA ARG C 261 44.12 1.37 -8.34
C ARG C 261 43.15 1.79 -7.24
N ARG C 262 42.81 3.08 -7.14
CA ARG C 262 41.96 3.57 -6.07
C ARG C 262 40.57 2.92 -6.09
N GLY C 263 39.94 2.85 -7.26
CA GLY C 263 38.65 2.18 -7.35
C GLY C 263 38.75 0.69 -7.09
N GLU C 264 39.92 0.10 -7.38
CA GLU C 264 40.16 -1.32 -7.09
C GLU C 264 40.24 -1.56 -5.58
N ILE C 265 40.89 -0.66 -4.85
CA ILE C 265 40.94 -0.76 -3.40
C ILE C 265 39.54 -0.62 -2.81
N TYR C 266 38.73 0.28 -3.38
CA TYR C 266 37.35 0.46 -2.94
C TYR C 266 36.57 -0.86 -3.06
N TYR C 267 36.62 -1.49 -4.23
CA TYR C 267 35.92 -2.75 -4.40
C TYR C 267 36.45 -3.79 -3.44
N TYR C 268 37.77 -3.88 -3.30
CA TYR C 268 38.40 -4.93 -2.49
C TYR C 268 37.99 -4.83 -1.03
N VAL C 269 38.00 -3.62 -0.47
CA VAL C 269 37.72 -3.45 0.95
C VAL C 269 36.25 -3.69 1.26
N TYR C 270 35.36 -3.15 0.43
CA TYR C 270 33.94 -3.35 0.66
C TYR C 270 33.53 -4.79 0.40
N GLN C 271 34.13 -5.46 -0.60
CA GLN C 271 33.84 -6.89 -0.78
C GLN C 271 34.25 -7.67 0.45
N LYS C 272 35.43 -7.38 0.99
CA LYS C 272 35.88 -8.11 2.16
C LYS C 272 34.99 -7.84 3.36
N ILE C 273 34.59 -6.59 3.57
CA ILE C 273 33.72 -6.29 4.71
C ILE C 273 32.40 -7.06 4.61
N LEU C 274 31.79 -7.07 3.43
CA LEU C 274 30.52 -7.79 3.26
C LEU C 274 30.72 -9.29 3.38
N ALA C 275 31.80 -9.81 2.79
CA ALA C 275 32.02 -11.26 2.81
C ALA C 275 32.26 -11.74 4.24
N ARG C 276 33.00 -10.96 5.03
CA ARG C 276 33.24 -11.34 6.43
C ARG C 276 31.97 -11.28 7.26
N TYR C 277 31.16 -10.24 7.05
CA TYR C 277 29.87 -10.14 7.70
C TYR C 277 28.96 -11.29 7.30
N TYR C 278 29.02 -11.69 6.03
CA TYR C 278 28.22 -12.82 5.55
C TYR C 278 28.61 -14.12 6.27
N LEU C 279 29.91 -14.34 6.55
CA LEU C 279 30.31 -15.51 7.32
C LEU C 279 29.70 -15.51 8.72
N GLU C 280 29.70 -14.36 9.40
CA GLU C 280 29.11 -14.31 10.74
C GLU C 280 27.61 -14.52 10.70
N ARG C 281 26.95 -14.00 9.66
CA ARG C 281 25.53 -14.29 9.48
C ARG C 281 25.31 -15.80 9.37
N LEU C 282 26.08 -16.48 8.51
CA LEU C 282 25.87 -17.91 8.31
C LEU C 282 26.11 -18.69 9.59
N ALA C 283 27.16 -18.34 10.31
CA ALA C 283 27.46 -18.94 11.60
C ALA C 283 26.38 -18.65 12.63
N ASN C 284 25.49 -17.70 12.39
CA ASN C 284 24.40 -17.45 13.31
C ASN C 284 23.04 -17.80 12.73
N GLY C 285 23.00 -18.54 11.61
CA GLY C 285 21.73 -18.96 11.05
C GLY C 285 20.90 -17.85 10.46
N LEU C 286 21.52 -16.75 10.01
CA LEU C 286 20.80 -15.61 9.49
C LEU C 286 20.80 -15.53 7.96
N GLY C 287 21.50 -16.41 7.27
CA GLY C 287 21.38 -16.43 5.81
C GLY C 287 22.02 -15.25 5.08
N GLU C 288 21.52 -15.00 3.88
CA GLU C 288 22.16 -14.05 2.98
C GLU C 288 21.79 -12.62 3.32
N ILE C 289 22.60 -11.66 2.86
CA ILE C 289 22.31 -10.24 3.07
C ILE C 289 21.08 -9.85 2.27
N PRO C 290 20.08 -9.22 2.87
CA PRO C 290 18.87 -8.82 2.10
C PRO C 290 19.18 -7.80 1.00
N ARG C 291 18.40 -7.90 -0.08
CA ARG C 291 18.33 -6.87 -1.11
C ARG C 291 17.03 -6.09 -0.95
N PHE C 292 16.98 -4.84 -1.41
CA PHE C 292 15.79 -4.05 -1.09
C PHE C 292 15.47 -3.04 -2.18
N ASN C 293 14.19 -2.67 -2.22
CA ASN C 293 13.60 -1.75 -3.17
C ASN C 293 13.53 -0.36 -2.54
N TRP C 294 14.14 0.63 -3.18
CA TRP C 294 14.12 1.98 -2.60
C TRP C 294 12.70 2.50 -2.38
N LEU C 295 11.73 2.03 -3.18
CA LEU C 295 10.37 2.56 -3.15
C LEU C 295 9.43 1.75 -2.27
N ASP C 296 9.91 0.72 -1.61
CA ASP C 296 9.05 -0.08 -0.75
C ASP C 296 9.40 0.18 0.71
N LYS C 297 8.54 -0.29 1.62
CA LYS C 297 8.84 -0.20 3.03
C LYS C 297 10.14 -0.92 3.33
N TYR C 298 11.00 -0.31 4.15
CA TYR C 298 12.30 -0.90 4.45
C TYR C 298 12.15 -1.82 5.67
N GLN C 299 12.54 -3.09 5.53
CA GLN C 299 12.13 -4.14 6.46
C GLN C 299 13.15 -4.45 7.56
N THR C 300 14.22 -3.65 7.65
CA THR C 300 15.29 -3.84 8.64
C THR C 300 15.33 -2.62 9.57
N SER C 301 14.69 -2.75 10.73
CA SER C 301 14.69 -1.69 11.72
C SER C 301 16.03 -1.63 12.45
N TYR C 302 16.23 -0.54 13.19
CA TYR C 302 17.48 -0.35 13.94
C TYR C 302 17.24 0.66 15.04
N TYR C 303 17.44 0.26 16.30
CA TYR C 303 17.18 1.12 17.46
C TYR C 303 18.49 1.24 18.23
N PRO C 304 19.41 2.07 17.77
CA PRO C 304 20.71 2.19 18.44
C PRO C 304 20.57 2.80 19.83
N LEU C 305 21.33 2.26 20.77
CA LEU C 305 21.47 2.84 22.10
C LEU C 305 22.73 3.69 22.16
N LEU C 306 23.00 4.38 21.07
CA LEU C 306 24.12 5.29 20.94
C LEU C 306 23.61 6.70 21.07
N SER C 307 24.46 7.58 21.58
CA SER C 307 24.15 8.99 21.60
C SER C 307 25.43 9.78 21.36
N SER C 308 25.25 11.02 20.92
CA SER C 308 26.31 12.01 20.85
C SER C 308 26.29 12.94 22.05
N TYR C 309 25.78 12.45 23.17
CA TYR C 309 25.78 13.07 24.50
C TYR C 309 24.86 14.29 24.60
N GLN C 310 24.66 14.99 23.51
CA GLN C 310 23.75 16.12 23.51
C GLN C 310 22.40 15.73 22.95
N LEU C 311 22.36 14.65 22.15
CA LEU C 311 21.24 14.21 21.35
C LEU C 311 21.30 12.69 21.22
N PRO C 312 20.16 12.00 21.17
CA PRO C 312 20.16 10.57 20.84
C PRO C 312 20.45 10.34 19.36
N PHE C 313 20.90 9.14 19.04
CA PHE C 313 20.95 8.72 17.65
C PHE C 313 19.54 8.46 17.12
N ALA C 314 19.38 8.68 15.82
CA ALA C 314 18.08 8.41 15.19
C ALA C 314 17.78 6.91 15.18
N GLN C 315 16.51 6.58 15.44
CA GLN C 315 15.99 5.22 15.37
C GLN C 315 15.15 5.05 14.10
N ARG C 316 15.31 3.91 13.46
CA ARG C 316 14.54 3.58 12.27
C ARG C 316 13.55 2.49 12.65
N ASN C 317 12.26 2.83 12.66
CA ASN C 317 11.22 1.85 12.96
C ASN C 317 11.17 0.81 11.85
N ASP C 318 10.58 -0.34 12.16
CA ASP C 318 10.39 -1.37 11.14
C ASP C 318 9.46 -0.86 10.05
N ASP C 319 9.73 -1.28 8.81
CA ASP C 319 8.90 -0.91 7.65
C ASP C 319 8.88 0.59 7.40
N TYR C 320 9.98 1.27 7.69
CA TYR C 320 10.09 2.70 7.42
C TYR C 320 9.99 2.98 5.92
N TYR C 321 9.15 3.95 5.56
CA TYR C 321 8.97 4.31 4.16
C TYR C 321 10.05 5.30 3.78
N LEU C 322 10.94 4.88 2.86
CA LEU C 322 12.09 5.68 2.49
C LEU C 322 11.73 6.78 1.51
N ALA C 323 10.69 6.59 0.70
CA ALA C 323 10.39 7.49 -0.41
C ALA C 323 9.21 8.42 -0.12
N SER C 324 9.33 9.27 0.89
CA SER C 324 8.32 10.31 1.09
C SER C 324 8.50 11.49 0.13
N GLY C 325 7.48 12.33 0.08
CA GLY C 325 7.57 13.56 -0.69
C GLY C 325 8.71 14.47 -0.27
N ASP C 326 9.07 14.45 1.01
CA ASP C 326 10.20 15.22 1.52
C ASP C 326 11.55 14.66 1.09
N ASN C 327 11.60 13.39 0.68
CA ASN C 327 12.83 12.73 0.27
C ASN C 327 12.97 12.62 -1.22
N ILE C 328 12.03 13.18 -1.99
CA ILE C 328 11.84 12.72 -3.36
C ILE C 328 13.03 13.11 -4.24
N ASN C 329 13.60 14.30 -4.01
CA ASN C 329 14.78 14.71 -4.76
C ASN C 329 15.94 13.73 -4.52
N ASP C 330 16.14 13.33 -3.27
CA ASP C 330 17.17 12.34 -2.92
C ASP C 330 16.90 10.98 -3.55
N ILE C 331 15.65 10.52 -3.54
CA ILE C 331 15.33 9.25 -4.18
C ILE C 331 15.58 9.32 -5.68
N GLN C 332 15.18 10.42 -6.31
CA GLN C 332 15.38 10.55 -7.76
C GLN C 332 16.85 10.55 -8.10
N PHE C 333 17.68 11.24 -7.31
CA PHE C 333 19.12 11.22 -7.55
C PHE C 333 19.67 9.81 -7.43
N ILE C 334 19.28 9.10 -6.37
CA ILE C 334 19.76 7.73 -6.15
C ILE C 334 19.39 6.85 -7.34
N ASP C 335 18.11 6.88 -7.73
CA ASP C 335 17.66 6.00 -8.80
C ASP C 335 18.34 6.35 -10.11
N THR C 336 18.50 7.66 -10.40
CA THR C 336 19.21 8.06 -11.62
C THR C 336 20.65 7.51 -11.64
N TYR C 337 21.35 7.59 -10.51
CA TYR C 337 22.72 7.12 -10.43
C TYR C 337 22.83 5.64 -10.76
N GLU C 338 21.87 4.82 -10.27
CA GLU C 338 21.86 3.41 -10.62
C GLU C 338 21.49 3.21 -12.09
N LYS C 339 20.45 3.90 -12.56
CA LYS C 339 20.05 3.85 -13.95
C LYS C 339 21.21 4.22 -14.86
N THR C 340 21.93 5.29 -14.51
CA THR C 340 23.10 5.70 -15.29
C THR C 340 24.11 4.55 -15.40
N PHE C 341 24.39 3.88 -14.28
CA PHE C 341 25.41 2.83 -14.31
C PHE C 341 24.96 1.66 -15.18
N LEU C 342 23.69 1.28 -15.12
CA LEU C 342 23.20 0.23 -15.99
C LEU C 342 23.32 0.64 -17.47
N GLN C 343 23.14 1.92 -17.78
CA GLN C 343 23.35 2.38 -19.15
C GLN C 343 24.81 2.26 -19.57
N LEU C 344 25.74 2.57 -18.67
CA LEU C 344 27.16 2.43 -18.96
C LEU C 344 27.51 0.97 -19.25
N LEU C 345 26.87 0.02 -18.54
CA LEU C 345 27.06 -1.39 -18.85
C LEU C 345 26.50 -1.75 -20.22
N GLN C 346 25.43 -1.08 -20.67
CA GLN C 346 24.97 -1.27 -22.04
C GLN C 346 25.97 -0.69 -23.03
N LYS C 347 26.54 0.48 -22.74
CA LYS C 347 27.46 1.11 -23.69
C LYS C 347 28.74 0.31 -23.88
N GLY C 348 29.30 -0.22 -22.80
CA GLY C 348 30.56 -0.97 -22.84
C GLY C 348 31.86 -0.18 -22.95
N GLN C 349 31.95 0.70 -23.95
CA GLN C 349 33.08 1.61 -24.14
C GLN C 349 32.48 2.99 -24.32
N PHE C 350 32.97 3.96 -23.55
CA PHE C 350 32.26 5.23 -23.44
C PHE C 350 33.19 6.28 -22.86
N LYS C 351 32.72 7.52 -22.91
CA LYS C 351 33.40 8.63 -22.28
C LYS C 351 32.49 9.16 -21.17
N ALA C 352 33.01 9.22 -19.95
CA ALA C 352 32.23 9.75 -18.83
C ALA C 352 33.11 10.68 -18.01
N TYR C 353 32.61 11.89 -17.76
CA TYR C 353 33.39 12.91 -17.04
C TYR C 353 34.73 13.16 -17.73
N LYS C 354 34.71 13.14 -19.07
CA LYS C 354 35.90 13.31 -19.92
C LYS C 354 36.96 12.23 -19.69
N GLN C 355 36.57 11.07 -19.14
CA GLN C 355 37.43 9.89 -19.02
C GLN C 355 36.99 8.85 -20.06
N GLU C 356 37.96 8.31 -20.79
CA GLU C 356 37.74 7.22 -21.72
C GLU C 356 37.71 5.91 -20.93
N VAL C 357 36.65 5.13 -21.05
CA VAL C 357 36.46 3.95 -20.22
C VAL C 357 36.20 2.74 -21.10
N ASP C 358 36.89 1.65 -20.84
CA ASP C 358 36.71 0.41 -21.60
C ASP C 358 36.40 -0.69 -20.57
N LEU C 359 35.11 -1.02 -20.41
CA LEU C 359 34.74 -2.00 -19.41
C LEU C 359 35.23 -3.40 -19.74
N TYR C 360 35.64 -3.65 -20.99
CA TYR C 360 36.28 -4.92 -21.30
C TYR C 360 37.62 -5.08 -20.63
N ASN C 361 38.23 -3.97 -20.22
CA ASN C 361 39.56 -3.94 -19.64
C ASN C 361 39.41 -3.93 -18.13
N SER C 362 40.12 -4.84 -17.45
CA SER C 362 40.00 -4.94 -16.00
C SER C 362 40.51 -3.68 -15.32
N LYS C 363 41.30 -2.87 -16.01
CA LYS C 363 41.72 -1.62 -15.39
C LYS C 363 40.56 -0.67 -15.16
N SER C 364 39.41 -0.87 -15.84
CA SER C 364 38.32 0.09 -15.62
C SER C 364 37.67 -0.05 -14.25
N ILE C 365 38.06 -1.03 -13.42
CA ILE C 365 37.60 -1.07 -12.03
C ILE C 365 37.98 0.20 -11.28
N ASN C 366 39.02 0.91 -11.70
CA ASN C 366 39.33 2.18 -11.05
C ASN C 366 38.20 3.18 -11.26
N PHE C 367 37.78 3.36 -12.52
CA PHE C 367 36.65 4.24 -12.81
C PHE C 367 35.39 3.78 -12.08
N VAL C 368 35.12 2.47 -12.07
CA VAL C 368 33.88 1.97 -11.48
C VAL C 368 33.86 2.22 -9.98
N GLY C 369 34.97 1.95 -9.29
CA GLY C 369 35.03 2.22 -7.87
C GLY C 369 34.91 3.70 -7.57
N ASN C 370 35.61 4.54 -8.33
CA ASN C 370 35.52 5.99 -8.12
C ASN C 370 34.12 6.52 -8.43
N TYR C 371 33.43 5.90 -9.39
CA TYR C 371 32.05 6.27 -9.70
C TYR C 371 31.14 6.03 -8.52
N TRP C 372 31.22 4.84 -7.94
CA TRP C 372 30.30 4.52 -6.86
C TRP C 372 30.60 5.30 -5.61
N GLN C 373 31.85 5.78 -5.45
CA GLN C 373 32.19 6.61 -4.31
C GLN C 373 32.04 8.09 -4.59
N SER C 374 31.77 8.49 -5.84
CA SER C 374 31.64 9.91 -6.19
C SER C 374 32.84 10.71 -5.68
N ASN C 375 34.02 10.10 -5.73
CA ASN C 375 35.14 10.72 -5.05
C ASN C 375 35.84 11.73 -5.97
N ALA C 376 36.92 12.33 -5.42
CA ALA C 376 37.59 13.44 -6.09
C ALA C 376 38.15 13.04 -7.43
N ASP C 377 38.60 11.78 -7.56
CA ASP C 377 39.18 11.31 -8.82
C ASP C 377 38.16 11.18 -9.93
N LEU C 378 36.87 10.98 -9.59
CA LEU C 378 35.84 10.91 -10.63
C LEU C 378 35.70 12.22 -11.40
N TYR C 379 35.95 13.37 -10.77
CA TYR C 379 35.72 14.65 -11.44
C TYR C 379 37.00 15.34 -11.88
N GLU C 380 38.14 14.68 -11.77
CA GLU C 380 39.41 15.38 -11.94
C GLU C 380 39.61 15.92 -13.36
N LYS C 381 38.96 15.34 -14.37
CA LYS C 381 39.14 15.82 -15.73
C LYS C 381 38.07 16.82 -16.18
N VAL C 382 37.12 17.18 -15.31
CA VAL C 382 36.12 18.19 -15.70
C VAL C 382 36.43 19.44 -14.89
N PRO C 383 36.02 20.64 -15.32
CA PRO C 383 36.33 21.84 -14.53
C PRO C 383 35.76 21.73 -13.13
N LYS C 384 36.44 22.37 -12.18
CA LYS C 384 36.05 22.32 -10.78
C LYS C 384 34.60 22.79 -10.64
N ARG C 385 33.82 22.06 -9.84
CA ARG C 385 32.37 22.24 -9.80
C ARG C 385 31.91 22.76 -8.45
N ASN C 386 30.99 23.72 -8.49
CA ASN C 386 30.24 24.09 -7.31
C ASN C 386 29.01 23.18 -7.10
N TYR C 387 28.64 22.37 -8.09
CA TYR C 387 27.55 21.41 -7.95
C TYR C 387 28.11 20.02 -7.68
N TRP C 388 27.70 19.41 -6.58
CA TRP C 388 28.16 18.06 -6.25
C TRP C 388 27.12 17.30 -5.44
N ARG C 389 26.89 16.06 -5.83
CA ARG C 389 26.06 15.12 -5.10
C ARG C 389 26.79 13.80 -4.97
N SER C 390 26.61 13.14 -3.84
CA SER C 390 27.22 11.87 -3.56
C SER C 390 26.13 10.81 -3.49
N TYR C 391 26.30 9.73 -4.26
CA TYR C 391 25.39 8.59 -4.14
C TYR C 391 25.37 8.05 -2.71
N GLU C 392 26.55 7.78 -2.15
CA GLU C 392 26.62 7.17 -0.83
C GLU C 392 26.05 8.08 0.25
N ALA C 393 26.40 9.39 0.22
CA ALA C 393 25.87 10.30 1.25
C ALA C 393 24.35 10.40 1.14
N THR C 394 23.83 10.46 -0.09
CA THR C 394 22.39 10.54 -0.26
C THR C 394 21.73 9.26 0.25
N ALA C 395 22.33 8.12 -0.05
CA ALA C 395 21.79 6.84 0.38
C ALA C 395 21.77 6.73 1.90
N ARG C 396 22.86 7.16 2.53
CA ARG C 396 22.94 7.14 3.99
C ARG C 396 21.87 8.03 4.61
N ARG C 397 21.62 9.19 4.02
CA ARG C 397 20.61 10.09 4.58
C ARG C 397 19.23 9.46 4.49
N VAL C 398 18.94 8.80 3.37
CA VAL C 398 17.65 8.15 3.19
C VAL C 398 17.47 7.01 4.20
N LEU C 399 18.49 6.18 4.38
CA LEU C 399 18.37 5.03 5.28
C LEU C 399 18.44 5.40 6.77
N GLY C 400 19.02 6.55 7.13
CA GLY C 400 19.21 6.88 8.54
C GLY C 400 17.92 7.23 9.29
N ALA C 401 16.86 7.62 8.58
CA ALA C 401 15.57 7.88 9.21
C ALA C 401 15.60 9.08 10.17
N ALA C 402 16.58 9.98 10.02
CA ALA C 402 16.49 11.24 10.75
C ALA C 402 15.27 12.02 10.24
N PRO C 403 14.69 12.88 11.07
CA PRO C 403 13.58 13.72 10.59
C PRO C 403 14.03 14.59 9.42
N ARG C 404 13.13 14.79 8.46
CA ARG C 404 13.47 15.47 7.21
C ARG C 404 13.94 16.88 7.46
N SER C 405 13.39 17.54 8.48
CA SER C 405 13.90 18.83 8.92
C SER C 405 15.37 18.77 9.33
N SER C 406 15.85 17.63 9.84
CA SER C 406 17.25 17.50 10.21
C SER C 406 18.15 17.74 9.01
N ILE C 407 17.63 17.48 7.80
CA ILE C 407 18.34 17.77 6.57
C ILE C 407 18.11 19.21 6.08
N ASN C 408 16.95 19.83 6.36
CA ASN C 408 16.66 21.16 5.82
C ASN C 408 17.44 22.28 6.51
N TYR C 409 17.75 22.15 7.79
CA TYR C 409 18.38 23.20 8.59
C TYR C 409 19.85 22.88 8.85
N GLU C 410 20.74 23.83 8.55
CA GLU C 410 22.18 23.56 8.73
C GLU C 410 22.53 23.40 10.21
N ASN C 411 21.91 24.20 11.09
CA ASN C 411 22.30 24.21 12.50
C ASN C 411 21.87 22.96 13.27
N MET C 412 20.82 22.24 12.83
CA MET C 412 20.23 21.21 13.67
C MET C 412 20.20 19.85 12.96
N ASN C 413 20.75 18.86 13.64
CA ASN C 413 20.82 17.48 13.14
C ASN C 413 20.52 16.51 14.27
N ILE C 414 19.77 15.45 13.97
CA ILE C 414 19.74 14.27 14.82
C ILE C 414 20.71 13.26 14.21
N PRO C 415 21.82 12.96 14.88
CA PRO C 415 22.83 12.11 14.26
C PRO C 415 22.32 10.69 14.11
N THR C 416 22.84 10.02 13.08
CA THR C 416 22.55 8.61 12.82
C THR C 416 23.85 7.82 12.85
N ALA C 417 23.73 6.50 12.97
CA ALA C 417 24.92 5.65 12.88
C ALA C 417 25.62 5.82 11.53
N LEU C 418 24.89 6.17 10.48
CA LEU C 418 25.50 6.33 9.16
C LEU C 418 26.15 7.70 8.96
N ASP C 419 26.06 8.60 9.95
CA ASP C 419 26.76 9.90 9.90
C ASP C 419 28.21 9.79 10.31
N PHE C 420 28.66 8.66 10.82
CA PHE C 420 30.01 8.55 11.34
C PHE C 420 30.64 7.27 10.85
N TYR C 421 31.87 7.36 10.35
CA TYR C 421 32.60 6.15 10.01
C TYR C 421 32.92 5.30 11.24
N GLN C 422 32.86 5.88 12.46
CA GLN C 422 33.05 5.12 13.68
C GLN C 422 31.91 4.12 13.95
N THR C 423 30.69 4.41 13.46
CA THR C 423 29.51 3.64 13.83
C THR C 423 28.79 2.99 12.67
N SER C 424 29.23 3.22 11.43
CA SER C 424 28.48 2.75 10.26
C SER C 424 28.23 1.25 10.30
N LEU C 425 29.22 0.48 10.74
CA LEU C 425 29.12 -0.96 10.67
C LEU C 425 28.13 -1.52 11.69
N ARG C 426 27.61 -0.68 12.58
CA ARG C 426 26.62 -1.17 13.53
C ARG C 426 25.23 -1.29 12.94
N ASP C 427 24.95 -0.56 11.87
CA ASP C 427 23.61 -0.51 11.28
C ASP C 427 23.52 -1.58 10.22
N PRO C 428 22.61 -2.55 10.34
CA PRO C 428 22.48 -3.59 9.30
C PRO C 428 22.18 -3.02 7.91
N ALA C 429 21.60 -1.81 7.83
CA ALA C 429 21.41 -1.15 6.54
C ALA C 429 22.74 -0.85 5.85
N PHE C 430 23.82 -0.66 6.61
CA PHE C 430 25.11 -0.41 5.98
C PHE C 430 25.47 -1.54 5.03
N TYR C 431 25.32 -2.80 5.46
CA TYR C 431 25.72 -3.92 4.62
C TYR C 431 24.77 -4.07 3.44
N GLN C 432 23.49 -3.78 3.65
CA GLN C 432 22.55 -3.82 2.54
C GLN C 432 22.86 -2.72 1.52
N LEU C 433 23.24 -1.52 1.97
CA LEU C 433 23.58 -0.47 1.00
C LEU C 433 24.77 -0.90 0.14
N TYR C 434 25.85 -1.34 0.76
CA TYR C 434 27.03 -1.67 -0.01
C TYR C 434 26.89 -3.00 -0.73
N ALA C 435 25.97 -3.86 -0.32
CA ALA C 435 25.67 -5.04 -1.14
C ALA C 435 24.99 -4.64 -2.45
N LYS C 436 24.13 -3.63 -2.40
CA LYS C 436 23.50 -3.10 -3.62
C LYS C 436 24.56 -2.57 -4.57
N ILE C 437 25.52 -1.80 -4.02
CA ILE C 437 26.59 -1.22 -4.84
C ILE C 437 27.43 -2.31 -5.46
N LEU C 438 27.84 -3.30 -4.65
CA LEU C 438 28.69 -4.36 -5.15
C LEU C 438 27.94 -5.28 -6.10
N ASP C 439 26.62 -5.40 -5.95
CA ASP C 439 25.86 -6.09 -6.98
C ASP C 439 26.05 -5.42 -8.33
N TYR C 440 25.97 -4.09 -8.37
CA TYR C 440 26.21 -3.40 -9.63
C TYR C 440 27.64 -3.64 -10.13
N ILE C 441 28.63 -3.54 -9.25
CA ILE C 441 30.02 -3.74 -9.68
C ILE C 441 30.27 -5.18 -10.13
N ASN C 442 29.63 -6.15 -9.48
CA ASN C 442 29.80 -7.54 -9.92
C ASN C 442 29.13 -7.79 -11.27
N GLU C 443 28.10 -7.02 -11.60
CA GLU C 443 27.56 -7.03 -12.96
C GLU C 443 28.58 -6.53 -13.97
N TYR C 444 29.29 -5.44 -13.64
CA TYR C 444 30.36 -4.98 -14.52
C TYR C 444 31.44 -6.04 -14.66
N LYS C 445 31.74 -6.79 -13.58
CA LYS C 445 32.77 -7.82 -13.62
C LYS C 445 32.45 -8.94 -14.62
N GLU C 446 31.17 -9.11 -14.97
CA GLU C 446 30.81 -10.04 -16.03
C GLU C 446 31.40 -9.65 -17.38
N TYR C 447 31.84 -8.39 -17.56
CA TYR C 447 32.52 -8.01 -18.81
C TYR C 447 33.86 -8.70 -18.98
N LEU C 448 34.54 -9.01 -17.87
CA LEU C 448 35.93 -9.41 -17.88
C LEU C 448 36.12 -10.84 -18.41
N GLU C 449 37.25 -11.06 -19.06
CA GLU C 449 37.56 -12.39 -19.56
C GLU C 449 38.00 -13.29 -18.42
N PRO C 450 37.34 -14.43 -18.20
CA PRO C 450 37.77 -15.35 -17.15
C PRO C 450 39.17 -15.88 -17.45
N TYR C 451 39.92 -16.14 -16.39
CA TYR C 451 41.29 -16.63 -16.52
C TYR C 451 41.32 -17.99 -17.21
N SER C 452 42.27 -18.15 -18.13
CA SER C 452 42.44 -19.42 -18.83
C SER C 452 43.13 -20.46 -17.95
N GLN C 453 43.01 -21.72 -18.37
CA GLN C 453 43.73 -22.80 -17.70
C GLN C 453 45.23 -22.54 -17.77
N ASP C 454 45.71 -21.97 -18.87
CA ASP C 454 47.14 -21.70 -19.00
C ASP C 454 47.60 -20.65 -18.02
N VAL C 455 46.76 -19.62 -17.81
CA VAL C 455 47.10 -18.59 -16.83
C VAL C 455 47.11 -19.16 -15.43
N LEU C 456 46.14 -20.02 -15.11
CA LEU C 456 45.96 -20.53 -13.76
C LEU C 456 46.92 -21.66 -13.42
N HIS C 457 47.31 -22.47 -14.40
CA HIS C 457 48.10 -23.67 -14.15
C HIS C 457 49.58 -23.33 -14.02
N TYR C 458 50.20 -23.82 -12.95
CA TYR C 458 51.63 -23.66 -12.71
C TYR C 458 52.30 -24.99 -13.06
N VAL C 459 52.90 -25.06 -14.24
CA VAL C 459 53.51 -26.30 -14.72
C VAL C 459 54.69 -26.66 -13.83
N GLY C 460 54.71 -27.90 -13.34
CA GLY C 460 55.79 -28.39 -12.51
C GLY C 460 55.62 -28.18 -11.01
N VAL C 461 54.50 -27.63 -10.57
CA VAL C 461 54.22 -27.37 -9.17
C VAL C 461 52.89 -28.01 -8.80
N LYS C 462 52.89 -28.83 -7.75
CA LYS C 462 51.71 -29.57 -7.31
C LYS C 462 51.56 -29.44 -5.80
N ILE C 463 50.37 -29.03 -5.34
CA ILE C 463 50.05 -29.04 -3.92
C ILE C 463 49.58 -30.46 -3.57
N ASN C 464 50.38 -31.20 -2.80
CA ASN C 464 50.01 -32.57 -2.45
C ASN C 464 49.00 -32.66 -1.32
N ASP C 465 49.06 -31.74 -0.35
CA ASP C 465 48.25 -31.85 0.86
C ASP C 465 48.18 -30.49 1.55
N VAL C 466 47.09 -30.26 2.27
CA VAL C 466 46.96 -29.11 3.17
C VAL C 466 46.40 -29.59 4.50
N LYS C 467 47.10 -29.31 5.58
CA LYS C 467 46.64 -29.66 6.92
C LYS C 467 46.59 -28.43 7.80
N VAL C 468 45.52 -28.31 8.58
CA VAL C 468 45.26 -27.14 9.41
C VAL C 468 45.12 -27.59 10.86
N ASP C 469 45.75 -26.86 11.78
CA ASP C 469 45.50 -27.06 13.19
C ASP C 469 44.02 -26.83 13.50
N LYS C 470 43.60 -27.32 14.67
CA LYS C 470 42.21 -27.19 15.10
C LYS C 470 41.79 -25.71 15.12
N LEU C 471 40.61 -25.43 14.57
CA LEU C 471 40.09 -24.07 14.49
C LEU C 471 39.10 -23.83 15.64
N VAL C 472 39.49 -22.97 16.59
CA VAL C 472 38.74 -22.75 17.83
C VAL C 472 38.58 -21.25 18.05
N THR C 473 37.34 -20.81 18.23
CA THR C 473 37.05 -19.43 18.64
C THR C 473 36.62 -19.42 20.10
N TYR C 474 36.67 -18.23 20.70
CA TYR C 474 36.23 -18.07 22.08
C TYR C 474 36.00 -16.59 22.37
N PHE C 475 35.32 -16.33 23.49
CA PHE C 475 35.18 -14.98 24.00
C PHE C 475 36.15 -14.76 25.15
N GLU C 476 36.72 -13.56 25.20
CA GLU C 476 37.64 -13.16 26.25
C GLU C 476 37.37 -11.71 26.60
N TYR C 477 37.63 -11.34 27.85
CA TYR C 477 37.48 -9.95 28.23
C TYR C 477 38.62 -9.11 27.68
N PHE C 478 38.26 -7.93 27.17
CA PHE C 478 39.22 -6.99 26.60
C PHE C 478 38.96 -5.61 27.19
N ASP C 479 39.97 -5.01 27.80
CA ASP C 479 39.86 -3.72 28.44
C ASP C 479 40.27 -2.62 27.49
N TRP C 480 39.49 -1.55 27.42
CA TRP C 480 39.90 -0.36 26.67
C TRP C 480 39.54 0.91 27.43
N ASN C 481 40.28 1.96 27.13
CA ASN C 481 40.27 3.17 27.95
C ASN C 481 39.26 4.16 27.39
N ALA C 482 38.26 4.51 28.20
CA ALA C 482 37.17 5.39 27.78
C ALA C 482 37.23 6.76 28.46
N THR C 483 38.38 7.16 29.00
CA THR C 483 38.46 8.39 29.78
C THR C 483 38.15 9.62 28.93
N ASN C 484 38.45 9.58 27.63
CA ASN C 484 38.16 10.72 26.77
C ASN C 484 36.67 10.99 26.60
N ALA C 485 35.81 10.12 27.11
CA ALA C 485 34.37 10.35 27.05
C ALA C 485 33.85 11.25 28.16
N VAL C 486 34.57 11.38 29.29
CA VAL C 486 34.01 12.05 30.46
C VAL C 486 34.55 13.47 30.52
N TYR C 487 33.79 14.36 31.17
CA TYR C 487 34.24 15.74 31.37
C TYR C 487 34.91 15.86 32.75
N LEU C 488 36.17 16.27 32.74
CA LEU C 488 37.01 16.30 33.92
C LEU C 488 36.97 17.68 34.57
N SER C 489 37.20 17.70 35.88
CA SER C 489 37.34 18.94 36.63
C SER C 489 38.68 19.60 36.32
N GLU C 490 38.79 20.87 36.72
CA GLU C 490 40.06 21.56 36.61
C GLU C 490 41.12 20.89 37.48
N GLN C 491 40.72 20.40 38.66
CA GLN C 491 41.63 19.65 39.51
C GLN C 491 42.20 18.42 38.80
N GLN C 492 41.35 17.66 38.12
CA GLN C 492 41.81 16.44 37.44
C GLN C 492 42.64 16.77 36.20
N LEU C 493 42.25 17.82 35.46
CA LEU C 493 42.99 18.23 34.27
C LEU C 493 44.39 18.74 34.61
N ASP C 494 44.55 19.38 35.78
CA ASP C 494 45.84 19.93 36.17
C ASP C 494 46.77 18.88 36.76
N THR C 495 46.25 17.92 37.52
CA THR C 495 47.13 16.85 37.96
C THR C 495 46.97 15.56 37.15
N VAL C 496 45.99 14.74 37.50
CA VAL C 496 45.75 13.48 36.79
C VAL C 496 44.29 13.07 36.96
N SER C 497 43.74 12.51 35.90
CA SER C 497 42.37 12.03 35.92
C SER C 497 42.29 10.62 36.51
N PRO C 498 41.11 10.24 37.01
CA PRO C 498 40.81 8.82 37.15
C PRO C 498 40.68 8.17 35.78
N SER C 499 40.87 6.85 35.74
CA SER C 499 40.76 6.10 34.51
C SER C 499 39.42 5.39 34.45
N TYR C 500 38.74 5.51 33.31
CA TYR C 500 37.46 4.84 33.08
C TYR C 500 37.66 3.78 32.01
N ILE C 501 37.63 2.51 32.44
CA ILE C 501 38.00 1.37 31.60
C ILE C 501 36.75 0.56 31.31
N VAL C 502 36.49 0.32 30.04
CA VAL C 502 35.43 -0.58 29.60
C VAL C 502 36.01 -1.99 29.51
N ARG C 503 35.32 -2.96 30.10
CA ARG C 503 35.71 -4.36 30.06
C ARG C 503 34.65 -5.15 29.32
N GLN C 504 35.01 -5.70 28.18
CA GLN C 504 34.05 -6.17 27.20
C GLN C 504 34.48 -7.49 26.60
N PRO C 505 33.59 -8.49 26.56
CA PRO C 505 33.94 -9.74 25.86
C PRO C 505 34.15 -9.48 24.38
N ARG C 506 35.16 -10.14 23.82
CA ARG C 506 35.41 -10.05 22.38
C ARG C 506 35.75 -11.42 21.82
N LEU C 507 35.35 -11.62 20.57
CA LEU C 507 35.71 -12.84 19.85
C LEU C 507 37.22 -12.93 19.68
N ASN C 508 37.72 -14.17 19.71
CA ASN C 508 39.12 -14.41 19.37
C ASN C 508 39.21 -15.84 18.85
N ASN C 509 40.35 -16.17 18.25
CA ASN C 509 40.59 -17.53 17.80
C ASN C 509 41.94 -18.01 18.32
N LYS C 510 42.01 -19.31 18.64
CA LYS C 510 43.27 -19.87 19.08
C LYS C 510 44.24 -19.92 17.90
N PRO C 511 45.52 -19.62 18.12
CA PRO C 511 46.49 -19.67 17.03
C PRO C 511 46.51 -21.01 16.30
N PHE C 512 46.63 -20.95 14.98
CA PHE C 512 46.64 -22.13 14.14
C PHE C 512 47.65 -21.93 13.02
N THR C 513 48.13 -23.05 12.49
CA THR C 513 49.09 -23.10 11.41
C THR C 513 48.46 -23.80 10.21
N VAL C 514 48.72 -23.28 9.01
CA VAL C 514 48.36 -23.95 7.77
C VAL C 514 49.62 -24.58 7.19
N ASN C 515 49.60 -25.90 7.02
CA ASN C 515 50.75 -26.67 6.54
C ASN C 515 50.47 -27.10 5.11
N ILE C 516 51.32 -26.69 4.17
CA ILE C 516 51.09 -26.89 2.76
C ILE C 516 52.18 -27.80 2.21
N ASP C 517 51.76 -28.93 1.64
CA ASP C 517 52.70 -29.88 1.04
C ASP C 517 52.73 -29.67 -0.47
N ILE C 518 53.91 -29.32 -0.99
CA ILE C 518 54.07 -28.93 -2.39
C ILE C 518 55.18 -29.77 -3.01
N LYS C 519 54.89 -30.40 -4.16
CA LYS C 519 55.89 -31.04 -5.00
C LYS C 519 56.24 -30.09 -6.14
N SER C 520 57.54 -29.81 -6.30
CA SER C 520 58.01 -28.88 -7.32
C SER C 520 59.07 -29.55 -8.19
N ASP C 521 58.90 -29.47 -9.50
CA ASP C 521 59.92 -30.00 -10.41
C ASP C 521 61.21 -29.18 -10.34
N VAL C 522 61.11 -27.86 -10.26
CA VAL C 522 62.27 -26.99 -10.41
C VAL C 522 62.36 -26.04 -9.22
N GLU C 523 63.55 -25.48 -9.03
CA GLU C 523 63.77 -24.44 -8.04
C GLU C 523 63.17 -23.12 -8.52
N SER C 524 62.27 -22.53 -7.73
CA SER C 524 61.55 -21.35 -8.17
C SER C 524 61.10 -20.54 -6.97
N GLU C 525 61.06 -19.23 -7.16
CA GLU C 525 60.39 -18.33 -6.21
C GLU C 525 58.94 -18.24 -6.64
N VAL C 526 58.03 -18.43 -5.69
CA VAL C 526 56.61 -18.52 -6.00
C VAL C 526 55.84 -17.57 -5.10
N VAL C 527 54.58 -17.33 -5.48
CA VAL C 527 53.64 -16.62 -4.63
C VAL C 527 52.66 -17.64 -4.05
N VAL C 528 52.40 -17.53 -2.74
CA VAL C 528 51.36 -18.33 -2.08
C VAL C 528 50.28 -17.40 -1.57
N LYS C 529 49.02 -17.76 -1.81
CA LYS C 529 47.87 -17.10 -1.23
C LYS C 529 46.98 -18.12 -0.52
N ILE C 530 46.33 -17.66 0.55
CA ILE C 530 45.36 -18.46 1.31
C ILE C 530 44.06 -17.67 1.41
N PHE C 531 42.95 -18.32 1.04
CA PHE C 531 41.62 -17.71 1.12
C PHE C 531 40.74 -18.54 2.05
N LEU C 532 39.77 -17.88 2.66
CA LEU C 532 38.77 -18.50 3.52
C LEU C 532 37.38 -18.16 3.00
N GLY C 533 36.51 -19.18 2.89
CA GLY C 533 35.18 -18.99 2.35
C GLY C 533 34.11 -19.90 2.93
N PRO C 534 32.85 -19.56 2.70
CA PRO C 534 31.75 -20.41 3.16
C PRO C 534 31.61 -21.67 2.31
N LYS C 535 31.01 -22.71 2.90
CA LYS C 535 30.69 -23.88 2.11
C LYS C 535 29.20 -23.97 1.78
N TYR C 536 28.32 -23.70 2.75
CA TYR C 536 26.88 -23.79 2.58
C TYR C 536 26.23 -22.41 2.69
N ASP C 537 25.17 -22.18 1.91
CA ASP C 537 24.39 -20.95 1.99
C ASP C 537 23.33 -21.09 3.10
N GLY C 538 22.49 -20.06 3.24
CA GLY C 538 21.45 -20.06 4.28
C GLY C 538 20.43 -21.16 4.14
N ASN C 539 20.28 -21.70 2.95
CA ASN C 539 19.38 -22.82 2.75
C ASN C 539 20.08 -24.16 3.01
N GLY C 540 21.32 -24.16 3.47
CA GLY C 540 22.00 -25.41 3.74
C GLY C 540 22.52 -26.13 2.51
N LEU C 541 22.61 -25.44 1.36
CA LEU C 541 23.04 -26.07 0.13
C LEU C 541 24.45 -25.63 -0.22
N PRO C 542 25.28 -26.52 -0.74
CA PRO C 542 26.66 -26.15 -1.07
C PRO C 542 26.72 -25.08 -2.14
N ILE C 543 27.57 -24.08 -1.91
CA ILE C 543 27.73 -22.97 -2.85
C ILE C 543 28.76 -23.38 -3.89
N SER C 544 28.34 -23.41 -5.15
CA SER C 544 29.28 -23.69 -6.21
C SER C 544 30.24 -22.53 -6.40
N LEU C 545 31.37 -22.81 -7.02
CA LEU C 545 32.41 -21.81 -7.17
C LEU C 545 31.96 -20.66 -8.06
N GLU C 546 31.10 -20.92 -9.05
CA GLU C 546 30.63 -19.82 -9.88
C GLU C 546 29.84 -18.80 -9.08
N ASP C 547 29.27 -19.19 -7.94
CA ASP C 547 28.61 -18.23 -7.08
C ASP C 547 29.48 -17.82 -5.89
N ASN C 548 30.43 -18.65 -5.49
CA ASN C 548 31.16 -18.46 -4.25
C ASN C 548 32.42 -17.61 -4.39
N TRP C 549 32.85 -17.29 -5.62
CA TRP C 549 34.12 -16.59 -5.79
C TRP C 549 34.12 -15.24 -5.10
N ILE C 550 32.97 -14.55 -5.06
CA ILE C 550 32.91 -13.28 -4.35
C ILE C 550 32.96 -13.45 -2.84
N ASN C 551 32.64 -14.63 -2.32
CA ASN C 551 32.53 -14.84 -0.89
C ASN C 551 33.86 -15.21 -0.24
N PHE C 552 34.90 -15.50 -1.01
CA PHE C 552 36.17 -15.88 -0.43
C PHE C 552 36.88 -14.65 0.13
N ILE C 553 37.48 -14.82 1.30
CA ILE C 553 38.16 -13.75 2.02
C ILE C 553 39.65 -14.06 1.99
N GLU C 554 40.44 -13.13 1.48
CA GLU C 554 41.88 -13.29 1.35
C GLU C 554 42.55 -13.14 2.72
N LEU C 555 43.26 -14.19 3.16
CA LEU C 555 43.93 -14.18 4.45
C LEU C 555 45.42 -13.85 4.34
N ASP C 556 46.09 -14.34 3.30
CA ASP C 556 47.55 -14.33 3.28
C ASP C 556 48.08 -14.19 1.85
N TRP C 557 49.29 -13.65 1.75
CA TRP C 557 49.88 -13.25 0.49
C TRP C 557 51.38 -13.16 0.73
N PHE C 558 52.16 -14.10 0.21
CA PHE C 558 53.58 -14.10 0.51
C PHE C 558 54.35 -14.92 -0.52
N THR C 559 55.63 -14.62 -0.65
CA THR C 559 56.53 -15.33 -1.55
C THR C 559 57.29 -16.41 -0.79
N HIS C 560 57.72 -17.43 -1.54
CA HIS C 560 58.43 -18.53 -0.92
C HIS C 560 59.33 -19.18 -1.97
N LYS C 561 60.42 -19.78 -1.50
CA LYS C 561 61.39 -20.48 -2.34
C LYS C 561 61.12 -21.97 -2.34
N LEU C 562 60.80 -22.52 -3.50
CA LEU C 562 60.63 -23.95 -3.63
C LEU C 562 61.94 -24.57 -4.08
N THR C 563 62.37 -25.63 -3.39
CA THR C 563 63.43 -26.50 -3.87
C THR C 563 62.82 -27.64 -4.66
N SER C 564 63.65 -28.31 -5.46
CA SER C 564 63.19 -29.47 -6.20
C SER C 564 62.77 -30.57 -5.24
N GLY C 565 61.68 -31.25 -5.58
CA GLY C 565 61.21 -32.31 -4.73
C GLY C 565 60.14 -31.85 -3.76
N GLN C 566 60.06 -32.49 -2.60
CA GLN C 566 59.01 -32.16 -1.65
C GLN C 566 59.37 -30.89 -0.90
N ASN C 567 58.38 -30.01 -0.76
CA ASN C 567 58.49 -28.80 0.04
C ASN C 567 57.37 -28.83 1.06
N LYS C 568 57.64 -28.32 2.25
CA LYS C 568 56.58 -28.19 3.24
C LYS C 568 56.63 -26.77 3.81
N ILE C 569 55.53 -26.05 3.71
CA ILE C 569 55.44 -24.69 4.22
C ILE C 569 54.51 -24.70 5.42
N ALA C 570 55.03 -24.28 6.56
CA ALA C 570 54.24 -24.10 7.77
C ALA C 570 54.04 -22.60 7.96
N ARG C 571 52.80 -22.14 7.78
CA ARG C 571 52.46 -20.73 7.81
C ARG C 571 51.55 -20.44 8.99
N LYS C 572 52.01 -19.59 9.91
CA LYS C 572 51.25 -19.33 11.13
C LYS C 572 50.19 -18.25 10.88
N SER C 573 49.03 -18.40 11.54
CA SER C 573 47.98 -17.40 11.43
C SER C 573 48.46 -16.03 11.90
N GLU C 574 49.40 -16.01 12.85
CA GLU C 574 50.00 -14.76 13.30
C GLU C 574 50.85 -14.10 12.24
N GLU C 575 51.18 -14.79 11.15
CA GLU C 575 51.96 -14.21 10.07
C GLU C 575 51.09 -13.74 8.93
N PHE C 576 49.78 -13.97 8.99
CA PHE C 576 48.91 -13.68 7.86
C PHE C 576 49.01 -12.21 7.48
N PHE C 577 49.21 -11.98 6.18
CA PHE C 577 49.46 -10.65 5.63
C PHE C 577 48.28 -9.70 5.88
N PHE C 578 47.05 -10.21 5.83
CA PHE C 578 45.89 -9.33 5.84
C PHE C 578 45.27 -9.14 7.21
N PHE C 579 45.96 -9.51 8.28
CA PHE C 579 45.44 -9.38 9.64
C PHE C 579 46.52 -8.78 10.53
N LYS C 580 46.08 -8.06 11.56
CA LYS C 580 46.94 -7.29 12.46
C LYS C 580 46.67 -7.65 13.92
N ASP C 581 47.66 -7.32 14.77
CA ASP C 581 47.48 -7.39 16.22
C ASP C 581 46.44 -6.38 16.70
N ASP C 582 45.93 -6.64 17.91
CA ASP C 582 45.06 -5.66 18.56
C ASP C 582 45.78 -4.32 18.69
N SER C 583 45.03 -3.24 18.53
CA SER C 583 45.56 -1.96 18.92
C SER C 583 45.93 -2.02 20.41
N VAL C 584 46.88 -1.19 20.81
CA VAL C 584 47.27 -1.14 22.20
C VAL C 584 46.70 0.12 22.84
N SER C 585 46.40 0.02 24.12
CA SER C 585 45.75 1.09 24.86
C SER C 585 46.72 2.24 25.12
N LEU C 586 46.15 3.40 25.43
CA LEU C 586 46.93 4.61 25.65
C LEU C 586 48.05 4.43 26.67
N PHE C 587 47.76 3.77 27.80
CA PHE C 587 48.78 3.65 28.84
C PHE C 587 49.98 2.85 28.34
N LYS C 588 49.72 1.75 27.63
CA LYS C 588 50.79 0.95 27.06
C LYS C 588 51.55 1.77 26.02
N ILE C 589 50.86 2.63 25.29
CA ILE C 589 51.53 3.53 24.36
C ILE C 589 52.53 4.40 25.13
N TYR C 590 52.12 4.96 26.27
CA TYR C 590 53.02 5.79 27.05
C TYR C 590 54.22 5.01 27.57
N GLU C 591 54.01 3.79 28.08
CA GLU C 591 55.14 2.99 28.59
C GLU C 591 56.12 2.67 27.48
N LEU C 592 55.60 2.20 26.34
CA LEU C 592 56.46 1.87 25.20
C LEU C 592 57.24 3.09 24.76
N LEU C 593 56.61 4.27 24.81
CA LEU C 593 57.32 5.50 24.47
C LEU C 593 58.50 5.75 25.40
N SER C 594 58.30 5.52 26.70
CA SER C 594 59.39 5.72 27.65
C SER C 594 60.58 4.81 27.37
N ASN C 595 60.38 3.71 26.66
CA ASN C 595 61.47 2.89 26.15
C ASN C 595 61.69 3.08 24.65
N GLY C 596 61.14 4.14 24.07
CA GLY C 596 61.35 4.41 22.66
C GLY C 596 60.75 3.42 21.69
N GLN C 597 59.64 2.76 22.05
CA GLN C 597 59.02 1.74 21.23
C GLN C 597 57.63 2.23 20.79
N VAL C 598 57.13 1.65 19.69
CA VAL C 598 55.76 1.87 19.25
C VAL C 598 55.17 0.52 18.88
N PRO C 599 53.85 0.34 18.96
CA PRO C 599 53.23 -0.91 18.47
C PRO C 599 53.37 -1.01 16.96
N SER C 600 54.03 -2.08 16.50
CA SER C 600 54.38 -2.20 15.08
C SER C 600 53.14 -2.18 14.20
N TYR C 601 52.13 -2.98 14.56
CA TYR C 601 50.95 -3.07 13.71
C TYR C 601 50.13 -1.78 13.71
N MET C 602 50.14 -1.03 14.80
CA MET C 602 49.38 0.22 14.84
C MET C 602 49.97 1.27 13.91
N VAL C 603 51.28 1.29 13.73
CA VAL C 603 51.89 2.29 12.87
C VAL C 603 51.94 1.83 11.42
N ASP C 604 52.33 0.58 11.16
CA ASP C 604 52.59 0.13 9.81
C ASP C 604 51.42 -0.59 9.15
N ARG C 605 50.55 -1.26 9.92
CA ARG C 605 49.56 -2.14 9.30
C ARG C 605 48.17 -1.93 9.90
N TYR C 606 47.82 -0.69 10.22
CA TYR C 606 46.50 -0.43 10.80
C TYR C 606 45.35 -0.65 9.81
N ILE C 607 45.62 -0.69 8.51
CA ILE C 607 44.59 -0.81 7.47
C ILE C 607 44.12 -2.24 7.27
N TYR C 608 44.58 -3.16 8.09
CA TYR C 608 44.24 -4.57 7.95
C TYR C 608 43.27 -4.98 9.05
N LEU C 609 42.53 -6.06 8.79
CA LEU C 609 41.55 -6.55 9.75
C LEU C 609 42.24 -7.09 11.01
N PRO C 610 41.59 -6.93 12.17
CA PRO C 610 42.11 -7.53 13.41
C PRO C 610 42.18 -9.05 13.32
N ARG C 611 43.33 -9.60 13.76
CA ARG C 611 43.55 -11.05 13.68
C ARG C 611 42.52 -11.83 14.46
N ARG C 612 41.98 -11.27 15.54
CA ARG C 612 41.02 -11.97 16.37
C ARG C 612 39.70 -12.25 15.64
N LEU C 613 39.47 -11.61 14.50
CA LEU C 613 38.23 -11.79 13.75
C LEU C 613 38.39 -12.68 12.52
N ILE C 614 39.54 -13.37 12.36
CA ILE C 614 39.76 -14.18 11.16
C ILE C 614 38.61 -15.17 10.97
N LEU C 615 38.24 -15.88 12.03
CA LEU C 615 37.24 -16.93 11.95
C LEU C 615 35.90 -16.44 12.46
N PRO C 616 34.82 -16.82 11.80
CA PRO C 616 33.49 -16.59 12.38
C PRO C 616 33.35 -17.42 13.64
N ARG C 617 32.47 -16.99 14.53
CA ARG C 617 32.32 -17.69 15.80
C ARG C 617 31.89 -19.12 15.52
N GLY C 618 32.55 -20.09 16.16
CA GLY C 618 32.24 -21.47 15.85
C GLY C 618 30.85 -21.83 16.34
N THR C 619 30.32 -22.91 15.81
CA THR C 619 28.95 -23.29 16.11
C THR C 619 28.89 -24.70 16.65
N GLN C 620 27.75 -25.01 17.28
CA GLN C 620 27.57 -26.31 17.88
C GLN C 620 27.67 -27.42 16.85
N ARG C 621 27.29 -27.15 15.59
CA ARG C 621 27.48 -28.14 14.55
C ARG C 621 28.92 -28.23 14.07
N GLY C 622 29.74 -27.22 14.36
CA GLY C 622 31.09 -27.20 13.83
C GLY C 622 30.88 -26.44 12.55
N PHE C 623 31.30 -25.20 12.46
CA PHE C 623 30.88 -24.43 11.31
C PHE C 623 31.71 -24.79 10.08
N PRO C 624 31.08 -25.23 8.98
CA PRO C 624 31.85 -25.71 7.84
C PRO C 624 32.39 -24.53 7.07
N LEU C 625 33.66 -24.60 6.68
CA LEU C 625 34.28 -23.55 5.89
C LEU C 625 35.19 -24.20 4.86
N GLN C 626 35.63 -23.35 3.92
CA GLN C 626 36.51 -23.76 2.83
C GLN C 626 37.80 -22.95 2.89
N LEU C 627 38.93 -23.65 2.95
CA LEU C 627 40.24 -23.03 2.80
C LEU C 627 40.69 -23.27 1.37
N PHE C 628 41.12 -22.19 0.71
CA PHE C 628 41.63 -22.24 -0.65
C PHE C 628 43.07 -21.74 -0.64
N VAL C 629 43.97 -22.56 -1.20
CA VAL C 629 45.38 -22.25 -1.30
C VAL C 629 45.76 -22.30 -2.78
N VAL C 630 46.52 -21.30 -3.23
CA VAL C 630 47.02 -21.28 -4.59
C VAL C 630 48.50 -20.91 -4.55
N VAL C 631 49.29 -21.58 -5.39
CA VAL C 631 50.70 -21.26 -5.59
C VAL C 631 50.87 -20.91 -7.06
N TYR C 632 51.50 -19.77 -7.34
CA TYR C 632 51.72 -19.35 -8.72
C TYR C 632 53.08 -18.68 -8.84
N PRO C 633 53.62 -18.56 -10.06
CA PRO C 633 54.97 -18.03 -10.19
C PRO C 633 55.08 -16.60 -9.74
N TYR C 634 56.24 -16.27 -9.20
CA TYR C 634 56.55 -14.94 -8.68
C TYR C 634 57.10 -14.03 -9.76
N GLN C 635 56.45 -12.90 -9.98
CA GLN C 635 56.97 -11.82 -10.81
C GLN C 635 57.10 -10.57 -9.94
N ALA C 636 58.33 -10.04 -9.83
CA ALA C 636 58.56 -8.92 -8.92
C ALA C 636 57.76 -7.70 -9.34
N PRO C 637 56.98 -7.09 -8.44
CA PRO C 637 56.36 -5.80 -8.74
C PRO C 637 57.39 -4.68 -8.83
N VAL C 638 57.16 -3.73 -9.74
CA VAL C 638 58.02 -2.55 -9.74
C VAL C 638 57.86 -1.88 -8.39
N LYS C 639 58.98 -1.71 -7.68
CA LYS C 639 58.91 -1.45 -6.24
C LYS C 639 58.13 -0.17 -5.92
N GLU C 640 58.38 0.91 -6.68
CA GLU C 640 57.67 2.19 -6.57
C GLU C 640 57.99 2.91 -5.26
N TRP C 641 58.51 2.17 -4.29
CA TRP C 641 58.93 2.64 -2.98
C TRP C 641 59.44 1.43 -2.22
N GLU C 642 60.33 1.63 -1.24
CA GLU C 642 60.87 0.50 -0.51
C GLU C 642 59.78 -0.13 0.37
N SER C 643 58.81 0.67 0.79
CA SER C 643 57.70 0.23 1.62
C SER C 643 56.74 -0.69 0.88
N MET C 644 56.54 -0.45 -0.42
CA MET C 644 55.44 -1.10 -1.15
C MET C 644 55.49 -2.63 -1.11
N ARG C 645 56.64 -3.21 -0.85
CA ARG C 645 56.69 -4.66 -0.94
C ARG C 645 55.93 -5.33 0.19
N GLN C 646 55.94 -4.72 1.37
CA GLN C 646 55.13 -5.24 2.46
C GLN C 646 53.66 -4.89 2.33
N TYR C 647 53.27 -4.02 1.39
CA TYR C 647 51.85 -3.78 1.11
C TYR C 647 51.38 -4.33 -0.22
N ILE C 648 52.28 -4.58 -1.17
CA ILE C 648 51.91 -5.09 -2.48
C ILE C 648 52.95 -6.16 -2.82
N VAL C 649 52.54 -7.42 -2.74
CA VAL C 649 53.51 -8.50 -2.83
C VAL C 649 53.90 -8.79 -4.28
N ASP C 650 52.96 -8.66 -5.22
CA ASP C 650 53.25 -8.95 -6.62
C ASP C 650 52.44 -8.00 -7.50
N ASN C 651 52.37 -8.32 -8.79
CA ASN C 651 51.79 -7.46 -9.82
C ASN C 651 50.36 -7.83 -10.17
N LYS C 652 49.75 -8.77 -9.45
CA LYS C 652 48.44 -9.34 -9.79
C LYS C 652 47.30 -8.44 -9.29
N PRO C 653 46.11 -8.59 -9.87
CA PRO C 653 44.94 -7.89 -9.32
C PRO C 653 44.74 -8.23 -7.86
N PHE C 654 44.32 -7.23 -7.07
CA PHE C 654 43.96 -7.48 -5.69
C PHE C 654 42.86 -8.54 -5.64
N GLY C 655 43.02 -9.52 -4.77
CA GLY C 655 42.09 -10.62 -4.74
C GLY C 655 42.31 -11.71 -5.77
N TYR C 656 43.35 -11.60 -6.61
CA TYR C 656 43.61 -12.64 -7.58
C TYR C 656 43.77 -13.99 -6.88
N PRO C 657 43.21 -15.07 -7.43
CA PRO C 657 42.52 -15.20 -8.73
C PRO C 657 41.00 -15.06 -8.69
N PHE C 658 40.48 -14.49 -7.61
CA PHE C 658 39.05 -14.32 -7.41
C PHE C 658 38.62 -12.87 -7.61
N ASP C 659 39.31 -12.13 -8.45
CA ASP C 659 38.94 -10.75 -8.75
C ASP C 659 37.92 -10.67 -9.87
N ARG C 660 37.58 -11.78 -10.50
CA ARG C 660 36.67 -11.78 -11.63
C ARG C 660 35.88 -13.08 -11.60
N PRO C 661 34.75 -13.14 -12.30
CA PRO C 661 33.90 -14.34 -12.23
C PRO C 661 34.63 -15.59 -12.69
N VAL C 662 34.33 -16.69 -12.00
CA VAL C 662 34.71 -18.03 -12.43
C VAL C 662 33.51 -18.59 -13.19
N THR C 663 33.64 -18.72 -14.51
CA THR C 663 32.50 -19.21 -15.28
C THR C 663 32.53 -20.72 -15.48
N LEU C 664 33.70 -21.34 -15.46
CA LEU C 664 33.84 -22.79 -15.61
C LEU C 664 34.70 -23.34 -14.48
N PRO C 665 34.10 -23.89 -13.44
CA PRO C 665 34.90 -24.33 -12.27
C PRO C 665 35.99 -25.33 -12.56
N TYR C 666 35.87 -26.19 -13.59
CA TYR C 666 36.95 -27.15 -13.83
C TYR C 666 38.25 -26.46 -14.22
N TYR C 667 38.20 -25.18 -14.59
CA TYR C 667 39.44 -24.42 -14.77
C TYR C 667 40.21 -24.31 -13.46
N PHE C 668 39.54 -24.35 -12.32
CA PHE C 668 40.20 -24.23 -11.03
C PHE C 668 40.59 -25.58 -10.43
N ASN C 669 40.45 -26.66 -11.19
CA ASN C 669 41.00 -27.95 -10.77
C ASN C 669 42.44 -28.05 -11.24
N GLN C 670 43.29 -27.20 -10.65
CA GLN C 670 44.69 -27.20 -11.03
C GLN C 670 45.53 -27.80 -9.91
N PRO C 671 46.64 -28.48 -10.26
CA PRO C 671 47.49 -29.08 -9.21
C PRO C 671 48.08 -28.06 -8.27
N ASN C 672 48.28 -26.82 -8.71
CA ASN C 672 48.80 -25.75 -7.86
C ASN C 672 47.68 -25.04 -7.08
N MET C 673 46.50 -25.63 -7.01
CA MET C 673 45.40 -25.12 -6.18
C MET C 673 44.90 -26.25 -5.28
N TYR C 674 44.30 -25.87 -4.16
CA TYR C 674 43.83 -26.85 -3.21
C TYR C 674 42.63 -26.30 -2.46
N PHE C 675 41.53 -27.07 -2.43
CA PHE C 675 40.36 -26.72 -1.64
C PHE C 675 40.28 -27.67 -0.45
N LYS C 676 40.21 -27.12 0.76
CA LYS C 676 40.15 -27.95 1.95
C LYS C 676 38.97 -27.54 2.82
N ASP C 677 38.08 -28.50 3.12
CA ASP C 677 37.02 -28.29 4.07
C ASP C 677 37.59 -28.22 5.48
N VAL C 678 37.19 -27.19 6.23
CA VAL C 678 37.60 -27.02 7.61
C VAL C 678 36.39 -26.65 8.44
N TYR C 679 36.51 -26.87 9.74
CA TYR C 679 35.41 -26.68 10.67
C TYR C 679 35.87 -25.82 11.83
N VAL C 680 35.03 -24.87 12.25
CA VAL C 680 35.38 -23.95 13.33
C VAL C 680 34.61 -24.37 14.59
N TYR C 681 35.34 -24.64 15.66
CA TYR C 681 34.79 -25.11 16.92
C TYR C 681 34.83 -23.97 17.93
N GLN C 682 33.80 -23.88 18.77
CA GLN C 682 33.75 -22.87 19.80
C GLN C 682 34.05 -23.54 21.14
N GLU C 683 34.92 -22.92 21.93
CA GLU C 683 35.25 -23.39 23.26
C GLU C 683 34.69 -22.42 24.30
N GLY C 684 34.23 -22.95 25.44
CA GLY C 684 33.66 -22.13 26.48
C GLY C 684 32.23 -21.71 26.14
N GLU C 685 31.79 -20.63 26.80
CA GLU C 685 30.45 -20.11 26.61
C GLU C 685 30.22 -19.70 25.15
N GLN C 686 29.05 -20.06 24.62
CA GLN C 686 28.72 -19.69 23.26
C GLN C 686 28.28 -18.24 23.13
N TYR C 687 27.75 -17.64 24.22
CA TYR C 687 27.25 -16.28 24.19
C TYR C 687 28.14 -15.32 24.98
N PRO C 688 28.16 -14.04 24.59
CA PRO C 688 28.99 -13.04 25.30
C PRO C 688 28.36 -12.42 26.56
N TYR C 689 27.08 -12.66 26.87
CA TYR C 689 26.38 -11.85 27.87
C TYR C 689 26.44 -12.40 29.29
N TYR C 690 27.04 -13.57 29.52
CA TYR C 690 27.09 -14.17 30.86
C TYR C 690 28.21 -13.56 31.71
N ASN C 691 28.13 -12.23 31.91
CA ASN C 691 29.16 -11.51 32.64
C ASN C 691 28.65 -10.91 33.96
N SER C 692 27.43 -11.24 34.38
CA SER C 692 26.92 -10.67 35.61
C SER C 692 27.70 -11.18 36.82
N TYR C 693 27.51 -10.50 37.96
CA TYR C 693 28.23 -10.83 39.18
C TYR C 693 27.81 -12.21 39.71
N TRP C 694 26.52 -12.56 39.56
CA TRP C 694 26.06 -13.88 39.97
C TRP C 694 26.67 -14.98 39.11
N SER C 695 26.81 -14.73 37.81
CA SER C 695 27.53 -15.64 36.93
C SER C 695 29.04 -15.53 37.16
N TYR D 18 23.82 -42.74 4.94
CA TYR D 18 22.76 -43.07 5.91
C TYR D 18 22.59 -44.59 6.09
N PRO D 19 22.43 -45.04 7.34
CA PRO D 19 22.12 -46.45 7.59
C PRO D 19 20.69 -46.81 7.15
N GLN D 20 20.48 -48.11 6.96
CA GLN D 20 19.13 -48.64 6.73
C GLN D 20 18.46 -48.95 8.06
N TYR D 21 17.14 -48.86 8.07
CA TYR D 21 16.34 -49.02 9.27
C TYR D 21 15.90 -50.48 9.40
N HIS D 22 16.16 -51.09 10.55
CA HIS D 22 15.55 -52.36 10.92
C HIS D 22 15.13 -52.31 12.38
N TYR D 23 13.88 -52.70 12.65
CA TYR D 23 13.39 -52.77 14.02
C TYR D 23 12.39 -53.92 14.09
N ASP D 24 12.55 -54.81 15.07
CA ASP D 24 11.54 -55.82 15.36
C ASP D 24 10.35 -55.17 16.07
N VAL D 25 9.15 -55.59 15.68
CA VAL D 25 7.91 -54.91 16.05
C VAL D 25 7.20 -55.63 17.20
N GLU D 26 6.71 -54.85 18.15
CA GLU D 26 5.84 -55.36 19.20
C GLU D 26 4.56 -55.89 18.58
N THR D 27 4.28 -57.18 18.79
CA THR D 27 3.14 -57.84 18.19
C THR D 27 2.36 -58.56 19.27
N ARG D 28 1.06 -58.73 19.04
CA ARG D 28 0.22 -59.52 19.90
C ARG D 28 -0.78 -60.28 19.03
N LYS D 29 -1.28 -61.39 19.57
CA LYS D 29 -2.22 -62.24 18.85
C LYS D 29 -3.51 -61.47 18.57
N LEU D 30 -4.06 -61.68 17.37
CA LEU D 30 -5.37 -61.16 17.03
C LEU D 30 -6.46 -62.18 17.38
N ASP D 31 -7.56 -61.70 17.94
CA ASP D 31 -8.70 -62.55 18.25
C ASP D 31 -9.20 -63.21 16.97
N PRO D 32 -9.35 -64.55 16.94
CA PRO D 32 -9.76 -65.23 15.70
C PRO D 32 -11.11 -64.76 15.17
N SER D 33 -12.00 -64.28 16.04
CA SER D 33 -13.28 -63.77 15.56
C SER D 33 -13.13 -62.54 14.68
N LEU D 34 -11.99 -61.84 14.75
CA LEU D 34 -11.73 -60.68 13.91
C LEU D 34 -10.95 -61.02 12.67
N LEU D 35 -10.51 -62.28 12.53
CA LEU D 35 -9.55 -62.61 11.49
C LEU D 35 -10.15 -62.41 10.11
N ASN D 36 -11.37 -62.88 9.90
CA ASN D 36 -12.02 -62.68 8.61
C ASN D 36 -12.30 -61.21 8.37
N ILE D 37 -12.77 -60.50 9.40
CA ILE D 37 -13.02 -59.08 9.30
C ILE D 37 -11.74 -58.34 8.93
N GLN D 38 -10.62 -58.75 9.52
CA GLN D 38 -9.33 -58.13 9.17
C GLN D 38 -8.99 -58.33 7.70
N THR D 39 -9.20 -59.54 7.18
CA THR D 39 -8.92 -59.85 5.79
C THR D 39 -9.84 -59.09 4.85
N LYS D 40 -11.14 -59.06 5.16
CA LYS D 40 -12.08 -58.37 4.28
C LYS D 40 -11.81 -56.87 4.25
N VAL D 41 -11.44 -56.27 5.39
CA VAL D 41 -11.16 -54.82 5.42
C VAL D 41 -9.97 -54.49 4.54
N LEU D 42 -8.89 -55.27 4.67
CA LEU D 42 -7.70 -55.02 3.87
C LEU D 42 -8.01 -55.18 2.39
N SER D 43 -8.83 -56.18 2.03
CA SER D 43 -9.14 -56.39 0.61
C SER D 43 -9.89 -55.21 0.02
N LEU D 44 -10.79 -54.58 0.80
CA LEU D 44 -11.49 -53.40 0.31
C LEU D 44 -10.58 -52.16 0.25
N LEU D 45 -9.43 -52.18 0.91
CA LEU D 45 -8.52 -51.05 0.82
C LEU D 45 -7.47 -51.20 -0.27
N GLU D 46 -7.23 -52.40 -0.79
CA GLU D 46 -6.14 -52.53 -1.75
C GLU D 46 -6.49 -51.95 -3.11
N ASN D 47 -5.61 -51.05 -3.58
CA ASN D 47 -5.78 -50.38 -4.86
C ASN D 47 -7.16 -49.77 -5.00
N TRP D 48 -7.56 -49.03 -3.95
CA TRP D 48 -8.88 -48.42 -3.86
C TRP D 48 -9.14 -47.39 -4.96
N LYS D 49 -8.11 -46.92 -5.66
CA LYS D 49 -8.34 -46.01 -6.80
C LYS D 49 -8.97 -46.71 -7.99
N GLN D 50 -9.00 -48.04 -8.04
CA GLN D 50 -9.51 -48.80 -9.16
C GLN D 50 -10.58 -49.76 -8.68
N VAL D 51 -11.40 -50.21 -9.63
CA VAL D 51 -12.38 -51.26 -9.39
C VAL D 51 -12.02 -52.44 -10.30
N ASN D 52 -11.79 -53.61 -9.72
CA ASN D 52 -11.55 -54.79 -10.53
C ASN D 52 -12.82 -55.60 -10.62
N PRO D 53 -13.43 -55.74 -11.81
CA PRO D 53 -14.68 -56.50 -11.91
C PRO D 53 -14.54 -57.94 -11.49
N ASP D 54 -13.35 -58.51 -11.55
CA ASP D 54 -13.18 -59.90 -11.16
C ASP D 54 -13.04 -60.08 -9.66
N ASP D 55 -12.88 -59.00 -8.90
CA ASP D 55 -12.71 -59.15 -7.47
C ASP D 55 -14.05 -59.44 -6.81
N GLU D 56 -13.98 -60.01 -5.61
CA GLU D 56 -15.18 -60.53 -4.94
C GLU D 56 -16.19 -59.43 -4.63
N TYR D 57 -15.71 -58.24 -4.22
CA TYR D 57 -16.59 -57.15 -3.84
C TYR D 57 -17.42 -56.63 -5.01
N TYR D 58 -17.02 -56.90 -6.25
CA TYR D 58 -17.62 -56.21 -7.39
C TYR D 58 -19.07 -56.58 -7.61
N LYS D 59 -19.35 -57.88 -7.75
CA LYS D 59 -20.74 -58.29 -7.98
C LYS D 59 -21.62 -57.88 -6.81
N ILE D 60 -21.09 -58.07 -5.60
CA ILE D 60 -21.81 -57.66 -4.39
C ILE D 60 -22.09 -56.15 -4.42
N GLY D 61 -21.06 -55.35 -4.68
CA GLY D 61 -21.26 -53.91 -4.70
C GLY D 61 -22.17 -53.47 -5.82
N LYS D 62 -22.03 -54.11 -6.99
CA LYS D 62 -22.84 -53.74 -8.14
C LYS D 62 -24.32 -53.97 -7.88
N GLU D 63 -24.67 -55.06 -7.19
CA GLU D 63 -26.06 -55.47 -7.02
C GLU D 63 -26.73 -54.97 -5.74
N TYR D 64 -25.98 -54.41 -4.81
CA TYR D 64 -26.54 -54.05 -3.52
C TYR D 64 -27.46 -52.84 -3.63
N ASN D 65 -28.62 -52.92 -2.99
CA ASN D 65 -29.60 -51.85 -3.00
C ASN D 65 -29.76 -51.36 -1.57
N VAL D 66 -29.29 -50.13 -1.30
CA VAL D 66 -29.39 -49.56 0.04
C VAL D 66 -30.85 -49.41 0.44
N GLU D 67 -31.68 -48.90 -0.47
CA GLU D 67 -33.08 -48.65 -0.13
C GLU D 67 -33.79 -49.95 0.26
N ALA D 68 -33.51 -51.05 -0.44
CA ALA D 68 -34.12 -52.34 -0.13
C ALA D 68 -33.73 -52.87 1.24
N ASN D 69 -32.58 -52.46 1.77
CA ASN D 69 -32.06 -52.93 3.05
C ASN D 69 -32.20 -51.89 4.17
N MET D 70 -33.24 -51.05 4.09
CA MET D 70 -33.38 -49.94 5.03
C MET D 70 -33.36 -50.38 6.49
N GLU D 71 -33.95 -51.53 6.79
CA GLU D 71 -33.94 -52.02 8.18
C GLU D 71 -32.59 -52.56 8.64
N SER D 72 -31.63 -52.78 7.75
CA SER D 72 -30.35 -53.31 8.19
C SER D 72 -29.43 -52.23 8.76
N TYR D 73 -29.93 -51.01 8.88
CA TYR D 73 -29.23 -49.89 9.51
C TYR D 73 -30.02 -49.47 10.74
N THR D 74 -29.30 -49.19 11.82
CA THR D 74 -29.94 -48.96 13.10
C THR D 74 -30.59 -47.59 13.22
N ASN D 75 -30.51 -46.74 12.20
CA ASN D 75 -31.14 -45.43 12.22
C ASN D 75 -31.83 -45.19 10.89
N ARG D 76 -33.15 -45.09 10.93
CA ARG D 76 -33.91 -44.91 9.69
C ARG D 76 -33.56 -43.60 9.02
N GLU D 77 -33.35 -42.54 9.81
CA GLU D 77 -33.09 -41.24 9.22
C GLU D 77 -31.74 -41.19 8.52
N VAL D 78 -30.76 -41.96 9.00
CA VAL D 78 -29.47 -42.01 8.32
C VAL D 78 -29.61 -42.56 6.90
N VAL D 79 -30.40 -43.63 6.71
CA VAL D 79 -30.64 -44.15 5.36
C VAL D 79 -31.37 -43.12 4.51
N THR D 80 -32.40 -42.51 5.10
CA THR D 80 -33.25 -41.55 4.39
C THR D 80 -32.45 -40.35 3.91
N GLU D 81 -31.56 -39.84 4.75
CA GLU D 81 -30.73 -38.73 4.33
C GLU D 81 -29.78 -39.14 3.22
N PHE D 82 -29.20 -40.34 3.31
CA PHE D 82 -28.32 -40.79 2.24
C PHE D 82 -29.06 -40.89 0.91
N LEU D 83 -30.24 -41.49 0.89
CA LEU D 83 -30.93 -41.70 -0.38
C LEU D 83 -31.33 -40.36 -1.01
N SER D 84 -31.71 -39.38 -0.19
CA SER D 84 -32.05 -38.07 -0.71
C SER D 84 -30.85 -37.39 -1.36
N LEU D 85 -29.68 -37.45 -0.72
CA LEU D 85 -28.51 -36.91 -1.37
C LEU D 85 -28.14 -37.73 -2.58
N TYR D 86 -28.32 -39.04 -2.51
CA TYR D 86 -27.93 -39.92 -3.61
C TYR D 86 -28.77 -39.67 -4.85
N LYS D 87 -30.07 -39.41 -4.69
CA LYS D 87 -30.88 -39.07 -5.87
C LYS D 87 -30.47 -37.73 -6.46
N ALA D 88 -30.03 -36.78 -5.63
CA ALA D 88 -29.51 -35.54 -6.21
C ALA D 88 -28.27 -35.82 -7.05
N GLY D 89 -27.56 -36.91 -6.77
CA GLY D 89 -26.35 -37.25 -7.50
C GLY D 89 -25.10 -36.99 -6.69
N PHE D 90 -24.35 -38.04 -6.38
CA PHE D 90 -23.03 -37.84 -5.79
C PHE D 90 -22.04 -37.37 -6.85
N ILE D 91 -20.90 -36.85 -6.40
CA ILE D 91 -19.87 -36.41 -7.34
C ILE D 91 -19.36 -37.60 -8.15
N PRO D 92 -18.94 -37.39 -9.39
CA PRO D 92 -18.48 -38.51 -10.21
C PRO D 92 -17.16 -39.04 -9.72
N LYS D 93 -16.85 -40.26 -10.15
CA LYS D 93 -15.51 -40.79 -9.95
C LYS D 93 -14.49 -39.91 -10.66
N ASN D 94 -13.25 -40.02 -10.22
CA ASN D 94 -12.13 -39.36 -10.89
C ASN D 94 -12.20 -37.82 -10.77
N GLU D 95 -12.68 -37.33 -9.64
CA GLU D 95 -12.65 -35.92 -9.25
C GLU D 95 -11.94 -35.81 -7.91
N VAL D 96 -11.27 -34.68 -7.68
CA VAL D 96 -10.59 -34.45 -6.40
C VAL D 96 -11.63 -34.31 -5.30
N PHE D 97 -11.45 -35.05 -4.20
CA PHE D 97 -12.36 -35.02 -3.07
C PHE D 97 -11.69 -34.39 -1.87
N SER D 98 -12.39 -33.45 -1.23
CA SER D 98 -11.89 -32.91 0.03
C SER D 98 -13.06 -32.72 1.00
N ILE D 99 -12.81 -33.02 2.27
CA ILE D 99 -13.79 -32.81 3.32
C ILE D 99 -14.11 -31.34 3.47
N PHE D 100 -13.26 -30.45 2.96
CA PHE D 100 -13.49 -29.01 3.02
C PHE D 100 -14.30 -28.49 1.84
N TYR D 101 -14.67 -29.36 0.89
CA TYR D 101 -15.58 -28.94 -0.17
C TYR D 101 -17.00 -29.29 0.29
N GLU D 102 -17.81 -28.27 0.56
CA GLU D 102 -18.99 -28.49 1.38
C GLU D 102 -19.94 -29.51 0.76
N ASN D 103 -20.20 -29.41 -0.55
CA ASN D 103 -21.12 -30.34 -1.20
C ASN D 103 -20.61 -31.77 -1.11
N GLN D 104 -19.29 -31.96 -1.25
CA GLN D 104 -18.69 -33.28 -1.14
C GLN D 104 -18.72 -33.78 0.30
N ALA D 105 -18.58 -32.85 1.26
CA ALA D 105 -18.57 -33.21 2.67
C ALA D 105 -19.92 -33.74 3.12
N LEU D 106 -21.01 -33.11 2.68
CA LEU D 106 -22.34 -33.64 3.02
C LEU D 106 -22.50 -35.06 2.50
N GLU D 107 -22.04 -35.32 1.28
CA GLU D 107 -22.16 -36.65 0.72
C GLU D 107 -21.34 -37.65 1.52
N VAL D 108 -20.08 -37.30 1.86
CA VAL D 108 -19.22 -38.29 2.52
C VAL D 108 -19.63 -38.51 3.97
N ILE D 109 -20.18 -37.47 4.62
CA ILE D 109 -20.71 -37.63 5.98
C ILE D 109 -21.97 -38.50 5.96
N ALA D 110 -22.85 -38.29 4.97
CA ALA D 110 -24.00 -39.19 4.88
C ALA D 110 -23.52 -40.62 4.62
N LEU D 111 -22.53 -40.78 3.75
CA LEU D 111 -22.01 -42.12 3.47
C LEU D 111 -21.37 -42.73 4.70
N TYR D 112 -20.56 -41.95 5.43
CA TYR D 112 -19.94 -42.46 6.65
C TYR D 112 -20.96 -42.93 7.67
N ARG D 113 -22.04 -42.17 7.86
CA ARG D 113 -23.07 -42.59 8.82
C ARG D 113 -23.79 -43.84 8.34
N LEU D 114 -23.96 -43.98 7.03
CA LEU D 114 -24.47 -45.23 6.48
C LEU D 114 -23.54 -46.40 6.86
N PHE D 115 -22.21 -46.19 6.76
CA PHE D 115 -21.26 -47.21 7.21
C PHE D 115 -21.38 -47.49 8.70
N TYR D 116 -21.48 -46.44 9.50
CA TYR D 116 -21.40 -46.58 10.95
C TYR D 116 -22.64 -47.27 11.51
N TYR D 117 -23.81 -46.97 10.95
CA TYR D 117 -25.07 -47.48 11.48
C TYR D 117 -25.51 -48.78 10.84
N ALA D 118 -24.70 -49.35 9.94
CA ALA D 118 -24.97 -50.71 9.46
C ALA D 118 -24.96 -51.66 10.65
N LYS D 119 -25.97 -52.53 10.71
CA LYS D 119 -26.24 -53.25 11.96
C LYS D 119 -25.14 -54.26 12.30
N ASP D 120 -24.45 -54.81 11.30
CA ASP D 120 -23.46 -55.87 11.52
C ASP D 120 -22.37 -55.76 10.46
N PHE D 121 -21.36 -56.63 10.54
CA PHE D 121 -20.24 -56.48 9.61
C PHE D 121 -20.66 -56.80 8.19
N GLU D 122 -21.56 -57.77 8.00
CA GLU D 122 -22.01 -58.12 6.65
C GLU D 122 -22.67 -56.94 5.96
N THR D 123 -23.52 -56.22 6.68
CA THR D 123 -24.12 -55.02 6.09
C THR D 123 -23.07 -53.95 5.83
N PHE D 124 -22.13 -53.77 6.77
CA PHE D 124 -21.06 -52.78 6.58
C PHE D 124 -20.26 -53.11 5.34
N TYR D 125 -19.87 -54.39 5.18
CA TYR D 125 -19.10 -54.81 4.01
C TYR D 125 -19.87 -54.56 2.72
N LYS D 126 -21.15 -54.95 2.69
CA LYS D 126 -21.95 -54.75 1.48
C LYS D 126 -22.11 -53.29 1.14
N THR D 127 -22.34 -52.43 2.15
CA THR D 127 -22.45 -51.01 1.91
C THR D 127 -21.13 -50.45 1.38
N ALA D 128 -20.01 -50.91 1.94
CA ALA D 128 -18.69 -50.48 1.48
C ALA D 128 -18.40 -50.97 0.08
N ALA D 129 -18.83 -52.19 -0.26
CA ALA D 129 -18.66 -52.70 -1.62
C ALA D 129 -19.46 -51.88 -2.61
N PHE D 130 -20.69 -51.53 -2.25
CA PHE D 130 -21.48 -50.62 -3.09
C PHE D 130 -20.76 -49.28 -3.28
N ALA D 131 -20.22 -48.71 -2.20
CA ALA D 131 -19.55 -47.42 -2.31
C ALA D 131 -18.34 -47.49 -3.22
N ARG D 132 -17.54 -48.54 -3.09
CA ARG D 132 -16.36 -48.64 -3.94
C ARG D 132 -16.74 -48.79 -5.41
N VAL D 133 -17.76 -49.59 -5.69
CA VAL D 133 -18.14 -49.81 -7.08
C VAL D 133 -18.75 -48.54 -7.69
N TRP D 134 -19.61 -47.85 -6.94
CA TRP D 134 -20.45 -46.84 -7.55
C TRP D 134 -19.98 -45.40 -7.32
N LEU D 135 -19.18 -45.13 -6.29
CA LEU D 135 -18.96 -43.76 -5.85
C LEU D 135 -17.52 -43.31 -6.09
N ASN D 136 -17.32 -42.01 -5.92
CA ASN D 136 -15.99 -41.40 -6.02
C ASN D 136 -15.00 -42.10 -5.09
N GLU D 137 -13.81 -42.37 -5.64
CA GLU D 137 -12.81 -43.17 -4.94
C GLU D 137 -12.33 -42.49 -3.65
N GLY D 138 -12.05 -41.19 -3.72
CA GLY D 138 -11.61 -40.47 -2.54
C GLY D 138 -12.64 -40.46 -1.42
N GLN D 139 -13.92 -40.31 -1.77
CA GLN D 139 -14.98 -40.39 -0.77
C GLN D 139 -15.05 -41.78 -0.15
N PHE D 140 -14.97 -42.83 -0.97
CA PHE D 140 -15.05 -44.18 -0.44
C PHE D 140 -13.95 -44.43 0.59
N VAL D 141 -12.70 -44.16 0.23
CA VAL D 141 -11.59 -44.57 1.09
C VAL D 141 -11.55 -43.73 2.37
N TYR D 142 -11.91 -42.45 2.28
CA TYR D 142 -11.98 -41.62 3.47
C TYR D 142 -13.04 -42.14 4.46
N ALA D 143 -14.27 -42.38 3.98
CA ALA D 143 -15.32 -42.86 4.87
C ALA D 143 -15.04 -44.27 5.37
N PHE D 144 -14.49 -45.13 4.51
CA PHE D 144 -14.26 -46.51 4.92
C PHE D 144 -13.17 -46.60 5.98
N TYR D 145 -12.05 -45.92 5.75
CA TYR D 145 -10.99 -45.88 6.76
C TYR D 145 -11.50 -45.31 8.07
N LEU D 146 -12.26 -44.21 8.01
CA LEU D 146 -12.84 -43.63 9.21
C LEU D 146 -13.79 -44.59 9.90
N ALA D 147 -14.64 -45.27 9.13
CA ALA D 147 -15.62 -46.16 9.72
C ALA D 147 -14.95 -47.33 10.45
N VAL D 148 -13.87 -47.88 9.89
CA VAL D 148 -13.16 -48.97 10.55
C VAL D 148 -12.63 -48.49 11.90
N ILE D 149 -12.19 -47.24 11.97
CA ILE D 149 -11.69 -46.70 13.23
C ILE D 149 -12.80 -46.59 14.27
N HIS D 150 -14.05 -46.39 13.88
CA HIS D 150 -15.07 -46.11 14.86
C HIS D 150 -16.05 -47.25 15.14
N ARG D 151 -16.22 -48.22 14.23
CA ARG D 151 -17.18 -49.27 14.48
C ARG D 151 -16.73 -50.17 15.63
N ALA D 152 -17.68 -50.54 16.49
CA ALA D 152 -17.36 -51.45 17.60
C ALA D 152 -16.91 -52.81 17.10
N ASP D 153 -17.50 -53.31 16.00
CA ASP D 153 -17.15 -54.65 15.55
C ASP D 153 -15.84 -54.72 14.77
N THR D 154 -15.19 -53.59 14.45
CA THR D 154 -13.87 -53.63 13.83
C THR D 154 -12.76 -53.23 14.78
N ARG D 155 -13.09 -52.95 16.04
CA ARG D 155 -12.09 -52.57 17.03
C ARG D 155 -11.10 -53.70 17.25
N GLY D 156 -9.82 -53.36 17.23
CA GLY D 156 -8.79 -54.34 17.43
C GLY D 156 -8.12 -54.85 16.17
N ILE D 157 -8.64 -54.50 14.99
CA ILE D 157 -7.91 -54.86 13.78
C ILE D 157 -6.97 -53.70 13.43
N VAL D 158 -6.02 -53.95 12.53
CA VAL D 158 -5.04 -52.94 12.12
C VAL D 158 -5.42 -52.38 10.74
N LEU D 159 -5.22 -51.07 10.58
CA LEU D 159 -5.28 -50.42 9.28
C LEU D 159 -3.87 -50.10 8.79
N PRO D 160 -3.67 -50.11 7.46
CA PRO D 160 -2.38 -49.63 6.94
C PRO D 160 -2.16 -48.18 7.32
N ALA D 161 -0.88 -47.78 7.32
CA ALA D 161 -0.54 -46.41 7.67
C ALA D 161 -1.14 -45.45 6.65
N PRO D 162 -1.45 -44.21 7.05
CA PRO D 162 -2.03 -43.28 6.07
C PRO D 162 -1.15 -43.08 4.85
N TYR D 163 0.18 -43.07 5.00
CA TYR D 163 1.02 -42.88 3.83
C TYR D 163 0.98 -44.08 2.89
N GLU D 164 0.57 -45.26 3.34
CA GLU D 164 0.42 -46.36 2.40
C GLU D 164 -0.97 -46.43 1.79
N ILE D 165 -1.93 -45.70 2.33
CA ILE D 165 -3.25 -45.57 1.70
C ILE D 165 -3.27 -44.44 0.70
N TRP D 166 -2.70 -43.29 1.06
CA TRP D 166 -2.62 -42.11 0.19
C TRP D 166 -1.17 -41.73 -0.13
N PRO D 167 -0.39 -42.64 -0.74
CA PRO D 167 1.04 -42.31 -0.93
C PRO D 167 1.25 -41.03 -1.72
N GLU D 168 0.35 -40.72 -2.65
CA GLU D 168 0.46 -39.53 -3.49
C GLU D 168 0.42 -38.24 -2.67
N TYR D 169 -0.12 -38.28 -1.44
CA TYR D 169 -0.12 -37.13 -0.55
C TYR D 169 1.07 -37.10 0.40
N PHE D 170 2.02 -38.03 0.25
CA PHE D 170 3.13 -38.13 1.20
C PHE D 170 4.50 -38.12 0.55
N MET D 171 4.60 -37.73 -0.73
CA MET D 171 5.86 -37.56 -1.44
C MET D 171 5.68 -36.46 -2.47
N ASN D 172 6.80 -35.91 -2.94
CA ASN D 172 6.73 -34.87 -3.95
C ASN D 172 6.55 -35.45 -5.36
N SER D 173 6.15 -34.57 -6.27
CA SER D 173 5.82 -34.98 -7.62
C SER D 173 7.03 -35.49 -8.40
N ASP D 174 8.24 -35.07 -8.03
CA ASP D 174 9.41 -35.58 -8.75
C ASP D 174 9.60 -37.07 -8.50
N VAL D 175 9.33 -37.54 -7.27
CA VAL D 175 9.39 -38.98 -7.00
C VAL D 175 8.22 -39.70 -7.66
N LEU D 176 7.02 -39.13 -7.50
CA LEU D 176 5.82 -39.76 -8.04
C LEU D 176 5.91 -39.95 -9.56
N SER D 177 6.44 -38.94 -10.27
CA SER D 177 6.56 -39.05 -11.73
C SER D 177 7.48 -40.21 -12.13
N LYS D 178 8.54 -40.46 -11.36
CA LYS D 178 9.36 -41.64 -11.65
C LYS D 178 8.57 -42.93 -11.45
N ILE D 179 7.77 -43.00 -10.38
CA ILE D 179 6.98 -44.20 -10.12
C ILE D 179 5.99 -44.44 -11.25
N TYR D 180 5.26 -43.40 -11.66
CA TYR D 180 4.35 -43.53 -12.78
C TYR D 180 5.08 -43.96 -14.04
N ARG D 181 6.31 -43.44 -14.26
CA ARG D 181 7.03 -43.79 -15.49
C ARG D 181 7.39 -45.28 -15.54
N ILE D 182 7.86 -45.85 -14.44
CA ILE D 182 8.16 -47.28 -14.40
C ILE D 182 6.90 -48.10 -14.64
N GLN D 183 5.78 -47.73 -14.03
CA GLN D 183 4.55 -48.47 -14.32
C GLN D 183 4.15 -48.34 -15.80
N MET D 184 4.28 -47.14 -16.36
CA MET D 184 4.00 -46.96 -17.79
C MET D 184 4.90 -47.84 -18.65
N GLN D 185 6.19 -47.91 -18.34
CA GLN D 185 7.16 -48.65 -19.12
C GLN D 185 7.19 -50.15 -18.80
N LYS D 186 6.49 -50.58 -17.74
CA LYS D 186 6.60 -51.95 -17.23
C LYS D 186 8.05 -52.30 -16.90
N GLY D 187 8.76 -51.35 -16.26
CA GLY D 187 10.11 -51.57 -15.80
C GLY D 187 11.05 -50.51 -16.33
N LEU D 188 12.34 -50.78 -16.18
CA LEU D 188 13.37 -49.88 -16.70
C LEU D 188 13.77 -50.34 -18.09
N ILE D 189 13.81 -49.39 -19.04
CA ILE D 189 14.22 -49.70 -20.41
C ILE D 189 15.70 -50.08 -20.43
N ILE D 190 16.53 -49.35 -19.70
CA ILE D 190 17.95 -49.64 -19.57
C ILE D 190 18.24 -49.82 -18.09
N PRO D 191 18.11 -51.04 -17.56
CA PRO D 191 18.13 -51.21 -16.10
C PRO D 191 19.40 -50.71 -15.42
N GLU D 192 20.56 -50.84 -16.04
CA GLU D 192 21.79 -50.39 -15.41
C GLU D 192 21.82 -48.87 -15.21
N GLN D 193 20.99 -48.10 -15.92
CA GLN D 193 20.91 -46.67 -15.69
C GLN D 193 20.15 -46.34 -14.42
N GLY D 194 19.36 -47.28 -13.89
CA GLY D 194 18.50 -47.04 -12.77
C GLY D 194 19.15 -46.38 -11.56
N PRO D 195 20.25 -46.95 -11.05
CA PRO D 195 20.90 -46.35 -9.87
C PRO D 195 21.33 -44.90 -10.06
N TYR D 196 21.66 -44.48 -11.29
CA TYR D 196 22.01 -43.08 -11.54
C TYR D 196 20.85 -42.14 -11.33
N TYR D 197 19.61 -42.64 -11.36
CA TYR D 197 18.44 -41.81 -11.14
C TYR D 197 17.74 -42.19 -9.85
N GLY D 198 18.44 -42.88 -8.95
CA GLY D 198 17.87 -43.22 -7.67
C GLY D 198 16.83 -44.31 -7.71
N ILE D 199 16.95 -45.24 -8.64
CA ILE D 199 15.99 -46.32 -8.78
C ILE D 199 16.75 -47.63 -8.69
N LEU D 200 16.39 -48.48 -7.74
CA LEU D 200 16.95 -49.81 -7.60
C LEU D 200 15.85 -50.82 -7.89
N SER D 201 16.25 -51.97 -8.40
CA SER D 201 15.30 -53.01 -8.79
C SER D 201 15.67 -54.35 -8.17
N LYS D 202 14.71 -55.03 -7.54
CA LYS D 202 14.93 -56.39 -7.05
C LYS D 202 13.62 -57.14 -6.91
N ASP D 203 13.51 -58.28 -7.63
CA ASP D 203 12.43 -59.24 -7.42
C ASP D 203 11.06 -58.59 -7.58
N ASN D 204 10.87 -57.91 -8.71
CA ASN D 204 9.61 -57.25 -9.06
C ASN D 204 9.24 -56.11 -8.10
N ALA D 205 10.17 -55.63 -7.27
CA ALA D 205 9.97 -54.43 -6.47
C ALA D 205 10.96 -53.36 -6.92
N TYR D 206 10.48 -52.11 -6.98
CA TYR D 206 11.31 -50.96 -7.35
C TYR D 206 11.42 -50.02 -6.16
N TYR D 207 12.64 -49.57 -5.90
CA TYR D 207 12.95 -48.69 -4.78
C TYR D 207 13.35 -47.34 -5.33
N PHE D 208 12.67 -46.29 -4.87
CA PHE D 208 12.89 -44.95 -5.37
C PHE D 208 13.42 -44.12 -4.20
N TYR D 209 14.70 -43.74 -4.28
CA TYR D 209 15.24 -42.78 -3.31
C TYR D 209 14.53 -41.43 -3.48
N ALA D 210 14.18 -40.81 -2.38
CA ALA D 210 13.41 -39.58 -2.42
C ALA D 210 14.03 -38.51 -1.54
N ASN D 211 14.12 -37.30 -2.07
CA ASN D 211 14.51 -36.13 -1.29
C ASN D 211 13.27 -35.41 -0.79
N TYR D 212 13.41 -34.80 0.38
CA TYR D 212 12.45 -33.80 0.81
C TYR D 212 12.58 -32.52 -0.02
N SER D 213 11.59 -31.62 0.14
CA SER D 213 11.58 -30.37 -0.62
C SER D 213 12.76 -29.48 -0.25
N GLY D 214 13.15 -28.61 -1.20
CA GLY D 214 14.20 -27.64 -0.98
C GLY D 214 13.74 -26.19 -1.09
N PRO D 215 14.67 -25.28 -1.40
CA PRO D 215 14.32 -23.85 -1.45
C PRO D 215 13.30 -23.49 -2.53
N LEU D 216 13.05 -24.35 -3.53
CA LEU D 216 11.97 -24.07 -4.47
C LEU D 216 10.62 -24.01 -3.76
N THR D 217 10.40 -24.90 -2.80
CA THR D 217 9.12 -25.00 -2.09
C THR D 217 9.03 -24.03 -0.91
N TYR D 218 10.11 -23.88 -0.13
CA TYR D 218 10.09 -23.13 1.12
C TYR D 218 11.04 -21.94 1.05
N GLU D 219 10.60 -20.77 1.55
CA GLU D 219 11.41 -19.56 1.58
C GLU D 219 11.93 -19.31 3.00
N ASP D 220 12.70 -18.23 3.16
CA ASP D 220 13.15 -17.81 4.49
C ASP D 220 13.90 -18.93 5.22
N ASN D 221 14.63 -19.75 4.46
CA ASN D 221 15.44 -20.85 4.96
C ASN D 221 14.63 -21.97 5.62
N GLU D 222 13.31 -21.96 5.48
CA GLU D 222 12.52 -23.00 6.12
C GLU D 222 12.70 -24.38 5.46
N ASN D 223 13.26 -24.43 4.25
CA ASN D 223 13.58 -25.71 3.64
C ASN D 223 14.53 -26.52 4.51
N LEU D 224 15.29 -25.85 5.40
CA LEU D 224 16.20 -26.58 6.30
C LEU D 224 15.47 -27.64 7.13
N LEU D 225 14.20 -27.43 7.45
CA LEU D 225 13.49 -28.41 8.28
C LEU D 225 12.44 -29.20 7.49
N SER D 226 12.54 -29.24 6.16
CA SER D 226 11.56 -29.99 5.39
C SER D 226 11.55 -31.48 5.74
N TYR D 227 12.69 -32.04 6.20
CA TYR D 227 12.70 -33.44 6.66
C TYR D 227 11.72 -33.65 7.82
N PHE D 228 11.37 -32.60 8.56
CA PHE D 228 10.46 -32.73 9.69
C PHE D 228 9.01 -32.49 9.29
N ILE D 229 8.71 -31.32 8.72
CA ILE D 229 7.31 -31.02 8.44
C ILE D 229 6.75 -31.88 7.30
N GLU D 230 7.61 -32.48 6.48
CA GLU D 230 7.16 -33.41 5.44
C GLU D 230 7.27 -34.86 5.87
N ASP D 231 7.77 -35.13 7.09
CA ASP D 231 7.93 -36.50 7.57
C ASP D 231 6.59 -37.24 7.52
N ILE D 232 6.62 -38.48 7.03
CA ILE D 232 5.36 -39.19 6.80
C ILE D 232 4.66 -39.51 8.12
N GLY D 233 5.43 -39.78 9.17
CA GLY D 233 4.84 -40.07 10.46
C GLY D 233 4.28 -38.82 11.11
N TRP D 234 5.01 -37.70 11.00
CA TRP D 234 4.48 -36.42 11.48
C TRP D 234 3.14 -36.10 10.81
N ASN D 235 3.07 -36.24 9.48
CA ASN D 235 1.81 -35.94 8.81
C ASN D 235 0.72 -36.97 9.15
N SER D 236 1.10 -38.25 9.30
CA SER D 236 0.11 -39.27 9.62
C SER D 236 -0.49 -39.06 10.99
N TYR D 237 0.31 -38.53 11.91
CA TYR D 237 -0.20 -38.23 13.24
C TYR D 237 -1.36 -37.26 13.18
N TYR D 238 -1.23 -36.18 12.41
CA TYR D 238 -2.36 -35.28 12.26
C TYR D 238 -3.51 -36.01 11.58
N TYR D 239 -3.21 -36.87 10.60
CA TYR D 239 -4.32 -37.57 9.94
C TYR D 239 -5.09 -38.44 10.94
N TYR D 240 -4.37 -39.17 11.78
CA TYR D 240 -5.02 -39.98 12.81
C TYR D 240 -5.87 -39.13 13.76
N PHE D 241 -5.35 -37.97 14.17
CA PHE D 241 -6.08 -37.09 15.07
C PHE D 241 -7.41 -36.63 14.47
N HIS D 242 -7.40 -36.28 13.18
CA HIS D 242 -8.65 -35.91 12.53
C HIS D 242 -9.63 -37.08 12.52
N ASN D 243 -9.16 -38.28 12.21
CA ASN D 243 -10.05 -39.44 12.14
C ASN D 243 -10.61 -39.80 13.51
N ARG D 244 -9.82 -39.59 14.56
CA ARG D 244 -10.27 -39.93 15.91
C ARG D 244 -11.29 -38.91 16.42
N PHE D 245 -11.12 -37.64 16.07
CA PHE D 245 -11.98 -36.55 16.55
C PHE D 245 -12.47 -35.69 15.40
N PRO D 246 -13.23 -36.25 14.45
CA PRO D 246 -13.71 -35.44 13.33
C PRO D 246 -14.68 -34.34 13.79
N PHE D 247 -14.48 -33.13 13.28
CA PHE D 247 -15.17 -31.96 13.79
C PHE D 247 -16.68 -32.06 13.61
N TRP D 248 -17.11 -32.88 12.65
CA TRP D 248 -18.53 -32.88 12.30
C TRP D 248 -19.31 -33.92 13.07
N GLU D 249 -18.65 -34.70 13.91
CA GLU D 249 -19.32 -35.71 14.72
C GLU D 249 -19.51 -35.23 16.16
N ASN D 250 -20.64 -35.61 16.74
CA ASN D 250 -20.93 -35.24 18.12
C ASN D 250 -19.99 -35.97 19.06
N GLY D 251 -19.67 -35.32 20.19
CA GLY D 251 -18.69 -35.85 21.12
C GLY D 251 -19.08 -37.15 21.79
N GLU D 252 -20.39 -37.40 21.95
CA GLU D 252 -20.85 -38.63 22.58
C GLU D 252 -20.42 -39.86 21.79
N GLN D 253 -20.58 -39.83 20.47
CA GLN D 253 -20.14 -40.94 19.64
C GLN D 253 -18.62 -41.10 19.70
N LEU D 254 -17.91 -39.99 19.78
CA LEU D 254 -16.46 -40.02 19.59
C LEU D 254 -15.72 -40.53 20.84
N ILE D 255 -16.05 -40.01 22.02
CA ILE D 255 -15.29 -40.34 23.22
C ILE D 255 -16.20 -40.61 24.41
N GLY D 256 -17.50 -40.75 24.16
CA GLY D 256 -18.43 -41.14 25.19
C GLY D 256 -18.38 -40.29 26.44
N PRO D 257 -17.94 -40.89 27.55
CA PRO D 257 -17.92 -40.14 28.82
C PRO D 257 -16.82 -39.09 28.91
N LEU D 258 -15.86 -39.06 27.98
CA LEU D 258 -14.86 -38.01 27.95
C LEU D 258 -15.31 -36.80 27.16
N LYS D 259 -16.59 -36.77 26.78
CA LYS D 259 -17.12 -35.73 25.91
C LYS D 259 -16.76 -34.34 26.41
N GLU D 260 -16.90 -34.10 27.72
CA GLU D 260 -16.62 -32.79 28.28
C GLU D 260 -15.13 -32.46 28.32
N ARG D 261 -14.24 -33.30 27.81
CA ARG D 261 -12.84 -32.95 27.67
C ARG D 261 -12.47 -32.76 26.20
N ARG D 262 -13.45 -32.72 25.30
CA ARG D 262 -13.15 -32.64 23.87
C ARG D 262 -12.33 -31.38 23.56
N GLY D 263 -12.76 -30.23 24.06
CA GLY D 263 -12.03 -29.01 23.78
C GLY D 263 -10.65 -28.98 24.42
N GLU D 264 -10.48 -29.70 25.54
CA GLU D 264 -9.16 -29.82 26.15
C GLU D 264 -8.23 -30.65 25.29
N ILE D 265 -8.73 -31.72 24.69
CA ILE D 265 -7.90 -32.51 23.77
C ILE D 265 -7.50 -31.65 22.58
N TYR D 266 -8.42 -30.83 22.07
CA TYR D 266 -8.12 -29.94 20.97
C TYR D 266 -6.93 -29.03 21.31
N TYR D 267 -7.01 -28.34 22.44
CA TYR D 267 -5.93 -27.42 22.84
C TYR D 267 -4.63 -28.18 23.06
N TYR D 268 -4.69 -29.32 23.75
CA TYR D 268 -3.50 -30.11 24.07
C TYR D 268 -2.79 -30.56 22.80
N VAL D 269 -3.54 -31.06 21.82
CA VAL D 269 -2.91 -31.63 20.63
C VAL D 269 -2.28 -30.54 19.76
N TYR D 270 -2.98 -29.42 19.57
CA TYR D 270 -2.41 -28.34 18.76
C TYR D 270 -1.24 -27.68 19.45
N GLN D 271 -1.29 -27.54 20.79
CA GLN D 271 -0.15 -27.03 21.54
C GLN D 271 1.06 -27.92 21.35
N LYS D 272 0.85 -29.23 21.43
CA LYS D 272 1.95 -30.17 21.25
C LYS D 272 2.51 -30.09 19.83
N ILE D 273 1.64 -29.98 18.82
CA ILE D 273 2.11 -29.87 17.46
C ILE D 273 2.95 -28.61 17.29
N LEU D 274 2.45 -27.49 17.79
CA LEU D 274 3.15 -26.22 17.62
C LEU D 274 4.45 -26.18 18.40
N ALA D 275 4.44 -26.73 19.62
CA ALA D 275 5.63 -26.70 20.44
C ALA D 275 6.74 -27.55 19.81
N ARG D 276 6.39 -28.72 19.28
CA ARG D 276 7.41 -29.60 18.69
C ARG D 276 7.95 -29.01 17.38
N TYR D 277 7.09 -28.42 16.56
CA TYR D 277 7.55 -27.68 15.38
C TYR D 277 8.45 -26.52 15.79
N TYR D 278 8.11 -25.82 16.88
CA TYR D 278 8.96 -24.74 17.36
C TYR D 278 10.34 -25.24 17.74
N LEU D 279 10.42 -26.41 18.38
CA LEU D 279 11.72 -27.00 18.70
C LEU D 279 12.55 -27.22 17.47
N GLU D 280 11.93 -27.71 16.40
CA GLU D 280 12.69 -27.94 15.17
C GLU D 280 13.11 -26.63 14.54
N ARG D 281 12.27 -25.58 14.63
CA ARG D 281 12.69 -24.27 14.16
C ARG D 281 13.95 -23.83 14.88
N LEU D 282 13.93 -23.89 16.21
CA LEU D 282 15.09 -23.44 16.98
C LEU D 282 16.32 -24.23 16.60
N ALA D 283 16.18 -25.54 16.44
CA ALA D 283 17.30 -26.38 16.07
C ALA D 283 17.84 -26.06 14.69
N ASN D 284 17.11 -25.28 13.89
CA ASN D 284 17.61 -24.84 12.59
C ASN D 284 17.76 -23.32 12.49
N GLY D 285 17.80 -22.62 13.62
CA GLY D 285 18.06 -21.19 13.60
C GLY D 285 16.98 -20.32 12.98
N LEU D 286 15.73 -20.78 12.98
CA LEU D 286 14.61 -20.10 12.33
C LEU D 286 13.74 -19.30 13.30
N GLY D 287 14.04 -19.33 14.60
CA GLY D 287 13.32 -18.45 15.53
C GLY D 287 11.87 -18.88 15.73
N GLU D 288 11.05 -17.89 16.13
CA GLU D 288 9.67 -18.05 16.58
C GLU D 288 8.69 -18.16 15.40
N ILE D 289 7.51 -18.70 15.69
CA ILE D 289 6.45 -18.80 14.69
C ILE D 289 5.92 -17.41 14.37
N PRO D 290 5.88 -16.97 13.11
CA PRO D 290 5.36 -15.63 12.81
C PRO D 290 3.89 -15.49 13.20
N ARG D 291 3.55 -14.28 13.59
CA ARG D 291 2.17 -13.83 13.75
C ARG D 291 1.83 -12.93 12.56
N PHE D 292 0.52 -12.79 12.24
CA PHE D 292 0.19 -12.07 11.01
C PHE D 292 -1.14 -11.33 11.09
N ASN D 293 -1.23 -10.30 10.26
CA ASN D 293 -2.41 -9.47 10.07
C ASN D 293 -3.17 -9.97 8.85
N TRP D 294 -4.44 -10.33 9.04
CA TRP D 294 -5.26 -10.81 7.93
C TRP D 294 -5.33 -9.79 6.80
N LEU D 295 -5.20 -8.49 7.11
CA LEU D 295 -5.42 -7.46 6.09
C LEU D 295 -4.16 -7.01 5.41
N ASP D 296 -3.01 -7.62 5.73
CA ASP D 296 -1.75 -7.26 5.10
C ASP D 296 -1.27 -8.38 4.18
N LYS D 297 -0.25 -8.08 3.39
CA LYS D 297 0.39 -9.09 2.56
C LYS D 297 0.94 -10.22 3.43
N TYR D 298 0.70 -11.44 3.00
CA TYR D 298 1.12 -12.62 3.77
C TYR D 298 2.55 -12.98 3.35
N GLN D 299 3.46 -13.05 4.32
CA GLN D 299 4.89 -13.01 4.00
C GLN D 299 5.56 -14.38 3.94
N THR D 300 4.77 -15.46 3.98
CA THR D 300 5.23 -16.86 3.94
C THR D 300 4.66 -17.57 2.71
N SER D 301 5.45 -17.59 1.63
CA SER D 301 5.06 -18.25 0.39
C SER D 301 5.18 -19.76 0.55
N TYR D 302 4.61 -20.48 -0.42
CA TYR D 302 4.64 -21.94 -0.38
C TYR D 302 4.36 -22.45 -1.79
N TYR D 303 5.31 -23.19 -2.35
CA TYR D 303 5.21 -23.72 -3.71
C TYR D 303 5.30 -25.24 -3.61
N PRO D 304 4.23 -25.91 -3.22
CA PRO D 304 4.29 -27.36 -3.07
C PRO D 304 4.52 -28.07 -4.41
N LEU D 305 5.37 -29.08 -4.36
CA LEU D 305 5.52 -30.03 -5.46
C LEU D 305 4.65 -31.24 -5.24
N LEU D 306 3.41 -30.99 -4.86
CA LEU D 306 2.39 -32.00 -4.63
C LEU D 306 1.32 -31.89 -5.71
N SER D 307 0.68 -33.01 -6.03
CA SER D 307 -0.49 -32.95 -6.90
C SER D 307 -1.51 -34.00 -6.48
N SER D 308 -2.75 -33.76 -6.89
CA SER D 308 -3.82 -34.74 -6.81
C SER D 308 -4.01 -35.46 -8.15
N TYR D 309 -2.92 -35.57 -8.90
CA TYR D 309 -2.74 -36.38 -10.10
C TYR D 309 -3.51 -35.87 -11.31
N GLN D 310 -4.65 -35.24 -11.08
CA GLN D 310 -5.39 -34.65 -12.17
C GLN D 310 -5.11 -33.17 -12.29
N LEU D 311 -4.68 -32.57 -11.18
CA LEU D 311 -4.53 -31.14 -10.99
C LEU D 311 -3.38 -30.91 -10.03
N PRO D 312 -2.62 -29.85 -10.21
CA PRO D 312 -1.59 -29.49 -9.22
C PRO D 312 -2.22 -28.87 -7.96
N PHE D 313 -1.45 -28.92 -6.87
CA PHE D 313 -1.79 -28.14 -5.69
C PHE D 313 -1.58 -26.65 -5.95
N ALA D 314 -2.39 -25.84 -5.29
CA ALA D 314 -2.27 -24.39 -5.38
C ALA D 314 -0.96 -23.92 -4.77
N GLN D 315 -0.31 -22.97 -5.44
CA GLN D 315 0.88 -22.29 -4.94
C GLN D 315 0.51 -20.90 -4.45
N ARG D 316 1.12 -20.48 -3.34
CA ARG D 316 0.92 -19.17 -2.75
C ARG D 316 2.22 -18.37 -2.96
N ASN D 317 2.17 -17.34 -3.82
CA ASN D 317 3.34 -16.50 -4.04
C ASN D 317 3.65 -15.70 -2.77
N ASP D 318 4.88 -15.20 -2.68
CA ASP D 318 5.24 -14.33 -1.56
C ASP D 318 4.36 -13.06 -1.56
N ASP D 319 4.07 -12.56 -0.35
CA ASP D 319 3.35 -11.31 -0.17
C ASP D 319 1.95 -11.36 -0.77
N TYR D 320 1.35 -12.53 -0.74
CA TYR D 320 -0.01 -12.71 -1.23
C TYR D 320 -0.99 -11.93 -0.36
N TYR D 321 -1.88 -11.19 -1.02
CA TYR D 321 -2.87 -10.35 -0.37
C TYR D 321 -4.11 -11.22 -0.10
N LEU D 322 -4.41 -11.42 1.19
CA LEU D 322 -5.47 -12.33 1.60
C LEU D 322 -6.87 -11.72 1.46
N ALA D 323 -6.98 -10.41 1.56
CA ALA D 323 -8.28 -9.72 1.66
C ALA D 323 -8.68 -9.01 0.36
N SER D 324 -8.92 -9.77 -0.69
CA SER D 324 -9.51 -9.17 -1.88
C SER D 324 -11.02 -8.97 -1.72
N GLY D 325 -11.59 -8.19 -2.63
CA GLY D 325 -13.04 -8.04 -2.69
C GLY D 325 -13.75 -9.36 -2.93
N ASP D 326 -13.10 -10.28 -3.64
CA ASP D 326 -13.67 -11.60 -3.85
C ASP D 326 -13.66 -12.45 -2.57
N ASN D 327 -12.85 -12.10 -1.59
CA ASN D 327 -12.71 -12.82 -0.34
C ASN D 327 -13.42 -12.17 0.84
N ILE D 328 -14.08 -11.04 0.65
CA ILE D 328 -14.33 -10.15 1.77
C ILE D 328 -15.28 -10.78 2.80
N ASN D 329 -16.28 -11.54 2.32
CA ASN D 329 -17.17 -12.22 3.26
C ASN D 329 -16.42 -13.22 4.13
N ASP D 330 -15.49 -13.96 3.54
CA ASP D 330 -14.66 -14.86 4.36
C ASP D 330 -13.84 -14.07 5.36
N ILE D 331 -13.25 -12.94 4.91
CA ILE D 331 -12.47 -12.08 5.80
C ILE D 331 -13.33 -11.53 6.93
N GLN D 332 -14.53 -11.01 6.61
CA GLN D 332 -15.41 -10.51 7.66
C GLN D 332 -15.80 -11.60 8.65
N PHE D 333 -16.09 -12.81 8.16
CA PHE D 333 -16.41 -13.88 9.09
C PHE D 333 -15.23 -14.18 10.02
N ILE D 334 -14.02 -14.27 9.45
CA ILE D 334 -12.84 -14.61 10.26
C ILE D 334 -12.66 -13.58 11.36
N ASP D 335 -12.68 -12.30 11.00
CA ASP D 335 -12.46 -11.21 11.94
C ASP D 335 -13.57 -11.13 12.98
N THR D 336 -14.84 -11.33 12.57
CA THR D 336 -15.94 -11.34 13.52
C THR D 336 -15.77 -12.46 14.55
N TYR D 337 -15.37 -13.65 14.09
CA TYR D 337 -15.20 -14.80 14.99
C TYR D 337 -14.15 -14.52 16.04
N GLU D 338 -13.06 -13.85 15.65
CA GLU D 338 -12.03 -13.48 16.60
C GLU D 338 -12.52 -12.38 17.54
N LYS D 339 -13.19 -11.36 16.97
CA LYS D 339 -13.75 -10.28 17.76
C LYS D 339 -14.73 -10.82 18.80
N THR D 340 -15.60 -11.75 18.38
CA THR D 340 -16.53 -12.36 19.32
C THR D 340 -15.77 -12.97 20.50
N PHE D 341 -14.68 -13.69 20.20
CA PHE D 341 -13.97 -14.37 21.28
C PHE D 341 -13.36 -13.36 22.26
N LEU D 342 -12.82 -12.26 21.75
CA LEU D 342 -12.36 -11.20 22.64
C LEU D 342 -13.51 -10.60 23.45
N GLN D 343 -14.71 -10.52 22.88
CA GLN D 343 -15.84 -10.05 23.68
C GLN D 343 -16.21 -11.06 24.77
N LEU D 344 -16.09 -12.37 24.49
CA LEU D 344 -16.37 -13.35 25.53
C LEU D 344 -15.39 -13.19 26.68
N LEU D 345 -14.12 -12.90 26.38
CA LEU D 345 -13.12 -12.66 27.43
C LEU D 345 -13.43 -11.41 28.26
N GLN D 346 -14.05 -10.40 27.65
CA GLN D 346 -14.57 -9.28 28.45
C GLN D 346 -15.73 -9.72 29.33
N LYS D 347 -16.64 -10.55 28.81
CA LYS D 347 -17.81 -10.96 29.56
C LYS D 347 -17.44 -11.84 30.74
N GLY D 348 -16.54 -12.80 30.53
CA GLY D 348 -16.06 -13.70 31.58
C GLY D 348 -17.02 -14.80 31.96
N GLN D 349 -18.27 -14.44 32.25
CA GLN D 349 -19.32 -15.40 32.51
C GLN D 349 -20.48 -15.02 31.62
N PHE D 350 -21.01 -15.97 30.87
CA PHE D 350 -21.93 -15.64 29.79
C PHE D 350 -22.66 -16.89 29.37
N LYS D 351 -23.68 -16.70 28.56
CA LYS D 351 -24.40 -17.80 27.90
C LYS D 351 -24.11 -17.70 26.41
N ALA D 352 -23.63 -18.79 25.80
CA ALA D 352 -23.32 -18.80 24.37
C ALA D 352 -23.82 -20.09 23.74
N TYR D 353 -24.61 -19.97 22.67
CA TYR D 353 -25.25 -21.13 22.01
C TYR D 353 -26.03 -21.97 23.02
N LYS D 354 -26.72 -21.28 23.93
CA LYS D 354 -27.50 -21.87 25.03
C LYS D 354 -26.65 -22.69 25.97
N GLN D 355 -25.33 -22.46 25.99
CA GLN D 355 -24.44 -23.08 26.96
C GLN D 355 -24.03 -22.01 27.97
N GLU D 356 -24.14 -22.36 29.25
CA GLU D 356 -23.67 -21.50 30.32
C GLU D 356 -22.17 -21.70 30.49
N VAL D 357 -21.39 -20.63 30.39
CA VAL D 357 -19.93 -20.74 30.38
C VAL D 357 -19.35 -19.83 31.45
N ASP D 358 -18.39 -20.36 32.21
CA ASP D 358 -17.71 -19.66 33.30
C ASP D 358 -16.21 -19.72 33.03
N LEU D 359 -15.63 -18.64 32.49
CA LEU D 359 -14.21 -18.71 32.13
C LEU D 359 -13.28 -18.74 33.34
N TYR D 360 -13.77 -18.43 34.55
CA TYR D 360 -12.96 -18.61 35.75
C TYR D 360 -12.75 -20.08 36.05
N ASN D 361 -13.55 -20.95 35.45
CA ASN D 361 -13.52 -22.39 35.70
C ASN D 361 -12.71 -23.09 34.61
N SER D 362 -11.75 -23.92 35.02
CA SER D 362 -10.91 -24.59 34.03
C SER D 362 -11.69 -25.52 33.14
N LYS D 363 -12.88 -25.95 33.55
CA LYS D 363 -13.68 -26.83 32.69
C LYS D 363 -14.16 -26.13 31.43
N SER D 364 -14.14 -24.79 31.42
CA SER D 364 -14.61 -24.08 30.23
C SER D 364 -13.64 -24.21 29.04
N ILE D 365 -12.48 -24.85 29.22
CA ILE D 365 -11.63 -25.16 28.09
C ILE D 365 -12.38 -26.02 27.09
N ASN D 366 -13.38 -26.78 27.54
CA ASN D 366 -14.17 -27.57 26.60
C ASN D 366 -14.93 -26.66 25.64
N PHE D 367 -15.61 -25.65 26.19
CA PHE D 367 -16.27 -24.70 25.33
C PHE D 367 -15.28 -23.97 24.44
N VAL D 368 -14.13 -23.57 25.00
CA VAL D 368 -13.19 -22.75 24.23
C VAL D 368 -12.67 -23.51 23.02
N GLY D 369 -12.26 -24.78 23.24
CA GLY D 369 -11.78 -25.58 22.13
C GLY D 369 -12.85 -25.87 21.10
N ASN D 370 -14.06 -26.21 21.55
CA ASN D 370 -15.16 -26.48 20.62
C ASN D 370 -15.54 -25.22 19.87
N TYR D 371 -15.39 -24.05 20.51
CA TYR D 371 -15.63 -22.77 19.86
C TYR D 371 -14.70 -22.59 18.67
N TRP D 372 -13.41 -22.83 18.89
CA TRP D 372 -12.42 -22.56 17.85
C TRP D 372 -12.44 -23.59 16.72
N GLN D 373 -12.93 -24.80 16.98
CA GLN D 373 -13.07 -25.79 15.92
C GLN D 373 -14.44 -25.76 15.24
N SER D 374 -15.38 -24.94 15.74
CA SER D 374 -16.74 -24.83 15.19
C SER D 374 -17.40 -26.20 15.06
N ASN D 375 -17.16 -27.08 16.03
CA ASN D 375 -17.55 -28.47 15.85
C ASN D 375 -18.98 -28.72 16.34
N ALA D 376 -19.43 -29.97 16.19
CA ALA D 376 -20.83 -30.31 16.45
C ALA D 376 -21.22 -30.07 17.90
N ASP D 377 -20.29 -30.23 18.85
CA ASP D 377 -20.64 -30.03 20.26
C ASP D 377 -20.90 -28.58 20.59
N LEU D 378 -20.30 -27.65 19.83
CA LEU D 378 -20.57 -26.21 20.04
C LEU D 378 -22.04 -25.86 19.81
N TYR D 379 -22.70 -26.54 18.86
CA TYR D 379 -24.06 -26.23 18.45
C TYR D 379 -25.07 -27.21 19.00
N GLU D 380 -24.65 -28.12 19.90
CA GLU D 380 -25.54 -29.20 20.28
C GLU D 380 -26.75 -28.73 21.08
N LYS D 381 -26.69 -27.55 21.71
CA LYS D 381 -27.82 -27.10 22.52
C LYS D 381 -28.80 -26.18 21.78
N VAL D 382 -28.59 -25.88 20.50
CA VAL D 382 -29.52 -25.05 19.74
C VAL D 382 -30.18 -25.89 18.65
N PRO D 383 -31.33 -25.47 18.12
CA PRO D 383 -31.99 -26.26 17.07
C PRO D 383 -31.07 -26.46 15.86
N LYS D 384 -31.20 -27.62 15.23
CA LYS D 384 -30.30 -27.98 14.14
C LYS D 384 -30.37 -26.96 13.01
N ARG D 385 -29.19 -26.57 12.52
CA ARG D 385 -29.06 -25.42 11.64
C ARG D 385 -28.68 -25.84 10.22
N ASN D 386 -29.34 -25.22 9.25
CA ASN D 386 -28.89 -25.23 7.87
C ASN D 386 -27.84 -24.16 7.59
N TYR D 387 -27.66 -23.20 8.50
CA TYR D 387 -26.64 -22.18 8.38
C TYR D 387 -25.45 -22.61 9.24
N TRP D 388 -24.30 -22.75 8.60
CA TRP D 388 -23.10 -23.15 9.31
C TRP D 388 -21.90 -22.53 8.61
N ARG D 389 -21.00 -21.97 9.41
CA ARG D 389 -19.70 -21.49 8.97
C ARG D 389 -18.66 -21.99 9.97
N SER D 390 -17.48 -22.33 9.45
CA SER D 390 -16.36 -22.80 10.26
C SER D 390 -15.20 -21.81 10.18
N TYR D 391 -14.69 -21.41 11.34
CA TYR D 391 -13.50 -20.55 11.36
C TYR D 391 -12.32 -21.21 10.66
N GLU D 392 -12.01 -22.45 11.04
CA GLU D 392 -10.83 -23.12 10.51
C GLU D 392 -10.95 -23.33 9.01
N ALA D 393 -12.10 -23.79 8.54
CA ALA D 393 -12.31 -23.99 7.10
C ALA D 393 -12.22 -22.68 6.34
N THR D 394 -12.78 -21.60 6.89
CA THR D 394 -12.69 -20.31 6.21
C THR D 394 -11.26 -19.79 6.18
N ALA D 395 -10.55 -19.89 7.31
CA ALA D 395 -9.15 -19.47 7.41
C ALA D 395 -8.26 -20.28 6.46
N ARG D 396 -8.48 -21.61 6.38
CA ARG D 396 -7.73 -22.45 5.44
C ARG D 396 -7.98 -22.05 3.99
N ARG D 397 -9.22 -21.70 3.66
CA ARG D 397 -9.51 -21.30 2.28
C ARG D 397 -8.77 -20.01 1.94
N VAL D 398 -8.75 -19.04 2.87
CA VAL D 398 -8.08 -17.78 2.65
C VAL D 398 -6.57 -17.98 2.49
N LEU D 399 -5.97 -18.82 3.32
CA LEU D 399 -4.52 -18.96 3.24
C LEU D 399 -4.08 -19.87 2.08
N GLY D 400 -4.99 -20.70 1.54
CA GLY D 400 -4.61 -21.68 0.53
C GLY D 400 -4.26 -21.09 -0.82
N ALA D 401 -4.77 -19.89 -1.10
CA ALA D 401 -4.45 -19.14 -2.31
C ALA D 401 -4.93 -19.81 -3.59
N ALA D 402 -5.89 -20.73 -3.51
CA ALA D 402 -6.57 -21.22 -4.69
C ALA D 402 -7.29 -20.06 -5.37
N PRO D 403 -7.53 -20.14 -6.68
CA PRO D 403 -8.24 -19.04 -7.34
C PRO D 403 -9.64 -18.82 -6.75
N ARG D 404 -10.01 -17.54 -6.63
CA ARG D 404 -11.25 -17.17 -5.96
C ARG D 404 -12.49 -17.74 -6.66
N SER D 405 -12.44 -17.90 -7.97
CA SER D 405 -13.53 -18.58 -8.67
C SER D 405 -13.76 -20.00 -8.16
N SER D 406 -12.68 -20.68 -7.68
CA SER D 406 -12.74 -22.07 -7.25
C SER D 406 -13.75 -22.31 -6.13
N ILE D 407 -14.07 -21.28 -5.36
CA ILE D 407 -15.04 -21.39 -4.29
C ILE D 407 -16.46 -21.21 -4.82
N ASN D 408 -16.61 -20.44 -5.90
CA ASN D 408 -17.95 -20.14 -6.41
C ASN D 408 -18.55 -21.35 -7.11
N TYR D 409 -17.75 -22.24 -7.69
CA TYR D 409 -18.23 -23.39 -8.45
C TYR D 409 -17.99 -24.69 -7.67
N GLU D 410 -19.03 -25.49 -7.51
CA GLU D 410 -18.88 -26.78 -6.83
C GLU D 410 -18.07 -27.78 -7.65
N ASN D 411 -18.23 -27.78 -8.96
CA ASN D 411 -17.58 -28.84 -9.70
C ASN D 411 -16.05 -28.69 -9.74
N MET D 412 -15.50 -27.49 -9.58
CA MET D 412 -14.10 -27.25 -9.90
C MET D 412 -13.32 -26.70 -8.71
N ASN D 413 -12.21 -27.36 -8.39
CA ASN D 413 -11.33 -26.95 -7.31
C ASN D 413 -9.90 -27.15 -7.77
N ILE D 414 -9.02 -26.20 -7.44
CA ILE D 414 -7.59 -26.44 -7.41
C ILE D 414 -7.25 -26.77 -5.96
N PRO D 415 -6.83 -27.99 -5.65
CA PRO D 415 -6.65 -28.37 -4.25
C PRO D 415 -5.46 -27.66 -3.64
N THR D 416 -5.53 -27.46 -2.33
CA THR D 416 -4.40 -26.93 -1.58
C THR D 416 -3.97 -27.97 -0.56
N ALA D 417 -2.74 -27.78 -0.05
CA ALA D 417 -2.26 -28.59 1.06
C ALA D 417 -3.17 -28.45 2.28
N LEU D 418 -3.86 -27.31 2.43
CA LEU D 418 -4.75 -27.13 3.58
C LEU D 418 -6.11 -27.76 3.37
N ASP D 419 -6.37 -28.33 2.19
CA ASP D 419 -7.59 -29.09 1.93
C ASP D 419 -7.49 -30.52 2.45
N PHE D 420 -6.33 -30.97 2.92
CA PHE D 420 -6.18 -32.36 3.33
C PHE D 420 -5.49 -32.46 4.69
N TYR D 421 -6.08 -33.24 5.59
CA TYR D 421 -5.38 -33.50 6.82
C TYR D 421 -4.10 -34.30 6.59
N GLN D 422 -3.99 -35.01 5.45
CA GLN D 422 -2.76 -35.73 5.12
C GLN D 422 -1.59 -34.78 4.84
N THR D 423 -1.86 -33.55 4.37
CA THR D 423 -0.81 -32.64 3.91
C THR D 423 -0.77 -31.33 4.67
N SER D 424 -1.70 -31.07 5.59
CA SER D 424 -1.78 -29.76 6.24
C SER D 424 -0.47 -29.33 6.84
N LEU D 425 0.26 -30.25 7.50
CA LEU D 425 1.47 -29.91 8.23
C LEU D 425 2.64 -29.53 7.32
N ARG D 426 2.50 -29.70 6.00
CA ARG D 426 3.55 -29.29 5.08
C ARG D 426 3.57 -27.79 4.81
N ASP D 427 2.45 -27.12 5.04
CA ASP D 427 2.33 -25.70 4.73
C ASP D 427 2.73 -24.92 5.97
N PRO D 428 3.76 -24.06 5.90
CA PRO D 428 4.12 -23.27 7.09
C PRO D 428 2.99 -22.42 7.59
N ALA D 429 2.04 -22.08 6.71
CA ALA D 429 0.85 -21.32 7.12
C ALA D 429 0.02 -22.07 8.14
N PHE D 430 0.08 -23.41 8.14
CA PHE D 430 -0.67 -24.19 9.11
C PHE D 430 -0.27 -23.83 10.54
N TYR D 431 1.04 -23.74 10.80
CA TYR D 431 1.46 -23.46 12.17
C TYR D 431 1.12 -22.03 12.54
N GLN D 432 1.21 -21.10 11.58
CA GLN D 432 0.85 -19.71 11.87
C GLN D 432 -0.63 -19.57 12.16
N LEU D 433 -1.48 -20.29 11.43
CA LEU D 433 -2.92 -20.25 11.71
C LEU D 433 -3.21 -20.75 13.11
N TYR D 434 -2.70 -21.93 13.47
CA TYR D 434 -3.04 -22.48 14.78
C TYR D 434 -2.32 -21.77 15.91
N ALA D 435 -1.18 -21.12 15.63
CA ALA D 435 -0.58 -20.23 16.62
C ALA D 435 -1.48 -19.04 16.90
N LYS D 436 -2.14 -18.50 15.88
CA LYS D 436 -3.13 -17.45 16.12
C LYS D 436 -4.25 -17.95 17.03
N ILE D 437 -4.81 -19.12 16.74
CA ILE D 437 -5.89 -19.66 17.55
C ILE D 437 -5.41 -19.88 18.99
N LEU D 438 -4.23 -20.50 19.16
CA LEU D 438 -3.78 -20.80 20.52
C LEU D 438 -3.39 -19.54 21.28
N ASP D 439 -2.96 -18.47 20.58
CA ASP D 439 -2.76 -17.19 21.24
C ASP D 439 -4.04 -16.72 21.93
N TYR D 440 -5.19 -16.81 21.25
CA TYR D 440 -6.45 -16.45 21.88
C TYR D 440 -6.76 -17.38 23.05
N ILE D 441 -6.54 -18.69 22.87
CA ILE D 441 -6.81 -19.63 23.95
C ILE D 441 -5.88 -19.37 25.14
N ASN D 442 -4.62 -19.01 24.88
CA ASN D 442 -3.72 -18.68 25.98
C ASN D 442 -4.09 -17.36 26.67
N GLU D 443 -4.75 -16.43 25.96
CA GLU D 443 -5.35 -15.30 26.66
C GLU D 443 -6.45 -15.77 27.60
N TYR D 444 -7.30 -16.70 27.15
CA TYR D 444 -8.32 -17.24 28.03
C TYR D 444 -7.69 -17.89 29.26
N LYS D 445 -6.56 -18.57 29.09
CA LYS D 445 -5.92 -19.26 30.20
C LYS D 445 -5.51 -18.33 31.32
N GLU D 446 -5.34 -17.03 31.02
CA GLU D 446 -5.04 -16.08 32.06
C GLU D 446 -6.16 -15.97 33.09
N TYR D 447 -7.39 -16.40 32.75
CA TYR D 447 -8.47 -16.42 33.75
C TYR D 447 -8.19 -17.41 34.87
N LEU D 448 -7.49 -18.51 34.58
CA LEU D 448 -7.41 -19.59 35.55
C LEU D 448 -6.50 -19.19 36.71
N GLU D 449 -6.81 -19.71 37.88
CA GLU D 449 -5.98 -19.43 39.05
C GLU D 449 -4.70 -20.25 38.96
N PRO D 450 -3.53 -19.62 39.04
CA PRO D 450 -2.28 -20.39 39.00
C PRO D 450 -2.22 -21.32 40.19
N TYR D 451 -1.59 -22.48 39.99
CA TYR D 451 -1.51 -23.49 41.05
C TYR D 451 -0.73 -22.96 42.24
N SER D 452 -1.24 -23.19 43.44
CA SER D 452 -0.57 -22.74 44.65
C SER D 452 0.64 -23.62 44.97
N GLN D 453 1.54 -23.08 45.80
CA GLN D 453 2.64 -23.90 46.29
C GLN D 453 2.12 -25.16 46.99
N ASP D 454 1.03 -25.04 47.74
CA ASP D 454 0.50 -26.19 48.46
C ASP D 454 -0.05 -27.26 47.53
N VAL D 455 -0.66 -26.84 46.41
CA VAL D 455 -1.10 -27.79 45.39
C VAL D 455 0.11 -28.45 44.71
N LEU D 456 1.14 -27.66 44.41
CA LEU D 456 2.27 -28.15 43.64
C LEU D 456 3.24 -28.97 44.49
N HIS D 457 3.32 -28.67 45.78
CA HIS D 457 4.33 -29.26 46.64
C HIS D 457 3.86 -30.64 47.11
N TYR D 458 4.71 -31.64 46.96
CA TYR D 458 4.45 -32.98 47.49
C TYR D 458 5.28 -33.13 48.76
N VAL D 459 4.62 -33.00 49.92
CA VAL D 459 5.31 -33.10 51.20
C VAL D 459 5.88 -34.50 51.37
N GLY D 460 7.17 -34.59 51.70
CA GLY D 460 7.83 -35.85 51.94
C GLY D 460 8.47 -36.50 50.72
N VAL D 461 8.42 -35.88 49.55
CA VAL D 461 8.98 -36.43 48.33
C VAL D 461 9.95 -35.42 47.74
N LYS D 462 11.18 -35.86 47.48
CA LYS D 462 12.24 -34.99 46.97
C LYS D 462 12.97 -35.67 45.81
N ILE D 463 13.07 -34.98 44.67
CA ILE D 463 13.88 -35.44 43.55
C ILE D 463 15.31 -34.99 43.80
N ASN D 464 16.20 -35.95 44.07
CA ASN D 464 17.59 -35.62 44.36
C ASN D 464 18.41 -35.35 43.11
N ASP D 465 18.10 -36.05 42.00
CA ASP D 465 18.92 -35.96 40.79
C ASP D 465 18.14 -36.54 39.61
N VAL D 466 18.49 -36.06 38.41
CA VAL D 466 18.02 -36.64 37.15
C VAL D 466 19.21 -36.89 36.24
N LYS D 467 19.36 -38.12 35.76
CA LYS D 467 20.44 -38.52 34.87
C LYS D 467 19.86 -38.96 33.53
N VAL D 468 20.48 -38.50 32.44
CA VAL D 468 20.03 -38.78 31.09
C VAL D 468 21.20 -39.39 30.32
N ASP D 469 20.96 -40.51 29.63
CA ASP D 469 21.92 -41.02 28.66
C ASP D 469 22.16 -39.97 27.57
N LYS D 470 23.22 -40.16 26.80
CA LYS D 470 23.53 -39.23 25.74
C LYS D 470 22.39 -39.17 24.71
N LEU D 471 21.99 -37.96 24.34
CA LEU D 471 20.89 -37.73 23.41
C LEU D 471 21.45 -37.54 22.02
N VAL D 472 21.18 -38.51 21.14
CA VAL D 472 21.80 -38.57 19.82
C VAL D 472 20.71 -38.74 18.77
N THR D 473 20.67 -37.86 17.80
CA THR D 473 19.83 -37.99 16.63
C THR D 473 20.67 -38.39 15.42
N TYR D 474 20.00 -38.92 14.40
CA TYR D 474 20.63 -39.31 13.14
C TYR D 474 19.54 -39.47 12.08
N PHE D 475 19.97 -39.51 10.82
CA PHE D 475 19.08 -39.82 9.71
C PHE D 475 19.34 -41.24 9.23
N GLU D 476 18.28 -41.95 8.89
CA GLU D 476 18.38 -43.31 8.40
C GLU D 476 17.35 -43.47 7.29
N TYR D 477 17.64 -44.38 6.37
CA TYR D 477 16.69 -44.69 5.30
C TYR D 477 15.52 -45.48 5.85
N PHE D 478 14.32 -45.12 5.41
CA PHE D 478 13.09 -45.81 5.79
C PHE D 478 12.33 -46.15 4.51
N ASP D 479 11.99 -47.42 4.33
CA ASP D 479 11.27 -47.87 3.14
C ASP D 479 9.79 -47.88 3.43
N TRP D 480 8.99 -47.30 2.52
CA TRP D 480 7.54 -47.43 2.65
C TRP D 480 6.89 -47.68 1.30
N ASN D 481 5.69 -48.26 1.35
CA ASN D 481 5.06 -48.84 0.19
C ASN D 481 4.07 -47.87 -0.46
N ALA D 482 4.36 -47.49 -1.71
CA ALA D 482 3.55 -46.51 -2.42
C ALA D 482 2.74 -47.14 -3.56
N THR D 483 2.57 -48.46 -3.56
CA THR D 483 1.94 -49.14 -4.68
C THR D 483 0.49 -48.67 -4.92
N ASN D 484 -0.24 -48.27 -3.87
CA ASN D 484 -1.61 -47.78 -4.08
C ASN D 484 -1.66 -46.46 -4.86
N ALA D 485 -0.52 -45.84 -5.16
CA ALA D 485 -0.54 -44.63 -5.96
C ALA D 485 -0.65 -44.92 -7.45
N VAL D 486 -0.29 -46.12 -7.91
CA VAL D 486 -0.18 -46.35 -9.36
C VAL D 486 -1.46 -47.02 -9.84
N TYR D 487 -1.72 -46.89 -11.14
CA TYR D 487 -2.86 -47.57 -11.76
C TYR D 487 -2.35 -48.85 -12.42
N LEU D 488 -2.91 -49.97 -12.00
CA LEU D 488 -2.44 -51.28 -12.42
C LEU D 488 -3.22 -51.77 -13.62
N SER D 489 -2.58 -52.64 -14.40
CA SER D 489 -3.27 -53.31 -15.49
C SER D 489 -4.22 -54.36 -14.92
N GLU D 490 -5.13 -54.83 -15.77
CA GLU D 490 -6.04 -55.90 -15.34
C GLU D 490 -5.25 -57.17 -15.00
N GLN D 491 -4.23 -57.50 -15.80
CA GLN D 491 -3.41 -58.67 -15.47
C GLN D 491 -2.78 -58.50 -14.09
N GLN D 492 -2.26 -57.31 -13.79
CA GLN D 492 -1.62 -57.12 -12.50
C GLN D 492 -2.64 -57.17 -11.36
N LEU D 493 -3.84 -56.63 -11.58
CA LEU D 493 -4.87 -56.66 -10.55
C LEU D 493 -5.31 -58.10 -10.27
N ASP D 494 -5.33 -58.95 -11.29
CA ASP D 494 -5.80 -60.32 -11.14
C ASP D 494 -4.73 -61.24 -10.58
N THR D 495 -3.46 -61.04 -10.94
CA THR D 495 -2.45 -61.86 -10.26
C THR D 495 -1.77 -61.11 -9.12
N VAL D 496 -0.86 -60.20 -9.45
CA VAL D 496 -0.15 -59.40 -8.44
C VAL D 496 0.62 -58.30 -9.15
N SER D 497 0.71 -57.15 -8.51
CA SER D 497 1.44 -56.00 -9.00
C SER D 497 2.93 -56.09 -8.69
N PRO D 498 3.76 -55.36 -9.42
CA PRO D 498 5.07 -55.00 -8.89
C PRO D 498 4.89 -54.05 -7.71
N SER D 499 5.90 -53.98 -6.88
CA SER D 499 5.87 -53.11 -5.71
C SER D 499 6.64 -51.83 -6.02
N TYR D 500 6.09 -50.70 -5.59
CA TYR D 500 6.75 -49.41 -5.72
C TYR D 500 7.05 -48.88 -4.32
N ILE D 501 8.31 -48.92 -3.93
CA ILE D 501 8.76 -48.65 -2.56
C ILE D 501 9.54 -47.33 -2.57
N VAL D 502 9.15 -46.41 -1.69
CA VAL D 502 9.87 -45.16 -1.50
C VAL D 502 10.94 -45.36 -0.42
N ARG D 503 12.16 -44.93 -0.70
CA ARG D 503 13.26 -45.01 0.27
C ARG D 503 13.68 -43.59 0.61
N GLN D 504 13.51 -43.22 1.88
CA GLN D 504 13.52 -41.84 2.31
C GLN D 504 14.28 -41.71 3.62
N PRO D 505 15.21 -40.76 3.74
CA PRO D 505 15.85 -40.52 5.05
C PRO D 505 14.82 -40.00 6.03
N ARG D 506 14.89 -40.50 7.26
CA ARG D 506 14.00 -39.98 8.29
C ARG D 506 14.80 -39.77 9.57
N LEU D 507 14.41 -38.73 10.31
CA LEU D 507 15.00 -38.47 11.61
C LEU D 507 14.73 -39.64 12.55
N ASN D 508 15.70 -39.91 13.43
CA ASN D 508 15.52 -40.86 14.51
C ASN D 508 16.48 -40.45 15.61
N ASN D 509 16.29 -41.06 16.79
CA ASN D 509 17.14 -40.86 17.94
C ASN D 509 17.54 -42.22 18.53
N LYS D 510 18.74 -42.27 19.13
CA LYS D 510 19.19 -43.47 19.84
C LYS D 510 18.42 -43.66 21.15
N PRO D 511 18.10 -44.90 21.51
CA PRO D 511 17.41 -45.14 22.79
C PRO D 511 18.19 -44.56 23.97
N PHE D 512 17.46 -43.93 24.87
CA PHE D 512 18.07 -43.32 26.04
C PHE D 512 17.19 -43.60 27.24
N THR D 513 17.81 -43.62 28.41
CA THR D 513 17.13 -43.88 29.66
C THR D 513 17.22 -42.65 30.54
N VAL D 514 16.11 -42.34 31.21
CA VAL D 514 16.06 -41.30 32.22
C VAL D 514 16.04 -41.97 33.59
N ASN D 515 17.01 -41.62 34.43
CA ASN D 515 17.10 -42.11 35.81
C ASN D 515 16.79 -41.00 36.80
N ILE D 516 15.79 -41.22 37.65
CA ILE D 516 15.25 -40.21 38.56
C ILE D 516 15.53 -40.66 40.00
N ASP D 517 16.23 -39.82 40.75
CA ASP D 517 16.56 -40.09 42.16
C ASP D 517 15.59 -39.38 43.09
N ILE D 518 14.86 -40.16 43.89
CA ILE D 518 13.78 -39.64 44.71
C ILE D 518 13.97 -40.11 46.15
N LYS D 519 14.00 -39.16 47.09
CA LYS D 519 13.97 -39.46 48.51
C LYS D 519 12.52 -39.32 48.99
N SER D 520 12.00 -40.36 49.62
CA SER D 520 10.60 -40.37 50.05
C SER D 520 10.54 -40.62 51.55
N ASP D 521 9.85 -39.73 52.27
CA ASP D 521 9.62 -39.96 53.69
C ASP D 521 8.71 -41.16 53.92
N VAL D 522 7.69 -41.31 53.08
CA VAL D 522 6.68 -42.34 53.31
C VAL D 522 6.53 -43.20 52.07
N GLU D 523 5.99 -44.39 52.28
CA GLU D 523 5.63 -45.29 51.19
C GLU D 523 4.33 -44.84 50.55
N SER D 524 4.36 -44.58 49.23
CA SER D 524 3.21 -44.00 48.56
C SER D 524 3.28 -44.29 47.06
N GLU D 525 2.11 -44.44 46.46
CA GLU D 525 2.00 -44.55 45.01
C GLU D 525 1.89 -43.16 44.38
N VAL D 526 2.72 -42.89 43.37
CA VAL D 526 2.89 -41.56 42.81
C VAL D 526 2.73 -41.57 41.29
N VAL D 527 2.52 -40.37 40.73
CA VAL D 527 2.56 -40.11 39.30
C VAL D 527 3.85 -39.37 38.98
N VAL D 528 4.53 -39.83 37.93
CA VAL D 528 5.69 -39.15 37.37
C VAL D 528 5.34 -38.70 35.96
N LYS D 529 5.69 -37.47 35.63
CA LYS D 529 5.61 -36.95 34.27
C LYS D 529 6.99 -36.44 33.86
N ILE D 530 7.29 -36.57 32.57
CA ILE D 530 8.52 -36.04 32.00
C ILE D 530 8.16 -35.14 30.82
N PHE D 531 8.66 -33.90 30.83
CA PHE D 531 8.43 -32.92 29.77
C PHE D 531 9.76 -32.51 29.12
N LEU D 532 9.69 -32.07 27.86
CA LEU D 532 10.86 -31.58 27.14
C LEU D 532 10.55 -30.19 26.59
N GLY D 533 11.46 -29.25 26.78
CA GLY D 533 11.21 -27.89 26.37
C GLY D 533 12.45 -27.18 25.89
N PRO D 534 12.27 -26.03 25.23
CA PRO D 534 13.41 -25.24 24.77
C PRO D 534 14.10 -24.55 25.93
N LYS D 535 15.37 -24.21 25.70
CA LYS D 535 16.18 -23.42 26.62
C LYS D 535 16.32 -21.97 26.17
N TYR D 536 16.66 -21.77 24.90
CA TYR D 536 16.90 -20.46 24.32
C TYR D 536 15.90 -20.14 23.23
N ASP D 537 15.51 -18.87 23.14
CA ASP D 537 14.65 -18.45 22.05
C ASP D 537 15.51 -18.15 20.81
N GLY D 538 14.87 -17.68 19.73
CA GLY D 538 15.60 -17.36 18.51
C GLY D 538 16.59 -16.21 18.66
N ASN D 539 16.42 -15.39 19.68
CA ASN D 539 17.37 -14.31 19.92
C ASN D 539 18.55 -14.71 20.78
N GLY D 540 18.64 -15.99 21.13
CA GLY D 540 19.75 -16.50 21.93
C GLY D 540 19.61 -16.20 23.40
N LEU D 541 18.41 -15.84 23.85
CA LEU D 541 18.21 -15.50 25.25
C LEU D 541 17.46 -16.61 25.97
N PRO D 542 17.83 -16.92 27.22
CA PRO D 542 17.14 -17.98 27.95
C PRO D 542 15.68 -17.62 28.17
N ILE D 543 14.80 -18.59 27.89
CA ILE D 543 13.37 -18.38 28.03
C ILE D 543 12.99 -18.64 29.48
N SER D 544 12.43 -17.64 30.13
CA SER D 544 11.97 -17.80 31.50
C SER D 544 10.71 -18.65 31.54
N LEU D 545 10.47 -19.28 32.69
CA LEU D 545 9.38 -20.23 32.82
C LEU D 545 8.02 -19.56 32.63
N GLU D 546 7.87 -18.27 32.98
CA GLU D 546 6.58 -17.65 32.74
C GLU D 546 6.23 -17.56 31.27
N ASP D 547 7.22 -17.54 30.40
CA ASP D 547 6.96 -17.57 28.97
C ASP D 547 7.06 -18.98 28.41
N ASN D 548 7.81 -19.88 29.07
CA ASN D 548 8.15 -21.17 28.48
C ASN D 548 7.18 -22.28 28.78
N TRP D 549 6.22 -22.06 29.70
CA TRP D 549 5.37 -23.17 30.11
C TRP D 549 4.59 -23.76 28.94
N ILE D 550 4.21 -22.93 27.95
CA ILE D 550 3.50 -23.40 26.76
C ILE D 550 4.38 -24.18 25.82
N ASN D 551 5.70 -24.02 25.92
CA ASN D 551 6.58 -24.70 24.99
C ASN D 551 6.97 -26.09 25.46
N PHE D 552 6.69 -26.45 26.72
CA PHE D 552 7.10 -27.76 27.20
C PHE D 552 6.20 -28.82 26.56
N ILE D 553 6.82 -29.92 26.14
CA ILE D 553 6.16 -31.00 25.45
C ILE D 553 6.12 -32.20 26.39
N GLU D 554 4.93 -32.71 26.64
CA GLU D 554 4.76 -33.84 27.54
C GLU D 554 5.27 -35.12 26.87
N LEU D 555 6.27 -35.76 27.50
CA LEU D 555 6.85 -37.00 26.96
C LEU D 555 6.32 -38.26 27.62
N ASP D 556 6.10 -38.26 28.93
CA ASP D 556 5.86 -39.51 29.65
C ASP D 556 4.93 -39.24 30.83
N TRP D 557 4.22 -40.28 31.23
CA TRP D 557 3.12 -40.16 32.20
C TRP D 557 2.92 -41.56 32.77
N PHE D 558 3.30 -41.78 34.02
CA PHE D 558 3.18 -43.14 34.55
C PHE D 558 3.14 -43.12 36.07
N THR D 559 2.61 -44.21 36.65
CA THR D 559 2.55 -44.37 38.10
C THR D 559 3.71 -45.22 38.60
N HIS D 560 4.02 -45.04 39.88
CA HIS D 560 5.13 -45.75 40.49
C HIS D 560 4.90 -45.80 41.99
N LYS D 561 5.34 -46.88 42.64
CA LYS D 561 5.24 -47.01 44.09
C LYS D 561 6.59 -46.65 44.68
N LEU D 562 6.62 -45.60 45.50
CA LEU D 562 7.85 -45.21 46.18
C LEU D 562 7.92 -45.94 47.51
N THR D 563 9.09 -46.50 47.81
CA THR D 563 9.37 -47.00 49.15
C THR D 563 9.97 -45.88 49.97
N SER D 564 9.97 -46.08 51.29
CA SER D 564 10.58 -45.10 52.17
C SER D 564 12.07 -45.00 51.88
N GLY D 565 12.59 -43.78 51.85
CA GLY D 565 14.01 -43.60 51.59
C GLY D 565 14.36 -43.37 50.15
N GLN D 566 15.55 -43.82 49.75
CA GLN D 566 16.02 -43.58 48.39
C GLN D 566 15.33 -44.50 47.40
N ASN D 567 14.87 -43.91 46.30
CA ASN D 567 14.30 -44.61 45.17
C ASN D 567 15.05 -44.17 43.93
N LYS D 568 15.24 -45.10 42.99
CA LYS D 568 15.70 -44.74 41.64
C LYS D 568 14.73 -45.31 40.64
N ILE D 569 14.22 -44.45 39.77
CA ILE D 569 13.30 -44.83 38.71
C ILE D 569 14.05 -44.73 37.39
N ALA D 570 14.12 -45.84 36.70
CA ALA D 570 14.72 -45.96 35.38
C ALA D 570 13.61 -46.06 34.35
N ARG D 571 13.52 -45.05 33.49
CA ARG D 571 12.47 -44.95 32.49
C ARG D 571 13.09 -44.89 31.09
N LYS D 572 12.79 -45.89 30.25
CA LYS D 572 13.34 -45.96 28.89
C LYS D 572 12.52 -45.13 27.92
N SER D 573 13.20 -44.52 26.93
CA SER D 573 12.50 -43.71 25.92
C SER D 573 11.49 -44.55 25.15
N GLU D 574 11.79 -45.83 24.96
CA GLU D 574 10.88 -46.79 24.35
C GLU D 574 9.65 -47.08 25.20
N GLU D 575 9.65 -46.66 26.47
CA GLU D 575 8.48 -46.81 27.32
C GLU D 575 7.68 -45.52 27.45
N PHE D 576 8.13 -44.42 26.86
CA PHE D 576 7.44 -43.15 27.06
C PHE D 576 5.98 -43.27 26.62
N PHE D 577 5.08 -42.77 27.49
CA PHE D 577 3.66 -42.95 27.29
C PHE D 577 3.17 -42.34 25.98
N PHE D 578 3.73 -41.19 25.61
CA PHE D 578 3.19 -40.38 24.53
C PHE D 578 3.85 -40.63 23.17
N PHE D 579 4.62 -41.71 23.00
CA PHE D 579 5.29 -42.01 21.74
C PHE D 579 5.10 -43.48 21.38
N LYS D 580 5.10 -43.76 20.07
CA LYS D 580 4.79 -45.08 19.54
C LYS D 580 5.91 -45.57 18.63
N ASP D 581 5.93 -46.86 18.40
CA ASP D 581 6.76 -47.44 17.36
C ASP D 581 6.24 -47.04 15.97
N ASP D 582 7.13 -47.11 14.97
CA ASP D 582 6.75 -46.88 13.59
C ASP D 582 5.60 -47.80 13.20
N SER D 583 4.71 -47.30 12.35
CA SER D 583 3.77 -48.18 11.68
C SER D 583 4.54 -49.25 10.92
N VAL D 584 3.90 -50.38 10.72
CA VAL D 584 4.52 -51.48 10.00
C VAL D 584 3.96 -51.49 8.59
N SER D 585 4.79 -51.90 7.65
CA SER D 585 4.40 -51.81 6.25
C SER D 585 3.38 -52.89 5.90
N LEU D 586 2.69 -52.66 4.79
CA LEU D 586 1.60 -53.53 4.35
C LEU D 586 2.05 -54.99 4.26
N PHE D 587 3.24 -55.23 3.71
CA PHE D 587 3.68 -56.61 3.54
C PHE D 587 3.87 -57.30 4.89
N LYS D 588 4.46 -56.59 5.85
CA LYS D 588 4.64 -57.15 7.19
C LYS D 588 3.30 -57.42 7.87
N ILE D 589 2.32 -56.54 7.65
CA ILE D 589 0.97 -56.77 8.19
C ILE D 589 0.40 -58.08 7.67
N TYR D 590 0.52 -58.33 6.35
CA TYR D 590 0.04 -59.58 5.76
C TYR D 590 0.78 -60.78 6.31
N GLU D 591 2.10 -60.65 6.47
CA GLU D 591 2.90 -61.73 7.01
C GLU D 591 2.50 -62.08 8.44
N LEU D 592 2.43 -61.06 9.31
CA LEU D 592 2.00 -61.28 10.69
C LEU D 592 0.59 -61.86 10.74
N LEU D 593 -0.28 -61.42 9.83
CA LEU D 593 -1.65 -61.90 9.79
C LEU D 593 -1.71 -63.41 9.59
N SER D 594 -0.87 -63.94 8.70
CA SER D 594 -0.83 -65.39 8.50
C SER D 594 -0.38 -66.14 9.74
N ASN D 595 0.28 -65.47 10.70
CA ASN D 595 0.57 -66.02 12.02
C ASN D 595 -0.40 -65.54 13.11
N GLY D 596 -1.53 -64.96 12.74
CA GLY D 596 -2.48 -64.49 13.73
C GLY D 596 -2.03 -63.32 14.57
N GLN D 597 -1.16 -62.46 14.02
CA GLN D 597 -0.58 -61.35 14.76
C GLN D 597 -0.96 -60.03 14.13
N VAL D 598 -0.90 -58.97 14.95
CA VAL D 598 -1.04 -57.59 14.47
C VAL D 598 -0.01 -56.72 15.17
N PRO D 599 0.39 -55.62 14.53
CA PRO D 599 1.30 -54.67 15.20
C PRO D 599 0.60 -53.96 16.35
N SER D 600 1.10 -54.17 17.56
CA SER D 600 0.41 -53.70 18.77
C SER D 600 0.26 -52.19 18.80
N TYR D 601 1.34 -51.45 18.52
CA TYR D 601 1.24 -49.99 18.57
C TYR D 601 0.30 -49.46 17.52
N MET D 602 0.19 -50.13 16.37
CA MET D 602 -0.71 -49.65 15.33
C MET D 602 -2.17 -49.77 15.75
N VAL D 603 -2.52 -50.78 16.55
CA VAL D 603 -3.90 -50.99 16.93
C VAL D 603 -4.29 -50.14 18.12
N ASP D 604 -3.45 -50.12 19.16
CA ASP D 604 -3.84 -49.48 20.41
C ASP D 604 -3.36 -48.04 20.52
N ARG D 605 -2.23 -47.69 19.92
CA ARG D 605 -1.64 -46.38 20.17
C ARG D 605 -1.20 -45.68 18.89
N TYR D 606 -2.01 -45.80 17.83
CA TYR D 606 -1.75 -45.09 16.58
C TYR D 606 -1.88 -43.58 16.76
N ILE D 607 -2.50 -43.13 17.86
CA ILE D 607 -2.73 -41.70 18.09
C ILE D 607 -1.56 -40.96 18.68
N TYR D 608 -0.41 -41.60 18.90
CA TYR D 608 0.72 -40.94 19.54
C TYR D 608 1.82 -40.62 18.53
N LEU D 609 2.66 -39.66 18.89
CA LEU D 609 3.74 -39.24 18.01
C LEU D 609 4.72 -40.39 17.78
N PRO D 610 5.29 -40.50 16.59
CA PRO D 610 6.34 -41.50 16.37
C PRO D 610 7.51 -41.27 17.32
N ARG D 611 8.00 -42.36 17.92
CA ARG D 611 9.08 -42.24 18.89
C ARG D 611 10.32 -41.60 18.28
N ARG D 612 10.54 -41.82 16.98
CA ARG D 612 11.71 -41.29 16.28
C ARG D 612 11.73 -39.77 16.21
N LEU D 613 10.61 -39.11 16.52
CA LEU D 613 10.56 -37.66 16.45
C LEU D 613 10.68 -36.99 17.81
N ILE D 614 11.01 -37.75 18.87
CA ILE D 614 11.06 -37.18 20.23
C ILE D 614 11.98 -35.95 20.25
N LEU D 615 13.18 -36.10 19.70
CA LEU D 615 14.17 -35.06 19.82
C LEU D 615 14.27 -34.26 18.53
N PRO D 616 14.38 -32.94 18.61
CA PRO D 616 14.70 -32.17 17.41
C PRO D 616 16.09 -32.56 16.93
N ARG D 617 16.34 -32.35 15.63
CA ARG D 617 17.61 -32.78 15.08
C ARG D 617 18.73 -32.00 15.76
N GLY D 618 19.69 -32.74 16.32
CA GLY D 618 20.82 -32.21 17.07
C GLY D 618 21.96 -31.62 16.26
N THR D 619 22.98 -31.18 17.01
CA THR D 619 24.24 -30.66 16.47
C THR D 619 25.38 -31.50 17.05
N GLN D 620 26.55 -31.45 16.40
CA GLN D 620 27.65 -32.30 16.86
C GLN D 620 28.07 -32.00 18.30
N ARG D 621 28.13 -30.73 18.68
CA ARG D 621 28.44 -30.45 20.08
C ARG D 621 27.21 -30.45 20.97
N GLY D 622 26.00 -30.51 20.42
CA GLY D 622 24.81 -30.52 21.23
C GLY D 622 23.92 -29.31 21.41
N PHE D 623 22.71 -29.41 20.86
CA PHE D 623 21.68 -28.38 20.91
C PHE D 623 21.04 -28.37 22.30
N PRO D 624 20.98 -27.22 22.97
CA PRO D 624 20.52 -27.19 24.36
C PRO D 624 19.00 -27.27 24.49
N LEU D 625 18.56 -28.09 25.45
CA LEU D 625 17.15 -28.26 25.79
C LEU D 625 17.04 -28.40 27.31
N GLN D 626 15.80 -28.38 27.79
CA GLN D 626 15.47 -28.51 29.21
C GLN D 626 14.62 -29.76 29.43
N LEU D 627 15.01 -30.61 30.37
CA LEU D 627 14.17 -31.71 30.81
C LEU D 627 13.48 -31.32 32.12
N PHE D 628 12.16 -31.50 32.19
CA PHE D 628 11.41 -31.22 33.41
C PHE D 628 10.74 -32.50 33.91
N VAL D 629 10.98 -32.83 35.18
CA VAL D 629 10.43 -34.01 35.83
C VAL D 629 9.65 -33.56 37.07
N VAL D 630 8.45 -34.12 37.23
CA VAL D 630 7.60 -33.82 38.39
C VAL D 630 7.03 -35.11 38.94
N VAL D 631 6.96 -35.22 40.27
CA VAL D 631 6.32 -36.32 40.98
C VAL D 631 5.26 -35.73 41.90
N TYR D 632 4.03 -36.23 41.82
CA TYR D 632 2.93 -35.74 42.63
C TYR D 632 2.05 -36.94 42.99
N PRO D 633 1.18 -36.80 44.00
CA PRO D 633 0.44 -37.97 44.47
C PRO D 633 -0.51 -38.53 43.42
N TYR D 634 -0.66 -39.85 43.43
CA TYR D 634 -1.54 -40.55 42.50
C TYR D 634 -2.95 -40.60 43.06
N GLN D 635 -3.91 -40.08 42.27
CA GLN D 635 -5.33 -40.27 42.51
C GLN D 635 -5.92 -40.99 41.31
N ALA D 636 -6.51 -42.15 41.56
CA ALA D 636 -7.03 -42.97 40.46
C ALA D 636 -8.11 -42.20 39.71
N PRO D 637 -8.17 -42.30 38.38
CA PRO D 637 -9.30 -41.71 37.66
C PRO D 637 -10.59 -42.37 38.14
N VAL D 638 -11.56 -41.53 38.51
CA VAL D 638 -12.80 -42.03 39.10
C VAL D 638 -13.56 -42.88 38.08
N LYS D 639 -14.49 -43.69 38.59
CA LYS D 639 -15.12 -44.73 37.79
C LYS D 639 -15.66 -44.23 36.45
N GLU D 640 -16.28 -43.06 36.43
CA GLU D 640 -16.85 -42.52 35.20
C GLU D 640 -15.97 -42.71 33.97
N TRP D 641 -14.64 -42.74 34.14
CA TRP D 641 -13.74 -42.93 33.01
C TRP D 641 -12.78 -44.11 33.21
N GLU D 642 -13.26 -45.22 33.78
CA GLU D 642 -12.35 -46.37 33.92
C GLU D 642 -12.08 -47.09 32.61
N SER D 643 -12.97 -46.97 31.63
CA SER D 643 -12.80 -47.73 30.40
C SER D 643 -11.55 -47.32 29.62
N MET D 644 -11.29 -46.03 29.48
CA MET D 644 -10.13 -45.56 28.71
C MET D 644 -8.92 -45.27 29.60
N ARG D 645 -8.58 -46.19 30.51
CA ARG D 645 -7.52 -45.93 31.49
C ARG D 645 -6.13 -45.94 30.86
N GLN D 646 -5.90 -46.77 29.85
CA GLN D 646 -4.57 -46.79 29.23
C GLN D 646 -4.26 -45.52 28.47
N TYR D 647 -5.24 -44.62 28.31
CA TYR D 647 -5.03 -43.31 27.73
C TYR D 647 -5.04 -42.19 28.76
N ILE D 648 -5.48 -42.45 29.99
CA ILE D 648 -5.61 -41.45 31.04
C ILE D 648 -5.07 -42.04 32.34
N VAL D 649 -3.91 -41.55 32.79
CA VAL D 649 -3.23 -42.18 33.92
C VAL D 649 -3.83 -41.74 35.26
N ASP D 650 -4.25 -40.48 35.36
CA ASP D 650 -4.81 -39.96 36.60
C ASP D 650 -5.95 -39.00 36.25
N ASN D 651 -6.39 -38.24 37.24
CA ASN D 651 -7.56 -37.37 37.08
C ASN D 651 -7.18 -35.92 36.78
N LYS D 652 -5.91 -35.66 36.52
CA LYS D 652 -5.43 -34.30 36.38
C LYS D 652 -5.73 -33.73 34.99
N PRO D 653 -5.72 -32.40 34.86
CA PRO D 653 -5.83 -31.80 33.51
C PRO D 653 -4.71 -32.28 32.60
N PHE D 654 -5.05 -32.49 31.33
CA PHE D 654 -4.02 -32.83 30.35
C PHE D 654 -2.97 -31.72 30.34
N GLY D 655 -1.71 -32.13 30.31
CA GLY D 655 -0.63 -31.18 30.36
C GLY D 655 -0.23 -30.71 31.74
N TYR D 656 -0.92 -31.18 32.79
CA TYR D 656 -0.58 -30.76 34.15
C TYR D 656 0.88 -31.07 34.47
N PRO D 657 1.61 -30.17 35.13
CA PRO D 657 1.20 -28.89 35.72
C PRO D 657 1.42 -27.69 34.80
N PHE D 658 1.53 -27.88 33.48
CA PHE D 658 1.72 -26.79 32.54
C PHE D 658 0.47 -26.52 31.71
N ASP D 659 -0.72 -26.80 32.25
CA ASP D 659 -1.96 -26.54 31.51
C ASP D 659 -2.45 -25.10 31.65
N ARG D 660 -1.79 -24.29 32.46
CA ARG D 660 -2.24 -22.92 32.70
C ARG D 660 -1.00 -22.07 32.98
N PRO D 661 -1.14 -20.75 32.92
CA PRO D 661 0.04 -19.89 33.08
C PRO D 661 0.77 -20.09 34.40
N VAL D 662 2.09 -20.07 34.33
CA VAL D 662 2.96 -20.00 35.51
C VAL D 662 3.29 -18.52 35.71
N THR D 663 2.71 -17.89 36.73
CA THR D 663 2.99 -16.48 36.93
C THR D 663 4.10 -16.24 37.93
N LEU D 664 4.33 -17.14 38.88
CA LEU D 664 5.41 -17.03 39.86
C LEU D 664 6.25 -18.32 39.87
N PRO D 665 7.37 -18.39 39.15
CA PRO D 665 8.13 -19.66 39.06
C PRO D 665 8.64 -20.20 40.35
N TYR D 666 8.91 -19.34 41.33
CA TYR D 666 9.46 -19.89 42.56
C TYR D 666 8.45 -20.83 43.19
N TYR D 667 7.19 -20.75 42.75
CA TYR D 667 6.20 -21.77 43.08
C TYR D 667 6.59 -23.14 42.52
N PHE D 668 7.36 -23.17 41.44
CA PHE D 668 7.84 -24.40 40.83
C PHE D 668 9.20 -24.80 41.36
N ASN D 669 9.73 -24.08 42.34
CA ASN D 669 10.93 -24.53 43.02
C ASN D 669 10.50 -25.47 44.14
N GLN D 670 9.98 -26.61 43.72
CA GLN D 670 9.53 -27.58 44.68
C GLN D 670 10.46 -28.79 44.70
N PRO D 671 10.62 -29.42 45.87
CA PRO D 671 11.49 -30.60 45.94
C PRO D 671 11.05 -31.73 45.02
N ASN D 672 9.76 -31.84 44.73
CA ASN D 672 9.26 -32.89 43.85
C ASN D 672 9.30 -32.49 42.38
N MET D 673 10.04 -31.43 42.03
CA MET D 673 10.24 -31.02 40.65
C MET D 673 11.74 -30.87 40.36
N TYR D 674 12.11 -31.00 39.09
CA TYR D 674 13.52 -30.93 38.72
C TYR D 674 13.63 -30.45 37.28
N PHE D 675 14.45 -29.43 37.08
CA PHE D 675 14.76 -28.93 35.75
C PHE D 675 16.20 -29.31 35.42
N LYS D 676 16.40 -29.98 34.29
CA LYS D 676 17.75 -30.39 33.91
C LYS D 676 18.07 -29.95 32.49
N ASP D 677 19.19 -29.25 32.35
CA ASP D 677 19.72 -28.90 31.04
C ASP D 677 20.25 -30.16 30.38
N VAL D 678 19.87 -30.38 29.11
CA VAL D 678 20.33 -31.51 28.35
C VAL D 678 20.73 -31.03 26.96
N TYR D 679 21.56 -31.85 26.29
CA TYR D 679 22.08 -31.48 24.98
C TYR D 679 21.84 -32.62 23.98
N VAL D 680 21.45 -32.25 22.77
CA VAL D 680 21.13 -33.23 21.74
C VAL D 680 22.26 -33.23 20.71
N TYR D 681 22.87 -34.40 20.50
CA TYR D 681 24.00 -34.55 19.60
C TYR D 681 23.55 -35.20 18.30
N GLN D 682 24.10 -34.74 17.18
CA GLN D 682 23.80 -35.31 15.87
C GLN D 682 24.99 -36.14 15.40
N GLU D 683 24.70 -37.35 14.92
CA GLU D 683 25.67 -38.29 14.39
C GLU D 683 25.53 -38.40 12.87
N GLY D 684 26.65 -38.58 12.19
CA GLY D 684 26.60 -38.77 10.75
C GLY D 684 26.32 -37.49 9.98
N GLU D 685 25.81 -37.66 8.76
CA GLU D 685 25.46 -36.52 7.94
C GLU D 685 24.44 -35.64 8.67
N GLN D 686 24.64 -34.31 8.63
CA GLN D 686 23.69 -33.37 9.20
C GLN D 686 22.55 -33.04 8.24
N TYR D 687 22.77 -33.21 6.93
CA TYR D 687 21.68 -32.90 6.03
C TYR D 687 21.12 -34.20 5.45
N PRO D 688 19.82 -34.22 5.14
CA PRO D 688 19.21 -35.45 4.60
C PRO D 688 19.35 -35.63 3.09
N TYR D 689 20.00 -34.74 2.33
CA TYR D 689 19.91 -34.79 0.87
C TYR D 689 21.09 -35.52 0.18
N TYR D 690 22.09 -36.00 0.90
CA TYR D 690 23.22 -36.67 0.25
C TYR D 690 22.91 -38.15 -0.02
N ASN D 691 21.87 -38.40 -0.80
CA ASN D 691 21.48 -39.76 -1.15
C ASN D 691 21.83 -40.12 -2.59
N SER D 692 22.71 -39.34 -3.23
CA SER D 692 23.07 -39.53 -4.62
C SER D 692 23.92 -40.80 -4.80
N TYR D 693 23.91 -41.31 -6.03
CA TYR D 693 24.67 -42.52 -6.35
C TYR D 693 26.16 -42.32 -6.08
N TRP D 694 26.70 -41.17 -6.47
CA TRP D 694 28.09 -40.83 -6.21
C TRP D 694 28.34 -40.60 -4.71
N TYR E 18 -34.02 4.91 -35.01
CA TYR E 18 -34.91 4.54 -33.93
C TYR E 18 -36.32 5.10 -34.26
N PRO E 19 -37.36 4.29 -34.11
CA PRO E 19 -38.73 4.79 -34.29
C PRO E 19 -39.18 5.76 -33.20
N GLN E 20 -40.24 6.50 -33.52
CA GLN E 20 -40.92 7.32 -32.52
C GLN E 20 -41.99 6.52 -31.78
N TYR E 21 -42.19 6.87 -30.52
CA TYR E 21 -43.07 6.14 -29.62
C TYR E 21 -44.46 6.78 -29.61
N HIS E 22 -45.48 5.97 -29.90
CA HIS E 22 -46.87 6.32 -29.61
C HIS E 22 -47.57 5.11 -29.04
N TYR E 23 -48.27 5.32 -27.92
CA TYR E 23 -49.07 4.28 -27.28
C TYR E 23 -50.29 4.97 -26.68
N ASP E 24 -51.48 4.52 -27.07
CA ASP E 24 -52.69 4.97 -26.41
C ASP E 24 -52.78 4.31 -25.04
N VAL E 25 -53.04 5.12 -24.02
CA VAL E 25 -52.92 4.72 -22.63
C VAL E 25 -54.31 4.49 -22.06
N GLU E 26 -54.44 3.40 -21.29
CA GLU E 26 -55.70 3.08 -20.62
C GLU E 26 -56.07 4.14 -19.59
N THR E 27 -57.30 4.62 -19.68
CA THR E 27 -57.80 5.69 -18.82
C THR E 27 -59.06 5.21 -18.10
N ARG E 28 -59.30 5.81 -16.94
CA ARG E 28 -60.55 5.63 -16.23
C ARG E 28 -60.95 6.98 -15.63
N LYS E 29 -62.25 7.18 -15.51
CA LYS E 29 -62.77 8.45 -15.04
C LYS E 29 -62.34 8.74 -13.62
N LEU E 30 -62.03 10.01 -13.36
CA LEU E 30 -61.79 10.47 -12.01
C LEU E 30 -63.13 10.78 -11.35
N ASP E 31 -63.28 10.31 -10.11
CA ASP E 31 -64.50 10.57 -9.36
C ASP E 31 -64.67 12.08 -9.24
N PRO E 32 -65.85 12.63 -9.59
CA PRO E 32 -65.97 14.10 -9.68
C PRO E 32 -65.59 14.86 -8.42
N SER E 33 -65.63 14.24 -7.24
CA SER E 33 -65.22 14.93 -6.02
C SER E 33 -63.71 15.25 -6.00
N LEU E 34 -62.91 14.58 -6.82
CA LEU E 34 -61.47 14.77 -6.85
C LEU E 34 -60.99 15.77 -7.90
N LEU E 35 -61.89 16.33 -8.71
CA LEU E 35 -61.48 17.13 -9.85
C LEU E 35 -60.77 18.42 -9.42
N ASN E 36 -61.35 19.11 -8.43
CA ASN E 36 -60.75 20.34 -7.90
C ASN E 36 -59.44 20.05 -7.17
N ILE E 37 -59.41 18.97 -6.38
CA ILE E 37 -58.20 18.60 -5.66
C ILE E 37 -57.08 18.32 -6.65
N GLN E 38 -57.39 17.60 -7.74
CA GLN E 38 -56.41 17.30 -8.78
C GLN E 38 -55.85 18.57 -9.42
N THR E 39 -56.72 19.55 -9.69
CA THR E 39 -56.30 20.81 -10.30
C THR E 39 -55.39 21.60 -9.36
N LYS E 40 -55.80 21.72 -8.10
CA LYS E 40 -54.99 22.48 -7.14
C LYS E 40 -53.64 21.80 -6.93
N VAL E 41 -53.62 20.47 -6.85
CA VAL E 41 -52.36 19.76 -6.64
C VAL E 41 -51.40 20.04 -7.79
N LEU E 42 -51.88 19.99 -9.03
CA LEU E 42 -51.01 20.28 -10.16
C LEU E 42 -50.49 21.72 -10.13
N SER E 43 -51.35 22.69 -9.79
CA SER E 43 -50.92 24.09 -9.82
C SER E 43 -49.85 24.36 -8.77
N LEU E 44 -49.92 23.71 -7.60
CA LEU E 44 -48.86 23.89 -6.62
C LEU E 44 -47.54 23.23 -7.06
N LEU E 45 -47.58 22.31 -8.03
CA LEU E 45 -46.37 21.69 -8.54
C LEU E 45 -45.79 22.40 -9.76
N GLU E 46 -46.57 23.25 -10.45
CA GLU E 46 -46.07 23.85 -11.68
C GLU E 46 -44.99 24.86 -11.37
N ASN E 47 -43.83 24.70 -12.00
CA ASN E 47 -42.69 25.58 -11.81
C ASN E 47 -42.38 25.84 -10.33
N TRP E 48 -42.37 24.76 -9.56
CA TRP E 48 -42.14 24.83 -8.11
C TRP E 48 -40.80 25.47 -7.73
N LYS E 49 -39.84 25.54 -8.66
CA LYS E 49 -38.57 26.21 -8.35
C LYS E 49 -38.72 27.72 -8.17
N GLN E 50 -39.86 28.30 -8.57
CA GLN E 50 -40.05 29.73 -8.52
C GLN E 50 -41.35 30.04 -7.78
N VAL E 51 -41.45 31.27 -7.29
CA VAL E 51 -42.67 31.78 -6.69
C VAL E 51 -43.16 32.94 -7.54
N ASN E 52 -44.39 32.83 -8.03
CA ASN E 52 -44.98 33.91 -8.81
C ASN E 52 -45.95 34.69 -7.93
N PRO E 53 -45.67 35.97 -7.66
CA PRO E 53 -46.53 36.74 -6.76
C PRO E 53 -47.97 36.86 -7.26
N ASP E 54 -48.20 36.73 -8.57
CA ASP E 54 -49.54 36.85 -9.12
C ASP E 54 -50.36 35.57 -9.02
N ASP E 55 -49.76 34.43 -8.67
CA ASP E 55 -50.51 33.19 -8.58
C ASP E 55 -51.39 33.16 -7.32
N GLU E 56 -52.42 32.31 -7.37
CA GLU E 56 -53.40 32.24 -6.28
C GLU E 56 -52.77 31.84 -4.96
N TYR E 57 -51.84 30.88 -4.97
CA TYR E 57 -51.27 30.40 -3.70
C TYR E 57 -50.46 31.47 -2.97
N TYR E 58 -49.99 32.52 -3.66
CA TYR E 58 -49.01 33.40 -3.06
C TYR E 58 -49.56 34.15 -1.85
N LYS E 59 -50.66 34.88 -2.02
CA LYS E 59 -51.20 35.64 -0.90
C LYS E 59 -51.67 34.71 0.22
N ILE E 60 -52.27 33.59 -0.14
CA ILE E 60 -52.64 32.60 0.87
C ILE E 60 -51.41 32.15 1.65
N GLY E 61 -50.36 31.74 0.92
CA GLY E 61 -49.17 31.24 1.58
C GLY E 61 -48.44 32.30 2.36
N LYS E 62 -48.39 33.52 1.84
CA LYS E 62 -47.69 34.59 2.54
C LYS E 62 -48.34 34.89 3.88
N GLU E 63 -49.67 34.87 3.94
CA GLU E 63 -50.39 35.31 5.12
C GLU E 63 -50.73 34.17 6.07
N TYR E 64 -50.54 32.91 5.68
CA TYR E 64 -50.96 31.80 6.52
C TYR E 64 -50.06 31.63 7.74
N ASN E 65 -50.68 31.48 8.91
CA ASN E 65 -49.96 31.32 10.16
C ASN E 65 -50.25 29.95 10.75
N VAL E 66 -49.23 29.09 10.74
CA VAL E 66 -49.35 27.71 11.22
C VAL E 66 -49.73 27.72 12.70
N GLU E 67 -49.05 28.55 13.49
CA GLU E 67 -49.29 28.58 14.93
C GLU E 67 -50.73 28.97 15.24
N ALA E 68 -51.26 29.96 14.53
CA ALA E 68 -52.64 30.36 14.78
C ALA E 68 -53.64 29.27 14.42
N ASN E 69 -53.27 28.35 13.53
CA ASN E 69 -54.14 27.29 13.05
C ASN E 69 -53.79 25.94 13.67
N MET E 70 -53.25 25.97 14.89
CA MET E 70 -52.79 24.74 15.53
C MET E 70 -53.91 23.71 15.63
N GLU E 71 -55.15 24.17 15.80
CA GLU E 71 -56.30 23.30 15.97
C GLU E 71 -56.68 22.59 14.67
N SER E 72 -56.19 23.06 13.52
CA SER E 72 -56.50 22.44 12.24
C SER E 72 -55.60 21.25 11.89
N TYR E 73 -54.74 20.80 12.79
CA TYR E 73 -53.95 19.60 12.56
C TYR E 73 -54.34 18.57 13.60
N THR E 74 -54.52 17.32 13.18
CA THR E 74 -55.06 16.30 14.07
C THR E 74 -54.06 15.78 15.10
N ASN E 75 -52.82 16.25 15.09
CA ASN E 75 -51.81 15.88 16.08
C ASN E 75 -51.11 17.15 16.55
N ARG E 76 -51.34 17.53 17.81
CA ARG E 76 -50.74 18.76 18.34
C ARG E 76 -49.22 18.67 18.44
N GLU E 77 -48.70 17.49 18.75
CA GLU E 77 -47.26 17.34 18.87
C GLU E 77 -46.55 17.57 17.53
N VAL E 78 -47.22 17.26 16.41
CA VAL E 78 -46.67 17.54 15.08
C VAL E 78 -46.48 19.04 14.88
N VAL E 79 -47.49 19.84 15.23
CA VAL E 79 -47.37 21.29 15.10
C VAL E 79 -46.28 21.83 16.00
N THR E 80 -46.22 21.32 17.23
CA THR E 80 -45.26 21.78 18.22
C THR E 80 -43.83 21.52 17.78
N GLU E 81 -43.55 20.33 17.23
CA GLU E 81 -42.21 20.07 16.74
C GLU E 81 -41.85 20.93 15.53
N PHE E 82 -42.80 21.14 14.62
CA PHE E 82 -42.53 21.99 13.46
C PHE E 82 -42.16 23.40 13.92
N LEU E 83 -42.96 23.97 14.82
CA LEU E 83 -42.70 25.34 15.27
C LEU E 83 -41.36 25.45 15.97
N SER E 84 -40.97 24.42 16.71
CA SER E 84 -39.66 24.46 17.36
C SER E 84 -38.53 24.51 16.34
N LEU E 85 -38.59 23.67 15.31
CA LEU E 85 -37.56 23.69 14.28
C LEU E 85 -37.63 24.98 13.47
N TYR E 86 -38.83 25.43 13.16
CA TYR E 86 -38.98 26.63 12.34
C TYR E 86 -38.42 27.84 13.04
N LYS E 87 -38.56 27.92 14.37
CA LYS E 87 -38.00 29.06 15.10
C LYS E 87 -36.48 29.07 15.02
N ALA E 88 -35.85 27.89 15.04
CA ALA E 88 -34.40 27.82 14.85
C ALA E 88 -33.98 28.27 13.46
N GLY E 89 -34.87 28.23 12.47
CA GLY E 89 -34.56 28.62 11.11
C GLY E 89 -34.41 27.45 10.16
N PHE E 90 -35.28 27.35 9.16
CA PHE E 90 -35.10 26.35 8.11
C PHE E 90 -33.99 26.78 7.14
N ILE E 91 -33.55 25.85 6.31
CA ILE E 91 -32.53 26.18 5.33
C ILE E 91 -33.08 27.22 4.37
N PRO E 92 -32.26 28.11 3.86
CA PRO E 92 -32.77 29.15 2.93
C PRO E 92 -33.17 28.57 1.58
N LYS E 93 -33.94 29.35 0.84
CA LYS E 93 -34.20 29.04 -0.56
C LYS E 93 -32.89 29.01 -1.34
N ASN E 94 -32.91 28.35 -2.50
CA ASN E 94 -31.77 28.34 -3.43
C ASN E 94 -30.56 27.60 -2.85
N GLU E 95 -30.80 26.54 -2.08
CA GLU E 95 -29.73 25.66 -1.62
C GLU E 95 -30.08 24.22 -1.98
N VAL E 96 -29.07 23.40 -2.22
CA VAL E 96 -29.33 21.99 -2.53
C VAL E 96 -29.94 21.31 -1.32
N PHE E 97 -31.03 20.60 -1.54
CA PHE E 97 -31.70 19.85 -0.50
C PHE E 97 -31.49 18.36 -0.74
N SER E 98 -31.15 17.63 0.31
CA SER E 98 -31.13 16.17 0.28
C SER E 98 -31.70 15.62 1.58
N ILE E 99 -32.46 14.53 1.45
CA ILE E 99 -32.99 13.83 2.62
C ILE E 99 -31.88 13.20 3.45
N PHE E 100 -30.69 13.08 2.88
CA PHE E 100 -29.53 12.56 3.59
C PHE E 100 -28.76 13.65 4.32
N TYR E 101 -29.16 14.92 4.21
CA TYR E 101 -28.51 15.98 4.99
C TYR E 101 -29.32 16.15 6.27
N GLU E 102 -28.73 15.76 7.40
CA GLU E 102 -29.51 15.46 8.59
C GLU E 102 -30.30 16.66 9.09
N ASN E 103 -29.69 17.84 9.14
CA ASN E 103 -30.44 19.01 9.57
C ASN E 103 -31.62 19.29 8.64
N GLN E 104 -31.41 19.12 7.32
CA GLN E 104 -32.47 19.32 6.34
C GLN E 104 -33.55 18.22 6.42
N ALA E 105 -33.15 16.99 6.77
CA ALA E 105 -34.12 15.91 6.87
C ALA E 105 -35.05 16.12 8.05
N LEU E 106 -34.52 16.55 9.19
CA LEU E 106 -35.36 16.85 10.33
C LEU E 106 -36.41 17.91 9.97
N GLU E 107 -36.01 18.95 9.24
CA GLU E 107 -36.95 20.00 8.84
C GLU E 107 -38.02 19.48 7.86
N VAL E 108 -37.60 18.71 6.84
CA VAL E 108 -38.54 18.30 5.80
C VAL E 108 -39.49 17.23 6.34
N ILE E 109 -39.03 16.39 7.27
CA ILE E 109 -39.90 15.42 7.92
C ILE E 109 -40.93 16.14 8.80
N ALA E 110 -40.49 17.17 9.54
CA ALA E 110 -41.45 17.94 10.32
C ALA E 110 -42.49 18.58 9.41
N LEU E 111 -42.04 19.11 8.26
CA LEU E 111 -42.97 19.69 7.28
C LEU E 111 -43.90 18.63 6.67
N TYR E 112 -43.35 17.46 6.30
CA TYR E 112 -44.19 16.40 5.75
C TYR E 112 -45.31 16.03 6.73
N ARG E 113 -44.98 15.90 8.02
CA ARG E 113 -46.01 15.53 8.97
C ARG E 113 -47.03 16.63 9.14
N LEU E 114 -46.59 17.88 9.08
CA LEU E 114 -47.54 18.99 9.06
C LEU E 114 -48.48 18.85 7.88
N PHE E 115 -47.94 18.52 6.68
CA PHE E 115 -48.78 18.28 5.51
C PHE E 115 -49.75 17.13 5.76
N TYR E 116 -49.24 16.03 6.32
CA TYR E 116 -50.04 14.83 6.43
C TYR E 116 -51.19 14.98 7.43
N TYR E 117 -50.94 15.65 8.57
CA TYR E 117 -51.94 15.75 9.63
C TYR E 117 -52.87 16.94 9.48
N ALA E 118 -52.76 17.69 8.38
CA ALA E 118 -53.75 18.71 8.10
C ALA E 118 -55.13 18.06 8.06
N LYS E 119 -56.10 18.68 8.76
CA LYS E 119 -57.36 17.97 9.02
C LYS E 119 -58.18 17.79 7.75
N ASP E 120 -57.98 18.64 6.74
CA ASP E 120 -58.75 18.54 5.51
C ASP E 120 -57.90 19.07 4.36
N PHE E 121 -58.44 19.02 3.15
CA PHE E 121 -57.64 19.44 2.00
C PHE E 121 -57.35 20.94 2.06
N GLU E 122 -58.29 21.72 2.58
CA GLU E 122 -58.09 23.16 2.65
C GLU E 122 -56.91 23.51 3.54
N THR E 123 -56.80 22.85 4.70
CA THR E 123 -55.65 23.08 5.57
C THR E 123 -54.36 22.60 4.90
N PHE E 124 -54.42 21.44 4.24
CA PHE E 124 -53.25 20.94 3.52
C PHE E 124 -52.83 21.94 2.45
N TYR E 125 -53.79 22.44 1.67
CA TYR E 125 -53.47 23.41 0.63
C TYR E 125 -52.82 24.66 1.21
N LYS E 126 -53.40 25.22 2.28
CA LYS E 126 -52.86 26.43 2.90
C LYS E 126 -51.44 26.19 3.42
N THR E 127 -51.21 25.03 4.06
CA THR E 127 -49.88 24.73 4.57
C THR E 127 -48.87 24.56 3.43
N ALA E 128 -49.28 23.91 2.34
CA ALA E 128 -48.39 23.75 1.20
C ALA E 128 -48.11 25.10 0.53
N ALA E 129 -49.11 25.96 0.44
CA ALA E 129 -48.90 27.30 -0.09
C ALA E 129 -47.96 28.09 0.79
N PHE E 130 -48.09 27.95 2.11
CA PHE E 130 -47.15 28.58 3.01
C PHE E 130 -45.73 28.09 2.77
N ALA E 131 -45.55 26.77 2.64
CA ALA E 131 -44.21 26.21 2.45
C ALA E 131 -43.59 26.71 1.15
N ARG E 132 -44.37 26.74 0.07
CA ARG E 132 -43.78 27.17 -1.19
C ARG E 132 -43.34 28.63 -1.11
N VAL E 133 -44.14 29.47 -0.49
CA VAL E 133 -43.80 30.89 -0.41
C VAL E 133 -42.56 31.09 0.47
N TRP E 134 -42.45 30.39 1.58
CA TRP E 134 -41.47 30.74 2.59
C TRP E 134 -40.25 29.83 2.63
N LEU E 135 -40.36 28.60 2.18
CA LEU E 135 -39.35 27.60 2.52
C LEU E 135 -38.56 27.19 1.29
N ASN E 136 -37.49 26.44 1.56
CA ASN E 136 -36.63 25.92 0.50
C ASN E 136 -37.46 25.15 -0.53
N GLU E 137 -37.17 25.41 -1.81
CA GLU E 137 -37.94 24.85 -2.92
C GLU E 137 -37.80 23.33 -3.00
N GLY E 138 -36.58 22.81 -2.83
CA GLY E 138 -36.43 21.37 -2.84
C GLY E 138 -37.18 20.72 -1.70
N GLN E 139 -37.13 21.33 -0.51
CA GLN E 139 -37.88 20.77 0.61
C GLN E 139 -39.37 20.78 0.33
N PHE E 140 -39.88 21.90 -0.21
CA PHE E 140 -41.31 21.98 -0.50
C PHE E 140 -41.75 20.85 -1.41
N VAL E 141 -41.05 20.67 -2.54
CA VAL E 141 -41.57 19.77 -3.56
C VAL E 141 -41.45 18.32 -3.11
N TYR E 142 -40.39 18.00 -2.38
CA TYR E 142 -40.23 16.66 -1.83
C TYR E 142 -41.36 16.31 -0.87
N ALA E 143 -41.62 17.19 0.11
CA ALA E 143 -42.68 16.94 1.09
C ALA E 143 -44.06 16.93 0.45
N PHE E 144 -44.32 17.83 -0.51
CA PHE E 144 -45.64 17.95 -1.12
C PHE E 144 -45.97 16.73 -1.96
N TYR E 145 -45.04 16.32 -2.81
CA TYR E 145 -45.22 15.12 -3.61
C TYR E 145 -45.43 13.91 -2.72
N LEU E 146 -44.64 13.81 -1.65
CA LEU E 146 -44.83 12.74 -0.69
C LEU E 146 -46.21 12.82 -0.03
N ALA E 147 -46.64 14.03 0.34
CA ALA E 147 -47.92 14.16 1.04
C ALA E 147 -49.07 13.75 0.14
N VAL E 148 -48.99 14.10 -1.16
CA VAL E 148 -50.07 13.71 -2.06
C VAL E 148 -50.16 12.19 -2.17
N ILE E 149 -49.02 11.50 -2.09
CA ILE E 149 -49.03 10.05 -2.17
C ILE E 149 -49.70 9.43 -0.97
N HIS E 150 -49.62 10.04 0.22
CA HIS E 150 -50.03 9.37 1.46
C HIS E 150 -51.33 9.88 2.07
N ARG E 151 -51.80 11.07 1.75
CA ARG E 151 -53.04 11.54 2.36
C ARG E 151 -54.22 10.74 1.84
N ALA E 152 -55.17 10.45 2.73
CA ALA E 152 -56.40 9.78 2.33
C ALA E 152 -57.20 10.64 1.35
N ASP E 153 -57.24 11.96 1.58
CA ASP E 153 -58.13 12.75 0.74
C ASP E 153 -57.57 13.09 -0.65
N THR E 154 -56.31 12.73 -0.95
CA THR E 154 -55.77 12.89 -2.28
C THR E 154 -55.61 11.58 -3.03
N ARG E 155 -56.03 10.46 -2.44
CA ARG E 155 -55.92 9.18 -3.12
C ARG E 155 -56.82 9.16 -4.36
N GLY E 156 -56.27 8.68 -5.47
CA GLY E 156 -57.01 8.64 -6.71
C GLY E 156 -56.67 9.74 -7.69
N ILE E 157 -55.87 10.73 -7.30
CA ILE E 157 -55.42 11.72 -8.26
C ILE E 157 -54.09 11.25 -8.84
N VAL E 158 -53.68 11.85 -9.94
CA VAL E 158 -52.44 11.49 -10.61
C VAL E 158 -51.39 12.55 -10.32
N LEU E 159 -50.18 12.12 -10.05
CA LEU E 159 -49.03 13.00 -10.00
C LEU E 159 -48.23 12.87 -11.29
N PRO E 160 -47.57 13.94 -11.71
CA PRO E 160 -46.63 13.82 -12.83
C PRO E 160 -45.49 12.89 -12.47
N ALA E 161 -44.83 12.37 -13.50
CA ALA E 161 -43.71 11.48 -13.30
C ALA E 161 -42.55 12.22 -12.61
N PRO E 162 -41.72 11.51 -11.84
CA PRO E 162 -40.60 12.18 -11.18
C PRO E 162 -39.69 12.91 -12.16
N TYR E 163 -39.49 12.37 -13.36
CA TYR E 163 -38.64 13.05 -14.33
C TYR E 163 -39.23 14.37 -14.83
N GLU E 164 -40.56 14.58 -14.72
CA GLU E 164 -41.16 15.86 -15.09
C GLU E 164 -41.22 16.85 -13.95
N ILE E 165 -41.00 16.39 -12.71
CA ILE E 165 -40.88 17.26 -11.56
C ILE E 165 -39.43 17.68 -11.34
N TRP E 166 -38.51 16.72 -11.45
CA TRP E 166 -37.08 16.96 -11.28
C TRP E 166 -36.32 16.64 -12.58
N PRO E 167 -36.64 17.32 -13.69
CA PRO E 167 -35.97 16.96 -14.96
C PRO E 167 -34.46 17.04 -14.89
N GLU E 168 -33.94 17.97 -14.07
CA GLU E 168 -32.51 18.14 -13.90
C GLU E 168 -31.82 16.91 -13.30
N TYR E 169 -32.55 16.01 -12.65
CA TYR E 169 -31.96 14.78 -12.14
C TYR E 169 -32.10 13.59 -13.11
N PHE E 170 -32.59 13.82 -14.33
CA PHE E 170 -32.86 12.72 -15.24
C PHE E 170 -32.24 12.93 -16.62
N MET E 171 -31.36 13.91 -16.77
CA MET E 171 -30.66 14.11 -18.02
C MET E 171 -29.30 14.67 -17.65
N ASN E 172 -28.34 14.53 -18.58
CA ASN E 172 -26.98 15.02 -18.33
C ASN E 172 -26.86 16.52 -18.60
N SER E 173 -25.79 17.09 -18.07
CA SER E 173 -25.60 18.53 -18.10
C SER E 173 -25.45 19.07 -19.52
N ASP E 174 -25.04 18.23 -20.48
CA ASP E 174 -24.90 18.73 -21.85
C ASP E 174 -26.26 19.07 -22.45
N VAL E 175 -27.29 18.29 -22.13
CA VAL E 175 -28.63 18.58 -22.60
C VAL E 175 -29.20 19.79 -21.87
N LEU E 176 -29.06 19.80 -20.55
CA LEU E 176 -29.61 20.91 -19.75
C LEU E 176 -29.04 22.24 -20.22
N SER E 177 -27.74 22.27 -20.51
CA SER E 177 -27.10 23.51 -20.92
C SER E 177 -27.71 24.05 -22.21
N LYS E 178 -28.10 23.16 -23.14
CA LYS E 178 -28.78 23.60 -24.35
C LYS E 178 -30.14 24.21 -24.03
N ILE E 179 -30.86 23.60 -23.07
CA ILE E 179 -32.19 24.07 -22.65
C ILE E 179 -32.09 25.45 -21.99
N TYR E 180 -31.15 25.61 -21.03
CA TYR E 180 -30.95 26.92 -20.40
C TYR E 180 -30.59 27.98 -21.43
N ARG E 181 -29.75 27.61 -22.42
CA ARG E 181 -29.36 28.59 -23.43
C ARG E 181 -30.55 29.04 -24.28
N ILE E 182 -31.40 28.10 -24.71
CA ILE E 182 -32.59 28.53 -25.46
C ILE E 182 -33.46 29.45 -24.60
N GLN E 183 -33.64 29.09 -23.32
CA GLN E 183 -34.43 29.96 -22.44
C GLN E 183 -33.76 31.33 -22.26
N MET E 184 -32.44 31.35 -22.09
CA MET E 184 -31.71 32.63 -22.03
C MET E 184 -31.91 33.47 -23.30
N GLN E 185 -31.86 32.83 -24.47
CA GLN E 185 -31.96 33.52 -25.76
C GLN E 185 -33.39 33.78 -26.22
N LYS E 186 -34.38 33.23 -25.52
CA LYS E 186 -35.76 33.21 -25.98
C LYS E 186 -35.88 32.57 -27.37
N GLY E 187 -35.17 31.47 -27.57
CA GLY E 187 -35.28 30.78 -28.84
C GLY E 187 -33.92 30.61 -29.48
N LEU E 188 -33.93 30.26 -30.77
CA LEU E 188 -32.71 30.09 -31.54
C LEU E 188 -32.39 31.38 -32.28
N ILE E 189 -31.15 31.84 -32.18
CA ILE E 189 -30.71 33.01 -32.94
C ILE E 189 -30.70 32.72 -34.43
N ILE E 190 -30.20 31.55 -34.83
CA ILE E 190 -30.18 31.13 -36.23
C ILE E 190 -30.96 29.83 -36.32
N PRO E 191 -32.27 29.89 -36.52
CA PRO E 191 -33.11 28.68 -36.33
C PRO E 191 -32.73 27.50 -37.20
N GLU E 192 -32.29 27.72 -38.44
CA GLU E 192 -31.98 26.58 -39.30
C GLU E 192 -30.79 25.79 -38.82
N GLN E 193 -30.00 26.35 -37.91
CA GLN E 193 -28.88 25.64 -37.32
C GLN E 193 -29.30 24.64 -36.26
N GLY E 194 -30.52 24.75 -35.73
CA GLY E 194 -30.99 23.91 -34.65
C GLY E 194 -30.79 22.42 -34.88
N PRO E 195 -31.25 21.90 -36.02
CA PRO E 195 -31.11 20.45 -36.27
C PRO E 195 -29.67 19.97 -36.22
N TYR E 196 -28.70 20.81 -36.55
CA TYR E 196 -27.30 20.41 -36.48
C TYR E 196 -26.83 20.22 -35.03
N TYR E 197 -27.54 20.80 -34.04
CA TYR E 197 -27.19 20.62 -32.64
C TYR E 197 -28.23 19.81 -31.89
N GLY E 198 -29.06 19.05 -32.61
CA GLY E 198 -30.07 18.22 -32.00
C GLY E 198 -31.26 18.98 -31.44
N ILE E 199 -31.62 20.13 -32.03
CA ILE E 199 -32.71 20.94 -31.52
C ILE E 199 -33.74 21.14 -32.64
N LEU E 200 -34.98 20.75 -32.38
CA LEU E 200 -36.08 20.99 -33.31
C LEU E 200 -37.08 21.93 -32.65
N SER E 201 -37.72 22.76 -33.46
CA SER E 201 -38.67 23.76 -32.95
C SER E 201 -40.00 23.66 -33.69
N LYS E 202 -41.10 23.60 -32.94
CA LYS E 202 -42.43 23.67 -33.54
C LYS E 202 -43.43 24.16 -32.49
N ASP E 203 -44.18 25.19 -32.83
CA ASP E 203 -45.36 25.61 -32.03
C ASP E 203 -45.01 25.94 -30.58
N ASN E 204 -44.02 26.81 -30.41
CA ASN E 204 -43.57 27.22 -29.08
C ASN E 204 -43.01 26.04 -28.26
N ALA E 205 -42.72 24.91 -28.91
CA ALA E 205 -42.05 23.79 -28.28
C ALA E 205 -40.68 23.57 -28.89
N TYR E 206 -39.71 23.26 -28.04
CA TYR E 206 -38.35 22.91 -28.44
C TYR E 206 -38.08 21.49 -28.04
N TYR E 207 -37.50 20.73 -28.96
CA TYR E 207 -37.20 19.31 -28.77
C TYR E 207 -35.68 19.11 -28.74
N PHE E 208 -35.18 18.50 -27.67
CA PHE E 208 -33.75 18.33 -27.46
C PHE E 208 -33.42 16.84 -27.52
N TYR E 209 -32.75 16.43 -28.59
CA TYR E 209 -32.24 15.07 -28.64
C TYR E 209 -31.17 14.87 -27.57
N ALA E 210 -31.26 13.74 -26.86
CA ALA E 210 -30.40 13.50 -25.71
C ALA E 210 -29.71 12.15 -25.86
N ASN E 211 -28.41 12.14 -25.61
CA ASN E 211 -27.64 10.90 -25.50
C ASN E 211 -27.47 10.54 -24.03
N TYR E 212 -27.40 9.23 -23.76
CA TYR E 212 -26.97 8.75 -22.46
C TYR E 212 -25.46 8.97 -22.26
N SER E 213 -25.00 8.78 -21.02
CA SER E 213 -23.59 9.00 -20.74
C SER E 213 -22.71 8.00 -21.47
N GLY E 214 -21.47 8.41 -21.73
CA GLY E 214 -20.51 7.54 -22.38
C GLY E 214 -19.32 7.19 -21.49
N PRO E 215 -18.19 6.85 -22.12
CA PRO E 215 -17.02 6.42 -21.35
C PRO E 215 -16.39 7.50 -20.47
N LEU E 216 -16.72 8.77 -20.66
CA LEU E 216 -16.27 9.79 -19.73
C LEU E 216 -16.85 9.55 -18.33
N THR E 217 -18.11 9.13 -18.27
CA THR E 217 -18.80 8.94 -17.00
C THR E 217 -18.57 7.57 -16.38
N TYR E 218 -18.58 6.52 -17.22
CA TYR E 218 -18.54 5.12 -16.82
C TYR E 218 -17.26 4.45 -17.31
N GLU E 219 -16.60 3.69 -16.44
CA GLU E 219 -15.37 2.97 -16.80
C GLU E 219 -15.66 1.48 -16.96
N ASP E 220 -14.61 0.72 -17.29
CA ASP E 220 -14.69 -0.75 -17.36
C ASP E 220 -15.82 -1.20 -18.29
N ASN E 221 -16.05 -0.42 -19.36
CA ASN E 221 -17.06 -0.66 -20.39
C ASN E 221 -18.49 -0.55 -19.88
N GLU E 222 -18.72 -0.07 -18.67
CA GLU E 222 -20.09 -0.01 -18.18
C GLU E 222 -20.95 1.01 -18.95
N ASN E 223 -20.32 1.92 -19.70
CA ASN E 223 -21.10 2.85 -20.53
C ASN E 223 -21.97 2.12 -21.54
N LEU E 224 -21.62 0.86 -21.87
CA LEU E 224 -22.43 0.10 -22.82
C LEU E 224 -23.89 0.02 -22.37
N LEU E 225 -24.16 0.03 -21.06
CA LEU E 225 -25.53 -0.10 -20.56
C LEU E 225 -26.08 1.20 -19.95
N SER E 226 -25.52 2.37 -20.30
CA SER E 226 -26.03 3.61 -19.72
C SER E 226 -27.48 3.88 -20.14
N TYR E 227 -27.91 3.37 -21.30
CA TYR E 227 -29.32 3.49 -21.70
C TYR E 227 -30.26 2.84 -20.69
N PHE E 228 -29.77 1.90 -19.89
CA PHE E 228 -30.59 1.21 -18.90
C PHE E 228 -30.50 1.86 -17.52
N ILE E 229 -29.29 2.01 -16.99
CA ILE E 229 -29.18 2.53 -15.62
C ILE E 229 -29.51 4.02 -15.55
N GLU E 230 -29.49 4.73 -16.67
CA GLU E 230 -29.94 6.12 -16.69
C GLU E 230 -31.36 6.26 -17.20
N ASP E 231 -32.02 5.17 -17.58
CA ASP E 231 -33.39 5.26 -18.08
C ASP E 231 -34.31 5.92 -17.05
N ILE E 232 -35.15 6.85 -17.52
CA ILE E 232 -35.94 7.66 -16.59
C ILE E 232 -36.97 6.79 -15.87
N GLY E 233 -37.50 5.76 -16.54
CA GLY E 233 -38.45 4.90 -15.88
C GLY E 233 -37.82 4.03 -14.81
N TRP E 234 -36.61 3.52 -15.08
CA TRP E 234 -35.84 2.76 -14.10
C TRP E 234 -35.57 3.59 -12.84
N ASN E 235 -35.08 4.82 -13.03
CA ASN E 235 -34.79 5.70 -11.90
C ASN E 235 -36.06 6.16 -11.19
N SER E 236 -37.15 6.39 -11.93
CA SER E 236 -38.41 6.81 -11.32
C SER E 236 -39.02 5.71 -10.45
N TYR E 237 -38.85 4.45 -10.85
CA TYR E 237 -39.32 3.32 -10.06
C TYR E 237 -38.70 3.34 -8.66
N TYR E 238 -37.38 3.56 -8.58
CA TYR E 238 -36.75 3.66 -7.27
C TYR E 238 -37.29 4.86 -6.49
N TYR E 239 -37.53 5.98 -7.18
CA TYR E 239 -38.05 7.16 -6.48
C TYR E 239 -39.42 6.88 -5.88
N TYR E 240 -40.32 6.28 -6.66
CA TYR E 240 -41.63 5.85 -6.16
C TYR E 240 -41.49 4.90 -4.96
N PHE E 241 -40.50 3.99 -5.00
CA PHE E 241 -40.31 3.04 -3.90
C PHE E 241 -39.97 3.78 -2.61
N HIS E 242 -39.07 4.76 -2.69
CA HIS E 242 -38.73 5.56 -1.51
C HIS E 242 -39.94 6.34 -0.98
N ASN E 243 -40.74 6.94 -1.88
CA ASN E 243 -41.88 7.71 -1.41
C ASN E 243 -42.98 6.84 -0.81
N ARG E 244 -43.13 5.61 -1.30
CA ARG E 244 -44.16 4.72 -0.77
C ARG E 244 -43.77 4.20 0.62
N PHE E 245 -42.49 3.93 0.84
CA PHE E 245 -42.01 3.37 2.11
C PHE E 245 -40.84 4.19 2.65
N PRO E 246 -41.06 5.45 3.03
CA PRO E 246 -39.94 6.25 3.57
C PRO E 246 -39.41 5.63 4.86
N PHE E 247 -38.08 5.61 4.98
CA PHE E 247 -37.43 4.88 6.06
C PHE E 247 -37.81 5.42 7.44
N TRP E 248 -38.22 6.69 7.55
CA TRP E 248 -38.45 7.34 8.83
C TRP E 248 -39.86 7.19 9.34
N GLU E 249 -40.76 6.67 8.53
CA GLU E 249 -42.14 6.60 8.97
C GLU E 249 -42.39 5.22 9.54
N ASN E 250 -43.25 5.16 10.56
CA ASN E 250 -43.59 3.89 11.16
C ASN E 250 -44.39 3.03 10.18
N GLY E 251 -44.20 1.72 10.27
CA GLY E 251 -44.79 0.81 9.31
C GLY E 251 -46.31 0.77 9.36
N GLU E 252 -46.89 1.07 10.52
CA GLU E 252 -48.36 1.09 10.63
C GLU E 252 -48.97 2.11 9.68
N GLN E 253 -48.42 3.32 9.65
CA GLN E 253 -48.93 4.35 8.76
C GLN E 253 -48.74 3.95 7.30
N LEU E 254 -47.61 3.32 6.99
CA LEU E 254 -47.28 3.07 5.59
C LEU E 254 -48.09 1.90 5.01
N ILE E 255 -48.21 0.80 5.73
CA ILE E 255 -48.81 -0.38 5.14
C ILE E 255 -49.79 -1.05 6.10
N GLY E 256 -50.08 -0.41 7.21
CA GLY E 256 -51.12 -0.88 8.10
C GLY E 256 -50.98 -2.35 8.45
N PRO E 257 -51.90 -3.18 7.97
CA PRO E 257 -51.85 -4.61 8.30
C PRO E 257 -50.71 -5.37 7.61
N LEU E 258 -50.00 -4.76 6.66
CA LEU E 258 -48.80 -5.37 6.10
C LEU E 258 -47.54 -4.97 6.85
N LYS E 259 -47.68 -4.30 7.99
CA LYS E 259 -46.51 -3.80 8.71
C LYS E 259 -45.46 -4.89 8.89
N GLU E 260 -45.87 -6.10 9.30
CA GLU E 260 -44.93 -7.18 9.57
C GLU E 260 -44.30 -7.77 8.32
N ARG E 261 -44.60 -7.26 7.12
CA ARG E 261 -43.93 -7.69 5.90
C ARG E 261 -43.01 -6.60 5.35
N ARG E 262 -42.75 -5.56 6.14
CA ARG E 262 -41.96 -4.43 5.66
C ARG E 262 -40.56 -4.85 5.23
N GLY E 263 -39.88 -5.62 6.09
CA GLY E 263 -38.54 -6.08 5.76
C GLY E 263 -38.51 -7.04 4.60
N GLU E 264 -39.61 -7.75 4.38
CA GLU E 264 -39.75 -8.64 3.23
C GLU E 264 -39.86 -7.83 1.93
N ILE E 265 -40.62 -6.74 1.95
CA ILE E 265 -40.73 -5.87 0.78
C ILE E 265 -39.38 -5.28 0.45
N TYR E 266 -38.63 -4.87 1.48
CA TYR E 266 -37.28 -4.34 1.28
C TYR E 266 -36.39 -5.32 0.53
N TYR E 267 -36.31 -6.56 1.03
CA TYR E 267 -35.47 -7.56 0.38
C TYR E 267 -35.94 -7.83 -1.04
N TYR E 268 -37.26 -7.98 -1.23
CA TYR E 268 -37.81 -8.32 -2.53
C TYR E 268 -37.54 -7.22 -3.57
N VAL E 269 -37.69 -5.95 -3.21
CA VAL E 269 -37.49 -4.88 -4.18
C VAL E 269 -36.00 -4.77 -4.55
N TYR E 270 -35.11 -4.81 -3.57
CA TYR E 270 -33.69 -4.70 -3.89
C TYR E 270 -33.19 -5.93 -4.64
N GLN E 271 -33.72 -7.12 -4.32
CA GLN E 271 -33.35 -8.31 -5.10
C GLN E 271 -33.76 -8.15 -6.57
N LYS E 272 -34.98 -7.68 -6.83
CA LYS E 272 -35.43 -7.50 -8.20
C LYS E 272 -34.61 -6.43 -8.92
N ILE E 273 -34.30 -5.32 -8.24
CA ILE E 273 -33.50 -4.28 -8.88
C ILE E 273 -32.13 -4.86 -9.24
N LEU E 274 -31.51 -5.59 -8.30
CA LEU E 274 -30.18 -6.14 -8.54
C LEU E 274 -30.20 -7.21 -9.62
N ALA E 275 -31.19 -8.09 -9.57
CA ALA E 275 -31.29 -9.16 -10.55
C ALA E 275 -31.54 -8.62 -11.95
N ARG E 276 -32.37 -7.57 -12.07
CA ARG E 276 -32.67 -7.01 -13.39
C ARG E 276 -31.45 -6.29 -13.96
N TYR E 277 -30.73 -5.55 -13.11
CA TYR E 277 -29.48 -4.93 -13.51
C TYR E 277 -28.46 -5.98 -13.93
N TYR E 278 -28.41 -7.10 -13.19
CA TYR E 278 -27.51 -8.20 -13.54
C TYR E 278 -27.81 -8.74 -14.93
N LEU E 279 -29.09 -8.89 -15.28
CA LEU E 279 -29.42 -9.31 -16.63
C LEU E 279 -28.87 -8.33 -17.67
N GLU E 280 -28.96 -7.03 -17.39
CA GLU E 280 -28.43 -6.07 -18.36
C GLU E 280 -26.90 -6.14 -18.43
N ARG E 281 -26.24 -6.43 -17.32
CA ARG E 281 -24.80 -6.66 -17.38
C ARG E 281 -24.49 -7.81 -18.31
N LEU E 282 -25.19 -8.94 -18.12
CA LEU E 282 -24.91 -10.13 -18.92
C LEU E 282 -25.14 -9.86 -20.40
N ALA E 283 -26.23 -9.14 -20.71
CA ALA E 283 -26.54 -8.79 -22.09
C ALA E 283 -25.51 -7.86 -22.73
N ASN E 284 -24.64 -7.23 -21.96
CA ASN E 284 -23.58 -6.39 -22.49
C ASN E 284 -22.19 -6.96 -22.19
N GLY E 285 -22.13 -8.24 -21.81
CA GLY E 285 -20.86 -8.90 -21.59
C GLY E 285 -20.08 -8.41 -20.39
N LEU E 286 -20.78 -7.90 -19.36
CA LEU E 286 -20.12 -7.27 -18.22
C LEU E 286 -20.07 -8.17 -16.98
N GLY E 287 -20.64 -9.39 -17.04
CA GLY E 287 -20.42 -10.33 -15.95
C GLY E 287 -21.12 -9.92 -14.64
N GLU E 288 -20.58 -10.42 -13.54
CA GLU E 288 -21.23 -10.30 -12.23
C GLU E 288 -20.99 -8.94 -11.58
N ILE E 289 -21.87 -8.58 -10.66
CA ILE E 289 -21.73 -7.34 -9.86
C ILE E 289 -20.51 -7.49 -8.94
N PRO E 290 -19.57 -6.55 -8.94
CA PRO E 290 -18.39 -6.67 -8.08
C PRO E 290 -18.69 -6.64 -6.58
N ARG E 291 -17.86 -7.34 -5.83
CA ARG E 291 -17.82 -7.25 -4.37
C ARG E 291 -16.57 -6.46 -3.97
N PHE E 292 -16.57 -5.84 -2.79
CA PHE E 292 -15.46 -4.93 -2.45
C PHE E 292 -15.18 -4.92 -0.95
N ASN E 293 -13.93 -4.55 -0.63
CA ASN E 293 -13.40 -4.43 0.73
C ASN E 293 -13.47 -2.95 1.12
N TRP E 294 -14.14 -2.64 2.25
CA TRP E 294 -14.24 -1.24 2.67
C TRP E 294 -12.87 -0.60 2.86
N LEU E 295 -11.84 -1.39 3.18
CA LEU E 295 -10.54 -0.87 3.54
C LEU E 295 -9.54 -0.80 2.39
N ASP E 296 -9.96 -1.17 1.19
CA ASP E 296 -9.07 -1.13 0.03
C ASP E 296 -9.54 -0.02 -0.92
N LYS E 297 -8.70 0.25 -1.91
CA LYS E 297 -9.06 1.20 -2.97
C LYS E 297 -10.32 0.75 -3.69
N TYR E 298 -11.23 1.68 -3.92
CA TYR E 298 -12.50 1.36 -4.58
C TYR E 298 -12.30 1.49 -6.09
N GLN E 299 -12.60 0.41 -6.83
CA GLN E 299 -12.14 0.19 -8.20
C GLN E 299 -13.16 0.56 -9.27
N THR E 300 -14.28 1.17 -8.89
CA THR E 300 -15.34 1.59 -9.82
C THR E 300 -15.47 3.11 -9.75
N SER E 301 -14.82 3.80 -10.68
CA SER E 301 -14.92 5.24 -10.71
C SER E 301 -16.30 5.66 -11.23
N TYR E 302 -16.61 6.95 -11.11
CA TYR E 302 -17.90 7.49 -11.55
C TYR E 302 -17.78 8.99 -11.73
N TYR E 303 -18.01 9.47 -12.95
CA TYR E 303 -17.88 10.89 -13.29
C TYR E 303 -19.22 11.36 -13.85
N PRO E 304 -20.20 11.61 -12.98
CA PRO E 304 -21.53 12.02 -13.46
C PRO E 304 -21.51 13.37 -14.14
N LEU E 305 -22.25 13.48 -15.24
CA LEU E 305 -22.53 14.77 -15.87
C LEU E 305 -23.85 15.32 -15.39
N LEU E 306 -24.07 15.23 -14.09
CA LEU E 306 -25.24 15.73 -13.40
C LEU E 306 -24.85 16.93 -12.58
N SER E 307 -25.78 17.84 -12.39
CA SER E 307 -25.54 18.94 -11.46
C SER E 307 -26.85 19.29 -10.78
N SER E 308 -26.75 19.98 -9.65
CA SER E 308 -27.90 20.60 -8.99
C SER E 308 -27.98 22.10 -9.33
N TYR E 309 -27.49 22.47 -10.51
CA TYR E 309 -27.60 23.80 -11.11
C TYR E 309 -26.77 24.87 -10.40
N GLN E 310 -26.58 24.75 -9.09
CA GLN E 310 -25.74 25.66 -8.33
C GLN E 310 -24.35 25.07 -8.12
N LEU E 311 -24.24 23.73 -8.19
CA LEU E 311 -23.07 22.96 -7.82
C LEU E 311 -23.03 21.70 -8.69
N PRO E 312 -21.84 21.24 -9.06
CA PRO E 312 -21.73 19.94 -9.75
C PRO E 312 -21.95 18.77 -8.80
N PHE E 313 -22.30 17.63 -9.38
CA PHE E 313 -22.27 16.39 -8.60
C PHE E 313 -20.81 16.00 -8.32
N ALA E 314 -20.61 15.32 -7.19
CA ALA E 314 -19.29 14.85 -6.81
C ALA E 314 -18.84 13.75 -7.76
N GLN E 315 -17.58 13.78 -8.15
CA GLN E 315 -16.94 12.77 -8.98
C GLN E 315 -16.05 11.90 -8.11
N ARG E 316 -16.09 10.60 -8.35
CA ARG E 316 -15.27 9.61 -7.64
C ARG E 316 -14.19 9.11 -8.60
N ASN E 317 -12.95 9.45 -8.32
CA ASN E 317 -11.82 8.98 -9.14
C ASN E 317 -11.63 7.46 -9.00
N ASP E 318 -10.90 6.87 -9.95
CA ASP E 318 -10.59 5.45 -9.86
C ASP E 318 -9.70 5.19 -8.65
N ASP E 319 -9.90 4.03 -8.03
CA ASP E 319 -9.09 3.56 -6.90
C ASP E 319 -9.16 4.50 -5.70
N TYR E 320 -10.30 5.16 -5.52
CA TYR E 320 -10.49 6.05 -4.38
C TYR E 320 -10.43 5.29 -3.06
N TYR E 321 -9.67 5.81 -2.12
CA TYR E 321 -9.49 5.16 -0.82
C TYR E 321 -10.64 5.54 0.10
N LEU E 322 -11.44 4.57 0.51
CA LEU E 322 -12.63 4.87 1.28
C LEU E 322 -12.33 5.15 2.76
N ALA E 323 -11.26 4.57 3.32
CA ALA E 323 -11.01 4.59 4.77
C ALA E 323 -9.92 5.58 5.20
N SER E 324 -10.07 6.84 4.86
CA SER E 324 -9.14 7.83 5.37
C SER E 324 -9.44 8.14 6.85
N GLY E 325 -8.50 8.83 7.48
CA GLY E 325 -8.71 9.29 8.84
C GLY E 325 -9.93 10.19 9.02
N ASP E 326 -10.28 10.98 8.01
CA ASP E 326 -11.50 11.79 8.10
C ASP E 326 -12.76 10.95 8.05
N ASN E 327 -12.70 9.73 7.54
CA ASN E 327 -13.85 8.86 7.39
C ASN E 327 -13.91 7.80 8.47
N ILE E 328 -12.96 7.79 9.43
CA ILE E 328 -12.73 6.57 10.18
C ILE E 328 -13.92 6.24 11.07
N ASN E 329 -14.57 7.26 11.65
CA ASN E 329 -15.76 7.01 12.47
C ASN E 329 -16.88 6.39 11.64
N ASP E 330 -17.06 6.86 10.40
CA ASP E 330 -18.02 6.22 9.49
C ASP E 330 -17.62 4.78 9.16
N ILE E 331 -16.33 4.53 8.88
CA ILE E 331 -15.88 3.17 8.57
C ILE E 331 -16.10 2.24 9.77
N GLN E 332 -15.77 2.71 10.97
CA GLN E 332 -16.01 1.88 12.16
C GLN E 332 -17.48 1.56 12.32
N PHE E 333 -18.36 2.54 12.11
CA PHE E 333 -19.78 2.24 12.22
C PHE E 333 -20.19 1.19 11.19
N ILE E 334 -19.73 1.34 9.94
CA ILE E 334 -20.10 0.39 8.88
C ILE E 334 -19.63 -1.02 9.25
N ASP E 335 -18.37 -1.16 9.61
CA ASP E 335 -17.83 -2.48 9.89
C ASP E 335 -18.53 -3.11 11.10
N THR E 336 -18.77 -2.30 12.15
CA THR E 336 -19.47 -2.82 13.33
C THR E 336 -20.86 -3.32 12.96
N TYR E 337 -21.58 -2.56 12.13
CA TYR E 337 -22.94 -2.93 11.73
C TYR E 337 -22.96 -4.28 11.02
N GLU E 338 -21.98 -4.52 10.16
CA GLU E 338 -21.86 -5.81 9.49
C GLU E 338 -21.45 -6.90 10.48
N LYS E 339 -20.48 -6.59 11.34
CA LYS E 339 -20.05 -7.57 12.33
C LYS E 339 -21.19 -8.00 13.23
N THR E 340 -21.98 -7.02 13.70
CA THR E 340 -23.12 -7.33 14.54
C THR E 340 -24.06 -8.30 13.84
N PHE E 341 -24.32 -8.08 12.54
CA PHE E 341 -25.23 -8.98 11.83
C PHE E 341 -24.66 -10.39 11.75
N LEU E 342 -23.35 -10.52 11.52
CA LEU E 342 -22.73 -11.84 11.55
C LEU E 342 -22.83 -12.49 12.93
N GLN E 343 -22.74 -11.71 14.02
CA GLN E 343 -22.92 -12.28 15.34
C GLN E 343 -24.37 -12.74 15.55
N LEU E 344 -25.33 -12.00 14.98
CA LEU E 344 -26.72 -12.43 15.05
C LEU E 344 -26.92 -13.77 14.35
N LEU E 345 -26.23 -13.98 13.21
CA LEU E 345 -26.34 -15.27 12.54
C LEU E 345 -25.76 -16.40 13.39
N GLN E 346 -24.74 -16.12 14.20
CA GLN E 346 -24.27 -17.11 15.15
C GLN E 346 -25.32 -17.39 16.22
N LYS E 347 -25.98 -16.35 16.73
CA LYS E 347 -26.94 -16.51 17.83
C LYS E 347 -28.16 -17.30 17.41
N GLY E 348 -28.69 -17.04 16.22
CA GLY E 348 -29.83 -17.77 15.72
C GLY E 348 -31.13 -17.35 16.35
N GLN E 349 -31.20 -17.34 17.68
CA GLN E 349 -32.37 -16.89 18.42
C GLN E 349 -31.93 -15.91 19.48
N PHE E 350 -32.54 -14.73 19.51
CA PHE E 350 -31.97 -13.64 20.27
C PHE E 350 -33.02 -12.55 20.42
N LYS E 351 -32.70 -11.59 21.29
CA LYS E 351 -33.48 -10.37 21.45
C LYS E 351 -32.60 -9.19 21.03
N ALA E 352 -33.09 -8.38 20.10
CA ALA E 352 -32.37 -7.21 19.62
C ALA E 352 -33.34 -6.05 19.57
N TYR E 353 -32.93 -4.92 20.14
CA TYR E 353 -33.80 -3.74 20.24
C TYR E 353 -35.15 -4.10 20.87
N LYS E 354 -35.09 -4.97 21.88
CA LYS E 354 -36.24 -5.47 22.62
C LYS E 354 -37.20 -6.24 21.72
N GLN E 355 -36.74 -6.72 20.57
CA GLN E 355 -37.54 -7.60 19.73
C GLN E 355 -36.98 -9.02 19.82
N GLU E 356 -37.86 -9.99 20.07
CA GLU E 356 -37.49 -11.40 20.01
C GLU E 356 -37.46 -11.83 18.55
N VAL E 357 -36.35 -12.41 18.12
CA VAL E 357 -36.10 -12.74 16.73
C VAL E 357 -35.72 -14.23 16.67
N ASP E 358 -36.32 -14.96 15.74
CA ASP E 358 -36.06 -16.37 15.50
C ASP E 358 -35.66 -16.53 14.04
N LEU E 359 -34.35 -16.63 13.77
CA LEU E 359 -33.91 -16.72 12.38
C LEU E 359 -34.28 -18.04 11.71
N TYR E 360 -34.69 -19.07 12.47
CA TYR E 360 -35.22 -20.29 11.86
C TYR E 360 -36.58 -20.09 11.20
N ASN E 361 -37.26 -19.00 11.55
CA ASN E 361 -38.60 -18.69 11.08
C ASN E 361 -38.50 -17.72 9.91
N SER E 362 -39.18 -18.04 8.79
CA SER E 362 -39.06 -17.18 7.60
C SER E 362 -39.61 -15.77 7.82
N LYS E 363 -40.45 -15.58 8.84
CA LYS E 363 -40.99 -14.26 9.17
C LYS E 363 -39.94 -13.31 9.71
N SER E 364 -38.79 -13.81 10.12
CA SER E 364 -37.76 -12.92 10.62
C SER E 364 -37.16 -12.06 9.51
N ILE E 365 -37.54 -12.27 8.24
CA ILE E 365 -37.11 -11.36 7.18
C ILE E 365 -37.57 -9.94 7.47
N ASN E 366 -38.64 -9.77 8.23
CA ASN E 366 -39.07 -8.42 8.59
C ASN E 366 -38.03 -7.72 9.44
N PHE E 367 -37.58 -8.37 10.53
CA PHE E 367 -36.49 -7.80 11.31
C PHE E 367 -35.23 -7.61 10.46
N VAL E 368 -34.91 -8.59 9.61
CA VAL E 368 -33.65 -8.56 8.87
C VAL E 368 -33.62 -7.39 7.92
N GLY E 369 -34.72 -7.19 7.16
CA GLY E 369 -34.84 -6.05 6.27
C GLY E 369 -34.89 -4.72 7.00
N ASN E 370 -35.64 -4.64 8.10
CA ASN E 370 -35.68 -3.40 8.86
C ASN E 370 -34.33 -3.11 9.49
N TYR E 371 -33.60 -4.17 9.87
CA TYR E 371 -32.27 -3.99 10.40
C TYR E 371 -31.36 -3.32 9.38
N TRP E 372 -31.34 -3.85 8.15
CA TRP E 372 -30.40 -3.29 7.17
C TRP E 372 -30.83 -1.90 6.68
N GLN E 373 -32.10 -1.52 6.82
CA GLN E 373 -32.50 -0.17 6.44
C GLN E 373 -32.44 0.81 7.60
N SER E 374 -32.17 0.32 8.82
CA SER E 374 -32.13 1.16 10.00
C SER E 374 -33.39 2.03 10.11
N ASN E 375 -34.55 1.46 9.75
CA ASN E 375 -35.78 2.26 9.65
C ASN E 375 -36.48 2.37 11.00
N ALA E 376 -37.63 3.07 11.00
CA ALA E 376 -38.34 3.38 12.23
C ALA E 376 -38.82 2.13 12.95
N ASP E 377 -39.23 1.09 12.21
CA ASP E 377 -39.74 -0.12 12.85
C ASP E 377 -38.64 -0.89 13.60
N LEU E 378 -37.38 -0.71 13.19
CA LEU E 378 -36.29 -1.36 13.94
C LEU E 378 -36.25 -0.88 15.39
N TYR E 379 -36.61 0.37 15.64
CA TYR E 379 -36.46 0.98 16.95
C TYR E 379 -37.77 1.10 17.72
N GLU E 380 -38.84 0.49 17.23
CA GLU E 380 -40.16 0.76 17.77
C GLU E 380 -40.35 0.30 19.21
N LYS E 381 -39.62 -0.72 19.68
CA LYS E 381 -39.82 -1.24 21.03
C LYS E 381 -38.82 -0.69 22.05
N VAL E 382 -37.97 0.25 21.66
CA VAL E 382 -37.08 0.88 22.64
C VAL E 382 -37.56 2.32 22.80
N PRO E 383 -37.26 2.99 23.91
CA PRO E 383 -37.65 4.41 24.03
C PRO E 383 -37.05 5.26 22.91
N LYS E 384 -37.81 6.28 22.54
CA LYS E 384 -37.43 7.14 21.42
C LYS E 384 -36.03 7.72 21.63
N ARG E 385 -35.22 7.71 20.57
CA ARG E 385 -33.79 8.01 20.65
C ARG E 385 -33.43 9.31 19.94
N ASN E 386 -32.60 10.11 20.61
CA ASN E 386 -31.89 11.20 19.97
C ASN E 386 -30.57 10.73 19.33
N TYR E 387 -30.12 9.51 19.64
CA TYR E 387 -28.93 8.93 19.03
C TYR E 387 -29.37 8.01 17.89
N TRP E 388 -28.91 8.32 16.68
CA TRP E 388 -29.28 7.53 15.52
C TRP E 388 -28.19 7.60 14.46
N ARG E 389 -27.85 6.43 13.90
CA ARG E 389 -26.97 6.29 12.74
C ARG E 389 -27.63 5.33 11.76
N SER E 390 -27.43 5.56 10.48
CA SER E 390 -27.98 4.70 9.44
C SER E 390 -26.85 4.02 8.68
N TYR E 391 -26.89 2.69 8.58
CA TYR E 391 -25.90 1.97 7.79
C TYR E 391 -25.86 2.48 6.35
N GLU E 392 -27.03 2.55 5.72
CA GLU E 392 -27.11 2.95 4.31
C GLU E 392 -26.63 4.38 4.10
N ALA E 393 -27.10 5.29 4.95
CA ALA E 393 -26.71 6.69 4.81
C ALA E 393 -25.20 6.85 4.96
N THR E 394 -24.60 6.12 5.91
CA THR E 394 -23.15 6.21 6.10
C THR E 394 -22.39 5.64 4.92
N ALA E 395 -22.84 4.48 4.43
CA ALA E 395 -22.21 3.85 3.27
C ALA E 395 -22.31 4.71 2.03
N ARG E 396 -23.48 5.32 1.79
CA ARG E 396 -23.61 6.22 0.63
C ARG E 396 -22.67 7.41 0.76
N ARG E 397 -22.54 7.95 1.97
CA ARG E 397 -21.64 9.07 2.17
C ARG E 397 -20.20 8.66 1.89
N VAL E 398 -19.80 7.47 2.36
CA VAL E 398 -18.42 7.00 2.14
C VAL E 398 -18.17 6.76 0.65
N LEU E 399 -19.11 6.13 -0.05
CA LEU E 399 -18.93 5.83 -1.46
C LEU E 399 -19.09 7.05 -2.36
N GLY E 400 -19.75 8.11 -1.87
CA GLY E 400 -20.05 9.25 -2.70
C GLY E 400 -18.85 10.10 -3.07
N ALA E 401 -17.77 10.05 -2.29
CA ALA E 401 -16.51 10.75 -2.59
C ALA E 401 -16.65 12.29 -2.60
N ALA E 402 -17.67 12.83 -1.93
CA ALA E 402 -17.68 14.27 -1.68
C ALA E 402 -16.53 14.63 -0.72
N PRO E 403 -16.05 15.86 -0.76
CA PRO E 403 -15.01 16.25 0.22
C PRO E 403 -15.52 16.07 1.66
N ARG E 404 -14.62 15.69 2.57
CA ARG E 404 -15.09 15.40 3.93
C ARG E 404 -15.70 16.63 4.60
N SER E 405 -15.15 17.81 4.34
CA SER E 405 -15.73 19.03 4.90
C SER E 405 -17.20 19.19 4.49
N SER E 406 -17.59 18.63 3.34
CA SER E 406 -18.99 18.64 2.93
C SER E 406 -19.85 17.93 3.96
N ILE E 407 -19.29 16.97 4.68
CA ILE E 407 -20.05 16.25 5.69
C ILE E 407 -20.04 17.00 7.02
N ASN E 408 -18.94 17.71 7.33
CA ASN E 408 -18.79 18.39 8.61
C ASN E 408 -19.61 19.67 8.72
N TYR E 409 -19.88 20.36 7.62
CA TYR E 409 -20.55 21.66 7.66
C TYR E 409 -21.98 21.55 7.14
N GLU E 410 -22.94 22.00 7.95
CA GLU E 410 -24.35 21.87 7.57
C GLU E 410 -24.71 22.78 6.40
N ASN E 411 -24.14 23.97 6.34
CA ASN E 411 -24.61 24.89 5.31
C ASN E 411 -24.17 24.47 3.90
N MET E 412 -23.07 23.72 3.75
CA MET E 412 -22.47 23.53 2.44
C MET E 412 -22.29 22.06 2.08
N ASN E 413 -22.78 21.67 0.90
CA ASN E 413 -22.70 20.28 0.45
C ASN E 413 -22.37 20.28 -1.04
N ILE E 414 -21.50 19.37 -1.46
CA ILE E 414 -21.38 18.99 -2.86
C ILE E 414 -22.24 17.75 -3.05
N PRO E 415 -23.33 17.84 -3.79
CA PRO E 415 -24.26 16.70 -3.89
C PRO E 415 -23.65 15.53 -4.65
N THR E 416 -24.10 14.33 -4.31
CA THR E 416 -23.68 13.13 -5.04
C THR E 416 -24.91 12.44 -5.61
N ALA E 417 -24.67 11.55 -6.57
CA ALA E 417 -25.79 10.77 -7.09
C ALA E 417 -26.48 9.95 -5.98
N LEU E 418 -25.76 9.56 -4.94
CA LEU E 418 -26.30 8.79 -3.83
C LEU E 418 -27.02 9.65 -2.79
N ASP E 419 -27.04 10.98 -2.95
CA ASP E 419 -27.83 11.86 -2.12
C ASP E 419 -29.28 11.94 -2.57
N PHE E 420 -29.63 11.34 -3.72
CA PHE E 420 -30.97 11.46 -4.26
C PHE E 420 -31.51 10.11 -4.70
N TYR E 421 -32.75 9.80 -4.29
CA TYR E 421 -33.39 8.62 -4.83
C TYR E 421 -33.70 8.76 -6.31
N GLN E 422 -33.73 9.97 -6.85
CA GLN E 422 -33.95 10.16 -8.29
C GLN E 422 -32.77 9.67 -9.13
N THR E 423 -31.55 9.71 -8.58
CA THR E 423 -30.33 9.45 -9.34
C THR E 423 -29.51 8.29 -8.81
N SER E 424 -29.91 7.66 -7.71
CA SER E 424 -29.09 6.60 -7.10
C SER E 424 -28.73 5.51 -8.09
N LEU E 425 -29.69 5.12 -8.95
CA LEU E 425 -29.46 3.96 -9.81
C LEU E 425 -28.45 4.24 -10.91
N ARG E 426 -28.00 5.50 -11.06
CA ARG E 426 -26.96 5.86 -12.03
C ARG E 426 -25.53 5.56 -11.57
N ASP E 427 -25.30 5.48 -10.27
CA ASP E 427 -23.94 5.22 -9.78
C ASP E 427 -23.75 3.72 -9.70
N PRO E 428 -22.80 3.13 -10.42
CA PRO E 428 -22.59 1.68 -10.29
C PRO E 428 -22.32 1.27 -8.85
N ALA E 429 -21.82 2.18 -8.01
CA ALA E 429 -21.60 1.86 -6.60
C ALA E 429 -22.91 1.51 -5.89
N PHE E 430 -24.05 2.05 -6.36
CA PHE E 430 -25.34 1.73 -5.76
C PHE E 430 -25.60 0.22 -5.77
N TYR E 431 -25.35 -0.44 -6.91
CA TYR E 431 -25.63 -1.87 -7.01
C TYR E 431 -24.64 -2.70 -6.19
N GLN E 432 -23.38 -2.29 -6.13
CA GLN E 432 -22.42 -3.00 -5.29
C GLN E 432 -22.77 -2.87 -3.81
N LEU E 433 -23.21 -1.68 -3.37
CA LEU E 433 -23.60 -1.49 -1.97
C LEU E 433 -24.72 -2.44 -1.58
N TYR E 434 -25.79 -2.46 -2.39
CA TYR E 434 -26.95 -3.29 -2.06
C TYR E 434 -26.71 -4.77 -2.37
N ALA E 435 -25.77 -5.11 -3.24
CA ALA E 435 -25.34 -6.51 -3.36
C ALA E 435 -24.62 -6.97 -2.09
N LYS E 436 -23.78 -6.10 -1.51
CA LYS E 436 -23.17 -6.42 -0.23
C LYS E 436 -24.25 -6.68 0.82
N ILE E 437 -25.25 -5.80 0.89
CA ILE E 437 -26.31 -5.96 1.88
C ILE E 437 -27.09 -7.26 1.64
N LEU E 438 -27.46 -7.53 0.39
CA LEU E 438 -28.22 -8.75 0.14
C LEU E 438 -27.37 -10.00 0.29
N ASP E 439 -26.05 -9.93 0.07
CA ASP E 439 -25.20 -11.05 0.44
C ASP E 439 -25.39 -11.40 1.92
N TYR E 440 -25.39 -10.39 2.78
CA TYR E 440 -25.63 -10.68 4.19
C TYR E 440 -27.01 -11.29 4.40
N ILE E 441 -28.03 -10.73 3.76
CA ILE E 441 -29.38 -11.27 3.95
C ILE E 441 -29.47 -12.68 3.37
N ASN E 442 -28.81 -12.95 2.24
CA ASN E 442 -28.87 -14.33 1.75
C ASN E 442 -28.08 -15.31 2.63
N GLU E 443 -27.07 -14.85 3.39
CA GLU E 443 -26.51 -15.73 4.43
C GLU E 443 -27.56 -16.09 5.46
N TYR E 444 -28.36 -15.10 5.89
CA TYR E 444 -29.45 -15.39 6.82
C TYR E 444 -30.45 -16.38 6.22
N LYS E 445 -30.73 -16.26 4.91
CA LYS E 445 -31.68 -17.14 4.26
C LYS E 445 -31.26 -18.60 4.34
N GLU E 446 -29.97 -18.88 4.54
CA GLU E 446 -29.52 -20.26 4.74
C GLU E 446 -30.10 -20.88 6.00
N TYR E 447 -30.61 -20.09 6.95
CA TYR E 447 -31.30 -20.65 8.10
C TYR E 447 -32.59 -21.37 7.72
N LEU E 448 -33.28 -20.93 6.66
CA LEU E 448 -34.64 -21.35 6.40
C LEU E 448 -34.74 -22.80 5.92
N GLU E 449 -35.83 -23.45 6.29
CA GLU E 449 -36.06 -24.81 5.81
C GLU E 449 -36.47 -24.78 4.35
N PRO E 450 -35.78 -25.51 3.48
CA PRO E 450 -36.16 -25.56 2.06
C PRO E 450 -37.53 -26.19 1.88
N TYR E 451 -38.25 -25.71 0.87
CA TYR E 451 -39.58 -26.24 0.61
C TYR E 451 -39.47 -27.72 0.25
N SER E 452 -40.32 -28.54 0.88
CA SER E 452 -40.35 -29.96 0.58
C SER E 452 -41.05 -30.22 -0.75
N GLN E 453 -40.82 -31.42 -1.28
CA GLN E 453 -41.53 -31.85 -2.48
C GLN E 453 -43.04 -31.82 -2.30
N ASP E 454 -43.54 -32.16 -1.10
CA ASP E 454 -44.98 -32.14 -0.89
C ASP E 454 -45.54 -30.73 -0.95
N VAL E 455 -44.80 -29.75 -0.43
CA VAL E 455 -45.24 -28.36 -0.56
C VAL E 455 -45.19 -27.90 -2.02
N LEU E 456 -44.15 -28.27 -2.75
CA LEU E 456 -43.98 -27.77 -4.11
C LEU E 456 -44.89 -28.51 -5.10
N HIS E 457 -45.18 -29.77 -4.84
CA HIS E 457 -45.89 -30.62 -5.80
C HIS E 457 -47.39 -30.37 -5.69
N TYR E 458 -48.03 -30.09 -6.82
CA TYR E 458 -49.47 -29.88 -6.92
C TYR E 458 -50.09 -31.15 -7.49
N VAL E 459 -50.68 -31.97 -6.63
CA VAL E 459 -51.21 -33.24 -7.08
C VAL E 459 -52.33 -33.01 -8.09
N GLY E 460 -52.19 -33.66 -9.26
CA GLY E 460 -53.21 -33.61 -10.30
C GLY E 460 -53.11 -32.50 -11.31
N VAL E 461 -52.08 -31.64 -11.25
CA VAL E 461 -51.92 -30.54 -12.19
C VAL E 461 -50.57 -30.68 -12.88
N LYS E 462 -50.57 -30.65 -14.21
CA LYS E 462 -49.38 -30.88 -15.02
C LYS E 462 -49.25 -29.83 -16.12
N ILE E 463 -48.11 -29.16 -16.18
CA ILE E 463 -47.82 -28.25 -17.29
C ILE E 463 -47.26 -29.08 -18.45
N ASN E 464 -48.04 -29.20 -19.53
CA ASN E 464 -47.62 -29.99 -20.69
C ASN E 464 -46.63 -29.24 -21.57
N ASP E 465 -46.78 -27.93 -21.68
CA ASP E 465 -45.96 -27.19 -22.64
C ASP E 465 -46.03 -25.71 -22.29
N VAL E 466 -44.96 -24.99 -22.62
CA VAL E 466 -44.95 -23.53 -22.56
C VAL E 466 -44.44 -23.04 -23.90
N LYS E 467 -45.22 -22.20 -24.56
CA LYS E 467 -44.79 -21.60 -25.82
C LYS E 467 -44.85 -20.09 -25.72
N VAL E 468 -43.81 -19.43 -26.21
CA VAL E 468 -43.64 -17.99 -26.10
C VAL E 468 -43.56 -17.39 -27.49
N ASP E 469 -44.30 -16.30 -27.71
CA ASP E 469 -44.08 -15.51 -28.92
C ASP E 469 -42.63 -15.03 -28.98
N LYS E 470 -42.23 -14.58 -30.16
CA LYS E 470 -40.87 -14.08 -30.34
C LYS E 470 -40.58 -12.91 -29.41
N LEU E 471 -39.43 -12.98 -28.74
CA LEU E 471 -39.01 -11.96 -27.78
C LEU E 471 -38.07 -11.00 -28.51
N VAL E 472 -38.52 -9.76 -28.69
CA VAL E 472 -37.81 -8.78 -29.51
C VAL E 472 -37.69 -7.47 -28.72
N THR E 473 -36.47 -6.95 -28.59
CA THR E 473 -36.27 -5.62 -28.03
C THR E 473 -35.89 -4.66 -29.16
N TYR E 474 -36.04 -3.37 -28.87
CA TYR E 474 -35.68 -2.33 -29.82
C TYR E 474 -35.59 -1.01 -29.07
N PHE E 475 -34.95 -0.05 -29.71
CA PHE E 475 -34.91 1.32 -29.20
C PHE E 475 -35.86 2.20 -29.98
N GLU E 476 -36.52 3.12 -29.27
CA GLU E 476 -37.43 4.07 -29.87
C GLU E 476 -37.27 5.41 -29.16
N TYR E 477 -37.52 6.49 -29.87
CA TYR E 477 -37.51 7.83 -29.26
C TYR E 477 -38.72 8.02 -28.37
N PHE E 478 -38.49 8.61 -27.19
CA PHE E 478 -39.51 8.90 -26.19
C PHE E 478 -39.36 10.35 -25.77
N ASP E 479 -40.44 11.12 -25.85
CA ASP E 479 -40.47 12.53 -25.52
C ASP E 479 -40.94 12.71 -24.09
N TRP E 480 -40.23 13.54 -23.33
CA TRP E 480 -40.71 13.93 -22.00
C TRP E 480 -40.43 15.42 -21.75
N ASN E 481 -41.23 15.99 -20.86
CA ASN E 481 -41.34 17.42 -20.66
C ASN E 481 -40.43 17.87 -19.52
N ALA E 482 -39.44 18.73 -19.82
CA ALA E 482 -38.45 19.22 -18.86
C ALA E 482 -38.63 20.70 -18.48
N THR E 483 -39.80 21.27 -18.75
CA THR E 483 -40.01 22.69 -18.53
C THR E 483 -39.83 23.09 -17.06
N ASN E 484 -40.07 22.18 -16.12
CA ASN E 484 -39.86 22.54 -14.71
C ASN E 484 -38.38 22.74 -14.38
N ALA E 485 -37.47 22.46 -15.31
CA ALA E 485 -36.05 22.72 -15.10
C ALA E 485 -35.65 24.16 -15.34
N VAL E 486 -36.42 24.94 -16.08
CA VAL E 486 -35.96 26.24 -16.52
C VAL E 486 -36.58 27.30 -15.63
N TYR E 487 -35.91 28.44 -15.52
CA TYR E 487 -36.43 29.58 -14.79
C TYR E 487 -37.08 30.51 -15.80
N LEU E 488 -38.37 30.78 -15.60
CA LEU E 488 -39.22 31.51 -16.53
C LEU E 488 -39.30 32.99 -16.19
N SER E 489 -39.58 33.80 -17.21
CA SER E 489 -39.84 35.21 -16.98
C SER E 489 -41.21 35.41 -16.37
N GLU E 490 -41.44 36.62 -15.84
CA GLU E 490 -42.75 36.95 -15.31
C GLU E 490 -43.81 36.93 -16.41
N GLN E 491 -43.47 37.42 -17.60
CA GLN E 491 -44.42 37.35 -18.71
C GLN E 491 -44.79 35.90 -19.02
N GLN E 492 -43.80 34.99 -19.01
CA GLN E 492 -44.11 33.60 -19.29
C GLN E 492 -44.90 32.96 -18.15
N LEU E 493 -44.57 33.29 -16.89
CA LEU E 493 -45.29 32.74 -15.74
C LEU E 493 -46.74 33.22 -15.71
N ASP E 494 -46.97 34.48 -16.12
CA ASP E 494 -48.30 35.02 -16.09
C ASP E 494 -49.13 34.57 -17.28
N THR E 495 -48.50 34.39 -18.45
CA THR E 495 -49.28 33.81 -19.54
C THR E 495 -49.03 32.32 -19.73
N VAL E 496 -48.05 31.97 -20.55
CA VAL E 496 -47.77 30.57 -20.79
C VAL E 496 -46.30 30.43 -21.17
N SER E 497 -45.70 29.34 -20.73
CA SER E 497 -44.30 29.07 -21.03
C SER E 497 -44.12 28.41 -22.39
N PRO E 498 -42.94 28.56 -22.98
CA PRO E 498 -42.54 27.62 -24.03
C PRO E 498 -42.28 26.25 -23.41
N SER E 499 -42.42 25.21 -24.21
CA SER E 499 -42.20 23.85 -23.74
C SER E 499 -40.81 23.38 -24.15
N TYR E 500 -40.10 22.76 -23.21
CA TYR E 500 -38.77 22.20 -23.41
C TYR E 500 -38.88 20.67 -23.29
N ILE E 501 -38.74 19.96 -24.41
CA ILE E 501 -39.00 18.52 -24.50
C ILE E 501 -37.70 17.75 -24.76
N VAL E 502 -37.43 16.75 -23.92
CA VAL E 502 -36.30 15.85 -24.13
C VAL E 502 -36.76 14.70 -25.01
N ARG E 503 -36.00 14.44 -26.07
CA ARG E 503 -36.28 13.34 -26.99
C ARG E 503 -35.12 12.36 -26.88
N GLN E 504 -35.41 11.17 -26.37
CA GLN E 504 -34.38 10.29 -25.87
C GLN E 504 -34.72 8.87 -26.31
N PRO E 505 -33.77 8.14 -26.90
CA PRO E 505 -34.02 6.72 -27.19
C PRO E 505 -34.21 5.93 -25.91
N ARG E 506 -35.19 5.02 -25.91
CA ARG E 506 -35.42 4.17 -24.74
C ARG E 506 -35.68 2.74 -25.19
N LEU E 507 -35.22 1.80 -24.37
CA LEU E 507 -35.46 0.39 -24.64
C LEU E 507 -36.95 0.08 -24.62
N ASN E 508 -37.36 -0.87 -25.46
CA ASN E 508 -38.73 -1.36 -25.43
C ASN E 508 -38.73 -2.80 -25.95
N ASN E 509 -39.85 -3.48 -25.75
CA ASN E 509 -40.02 -4.82 -26.28
C ASN E 509 -41.37 -4.93 -26.99
N LYS E 510 -41.40 -5.78 -28.01
CA LYS E 510 -42.64 -6.05 -28.72
C LYS E 510 -43.58 -6.87 -27.84
N PRO E 511 -44.89 -6.60 -27.88
CA PRO E 511 -45.84 -7.40 -27.10
C PRO E 511 -45.69 -8.88 -27.42
N PHE E 512 -45.76 -9.71 -26.38
CA PHE E 512 -45.64 -11.15 -26.56
C PHE E 512 -46.56 -11.90 -25.60
N THR E 513 -46.93 -13.11 -25.99
CA THR E 513 -47.81 -13.96 -25.18
C THR E 513 -47.07 -15.21 -24.75
N VAL E 514 -47.27 -15.59 -23.49
CA VAL E 514 -46.78 -16.86 -22.96
C VAL E 514 -47.98 -17.81 -22.93
N ASN E 515 -47.88 -18.91 -23.67
CA ASN E 515 -48.99 -19.86 -23.78
C ASN E 515 -48.66 -21.08 -22.92
N ILE E 516 -49.52 -21.35 -21.95
CA ILE E 516 -49.28 -22.39 -20.96
C ILE E 516 -50.35 -23.46 -21.12
N ASP E 517 -49.92 -24.70 -21.36
CA ASP E 517 -50.81 -25.86 -21.49
C ASP E 517 -50.81 -26.61 -20.17
N ILE E 518 -51.99 -26.81 -19.59
CA ILE E 518 -52.13 -27.44 -18.28
C ILE E 518 -53.15 -28.57 -18.36
N LYS E 519 -52.75 -29.75 -17.91
CA LYS E 519 -53.65 -30.88 -17.72
C LYS E 519 -53.99 -30.97 -16.25
N SER E 520 -55.28 -30.97 -15.93
CA SER E 520 -55.73 -31.00 -14.54
C SER E 520 -56.67 -32.17 -14.36
N ASP E 521 -56.43 -32.97 -13.31
CA ASP E 521 -57.34 -34.06 -12.98
C ASP E 521 -58.70 -33.52 -12.57
N VAL E 522 -58.70 -32.44 -11.80
CA VAL E 522 -59.91 -31.89 -11.19
C VAL E 522 -60.01 -30.41 -11.56
N GLU E 523 -61.23 -29.90 -11.52
CA GLU E 523 -61.49 -28.48 -11.71
C GLU E 523 -61.09 -27.72 -10.45
N SER E 524 -60.27 -26.69 -10.61
CA SER E 524 -59.72 -26.01 -9.45
C SER E 524 -59.24 -24.61 -9.82
N GLU E 525 -59.26 -23.74 -8.81
CA GLU E 525 -58.61 -22.43 -8.87
C GLU E 525 -57.15 -22.52 -8.46
N VAL E 526 -56.29 -21.94 -9.29
CA VAL E 526 -54.86 -22.05 -9.10
C VAL E 526 -54.24 -20.64 -9.15
N VAL E 527 -53.01 -20.53 -8.68
CA VAL E 527 -52.18 -19.36 -8.91
C VAL E 527 -51.15 -19.74 -9.95
N VAL E 528 -50.94 -18.86 -10.93
CA VAL E 528 -49.88 -19.03 -11.93
C VAL E 528 -48.87 -17.92 -11.71
N LYS E 529 -47.58 -18.28 -11.74
CA LYS E 529 -46.48 -17.32 -11.73
C LYS E 529 -45.54 -17.56 -12.90
N ILE E 530 -44.96 -16.47 -13.39
CA ILE E 530 -43.95 -16.51 -14.44
C ILE E 530 -42.74 -15.72 -13.96
N PHE E 531 -41.57 -16.35 -14.04
CA PHE E 531 -40.29 -15.76 -13.67
C PHE E 531 -39.36 -15.75 -14.89
N LEU E 532 -38.44 -14.79 -14.89
CA LEU E 532 -37.41 -14.69 -15.90
C LEU E 532 -36.05 -14.65 -15.21
N GLY E 533 -35.11 -15.45 -15.70
CA GLY E 533 -33.79 -15.54 -15.11
C GLY E 533 -32.70 -15.76 -16.15
N PRO E 534 -31.45 -15.53 -15.77
CA PRO E 534 -30.34 -15.76 -16.69
C PRO E 534 -30.08 -17.26 -16.87
N LYS E 535 -29.41 -17.59 -17.98
CA LYS E 535 -28.97 -18.95 -18.21
C LYS E 535 -27.46 -19.14 -17.99
N TYR E 536 -26.63 -18.23 -18.52
CA TYR E 536 -25.18 -18.31 -18.40
C TYR E 536 -24.64 -17.15 -17.56
N ASP E 537 -23.58 -17.43 -16.80
CA ASP E 537 -22.93 -16.38 -16.03
C ASP E 537 -21.91 -15.66 -16.90
N GLY E 538 -21.15 -14.72 -16.31
CA GLY E 538 -20.14 -13.98 -17.04
C GLY E 538 -19.02 -14.82 -17.60
N ASN E 539 -18.80 -16.02 -17.05
CA ASN E 539 -17.79 -16.95 -17.55
C ASN E 539 -18.33 -17.86 -18.66
N GLY E 540 -19.57 -17.65 -19.11
CA GLY E 540 -20.09 -18.48 -20.17
C GLY E 540 -20.54 -19.84 -19.72
N LEU E 541 -20.74 -20.03 -18.42
CA LEU E 541 -21.10 -21.31 -17.83
C LEU E 541 -22.57 -21.33 -17.43
N PRO E 542 -23.25 -22.46 -17.62
CA PRO E 542 -24.66 -22.54 -17.21
C PRO E 542 -24.80 -22.42 -15.69
N ILE E 543 -25.74 -21.59 -15.26
CA ILE E 543 -25.97 -21.37 -13.83
C ILE E 543 -26.93 -22.44 -13.34
N SER E 544 -26.50 -23.22 -12.35
CA SER E 544 -27.38 -24.21 -11.76
C SER E 544 -28.39 -23.56 -10.81
N LEU E 545 -29.48 -24.28 -10.55
CA LEU E 545 -30.60 -23.74 -9.79
C LEU E 545 -30.21 -23.40 -8.35
N GLU E 546 -29.24 -24.12 -7.78
CA GLU E 546 -28.82 -23.84 -6.40
C GLU E 546 -28.25 -22.45 -6.25
N ASP E 547 -27.64 -21.94 -7.31
CA ASP E 547 -27.12 -20.58 -7.32
C ASP E 547 -28.03 -19.58 -8.04
N ASN E 548 -28.94 -20.04 -8.89
CA ASN E 548 -29.68 -19.12 -9.74
C ASN E 548 -30.99 -18.62 -9.14
N TRP E 549 -31.44 -19.18 -8.01
CA TRP E 549 -32.75 -18.83 -7.49
C TRP E 549 -32.85 -17.34 -7.15
N ILE E 550 -31.76 -16.72 -6.70
CA ILE E 550 -31.77 -15.28 -6.43
C ILE E 550 -31.84 -14.42 -7.69
N ASN E 551 -31.49 -14.96 -8.85
CA ASN E 551 -31.42 -14.16 -10.06
C ASN E 551 -32.74 -14.15 -10.84
N PHE E 552 -33.71 -14.97 -10.47
CA PHE E 552 -34.97 -15.02 -11.19
C PHE E 552 -35.81 -13.80 -10.84
N ILE E 553 -36.46 -13.22 -11.86
CA ILE E 553 -37.26 -12.01 -11.71
C ILE E 553 -38.72 -12.37 -11.90
N GLU E 554 -39.53 -12.08 -10.89
CA GLU E 554 -40.95 -12.39 -10.94
C GLU E 554 -41.62 -11.40 -11.90
N LEU E 555 -42.22 -11.93 -12.96
CA LEU E 555 -42.89 -11.14 -13.98
C LEU E 555 -44.40 -11.06 -13.80
N ASP E 556 -45.05 -12.14 -13.38
CA ASP E 556 -46.51 -12.22 -13.45
C ASP E 556 -47.01 -13.08 -12.29
N TRP E 557 -48.26 -12.83 -11.90
CA TRP E 557 -48.85 -13.40 -10.70
C TRP E 557 -50.36 -13.27 -10.88
N PHE E 558 -51.06 -14.38 -11.10
CA PHE E 558 -52.48 -14.28 -11.34
C PHE E 558 -53.17 -15.58 -10.97
N THR E 559 -54.46 -15.48 -10.70
CA THR E 559 -55.29 -16.64 -10.39
C THR E 559 -55.99 -17.09 -11.66
N HIS E 560 -56.33 -18.37 -11.71
CA HIS E 560 -56.96 -18.94 -12.90
C HIS E 560 -57.75 -20.19 -12.51
N LYS E 561 -58.84 -20.43 -13.23
CA LYS E 561 -59.66 -21.61 -13.00
C LYS E 561 -59.33 -22.68 -14.02
N LEU E 562 -58.86 -23.82 -13.54
CA LEU E 562 -58.61 -24.94 -14.42
C LEU E 562 -59.86 -25.78 -14.50
N THR E 563 -60.25 -26.15 -15.72
CA THR E 563 -61.27 -27.18 -15.86
C THR E 563 -60.58 -28.54 -15.86
N SER E 564 -61.35 -29.58 -15.60
CA SER E 564 -60.76 -30.91 -15.65
C SER E 564 -60.34 -31.20 -17.09
N GLY E 565 -59.15 -31.77 -17.26
CA GLY E 565 -58.64 -32.01 -18.59
C GLY E 565 -57.68 -30.95 -19.09
N GLN E 566 -57.65 -30.73 -20.40
CA GLN E 566 -56.70 -29.80 -21.02
C GLN E 566 -57.16 -28.36 -20.86
N ASN E 567 -56.23 -27.51 -20.44
CA ASN E 567 -56.44 -26.08 -20.32
C ASN E 567 -55.37 -25.36 -21.11
N LYS E 568 -55.75 -24.22 -21.69
CA LYS E 568 -54.83 -23.33 -22.38
C LYS E 568 -54.93 -21.94 -21.80
N ILE E 569 -53.80 -21.40 -21.36
CA ILE E 569 -53.70 -20.05 -20.82
C ILE E 569 -52.87 -19.23 -21.80
N ALA E 570 -53.46 -18.18 -22.37
CA ALA E 570 -52.73 -17.24 -23.21
C ALA E 570 -52.56 -15.96 -22.41
N ARG E 571 -51.34 -15.73 -21.94
CA ARG E 571 -51.08 -14.63 -21.02
C ARG E 571 -50.22 -13.58 -21.72
N LYS E 572 -50.76 -12.37 -21.88
CA LYS E 572 -50.08 -11.30 -22.59
C LYS E 572 -49.10 -10.55 -21.68
N SER E 573 -47.96 -10.14 -22.26
CA SER E 573 -47.01 -9.34 -21.51
C SER E 573 -47.64 -8.03 -21.02
N GLU E 574 -48.60 -7.49 -21.77
CA GLU E 574 -49.30 -6.29 -21.36
C GLU E 574 -50.16 -6.52 -20.13
N GLU E 575 -50.40 -7.75 -19.74
CA GLU E 575 -51.14 -8.10 -18.54
C GLU E 575 -50.26 -8.47 -17.36
N PHE E 576 -48.93 -8.56 -17.54
CA PHE E 576 -48.08 -9.07 -16.45
C PHE E 576 -48.27 -8.22 -15.20
N PHE E 577 -48.41 -8.90 -14.06
CA PHE E 577 -48.80 -8.24 -12.82
C PHE E 577 -47.79 -7.17 -12.40
N PHE E 578 -46.50 -7.43 -12.57
CA PHE E 578 -45.48 -6.60 -11.94
C PHE E 578 -44.95 -5.49 -12.84
N PHE E 579 -45.65 -5.16 -13.93
CA PHE E 579 -45.20 -4.16 -14.88
C PHE E 579 -46.32 -3.21 -15.26
N LYS E 580 -45.94 -1.97 -15.61
CA LYS E 580 -46.90 -0.93 -15.91
C LYS E 580 -46.60 -0.28 -17.26
N ASP E 581 -47.61 0.38 -17.81
CA ASP E 581 -47.43 1.26 -18.95
C ASP E 581 -46.63 2.49 -18.55
N ASP E 582 -46.04 3.13 -19.56
CA ASP E 582 -45.34 4.39 -19.33
C ASP E 582 -46.28 5.41 -18.71
N SER E 583 -45.73 6.24 -17.83
CA SER E 583 -46.43 7.42 -17.37
C SER E 583 -46.85 8.28 -18.56
N VAL E 584 -47.86 9.09 -18.34
CA VAL E 584 -48.37 9.99 -19.38
C VAL E 584 -47.81 11.38 -19.11
N SER E 585 -47.59 12.15 -20.18
CA SER E 585 -46.95 13.43 -20.05
C SER E 585 -47.89 14.45 -19.41
N LEU E 586 -47.28 15.52 -18.87
CA LEU E 586 -48.04 16.57 -18.17
C LEU E 586 -49.19 17.09 -19.03
N PHE E 587 -48.91 17.36 -20.31
CA PHE E 587 -49.95 17.90 -21.18
C PHE E 587 -51.08 16.89 -21.36
N LYS E 588 -50.76 15.60 -21.49
CA LYS E 588 -51.80 14.59 -21.57
C LYS E 588 -52.61 14.52 -20.28
N ILE E 589 -51.95 14.71 -19.13
CA ILE E 589 -52.69 14.74 -17.86
C ILE E 589 -53.73 15.85 -17.87
N TYR E 590 -53.34 17.06 -18.33
CA TYR E 590 -54.28 18.17 -18.38
C TYR E 590 -55.43 17.88 -19.33
N GLU E 591 -55.12 17.31 -20.49
CA GLU E 591 -56.15 16.98 -21.47
C GLU E 591 -57.13 15.94 -20.92
N LEU E 592 -56.61 14.82 -20.39
CA LEU E 592 -57.48 13.79 -19.81
C LEU E 592 -58.30 14.37 -18.67
N LEU E 593 -57.72 15.30 -17.91
CA LEU E 593 -58.44 15.95 -16.83
C LEU E 593 -59.69 16.66 -17.35
N SER E 594 -59.56 17.38 -18.46
CA SER E 594 -60.70 18.11 -19.03
C SER E 594 -61.82 17.16 -19.48
N ASN E 595 -61.53 15.89 -19.71
CA ASN E 595 -62.55 14.88 -19.94
C ASN E 595 -62.84 14.05 -18.70
N GLY E 596 -62.40 14.53 -17.53
CA GLY E 596 -62.66 13.85 -16.27
C GLY E 596 -61.98 12.50 -16.13
N GLN E 597 -60.86 12.30 -16.80
CA GLN E 597 -60.17 11.02 -16.78
C GLN E 597 -58.76 11.19 -16.24
N VAL E 598 -58.21 10.08 -15.76
CA VAL E 598 -56.81 10.01 -15.32
C VAL E 598 -56.17 8.75 -15.89
N PRO E 599 -54.85 8.73 -16.08
CA PRO E 599 -54.17 7.49 -16.50
C PRO E 599 -54.22 6.45 -15.40
N SER E 600 -54.84 5.31 -15.68
CA SER E 600 -55.14 4.33 -14.65
C SER E 600 -53.87 3.80 -13.98
N TYR E 601 -52.86 3.48 -14.78
CA TYR E 601 -51.63 2.91 -14.22
C TYR E 601 -50.91 3.92 -13.34
N MET E 602 -50.95 5.19 -13.71
CA MET E 602 -50.28 6.20 -12.90
C MET E 602 -50.91 6.35 -11.52
N VAL E 603 -52.22 6.12 -11.43
CA VAL E 603 -52.93 6.24 -10.16
C VAL E 603 -52.86 4.94 -9.35
N ASP E 604 -53.08 3.79 -9.99
CA ASP E 604 -53.20 2.55 -9.27
C ASP E 604 -51.90 1.75 -9.19
N ARG E 605 -51.03 1.84 -10.20
CA ARG E 605 -49.90 0.92 -10.29
C ARG E 605 -48.58 1.63 -10.57
N TYR E 606 -48.40 2.85 -10.05
CA TYR E 606 -47.16 3.58 -10.31
C TYR E 606 -45.96 2.89 -9.69
N ILE E 607 -46.19 1.96 -8.75
CA ILE E 607 -45.10 1.30 -8.03
C ILE E 607 -44.47 0.13 -8.79
N TYR E 608 -44.85 -0.10 -10.04
CA TYR E 608 -44.31 -1.24 -10.78
C TYR E 608 -43.28 -0.80 -11.82
N LEU E 609 -42.46 -1.77 -12.22
CA LEU E 609 -41.45 -1.54 -13.25
C LEU E 609 -42.12 -1.22 -14.58
N PRO E 610 -41.53 -0.34 -15.37
CA PRO E 610 -42.07 -0.10 -16.73
C PRO E 610 -42.05 -1.37 -17.57
N ARG E 611 -43.17 -1.63 -18.25
CA ARG E 611 -43.25 -2.81 -19.10
C ARG E 611 -42.17 -2.81 -20.18
N ARG E 612 -41.73 -1.62 -20.63
CA ARG E 612 -40.72 -1.53 -21.67
C ARG E 612 -39.40 -2.11 -21.24
N LEU E 613 -39.20 -2.38 -19.95
CA LEU E 613 -37.97 -2.93 -19.42
C LEU E 613 -38.06 -4.42 -19.08
N ILE E 614 -39.13 -5.11 -19.49
CA ILE E 614 -39.28 -6.53 -19.12
C ILE E 614 -38.04 -7.32 -19.51
N LEU E 615 -37.56 -7.14 -20.74
CA LEU E 615 -36.47 -7.88 -21.35
C LEU E 615 -35.19 -7.05 -21.40
N PRO E 616 -34.06 -7.68 -21.07
CA PRO E 616 -32.76 -7.05 -21.36
C PRO E 616 -32.57 -6.91 -22.87
N ARG E 617 -31.68 -6.00 -23.24
CA ARG E 617 -31.51 -5.71 -24.66
C ARG E 617 -31.05 -6.96 -25.40
N GLY E 618 -31.79 -7.31 -26.45
CA GLY E 618 -31.55 -8.52 -27.23
C GLY E 618 -30.37 -8.47 -28.20
N THR E 619 -30.17 -9.60 -28.87
CA THR E 619 -29.21 -9.77 -29.94
C THR E 619 -29.89 -10.38 -31.17
N GLN E 620 -29.27 -10.21 -32.34
CA GLN E 620 -29.85 -10.73 -33.58
C GLN E 620 -29.95 -12.25 -33.56
N ARG E 621 -28.95 -12.93 -32.98
CA ARG E 621 -29.09 -14.39 -32.85
C ARG E 621 -29.98 -14.80 -31.71
N GLY E 622 -30.27 -13.89 -30.78
CA GLY E 622 -31.04 -14.25 -29.63
C GLY E 622 -30.27 -14.53 -28.35
N PHE E 623 -30.42 -13.62 -27.38
CA PHE E 623 -29.74 -13.72 -26.10
C PHE E 623 -30.46 -14.73 -25.21
N PRO E 624 -29.77 -15.75 -24.69
CA PRO E 624 -30.46 -16.86 -24.01
C PRO E 624 -30.89 -16.50 -22.59
N LEU E 625 -32.14 -16.83 -22.27
CA LEU E 625 -32.72 -16.62 -20.95
C LEU E 625 -33.59 -17.81 -20.57
N GLN E 626 -34.00 -17.83 -19.30
CA GLN E 626 -34.83 -18.88 -18.72
C GLN E 626 -36.15 -18.30 -18.24
N LEU E 627 -37.25 -18.89 -18.72
CA LEU E 627 -38.59 -18.64 -18.21
C LEU E 627 -38.97 -19.79 -17.31
N PHE E 628 -39.45 -19.47 -16.11
CA PHE E 628 -39.93 -20.46 -15.15
C PHE E 628 -41.41 -20.20 -14.87
N VAL E 629 -42.22 -21.23 -15.00
CA VAL E 629 -43.66 -21.16 -14.76
C VAL E 629 -44.01 -22.17 -13.67
N VAL E 630 -44.80 -21.73 -12.70
CA VAL E 630 -45.25 -22.61 -11.64
C VAL E 630 -46.74 -22.38 -11.41
N VAL E 631 -47.46 -23.48 -11.18
CA VAL E 631 -48.88 -23.47 -10.82
C VAL E 631 -49.03 -24.15 -9.48
N TYR E 632 -49.73 -23.51 -8.55
CA TYR E 632 -49.96 -24.08 -7.22
C TYR E 632 -51.36 -23.69 -6.74
N PRO E 633 -51.90 -24.32 -5.69
CA PRO E 633 -53.29 -24.02 -5.28
C PRO E 633 -53.48 -22.59 -4.76
N TYR E 634 -54.64 -22.03 -5.06
CA TYR E 634 -54.98 -20.68 -4.63
C TYR E 634 -55.65 -20.73 -3.27
N GLN E 635 -55.10 -20.01 -2.29
CA GLN E 635 -55.77 -19.75 -1.02
C GLN E 635 -55.96 -18.25 -0.89
N ALA E 636 -57.21 -17.82 -0.73
CA ALA E 636 -57.53 -16.40 -0.77
C ALA E 636 -56.81 -15.66 0.35
N PRO E 637 -56.26 -14.47 0.08
CA PRO E 637 -55.68 -13.66 1.16
C PRO E 637 -56.74 -13.25 2.17
N VAL E 638 -56.35 -13.25 3.44
CA VAL E 638 -57.26 -12.92 4.52
C VAL E 638 -57.75 -11.46 4.41
N LYS E 639 -58.92 -11.23 5.00
CA LYS E 639 -59.60 -9.94 4.86
C LYS E 639 -58.71 -8.76 5.26
N GLU E 640 -57.89 -8.92 6.31
CA GLU E 640 -56.98 -7.83 6.71
C GLU E 640 -56.17 -7.30 5.52
N TRP E 641 -55.93 -8.15 4.52
CA TRP E 641 -55.19 -7.75 3.32
C TRP E 641 -56.11 -7.17 2.23
N GLU E 642 -57.42 -7.04 2.49
CA GLU E 642 -58.37 -6.58 1.48
C GLU E 642 -58.19 -5.09 1.17
N SER E 643 -57.66 -4.32 2.11
CA SER E 643 -57.39 -2.91 1.82
C SER E 643 -56.27 -2.79 0.77
N MET E 644 -55.27 -3.66 0.87
CA MET E 644 -54.16 -3.76 -0.07
C MET E 644 -54.40 -4.86 -1.11
N ARG E 645 -55.64 -5.10 -1.50
CA ARG E 645 -55.97 -6.36 -2.17
C ARG E 645 -55.48 -6.46 -3.62
N GLN E 646 -55.54 -5.38 -4.40
CA GLN E 646 -55.10 -5.44 -5.79
C GLN E 646 -53.59 -5.58 -5.92
N TYR E 647 -52.86 -5.48 -4.82
CA TYR E 647 -51.42 -5.66 -4.78
C TYR E 647 -50.98 -7.00 -4.21
N ILE E 648 -51.91 -7.81 -3.69
CA ILE E 648 -51.61 -9.08 -3.02
C ILE E 648 -52.50 -10.16 -3.59
N VAL E 649 -51.92 -11.07 -4.37
CA VAL E 649 -52.76 -12.03 -5.08
C VAL E 649 -53.11 -13.20 -4.17
N ASP E 650 -52.18 -13.64 -3.32
CA ASP E 650 -52.39 -14.78 -2.43
C ASP E 650 -51.63 -14.55 -1.13
N ASN E 651 -51.50 -15.62 -0.35
CA ASN E 651 -50.92 -15.57 0.98
C ASN E 651 -49.44 -15.95 1.01
N LYS E 652 -48.82 -16.17 -0.14
CA LYS E 652 -47.48 -16.73 -0.16
C LYS E 652 -46.41 -15.68 0.10
N PRO E 653 -45.22 -16.11 0.54
CA PRO E 653 -44.09 -15.17 0.62
C PRO E 653 -43.85 -14.53 -0.72
N PHE E 654 -43.51 -13.23 -0.71
CA PHE E 654 -43.14 -12.55 -1.93
C PHE E 654 -41.98 -13.26 -2.60
N GLY E 655 -42.10 -13.49 -3.91
CA GLY E 655 -41.10 -14.22 -4.65
C GLY E 655 -41.20 -15.73 -4.58
N TYR E 656 -42.20 -16.26 -3.91
CA TYR E 656 -42.37 -17.71 -3.79
C TYR E 656 -42.44 -18.34 -5.19
N PRO E 657 -41.79 -19.48 -5.43
CA PRO E 657 -41.04 -20.35 -4.51
C PRO E 657 -39.56 -20.06 -4.45
N PHE E 658 -39.12 -18.90 -4.93
CA PHE E 658 -37.71 -18.54 -4.97
C PHE E 658 -37.33 -17.53 -3.88
N ASP E 659 -38.04 -17.53 -2.76
CA ASP E 659 -37.71 -16.66 -1.62
C ASP E 659 -36.67 -17.27 -0.70
N ARG E 660 -36.26 -18.51 -0.95
CA ARG E 660 -35.32 -19.18 -0.06
C ARG E 660 -34.45 -20.10 -0.89
N PRO E 661 -33.30 -20.55 -0.34
CA PRO E 661 -32.36 -21.35 -1.13
C PRO E 661 -32.97 -22.65 -1.65
N VAL E 662 -32.59 -22.97 -2.88
CA VAL E 662 -32.85 -24.27 -3.48
C VAL E 662 -31.60 -25.12 -3.25
N THR E 663 -31.67 -26.07 -2.32
CA THR E 663 -30.50 -26.90 -2.02
C THR E 663 -30.51 -28.23 -2.76
N LEU E 664 -31.69 -28.75 -3.12
CA LEU E 664 -31.79 -29.97 -3.91
C LEU E 664 -32.60 -29.66 -5.15
N PRO E 665 -31.96 -29.35 -6.27
CA PRO E 665 -32.71 -28.90 -7.46
C PRO E 665 -33.74 -29.90 -7.96
N TYR E 666 -33.57 -31.20 -7.74
CA TYR E 666 -34.57 -32.13 -8.22
C TYR E 666 -35.91 -31.98 -7.51
N TYR E 667 -35.96 -31.31 -6.35
CA TYR E 667 -37.25 -31.00 -5.74
C TYR E 667 -38.09 -30.14 -6.67
N PHE E 668 -37.44 -29.37 -7.52
CA PHE E 668 -38.13 -28.48 -8.44
C PHE E 668 -38.44 -29.17 -9.76
N ASN E 669 -38.24 -30.47 -9.85
CA ASN E 669 -38.70 -31.24 -11.00
C ASN E 669 -40.13 -31.73 -10.76
N GLN E 670 -41.05 -30.78 -10.78
CA GLN E 670 -42.45 -31.10 -10.53
C GLN E 670 -43.28 -30.95 -11.80
N PRO E 671 -44.31 -31.79 -11.97
CA PRO E 671 -45.16 -31.66 -13.17
C PRO E 671 -45.83 -30.30 -13.28
N ASN E 672 -46.08 -29.64 -12.16
CA ASN E 672 -46.68 -28.31 -12.12
C ASN E 672 -45.64 -27.20 -12.19
N MET E 673 -44.41 -27.53 -12.60
CA MET E 673 -43.37 -26.55 -12.85
C MET E 673 -42.79 -26.78 -14.24
N TYR E 674 -42.23 -25.73 -14.81
CA TYR E 674 -41.70 -25.80 -16.17
C TYR E 674 -40.59 -24.76 -16.32
N PHE E 675 -39.44 -25.22 -16.82
CA PHE E 675 -38.31 -24.37 -17.18
C PHE E 675 -38.19 -24.38 -18.71
N LYS E 676 -38.18 -23.20 -19.31
CA LYS E 676 -38.09 -23.13 -20.77
C LYS E 676 -36.97 -22.19 -21.17
N ASP E 677 -36.06 -22.67 -22.01
CA ASP E 677 -35.07 -21.78 -22.60
C ASP E 677 -35.74 -20.87 -23.63
N VAL E 678 -35.48 -19.56 -23.53
CA VAL E 678 -35.99 -18.59 -24.50
C VAL E 678 -34.85 -17.68 -24.91
N TYR E 679 -35.04 -17.00 -26.04
CA TYR E 679 -34.00 -16.16 -26.62
C TYR E 679 -34.55 -14.79 -26.95
N VAL E 680 -33.76 -13.76 -26.68
CA VAL E 680 -34.17 -12.37 -26.87
C VAL E 680 -33.48 -11.82 -28.11
N TYR E 681 -34.28 -11.34 -29.07
CA TYR E 681 -33.82 -10.84 -30.35
C TYR E 681 -33.87 -9.30 -30.35
N GLN E 682 -32.87 -8.68 -30.97
CA GLN E 682 -32.80 -7.23 -31.13
C GLN E 682 -33.09 -6.85 -32.57
N GLU E 683 -33.96 -5.87 -32.75
CA GLU E 683 -34.29 -5.32 -34.05
C GLU E 683 -33.73 -3.89 -34.15
N GLY E 684 -33.32 -3.49 -35.34
CA GLY E 684 -32.79 -2.16 -35.56
C GLY E 684 -31.36 -1.97 -35.05
N GLU E 685 -31.00 -0.71 -34.83
CA GLU E 685 -29.66 -0.36 -34.34
C GLU E 685 -29.38 -1.03 -33.00
N GLN E 686 -28.14 -1.50 -32.83
CA GLN E 686 -27.73 -2.19 -31.60
C GLN E 686 -27.42 -1.24 -30.45
N TYR E 687 -27.00 -0.01 -30.74
CA TYR E 687 -26.65 0.95 -29.69
C TYR E 687 -27.65 2.11 -29.70
N PRO E 688 -27.82 2.81 -28.57
CA PRO E 688 -28.76 3.93 -28.62
C PRO E 688 -28.12 5.13 -29.31
N TYR F 18 13.13 38.71 27.38
CA TYR F 18 12.08 38.29 28.30
C TYR F 18 12.28 38.76 29.73
N PRO F 19 11.21 39.24 30.34
CA PRO F 19 11.28 39.58 31.76
C PRO F 19 11.40 38.33 32.62
N GLN F 20 11.93 38.51 33.82
CA GLN F 20 11.96 37.48 34.85
C GLN F 20 10.65 37.52 35.65
N TYR F 21 10.26 36.36 36.16
CA TYR F 21 8.98 36.20 36.85
C TYR F 21 9.14 36.48 38.34
N HIS F 22 8.30 37.37 38.88
CA HIS F 22 8.17 37.60 40.32
C HIS F 22 6.71 37.60 40.70
N TYR F 23 6.37 36.87 41.74
CA TYR F 23 4.99 36.81 42.22
C TYR F 23 5.00 36.62 43.73
N ASP F 24 4.18 37.41 44.43
CA ASP F 24 3.95 37.17 45.85
C ASP F 24 3.11 35.90 46.00
N VAL F 25 3.50 35.01 46.90
CA VAL F 25 2.92 33.68 46.96
C VAL F 25 1.91 33.62 48.10
N GLU F 26 0.73 33.10 47.80
CA GLU F 26 -0.31 32.86 48.78
C GLU F 26 0.15 31.77 49.74
N THR F 27 0.21 32.08 51.02
CA THR F 27 0.66 31.16 52.05
C THR F 27 -0.37 31.15 53.16
N ARG F 28 -0.45 30.02 53.87
CA ARG F 28 -1.26 29.95 55.09
C ARG F 28 -0.51 29.10 56.10
N LYS F 29 -0.82 29.31 57.38
CA LYS F 29 -0.12 28.59 58.45
C LYS F 29 -0.38 27.10 58.37
N LEU F 30 0.68 26.32 58.56
CA LEU F 30 0.62 24.87 58.69
C LEU F 30 0.39 24.47 60.14
N ASP F 31 -0.47 23.47 60.32
CA ASP F 31 -0.76 22.93 61.66
C ASP F 31 0.54 22.46 62.32
N PRO F 32 0.84 22.93 63.54
CA PRO F 32 2.12 22.57 64.17
C PRO F 32 2.31 21.07 64.35
N SER F 33 1.23 20.30 64.47
CA SER F 33 1.36 18.85 64.58
C SER F 33 1.90 18.21 63.30
N LEU F 34 1.83 18.90 62.16
CA LEU F 34 2.27 18.36 60.88
C LEU F 34 3.72 18.72 60.53
N LEU F 35 4.38 19.53 61.34
CA LEU F 35 5.69 20.07 60.95
C LEU F 35 6.73 18.96 60.83
N ASN F 36 6.75 18.03 61.79
CA ASN F 36 7.67 16.90 61.70
C ASN F 36 7.37 16.02 60.50
N ILE F 37 6.09 15.74 60.26
CA ILE F 37 5.70 14.92 59.10
C ILE F 37 6.10 15.60 57.80
N GLN F 38 5.93 16.92 57.73
CA GLN F 38 6.33 17.65 56.54
C GLN F 38 7.83 17.51 56.28
N THR F 39 8.63 17.61 57.34
CA THR F 39 10.08 17.55 57.23
C THR F 39 10.57 16.18 56.77
N LYS F 40 10.03 15.12 57.38
CA LYS F 40 10.50 13.77 57.04
C LYS F 40 10.13 13.40 55.62
N VAL F 41 8.93 13.80 55.17
CA VAL F 41 8.52 13.53 53.80
C VAL F 41 9.47 14.21 52.84
N LEU F 42 9.82 15.47 53.11
CA LEU F 42 10.76 16.17 52.25
C LEU F 42 12.12 15.49 52.23
N SER F 43 12.61 15.06 53.40
CA SER F 43 13.93 14.45 53.46
C SER F 43 13.98 13.13 52.70
N LEU F 44 12.88 12.38 52.70
CA LEU F 44 12.83 11.13 51.95
C LEU F 44 12.76 11.34 50.44
N LEU F 45 12.38 12.55 49.99
CA LEU F 45 12.31 12.83 48.57
C LEU F 45 13.58 13.43 48.00
N GLU F 46 14.47 13.93 48.84
CA GLU F 46 15.66 14.62 48.37
C GLU F 46 16.67 13.65 47.78
N ASN F 47 17.07 13.90 46.53
CA ASN F 47 18.03 13.06 45.81
C ASN F 47 17.66 11.59 45.85
N TRP F 48 16.38 11.31 45.60
CA TRP F 48 15.86 9.96 45.67
C TRP F 48 16.55 9.02 44.67
N LYS F 49 17.24 9.55 43.66
CA LYS F 49 17.99 8.66 42.78
C LYS F 49 19.16 8.00 43.49
N GLN F 50 19.57 8.49 44.66
CA GLN F 50 20.73 7.95 45.35
C GLN F 50 20.36 7.56 46.78
N VAL F 51 21.18 6.68 47.34
CA VAL F 51 21.07 6.29 48.75
C VAL F 51 22.38 6.69 49.44
N ASN F 52 22.28 7.57 50.46
CA ASN F 52 23.44 7.99 51.23
C ASN F 52 23.50 7.24 52.56
N PRO F 53 24.53 6.41 52.76
CA PRO F 53 24.58 5.62 53.99
C PRO F 53 24.64 6.44 55.27
N ASP F 54 25.05 7.70 55.20
CA ASP F 54 25.11 8.51 56.41
C ASP F 54 23.76 9.13 56.78
N ASP F 55 22.77 9.05 55.91
CA ASP F 55 21.47 9.67 56.19
C ASP F 55 20.68 8.86 57.21
N GLU F 56 19.71 9.54 57.83
CA GLU F 56 18.90 8.91 58.87
C GLU F 56 18.08 7.75 58.30
N TYR F 57 17.48 7.93 57.12
CA TYR F 57 16.60 6.87 56.61
C TYR F 57 17.36 5.59 56.33
N TYR F 58 18.67 5.68 56.07
CA TYR F 58 19.44 4.52 55.61
C TYR F 58 19.47 3.46 56.68
N LYS F 59 19.84 3.89 57.88
CA LYS F 59 19.96 2.99 59.00
C LYS F 59 18.61 2.36 59.33
N ILE F 60 17.55 3.18 59.36
CA ILE F 60 16.20 2.68 59.63
C ILE F 60 15.75 1.71 58.53
N GLY F 61 15.92 2.12 57.27
CA GLY F 61 15.48 1.29 56.17
C GLY F 61 16.27 0.00 56.04
N LYS F 62 17.57 0.04 56.33
CA LYS F 62 18.40 -1.14 56.16
C LYS F 62 17.95 -2.31 57.03
N GLU F 63 17.59 -2.03 58.29
CA GLU F 63 17.18 -3.11 59.18
C GLU F 63 15.68 -3.33 59.29
N TYR F 64 14.84 -2.49 58.69
CA TYR F 64 13.41 -2.66 58.87
C TYR F 64 12.96 -3.95 58.19
N ASN F 65 12.15 -4.73 58.90
CA ASN F 65 11.65 -6.01 58.44
C ASN F 65 10.13 -5.95 58.34
N VAL F 66 9.62 -5.92 57.11
CA VAL F 66 8.18 -5.80 56.91
C VAL F 66 7.46 -6.99 57.54
N GLU F 67 7.96 -8.20 57.29
CA GLU F 67 7.24 -9.38 57.74
C GLU F 67 7.09 -9.38 59.27
N ALA F 68 8.15 -8.99 59.97
CA ALA F 68 8.12 -8.91 61.43
C ALA F 68 7.17 -7.83 61.94
N ASN F 69 6.86 -6.82 61.13
CA ASN F 69 5.98 -5.74 61.55
C ASN F 69 4.61 -5.86 60.92
N MET F 70 4.18 -7.10 60.62
CA MET F 70 2.94 -7.32 59.89
C MET F 70 1.74 -6.68 60.55
N GLU F 71 1.70 -6.67 61.88
CA GLU F 71 0.56 -6.12 62.61
C GLU F 71 0.49 -4.61 62.55
N SER F 72 1.54 -3.94 62.13
CA SER F 72 1.57 -2.48 62.01
C SER F 72 0.91 -1.99 60.74
N TYR F 73 0.29 -2.89 59.98
CA TYR F 73 -0.49 -2.57 58.80
C TYR F 73 -1.94 -2.98 59.05
N THR F 74 -2.88 -2.10 58.72
CA THR F 74 -4.27 -2.31 59.05
C THR F 74 -4.97 -3.29 58.13
N ASN F 75 -4.27 -3.85 57.15
CA ASN F 75 -4.83 -4.86 56.25
C ASN F 75 -3.83 -5.99 56.13
N ARG F 76 -4.17 -7.16 56.67
CA ARG F 76 -3.24 -8.29 56.63
C ARG F 76 -2.99 -8.77 55.21
N GLU F 77 -4.02 -8.71 54.36
CA GLU F 77 -3.91 -9.21 53.01
C GLU F 77 -2.92 -8.40 52.18
N VAL F 78 -2.82 -7.09 52.46
CA VAL F 78 -1.88 -6.23 51.74
C VAL F 78 -0.44 -6.66 52.02
N VAL F 79 -0.14 -6.96 53.28
CA VAL F 79 1.20 -7.43 53.63
C VAL F 79 1.50 -8.77 52.97
N THR F 80 0.52 -9.69 53.01
CA THR F 80 0.72 -11.03 52.48
C THR F 80 0.99 -11.01 50.98
N GLU F 81 0.21 -10.20 50.24
CA GLU F 81 0.45 -10.08 48.81
C GLU F 81 1.79 -9.41 48.53
N PHE F 82 2.16 -8.38 49.31
CA PHE F 82 3.45 -7.75 49.10
C PHE F 82 4.58 -8.75 49.27
N LEU F 83 4.57 -9.51 50.37
CA LEU F 83 5.66 -10.44 50.63
C LEU F 83 5.73 -11.50 49.55
N SER F 84 4.58 -11.92 49.03
CA SER F 84 4.57 -12.94 47.99
C SER F 84 5.31 -12.47 46.74
N LEU F 85 5.06 -11.22 46.31
CA LEU F 85 5.81 -10.70 45.17
C LEU F 85 7.27 -10.47 45.53
N TYR F 86 7.54 -10.00 46.76
CA TYR F 86 8.91 -9.66 47.14
C TYR F 86 9.81 -10.89 47.12
N LYS F 87 9.28 -12.05 47.52
CA LYS F 87 10.07 -13.28 47.48
C LYS F 87 10.42 -13.70 46.04
N ALA F 88 9.50 -13.45 45.11
CA ALA F 88 9.81 -13.71 43.72
C ALA F 88 10.92 -12.79 43.22
N GLY F 89 11.10 -11.63 43.86
CA GLY F 89 12.09 -10.66 43.43
C GLY F 89 11.51 -9.45 42.75
N PHE F 90 11.68 -8.27 43.34
CA PHE F 90 11.30 -7.03 42.66
C PHE F 90 12.34 -6.69 41.60
N ILE F 91 12.01 -5.73 40.74
CA ILE F 91 12.96 -5.29 39.72
C ILE F 91 14.18 -4.67 40.37
N PRO F 92 15.38 -4.81 39.80
CA PRO F 92 16.56 -4.22 40.43
C PRO F 92 16.59 -2.70 40.29
N LYS F 93 17.41 -2.09 41.14
CA LYS F 93 17.72 -0.67 41.04
C LYS F 93 18.34 -0.35 39.67
N ASN F 94 18.29 0.94 39.33
CA ASN F 94 18.95 1.45 38.13
C ASN F 94 18.35 0.86 36.85
N GLU F 95 17.04 0.64 36.85
CA GLU F 95 16.31 0.25 35.66
C GLU F 95 15.19 1.24 35.45
N VAL F 96 14.81 1.46 34.19
CA VAL F 96 13.69 2.34 33.90
C VAL F 96 12.40 1.70 34.42
N PHE F 97 11.63 2.46 35.16
CA PHE F 97 10.35 2.04 35.72
C PHE F 97 9.18 2.78 35.06
N SER F 98 8.15 2.02 34.68
CA SER F 98 6.89 2.60 34.22
C SER F 98 5.72 1.83 34.80
N ILE F 99 4.67 2.56 35.17
CA ILE F 99 3.43 1.94 35.62
C ILE F 99 2.79 1.12 34.50
N PHE F 100 3.21 1.35 33.24
CA PHE F 100 2.68 0.60 32.10
C PHE F 100 3.43 -0.71 31.81
N TYR F 101 4.52 -0.99 32.51
CA TYR F 101 5.20 -2.28 32.37
C TYR F 101 4.57 -3.19 33.42
N GLU F 102 3.83 -4.23 32.96
CA GLU F 102 2.88 -4.88 33.87
C GLU F 102 3.56 -5.50 35.08
N ASN F 103 4.68 -6.20 34.87
CA ASN F 103 5.40 -6.81 36.00
C ASN F 103 5.81 -5.75 37.02
N GLN F 104 6.31 -4.61 36.53
CA GLN F 104 6.71 -3.55 37.43
C GLN F 104 5.51 -2.90 38.11
N ALA F 105 4.37 -2.85 37.41
CA ALA F 105 3.17 -2.23 37.95
C ALA F 105 2.61 -3.02 39.13
N LEU F 106 2.54 -4.34 39.03
CA LEU F 106 2.03 -5.16 40.14
C LEU F 106 2.88 -4.94 41.40
N GLU F 107 4.20 -4.86 41.24
CA GLU F 107 5.10 -4.61 42.37
C GLU F 107 4.85 -3.24 42.99
N VAL F 108 4.77 -2.20 42.17
CA VAL F 108 4.66 -0.86 42.73
C VAL F 108 3.29 -0.67 43.36
N ILE F 109 2.24 -1.31 42.82
CA ILE F 109 0.92 -1.21 43.43
C ILE F 109 0.93 -1.87 44.80
N ALA F 110 1.59 -3.02 44.92
CA ALA F 110 1.76 -3.69 46.20
C ALA F 110 2.55 -2.83 47.19
N LEU F 111 3.61 -2.17 46.72
CA LEU F 111 4.35 -1.26 47.57
C LEU F 111 3.51 -0.06 48.02
N TYR F 112 2.74 0.54 47.09
CA TYR F 112 1.89 1.68 47.44
C TYR F 112 0.85 1.31 48.50
N ARG F 113 0.22 0.15 48.35
CA ARG F 113 -0.77 -0.27 49.34
C ARG F 113 -0.12 -0.55 50.69
N LEU F 114 1.09 -1.10 50.67
CA LEU F 114 1.86 -1.24 51.91
C LEU F 114 2.09 0.12 52.57
N PHE F 115 2.48 1.12 51.78
CA PHE F 115 2.59 2.48 52.32
C PHE F 115 1.26 2.96 52.88
N TYR F 116 0.17 2.71 52.16
CA TYR F 116 -1.11 3.30 52.49
C TYR F 116 -1.71 2.69 53.77
N TYR F 117 -1.55 1.37 53.96
CA TYR F 117 -2.17 0.71 55.11
C TYR F 117 -1.28 0.67 56.33
N ALA F 118 -0.11 1.30 56.29
CA ALA F 118 0.66 1.50 57.51
C ALA F 118 -0.19 2.26 58.51
N LYS F 119 -0.22 1.78 59.75
CA LYS F 119 -1.21 2.26 60.73
C LYS F 119 -0.96 3.69 61.19
N ASP F 120 0.29 4.15 61.19
CA ASP F 120 0.60 5.48 61.67
C ASP F 120 1.81 5.99 60.90
N PHE F 121 2.20 7.24 61.16
CA PHE F 121 3.24 7.83 60.34
C PHE F 121 4.59 7.18 60.57
N GLU F 122 4.88 6.73 61.80
CA GLU F 122 6.16 6.08 62.04
C GLU F 122 6.30 4.80 61.23
N THR F 123 5.24 4.00 61.16
CA THR F 123 5.26 2.79 60.34
C THR F 123 5.41 3.11 58.86
N PHE F 124 4.68 4.14 58.38
CA PHE F 124 4.80 4.58 57.00
C PHE F 124 6.22 5.04 56.69
N TYR F 125 6.78 5.88 57.58
CA TYR F 125 8.15 6.37 57.38
C TYR F 125 9.14 5.22 57.29
N LYS F 126 9.03 4.26 58.21
CA LYS F 126 9.91 3.10 58.20
C LYS F 126 9.74 2.28 56.94
N THR F 127 8.49 2.10 56.49
CA THR F 127 8.27 1.32 55.27
C THR F 127 8.86 2.02 54.06
N ALA F 128 8.71 3.35 54.00
CA ALA F 128 9.29 4.11 52.90
C ALA F 128 10.82 4.07 52.96
N ALA F 129 11.36 4.09 54.18
CA ALA F 129 12.82 4.02 54.35
C ALA F 129 13.37 2.70 53.84
N PHE F 130 12.66 1.60 54.13
CA PHE F 130 13.00 0.29 53.56
C PHE F 130 12.98 0.34 52.04
N ALA F 131 11.90 0.89 51.49
CA ALA F 131 11.73 0.94 50.04
C ALA F 131 12.84 1.72 49.37
N ARG F 132 13.22 2.87 49.94
CA ARG F 132 14.31 3.61 49.32
C ARG F 132 15.62 2.84 49.40
N VAL F 133 15.88 2.19 50.52
CA VAL F 133 17.15 1.47 50.66
C VAL F 133 17.21 0.27 49.72
N TRP F 134 16.14 -0.50 49.63
CA TRP F 134 16.24 -1.81 49.01
C TRP F 134 15.73 -1.88 47.59
N LEU F 135 14.83 -0.99 47.19
CA LEU F 135 14.08 -1.20 45.96
C LEU F 135 14.43 -0.15 44.93
N ASN F 136 13.93 -0.42 43.72
CA ASN F 136 14.12 0.46 42.57
C ASN F 136 13.73 1.89 42.88
N GLU F 137 14.60 2.83 42.47
CA GLU F 137 14.43 4.23 42.81
C GLU F 137 13.16 4.78 42.19
N GLY F 138 12.92 4.50 40.91
CA GLY F 138 11.69 4.96 40.27
C GLY F 138 10.45 4.41 40.93
N GLN F 139 10.46 3.13 41.31
CA GLN F 139 9.33 2.57 42.02
C GLN F 139 9.16 3.26 43.37
N PHE F 140 10.27 3.48 44.09
CA PHE F 140 10.17 4.10 45.40
C PHE F 140 9.47 5.45 45.32
N VAL F 141 9.96 6.35 44.45
CA VAL F 141 9.49 7.73 44.48
C VAL F 141 8.05 7.83 43.96
N TYR F 142 7.69 7.02 42.96
CA TYR F 142 6.32 6.98 42.46
C TYR F 142 5.34 6.55 43.55
N ALA F 143 5.62 5.44 44.22
CA ALA F 143 4.73 4.99 45.29
C ALA F 143 4.72 5.97 46.45
N PHE F 144 5.87 6.54 46.80
CA PHE F 144 5.94 7.41 47.96
C PHE F 144 5.18 8.70 47.75
N TYR F 145 5.38 9.34 46.59
CA TYR F 145 4.67 10.57 46.24
C TYR F 145 3.16 10.34 46.22
N LEU F 146 2.74 9.22 45.63
CA LEU F 146 1.32 8.89 45.61
C LEU F 146 0.76 8.70 47.01
N ALA F 147 1.52 8.02 47.88
CA ALA F 147 1.05 7.75 49.24
C ALA F 147 0.87 9.03 50.04
N VAL F 148 1.77 10.01 49.87
CA VAL F 148 1.60 11.27 50.58
C VAL F 148 0.31 11.95 50.13
N ILE F 149 -0.02 11.83 48.85
CA ILE F 149 -1.24 12.47 48.35
C ILE F 149 -2.47 11.83 48.99
N HIS F 150 -2.41 10.54 49.34
CA HIS F 150 -3.61 9.83 49.74
C HIS F 150 -3.75 9.50 51.23
N ARG F 151 -2.66 9.44 51.99
CA ARG F 151 -2.78 9.08 53.41
C ARG F 151 -3.47 10.20 54.19
N ALA F 152 -4.36 9.81 55.11
CA ALA F 152 -5.05 10.80 55.92
C ALA F 152 -4.07 11.61 56.76
N ASP F 153 -3.06 10.97 57.32
CA ASP F 153 -2.17 11.66 58.24
C ASP F 153 -1.14 12.56 57.55
N THR F 154 -1.05 12.54 56.22
CA THR F 154 -0.17 13.48 55.53
C THR F 154 -0.96 14.56 54.81
N ARG F 155 -2.28 14.57 54.95
CA ARG F 155 -3.08 15.61 54.34
C ARG F 155 -2.70 16.95 54.95
N GLY F 156 -2.55 17.96 54.11
CA GLY F 156 -2.19 19.28 54.59
C GLY F 156 -0.72 19.64 54.47
N ILE F 157 0.14 18.70 54.11
CA ILE F 157 1.53 19.04 53.83
C ILE F 157 1.68 19.29 52.34
N VAL F 158 2.78 19.91 51.97
CA VAL F 158 3.06 20.23 50.58
C VAL F 158 4.07 19.24 50.03
N LEU F 159 3.87 18.83 48.78
CA LEU F 159 4.87 18.10 48.02
C LEU F 159 5.55 19.02 47.01
N PRO F 160 6.83 18.80 46.70
CA PRO F 160 7.45 19.55 45.61
C PRO F 160 6.72 19.30 44.30
N ALA F 161 6.88 20.23 43.37
CA ALA F 161 6.25 20.07 42.06
C ALA F 161 6.82 18.84 41.36
N PRO F 162 6.02 18.17 40.52
CA PRO F 162 6.55 16.99 39.83
C PRO F 162 7.81 17.28 39.04
N TYR F 163 7.90 18.46 38.41
CA TYR F 163 9.10 18.75 37.62
C TYR F 163 10.34 18.89 38.48
N GLU F 164 10.20 19.20 39.78
CA GLU F 164 11.38 19.22 40.64
C GLU F 164 11.68 17.85 41.25
N ILE F 165 10.77 16.89 41.15
CA ILE F 165 11.05 15.52 41.55
C ILE F 165 11.61 14.72 40.39
N TRP F 166 11.02 14.87 39.19
CA TRP F 166 11.47 14.19 37.98
C TRP F 166 11.96 15.20 36.93
N PRO F 167 12.95 16.04 37.26
CA PRO F 167 13.37 17.06 36.28
C PRO F 167 13.80 16.49 34.94
N GLU F 168 14.35 15.27 34.94
CA GLU F 168 14.76 14.61 33.72
C GLU F 168 13.59 14.35 32.77
N TYR F 169 12.36 14.36 33.28
CA TYR F 169 11.18 14.22 32.45
C TYR F 169 10.60 15.56 32.03
N PHE F 170 11.25 16.68 32.35
CA PHE F 170 10.64 17.98 32.05
C PHE F 170 11.55 18.93 31.30
N MET F 171 12.65 18.43 30.73
CA MET F 171 13.51 19.25 29.88
C MET F 171 14.14 18.34 28.83
N ASN F 172 14.62 18.94 27.75
CA ASN F 172 15.25 18.13 26.72
C ASN F 172 16.70 17.77 27.08
N SER F 173 17.23 16.77 26.37
CA SER F 173 18.56 16.23 26.65
C SER F 173 19.68 17.24 26.38
N ASP F 174 19.46 18.24 25.54
CA ASP F 174 20.51 19.24 25.33
C ASP F 174 20.72 20.10 26.59
N VAL F 175 19.65 20.39 27.32
CA VAL F 175 19.80 21.08 28.60
C VAL F 175 20.40 20.14 29.65
N LEU F 176 19.88 18.91 29.73
CA LEU F 176 20.35 17.95 30.74
C LEU F 176 21.83 17.65 30.58
N SER F 177 22.29 17.51 29.34
CA SER F 177 23.70 17.19 29.13
C SER F 177 24.61 18.30 29.63
N LYS F 178 24.18 19.56 29.51
CA LYS F 178 24.94 20.67 30.09
C LYS F 178 25.00 20.55 31.61
N ILE F 179 23.86 20.21 32.22
CA ILE F 179 23.80 20.08 33.67
C ILE F 179 24.71 18.96 34.15
N TYR F 180 24.65 17.80 33.48
CA TYR F 180 25.52 16.68 33.84
C TYR F 180 27.00 17.04 33.70
N ARG F 181 27.34 17.77 32.63
CA ARG F 181 28.73 18.15 32.41
C ARG F 181 29.25 19.07 33.51
N ILE F 182 28.45 20.04 33.94
CA ILE F 182 28.89 20.90 35.03
C ILE F 182 29.14 20.08 36.29
N GLN F 183 28.23 19.16 36.61
CA GLN F 183 28.44 18.31 37.78
C GLN F 183 29.70 17.46 37.61
N MET F 184 29.90 16.91 36.40
CA MET F 184 31.11 16.14 36.13
C MET F 184 32.35 16.99 36.34
N GLN F 185 32.34 18.24 35.90
CA GLN F 185 33.50 19.11 36.01
C GLN F 185 33.64 19.78 37.37
N LYS F 186 32.63 19.65 38.24
CA LYS F 186 32.54 20.45 39.47
C LYS F 186 32.63 21.96 39.16
N GLY F 187 31.91 22.41 38.11
CA GLY F 187 31.85 23.81 37.73
C GLY F 187 32.22 24.01 36.27
N LEU F 188 32.49 25.27 35.92
CA LEU F 188 32.93 25.65 34.58
C LEU F 188 34.46 25.75 34.56
N ILE F 189 35.08 25.16 33.54
CA ILE F 189 36.52 25.28 33.43
C ILE F 189 36.92 26.72 33.14
N ILE F 190 36.20 27.38 32.24
CA ILE F 190 36.48 28.78 31.90
C ILE F 190 35.20 29.56 32.17
N PRO F 191 35.00 30.05 33.39
CA PRO F 191 33.68 30.59 33.78
C PRO F 191 33.17 31.72 32.92
N GLU F 192 34.03 32.60 32.38
CA GLU F 192 33.52 33.65 31.51
C GLU F 192 32.95 33.10 30.21
N GLN F 193 33.28 31.87 29.84
CA GLN F 193 32.68 31.31 28.63
C GLN F 193 31.23 30.90 28.83
N GLY F 194 30.78 30.79 30.09
CA GLY F 194 29.46 30.29 30.42
C GLY F 194 28.29 30.98 29.76
N PRO F 195 28.21 32.31 29.87
CA PRO F 195 27.06 33.02 29.27
C PRO F 195 26.93 32.81 27.77
N TYR F 196 28.03 32.56 27.06
CA TYR F 196 28.02 32.30 25.64
C TYR F 196 27.33 30.99 25.28
N TYR F 197 27.24 30.06 26.24
CA TYR F 197 26.54 28.79 26.05
C TYR F 197 25.30 28.70 26.93
N GLY F 198 24.79 29.85 27.37
CA GLY F 198 23.58 29.91 28.15
C GLY F 198 23.69 29.43 29.58
N ILE F 199 24.86 29.56 30.21
CA ILE F 199 25.07 29.11 31.59
C ILE F 199 25.53 30.28 32.46
N LEU F 200 24.79 30.56 33.51
CA LEU F 200 25.15 31.58 34.50
C LEU F 200 25.51 30.91 35.82
N SER F 201 26.46 31.53 36.53
CA SER F 201 27.02 30.99 37.75
C SER F 201 26.89 32.04 38.85
N LYS F 202 26.30 31.65 39.98
CA LYS F 202 26.14 32.56 41.12
C LYS F 202 25.95 31.79 42.41
N ASP F 203 26.85 31.99 43.38
CA ASP F 203 26.66 31.54 44.77
C ASP F 203 26.34 30.05 44.86
N ASN F 204 27.18 29.23 44.23
CA ASN F 204 27.03 27.78 44.19
C ASN F 204 25.75 27.33 43.49
N ALA F 205 25.10 28.22 42.74
CA ALA F 205 23.98 27.87 41.87
C ALA F 205 24.36 28.12 40.41
N TYR F 206 23.96 27.20 39.55
CA TYR F 206 24.18 27.32 38.12
C TYR F 206 22.82 27.43 37.43
N TYR F 207 22.69 28.39 36.53
CA TYR F 207 21.46 28.67 35.81
C TYR F 207 21.62 28.31 34.35
N PHE F 208 20.74 27.47 33.84
CA PHE F 208 20.80 26.96 32.48
C PHE F 208 19.59 27.46 31.71
N TYR F 209 19.80 28.35 30.74
CA TYR F 209 18.73 28.74 29.84
C TYR F 209 18.32 27.55 28.98
N ALA F 210 17.02 27.39 28.76
CA ALA F 210 16.48 26.22 28.07
C ALA F 210 15.50 26.64 26.99
N ASN F 211 15.62 25.99 25.83
CA ASN F 211 14.67 26.13 24.73
C ASN F 211 13.72 24.95 24.70
N TYR F 212 12.49 25.23 24.26
CA TYR F 212 11.60 24.15 23.92
C TYR F 212 12.07 23.46 22.64
N SER F 213 11.45 22.32 22.33
CA SER F 213 11.83 21.56 21.16
C SER F 213 11.53 22.36 19.89
N GLY F 214 12.27 22.05 18.83
CA GLY F 214 12.04 22.68 17.55
C GLY F 214 11.55 21.69 16.51
N PRO F 215 11.80 22.02 15.23
CA PRO F 215 11.31 21.16 14.13
C PRO F 215 11.96 19.77 14.05
N LEU F 216 13.08 19.53 14.74
CA LEU F 216 13.61 18.16 14.80
C LEU F 216 12.63 17.22 15.49
N THR F 217 12.01 17.68 16.57
CA THR F 217 11.13 16.83 17.36
C THR F 217 9.72 16.76 16.76
N TYR F 218 9.21 17.88 16.27
CA TYR F 218 7.83 18.02 15.83
C TYR F 218 7.78 18.37 14.35
N GLU F 219 6.87 17.71 13.61
CA GLU F 219 6.67 17.95 12.19
C GLU F 219 5.38 18.76 11.97
N ASP F 220 5.09 19.07 10.72
CA ASP F 220 3.85 19.75 10.31
C ASP F 220 3.65 21.07 11.07
N ASN F 221 4.76 21.74 11.38
CA ASN F 221 4.80 23.04 12.05
C ASN F 221 4.30 22.98 13.49
N GLU F 222 4.06 21.79 14.03
CA GLU F 222 3.58 21.73 15.41
C GLU F 222 4.64 22.23 16.41
N ASN F 223 5.92 22.33 16.01
CA ASN F 223 6.91 22.91 16.91
C ASN F 223 6.55 24.34 17.33
N LEU F 224 5.69 25.02 16.56
CA LEU F 224 5.24 26.36 16.93
C LEU F 224 4.65 26.42 18.34
N LEU F 225 3.99 25.36 18.80
CA LEU F 225 3.36 25.39 20.12
C LEU F 225 4.09 24.51 21.14
N SER F 226 5.38 24.21 20.89
CA SER F 226 6.10 23.39 21.86
C SER F 226 6.22 24.08 23.21
N TYR F 227 6.20 25.43 23.23
CA TYR F 227 6.18 26.16 24.50
C TYR F 227 4.99 25.76 25.36
N PHE F 228 3.92 25.27 24.72
CA PHE F 228 2.72 24.87 25.46
C PHE F 228 2.72 23.37 25.81
N ILE F 229 2.84 22.49 24.82
CA ILE F 229 2.69 21.07 25.15
C ILE F 229 3.89 20.55 25.94
N GLU F 230 5.01 21.28 25.96
CA GLU F 230 6.14 20.93 26.80
C GLU F 230 6.20 21.74 28.10
N ASP F 231 5.25 22.65 28.33
CA ASP F 231 5.23 23.45 29.54
C ASP F 231 5.25 22.56 30.78
N ILE F 232 6.07 22.92 31.76
CA ILE F 232 6.21 22.04 32.92
C ILE F 232 4.93 21.99 33.73
N GLY F 233 4.16 23.09 33.81
CA GLY F 233 2.91 23.08 34.56
C GLY F 233 1.80 22.31 33.86
N TRP F 234 1.71 22.44 32.52
CA TRP F 234 0.77 21.64 31.72
C TRP F 234 1.00 20.15 31.95
N ASN F 235 2.26 19.71 31.89
CA ASN F 235 2.55 18.29 32.08
C ASN F 235 2.33 17.89 33.53
N SER F 236 2.65 18.77 34.47
CA SER F 236 2.41 18.47 35.87
C SER F 236 0.92 18.34 36.17
N TYR F 237 0.08 19.12 35.49
CA TYR F 237 -1.34 18.99 35.70
C TYR F 237 -1.82 17.58 35.40
N TYR F 238 -1.36 17.02 34.27
CA TYR F 238 -1.74 15.66 33.95
C TYR F 238 -1.20 14.67 34.98
N TYR F 239 0.04 14.90 35.46
CA TYR F 239 0.62 13.99 36.44
C TYR F 239 -0.18 13.97 37.74
N TYR F 240 -0.55 15.16 38.23
CA TYR F 240 -1.39 15.26 39.42
C TYR F 240 -2.71 14.52 39.24
N PHE F 241 -3.35 14.67 38.07
CA PHE F 241 -4.62 14.01 37.80
C PHE F 241 -4.47 12.50 37.86
N HIS F 242 -3.39 11.97 37.28
CA HIS F 242 -3.15 10.54 37.42
C HIS F 242 -2.97 10.15 38.88
N ASN F 243 -2.23 10.95 39.65
CA ASN F 243 -1.98 10.61 41.04
C ASN F 243 -3.23 10.70 41.89
N ARG F 244 -4.14 11.61 41.55
CA ARG F 244 -5.36 11.76 42.30
C ARG F 244 -6.35 10.63 42.00
N PHE F 245 -6.38 10.16 40.75
CA PHE F 245 -7.33 9.14 40.30
C PHE F 245 -6.64 7.99 39.59
N PRO F 246 -5.78 7.25 40.27
CA PRO F 246 -5.10 6.11 39.62
C PRO F 246 -6.10 5.01 39.22
N PHE F 247 -5.90 4.48 38.01
CA PHE F 247 -6.86 3.58 37.40
C PHE F 247 -7.06 2.28 38.18
N TRP F 248 -6.04 1.85 38.91
CA TRP F 248 -6.08 0.55 39.57
CA TRP F 248 -6.09 0.55 39.58
C TRP F 248 -6.77 0.57 40.93
N GLU F 249 -7.11 1.75 41.44
CA GLU F 249 -7.75 1.79 42.73
C GLU F 249 -9.25 1.94 42.52
N ASN F 250 -10.01 1.35 43.44
CA ASN F 250 -11.46 1.45 43.43
C ASN F 250 -11.89 2.87 43.81
N GLY F 251 -13.03 3.29 43.26
CA GLY F 251 -13.49 4.67 43.45
C GLY F 251 -13.84 5.04 44.88
N GLU F 252 -14.24 4.06 45.69
CA GLU F 252 -14.62 4.36 47.07
C GLU F 252 -13.42 4.94 47.82
N GLN F 253 -12.26 4.32 47.64
CA GLN F 253 -11.03 4.81 48.24
C GLN F 253 -10.61 6.16 47.66
N LEU F 254 -10.87 6.40 46.36
CA LEU F 254 -10.36 7.61 45.74
C LEU F 254 -11.21 8.84 46.05
N ILE F 255 -12.54 8.74 45.96
CA ILE F 255 -13.38 9.94 46.05
C ILE F 255 -14.61 9.74 46.93
N GLY F 256 -14.66 8.65 47.67
CA GLY F 256 -15.70 8.42 48.64
C GLY F 256 -17.11 8.57 48.09
N PRO F 257 -17.82 9.59 48.58
CA PRO F 257 -19.22 9.79 48.15
C PRO F 257 -19.38 10.32 46.75
N LEU F 258 -18.30 10.75 46.09
CA LEU F 258 -18.36 11.12 44.70
C LEU F 258 -18.06 9.96 43.75
N LYS F 259 -18.00 8.73 44.29
CA LYS F 259 -17.63 7.55 43.49
C LYS F 259 -18.42 7.45 42.20
N GLU F 260 -19.72 7.73 42.25
CA GLU F 260 -20.53 7.62 41.04
C GLU F 260 -20.28 8.74 40.04
N ARG F 261 -19.34 9.64 40.28
CA ARG F 261 -18.99 10.66 39.31
C ARG F 261 -17.60 10.44 38.72
N ARG F 262 -17.00 9.27 38.97
CA ARG F 262 -15.64 9.04 38.50
C ARG F 262 -15.55 9.16 36.99
N GLY F 263 -16.45 8.49 36.26
CA GLY F 263 -16.44 8.54 34.81
C GLY F 263 -16.76 9.91 34.28
N GLU F 264 -17.50 10.70 35.06
CA GLU F 264 -17.79 12.08 34.69
C GLU F 264 -16.55 12.95 34.80
N ILE F 265 -15.76 12.73 35.85
CA ILE F 265 -14.49 13.44 36.02
C ILE F 265 -13.52 13.06 34.90
N TYR F 266 -13.51 11.76 34.53
CA TYR F 266 -12.69 11.30 33.40
C TYR F 266 -13.00 12.09 32.14
N TYR F 267 -14.29 12.18 31.78
CA TYR F 267 -14.68 12.92 30.58
C TYR F 267 -14.32 14.39 30.72
N TYR F 268 -14.63 14.99 31.87
CA TYR F 268 -14.44 16.42 32.05
C TYR F 268 -12.97 16.82 31.87
N VAL F 269 -12.05 16.07 32.47
CA VAL F 269 -10.64 16.43 32.44
C VAL F 269 -10.07 16.23 31.05
N TYR F 270 -10.35 15.09 30.40
CA TYR F 270 -9.80 14.88 29.07
C TYR F 270 -10.42 15.86 28.07
N GLN F 271 -11.70 16.20 28.20
CA GLN F 271 -12.29 17.24 27.35
C GLN F 271 -11.59 18.58 27.52
N LYS F 272 -11.34 18.97 28.76
CA LYS F 272 -10.67 20.25 29.01
C LYS F 272 -9.25 20.25 28.45
N ILE F 273 -8.54 19.13 28.60
CA ILE F 273 -7.18 19.05 28.07
C ILE F 273 -7.18 19.17 26.55
N LEU F 274 -8.10 18.46 25.88
CA LEU F 274 -8.16 18.53 24.43
C LEU F 274 -8.61 19.92 23.95
N ALA F 275 -9.60 20.52 24.63
CA ALA F 275 -10.12 21.82 24.21
C ALA F 275 -9.06 22.91 24.35
N ARG F 276 -8.28 22.86 25.44
CA ARG F 276 -7.21 23.84 25.64
C ARG F 276 -6.09 23.64 24.63
N TYR F 277 -5.74 22.38 24.34
CA TYR F 277 -4.78 22.10 23.28
C TYR F 277 -5.30 22.59 21.93
N TYR F 278 -6.59 22.38 21.64
CA TYR F 278 -7.17 22.87 20.39
C TYR F 278 -7.04 24.38 20.30
N LEU F 279 -7.22 25.09 21.41
CA LEU F 279 -7.02 26.54 21.40
C LEU F 279 -5.59 26.90 20.99
N GLU F 280 -4.60 26.19 21.52
CA GLU F 280 -3.23 26.51 21.16
C GLU F 280 -2.95 26.18 19.70
N ARG F 281 -3.52 25.09 19.19
CA ARG F 281 -3.42 24.81 17.76
C ARG F 281 -3.99 25.97 16.94
N LEU F 282 -5.20 26.40 17.28
CA LEU F 282 -5.84 27.47 16.51
C LEU F 282 -5.02 28.75 16.57
N ALA F 283 -4.47 29.07 17.74
CA ALA F 283 -3.63 30.25 17.87
C ALA F 283 -2.35 30.14 17.05
N ASN F 284 -1.98 28.95 16.61
CA ASN F 284 -0.79 28.76 15.81
C ASN F 284 -1.09 28.29 14.41
N GLY F 285 -2.34 28.44 13.96
CA GLY F 285 -2.68 28.11 12.59
C GLY F 285 -2.56 26.63 12.26
N LEU F 286 -2.72 25.74 13.24
CA LEU F 286 -2.55 24.30 13.01
C LEU F 286 -3.86 23.55 12.87
N GLY F 287 -5.00 24.23 13.01
CA GLY F 287 -6.28 23.59 12.73
C GLY F 287 -6.67 22.54 13.76
N GLU F 288 -7.55 21.63 13.33
CA GLU F 288 -8.21 20.69 14.23
C GLU F 288 -7.32 19.48 14.56
N ILE F 289 -7.66 18.81 15.65
CA ILE F 289 -6.93 17.60 16.01
C ILE F 289 -7.21 16.52 14.96
N PRO F 290 -6.18 15.89 14.40
CA PRO F 290 -6.42 14.84 13.40
C PRO F 290 -7.12 13.62 13.98
N ARG F 291 -7.90 12.96 13.13
CA ARG F 291 -8.43 11.62 13.37
C ARG F 291 -7.63 10.61 12.54
N PHE F 292 -7.60 9.34 12.97
CA PHE F 292 -6.74 8.38 12.30
C PHE F 292 -7.31 6.97 12.29
N ASN F 293 -6.87 6.20 11.29
CA ASN F 293 -7.22 4.80 11.07
C ASN F 293 -6.09 3.94 11.67
N TRP F 294 -6.46 3.05 12.60
CA TRP F 294 -5.46 2.18 13.22
C TRP F 294 -4.72 1.34 12.19
N LEU F 295 -5.34 1.07 11.03
CA LEU F 295 -4.74 0.16 10.05
C LEU F 295 -3.96 0.89 8.94
N ASP F 296 -3.84 2.21 9.01
CA ASP F 296 -3.10 2.96 8.00
C ASP F 296 -1.80 3.50 8.59
N LYS F 297 -0.93 4.02 7.72
CA LYS F 297 0.29 4.67 8.14
C LYS F 297 -0.04 5.84 9.07
N TYR F 298 0.71 5.97 10.16
CA TYR F 298 0.42 7.03 11.13
C TYR F 298 1.21 8.27 10.74
N GLN F 299 0.51 9.40 10.56
CA GLN F 299 1.03 10.55 9.84
C GLN F 299 1.60 11.66 10.74
N THR F 300 1.69 11.40 12.04
CA THR F 300 2.23 12.34 13.02
C THR F 300 3.48 11.70 13.64
N SER F 301 4.66 12.09 13.15
CA SER F 301 5.92 11.62 13.69
C SER F 301 6.22 12.33 15.02
N TYR F 302 7.22 11.80 15.73
CA TYR F 302 7.64 12.37 17.01
C TYR F 302 9.06 11.90 17.32
N TYR F 303 9.99 12.86 17.50
CA TYR F 303 11.40 12.59 17.79
C TYR F 303 11.79 13.30 19.08
N PRO F 304 11.42 12.75 20.24
CA PRO F 304 11.72 13.41 21.51
C PRO F 304 13.22 13.45 21.82
N LEU F 305 13.66 14.58 22.36
CA LEU F 305 15.01 14.71 22.90
C LEU F 305 14.97 14.46 24.39
N LEU F 306 14.20 13.46 24.77
CA LEU F 306 14.07 13.01 26.14
C LEU F 306 14.82 11.70 26.28
N SER F 307 15.33 11.45 27.48
CA SER F 307 15.91 10.16 27.78
C SER F 307 15.58 9.81 29.23
N SER F 308 15.66 8.51 29.52
CA SER F 308 15.59 8.01 30.88
C SER F 308 17.00 7.75 31.42
N TYR F 309 17.97 8.51 30.92
CA TYR F 309 19.37 8.64 31.35
C TYR F 309 20.22 7.42 31.06
N GLN F 310 19.62 6.24 31.07
CA GLN F 310 20.25 4.98 30.71
C GLN F 310 19.95 4.58 29.27
N LEU F 311 18.85 5.09 28.72
CA LEU F 311 18.32 4.72 27.42
C LEU F 311 17.62 5.92 26.82
N PRO F 312 17.64 6.08 25.49
CA PRO F 312 16.85 7.15 24.87
C PRO F 312 15.37 6.81 24.86
N PHE F 313 14.54 7.85 24.76
CA PHE F 313 13.14 7.62 24.46
C PHE F 313 13.00 7.13 23.03
N ALA F 314 11.95 6.33 22.80
CA ALA F 314 11.63 5.83 21.47
C ALA F 314 11.16 6.96 20.55
N GLN F 315 11.61 6.92 19.30
CA GLN F 315 11.22 7.85 18.25
C GLN F 315 10.25 7.18 17.29
N ARG F 316 9.24 7.92 16.84
CA ARG F 316 8.27 7.43 15.86
C ARG F 316 8.50 8.15 14.53
N ASN F 317 8.97 7.40 13.53
CA ASN F 317 9.20 7.95 12.19
C ASN F 317 7.87 8.35 11.55
N ASP F 318 7.94 9.21 10.54
CA ASP F 318 6.72 9.56 9.81
C ASP F 318 6.17 8.33 9.12
N ASP F 319 4.83 8.27 8.99
CA ASP F 319 4.14 7.18 8.28
C ASP F 319 4.43 5.81 8.92
N TYR F 320 4.63 5.79 10.23
CA TYR F 320 4.87 4.53 10.94
C TYR F 320 3.64 3.62 10.85
N TYR F 321 3.85 2.37 10.48
CA TYR F 321 2.78 1.40 10.28
C TYR F 321 2.45 0.75 11.62
N LEU F 322 1.25 1.03 12.12
CA LEU F 322 0.90 0.58 13.47
C LEU F 322 0.54 -0.89 13.55
N ALA F 323 0.03 -1.47 12.46
CA ALA F 323 -0.56 -2.81 12.51
C ALA F 323 0.37 -3.88 11.91
N SER F 324 1.54 -4.05 12.49
CA SER F 324 2.37 -5.16 12.06
C SER F 324 1.83 -6.49 12.60
N GLY F 325 2.34 -7.58 12.04
CA GLY F 325 2.01 -8.90 12.56
C GLY F 325 2.39 -9.05 14.02
N ASP F 326 3.47 -8.38 14.44
CA ASP F 326 3.83 -8.38 15.87
C ASP F 326 2.88 -7.57 16.72
N ASN F 327 2.08 -6.68 16.13
CA ASN F 327 1.15 -5.84 16.86
C ASN F 327 -0.29 -6.32 16.78
N ILE F 328 -0.56 -7.41 16.07
CA ILE F 328 -1.92 -7.64 15.60
C ILE F 328 -2.85 -8.01 16.78
N ASN F 329 -2.35 -8.72 17.79
CA ASN F 329 -3.19 -9.01 18.96
C ASN F 329 -3.61 -7.73 19.68
N ASP F 330 -2.66 -6.78 19.84
CA ASP F 330 -3.01 -5.48 20.41
C ASP F 330 -4.02 -4.75 19.53
N ILE F 331 -3.81 -4.78 18.21
CA ILE F 331 -4.72 -4.11 17.28
C ILE F 331 -6.11 -4.75 17.35
N GLN F 332 -6.18 -6.08 17.39
CA GLN F 332 -7.48 -6.73 17.47
C GLN F 332 -8.19 -6.35 18.77
N PHE F 333 -7.45 -6.31 19.88
CA PHE F 333 -8.06 -5.87 21.13
C PHE F 333 -8.54 -4.42 21.02
N ILE F 334 -7.71 -3.54 20.46
CA ILE F 334 -8.10 -2.13 20.34
C ILE F 334 -9.38 -2.00 19.52
N ASP F 335 -9.41 -2.69 18.37
CA ASP F 335 -10.59 -2.58 17.50
C ASP F 335 -11.83 -3.20 18.16
N THR F 336 -11.70 -4.36 18.82
CA THR F 336 -12.85 -4.96 19.48
C THR F 336 -13.45 -4.03 20.52
N TYR F 337 -12.61 -3.37 21.27
CA TYR F 337 -13.08 -2.48 22.33
C TYR F 337 -13.93 -1.33 21.78
N GLU F 338 -13.52 -0.77 20.63
CA GLU F 338 -14.30 0.28 19.98
C GLU F 338 -15.60 -0.29 19.41
N LYS F 339 -15.49 -1.44 18.74
CA LYS F 339 -16.68 -2.12 18.22
C LYS F 339 -17.69 -2.37 19.32
N THR F 340 -17.22 -2.85 20.48
CA THR F 340 -18.11 -3.10 21.61
C THR F 340 -18.84 -1.84 22.03
N PHE F 341 -18.13 -0.72 22.11
CA PHE F 341 -18.81 0.49 22.53
C PHE F 341 -19.87 0.89 21.53
N LEU F 342 -19.59 0.76 20.23
CA LEU F 342 -20.60 1.06 19.23
C LEU F 342 -21.80 0.12 19.36
N GLN F 343 -21.57 -1.15 19.68
CA GLN F 343 -22.71 -2.06 19.91
C GLN F 343 -23.51 -1.65 21.16
N LEU F 344 -22.85 -1.19 22.21
CA LEU F 344 -23.55 -0.72 23.39
C LEU F 344 -24.43 0.50 23.05
N LEU F 345 -23.94 1.37 22.16
CA LEU F 345 -24.77 2.49 21.70
C LEU F 345 -25.97 2.02 20.89
N GLN F 346 -25.84 0.91 20.16
CA GLN F 346 -27.02 0.31 19.51
C GLN F 346 -28.00 -0.23 20.56
N LYS F 347 -27.48 -0.87 21.62
CA LYS F 347 -28.35 -1.49 22.63
C LYS F 347 -29.13 -0.46 23.43
N GLY F 348 -28.45 0.60 23.85
CA GLY F 348 -29.05 1.68 24.63
C GLY F 348 -29.27 1.37 26.08
N GLN F 349 -29.92 0.25 26.39
CA GLN F 349 -30.10 -0.20 27.75
C GLN F 349 -29.66 -1.65 27.84
N PHE F 350 -28.77 -1.93 28.78
CA PHE F 350 -28.03 -3.18 28.73
C PHE F 350 -27.37 -3.44 30.09
N LYS F 351 -26.89 -4.67 30.24
CA LYS F 351 -26.11 -5.11 31.38
C LYS F 351 -24.70 -5.39 30.87
N ALA F 352 -23.71 -4.75 31.48
CA ALA F 352 -22.31 -4.92 31.08
C ALA F 352 -21.46 -5.07 32.33
N TYR F 353 -20.63 -6.11 32.39
CA TYR F 353 -19.82 -6.39 33.58
C TYR F 353 -20.71 -6.45 34.81
N LYS F 354 -21.91 -7.02 34.62
CA LYS F 354 -22.95 -7.16 35.63
C LYS F 354 -23.44 -5.82 36.17
N GLN F 355 -23.27 -4.73 35.41
CA GLN F 355 -23.81 -3.42 35.77
C GLN F 355 -24.96 -3.08 34.84
N GLU F 356 -26.07 -2.62 35.41
CA GLU F 356 -27.19 -2.11 34.63
C GLU F 356 -26.89 -0.68 34.20
N VAL F 357 -26.99 -0.43 32.89
CA VAL F 357 -26.61 0.84 32.29
C VAL F 357 -27.79 1.35 31.47
N ASP F 358 -28.14 2.61 31.63
CA ASP F 358 -29.23 3.22 30.86
C ASP F 358 -28.63 4.45 30.17
N LEU F 359 -28.28 4.32 28.89
CA LEU F 359 -27.59 5.44 28.24
C LEU F 359 -28.47 6.65 28.06
N TYR F 360 -29.80 6.52 28.19
CA TYR F 360 -30.68 7.68 28.16
C TYR F 360 -30.49 8.56 29.39
N ASN F 361 -29.94 8.03 30.46
CA ASN F 361 -29.75 8.72 31.73
C ASN F 361 -28.35 9.30 31.78
N SER F 362 -28.23 10.60 32.08
CA SER F 362 -26.90 11.21 32.11
C SER F 362 -26.00 10.61 33.18
N LYS F 363 -26.54 9.89 34.15
CA LYS F 363 -25.68 9.27 35.15
C LYS F 363 -24.84 8.15 34.56
N SER F 364 -25.20 7.64 33.39
CA SER F 364 -24.41 6.57 32.81
C SER F 364 -23.05 7.06 32.29
N ILE F 365 -22.76 8.37 32.33
CA ILE F 365 -21.41 8.85 32.05
C ILE F 365 -20.39 8.22 33.01
N ASN F 366 -20.82 7.78 34.20
CA ASN F 366 -19.87 7.09 35.08
C ASN F 366 -19.40 5.79 34.45
N PHE F 367 -20.34 4.94 34.04
CA PHE F 367 -19.96 3.70 33.37
C PHE F 367 -19.15 3.97 32.11
N VAL F 368 -19.55 4.96 31.31
CA VAL F 368 -18.90 5.22 30.02
C VAL F 368 -17.46 5.66 30.24
N GLY F 369 -17.24 6.56 31.19
CA GLY F 369 -15.88 6.96 31.51
C GLY F 369 -15.06 5.83 32.09
N ASN F 370 -15.65 5.04 33.00
CA ASN F 370 -14.89 3.92 33.57
C ASN F 370 -14.59 2.86 32.52
N TYR F 371 -15.49 2.68 31.54
CA TYR F 371 -15.27 1.76 30.43
C TYR F 371 -14.04 2.16 29.63
N TRP F 372 -13.96 3.43 29.22
CA TRP F 372 -12.85 3.85 28.38
C TRP F 372 -11.53 3.87 29.13
N GLN F 373 -11.55 3.99 30.45
CA GLN F 373 -10.32 3.89 31.22
C GLN F 373 -9.99 2.48 31.69
N SER F 374 -10.89 1.52 31.50
CA SER F 374 -10.67 0.14 31.94
C SER F 374 -10.26 0.09 33.41
N ASN F 375 -10.84 0.98 34.23
CA ASN F 375 -10.34 1.14 35.58
C ASN F 375 -11.01 0.11 36.49
N ALA F 376 -10.65 0.14 37.78
CA ALA F 376 -11.09 -0.88 38.73
C ALA F 376 -12.60 -0.90 38.90
N ASP F 377 -13.25 0.25 38.81
CA ASP F 377 -14.70 0.32 38.98
C ASP F 377 -15.44 -0.36 37.85
N LEU F 378 -14.85 -0.44 36.65
CA LEU F 378 -15.50 -1.14 35.57
C LEU F 378 -15.73 -2.60 35.92
N TYR F 379 -14.83 -3.19 36.71
CA TYR F 379 -14.84 -4.61 37.03
C TYR F 379 -15.31 -4.92 38.45
N GLU F 380 -15.85 -3.94 39.18
CA GLU F 380 -16.08 -4.15 40.61
C GLU F 380 -17.18 -5.16 40.90
N LYS F 381 -18.11 -5.37 39.97
CA LYS F 381 -19.25 -6.26 40.15
C LYS F 381 -19.05 -7.65 39.54
N VAL F 382 -17.87 -7.96 39.00
CA VAL F 382 -17.57 -9.32 38.54
C VAL F 382 -16.50 -9.89 39.47
N PRO F 383 -16.34 -11.21 39.58
CA PRO F 383 -15.30 -11.75 40.45
C PRO F 383 -13.91 -11.28 40.03
N LYS F 384 -13.01 -11.22 41.00
CA LYS F 384 -11.64 -10.75 40.75
C LYS F 384 -11.01 -11.54 39.61
N ARG F 385 -10.35 -10.84 38.71
CA ARG F 385 -9.87 -11.42 37.48
C ARG F 385 -8.35 -11.41 37.42
N ASN F 386 -7.80 -12.53 36.96
CA ASN F 386 -6.41 -12.58 36.52
C ASN F 386 -6.23 -12.21 35.05
N TYR F 387 -7.31 -12.11 34.27
CA TYR F 387 -7.25 -11.63 32.89
C TYR F 387 -7.63 -10.17 32.86
N TRP F 388 -6.71 -9.33 32.35
CA TRP F 388 -7.01 -7.91 32.26
C TRP F 388 -6.27 -7.31 31.08
N ARG F 389 -6.97 -6.47 30.34
CA ARG F 389 -6.39 -5.68 29.27
C ARG F 389 -6.91 -4.26 29.35
N SER F 390 -6.05 -3.29 29.04
CA SER F 390 -6.46 -1.89 29.05
C SER F 390 -6.47 -1.31 27.64
N TYR F 391 -7.58 -0.69 27.26
CA TYR F 391 -7.61 0.00 25.97
C TYR F 391 -6.52 1.04 25.90
N GLU F 392 -6.43 1.91 26.92
CA GLU F 392 -5.45 3.00 26.89
C GLU F 392 -4.03 2.45 26.88
N ALA F 393 -3.73 1.47 27.72
CA ALA F 393 -2.37 0.94 27.74
C ALA F 393 -2.00 0.29 26.40
N THR F 394 -2.92 -0.47 25.82
CA THR F 394 -2.64 -1.10 24.54
C THR F 394 -2.47 -0.07 23.43
N ALA F 395 -3.33 0.97 23.41
CA ALA F 395 -3.21 2.04 22.43
C ALA F 395 -1.91 2.81 22.59
N ARG F 396 -1.53 3.12 23.84
CA ARG F 396 -0.27 3.81 24.08
C ARG F 396 0.91 2.98 23.59
N ARG F 397 0.88 1.67 23.84
CA ARG F 397 1.98 0.83 23.38
C ARG F 397 2.06 0.79 21.85
N VAL F 398 0.92 0.71 21.16
CA VAL F 398 0.93 0.69 19.71
C VAL F 398 1.44 2.03 19.15
N LEU F 399 0.98 3.15 19.72
CA LEU F 399 1.41 4.45 19.22
C LEU F 399 2.84 4.80 19.62
N GLY F 400 3.41 4.16 20.66
CA GLY F 400 4.72 4.58 21.16
C GLY F 400 5.90 4.24 20.25
N ALA F 401 5.77 3.24 19.37
CA ALA F 401 6.78 2.83 18.39
C ALA F 401 8.04 2.25 19.03
N ALA F 402 7.97 1.77 20.27
CA ALA F 402 9.07 1.01 20.83
C ALA F 402 9.23 -0.31 20.06
N PRO F 403 10.44 -0.87 20.03
CA PRO F 403 10.60 -2.16 19.33
C PRO F 403 9.72 -3.24 19.95
N ARG F 404 9.19 -4.11 19.08
CA ARG F 404 8.22 -5.11 19.53
C ARG F 404 8.81 -6.02 20.59
N SER F 405 10.10 -6.31 20.47
CA SER F 405 10.79 -7.06 21.51
C SER F 405 10.72 -6.35 22.86
N SER F 406 10.64 -5.02 22.86
CA SER F 406 10.55 -4.29 24.12
C SER F 406 9.33 -4.71 24.91
N ILE F 407 8.28 -5.15 24.20
CA ILE F 407 7.07 -5.58 24.87
C ILE F 407 7.13 -7.05 25.29
N ASN F 408 7.84 -7.90 24.54
CA ASN F 408 7.84 -9.33 24.84
C ASN F 408 8.73 -9.70 26.02
N TYR F 409 9.79 -8.95 26.29
CA TYR F 409 10.73 -9.27 27.35
C TYR F 409 10.49 -8.34 28.53
N GLU F 410 10.29 -8.92 29.71
CA GLU F 410 9.97 -8.08 30.86
C GLU F 410 11.13 -7.19 31.27
N ASN F 411 12.35 -7.70 31.21
CA ASN F 411 13.45 -6.92 31.78
C ASN F 411 13.85 -5.71 30.91
N MET F 412 13.58 -5.69 29.61
CA MET F 412 14.19 -4.69 28.75
C MET F 412 13.11 -3.86 28.07
N ASN F 413 13.23 -2.54 28.19
CA ASN F 413 12.27 -1.62 27.60
C ASN F 413 13.03 -0.44 27.03
N ILE F 414 12.58 0.05 25.88
CA ILE F 414 12.93 1.40 25.44
C ILE F 414 11.75 2.29 25.83
N PRO F 415 11.95 3.23 26.75
CA PRO F 415 10.81 4.03 27.23
C PRO F 415 10.30 4.96 26.15
N THR F 416 8.99 5.22 26.19
CA THR F 416 8.35 6.19 25.31
C THR F 416 7.73 7.26 26.18
N ALA F 417 7.43 8.40 25.55
CA ALA F 417 6.74 9.48 26.27
C ALA F 417 5.39 9.03 26.79
N LEU F 418 4.76 8.05 26.14
CA LEU F 418 3.45 7.57 26.58
C LEU F 418 3.55 6.56 27.71
N ASP F 419 4.77 6.21 28.14
CA ASP F 419 5.00 5.37 29.31
C ASP F 419 4.99 6.15 30.60
N PHE F 420 4.93 7.49 30.55
CA PHE F 420 5.01 8.31 31.76
C PHE F 420 3.94 9.41 31.72
N TYR F 421 3.19 9.53 32.82
CA TYR F 421 2.26 10.65 32.93
C TYR F 421 2.99 11.99 33.01
N GLN F 422 4.28 11.98 33.37
CA GLN F 422 5.07 13.22 33.35
C GLN F 422 5.25 13.75 31.93
N THR F 423 5.24 12.87 30.92
CA THR F 423 5.61 13.22 29.56
C THR F 423 4.54 12.98 28.50
N SER F 424 3.39 12.39 28.85
CA SER F 424 2.39 12.03 27.85
C SER F 424 1.97 13.22 26.99
N LEU F 425 1.79 14.40 27.60
CA LEU F 425 1.27 15.55 26.86
C LEU F 425 2.27 16.11 25.88
N ARG F 426 3.52 15.63 25.87
CA ARG F 426 4.47 16.10 24.86
C ARG F 426 4.27 15.44 23.50
N ASP F 427 3.69 14.25 23.45
CA ASP F 427 3.52 13.54 22.18
C ASP F 427 2.20 13.94 21.54
N PRO F 428 2.21 14.51 20.33
CA PRO F 428 0.95 14.86 19.67
C PRO F 428 0.03 13.65 19.51
N ALA F 429 0.56 12.43 19.48
CA ALA F 429 -0.29 11.24 19.42
C ALA F 429 -1.20 11.12 20.64
N PHE F 430 -0.79 11.71 21.77
CA PHE F 430 -1.63 11.68 22.96
C PHE F 430 -2.99 12.33 22.71
N TYR F 431 -2.99 13.52 22.08
CA TYR F 431 -4.25 14.24 21.86
C TYR F 431 -5.10 13.54 20.82
N GLN F 432 -4.46 12.96 19.80
CA GLN F 432 -5.19 12.17 18.81
C GLN F 432 -5.80 10.92 19.44
N LEU F 433 -5.07 10.26 20.36
CA LEU F 433 -5.63 9.08 21.01
C LEU F 433 -6.87 9.42 21.83
N TYR F 434 -6.79 10.45 22.67
CA TYR F 434 -7.93 10.76 23.53
C TYR F 434 -9.06 11.48 22.79
N ALA F 435 -8.76 12.13 21.66
CA ALA F 435 -9.81 12.66 20.81
C ALA F 435 -10.64 11.54 20.21
N LYS F 436 -9.98 10.45 19.79
CA LYS F 436 -10.69 9.27 19.33
C LYS F 436 -11.60 8.74 20.43
N ILE F 437 -11.05 8.64 21.64
CA ILE F 437 -11.86 8.19 22.77
C ILE F 437 -13.02 9.17 23.01
N LEU F 438 -12.72 10.47 23.04
CA LEU F 438 -13.80 11.41 23.31
C LEU F 438 -14.78 11.52 22.13
N ASP F 439 -14.36 11.23 20.89
CA ASP F 439 -15.37 11.11 19.83
C ASP F 439 -16.41 10.05 20.18
N TYR F 440 -15.96 8.89 20.64
CA TYR F 440 -16.92 7.84 21.01
C TYR F 440 -17.85 8.28 22.14
N ILE F 441 -17.30 8.93 23.17
CA ILE F 441 -18.14 9.35 24.29
C ILE F 441 -19.12 10.42 23.85
N ASN F 442 -18.72 11.31 22.96
CA ASN F 442 -19.63 12.34 22.49
C ASN F 442 -20.74 11.76 21.62
N GLU F 443 -20.51 10.63 20.93
CA GLU F 443 -21.62 9.93 20.30
C GLU F 443 -22.62 9.46 21.35
N TYR F 444 -22.10 8.91 22.45
CA TYR F 444 -22.98 8.53 23.55
C TYR F 444 -23.77 9.74 24.06
N LYS F 445 -23.14 10.92 24.10
CA LYS F 445 -23.84 12.10 24.60
C LYS F 445 -25.08 12.45 23.78
N GLU F 446 -25.16 12.01 22.53
CA GLU F 446 -26.36 12.23 21.72
C GLU F 446 -27.58 11.53 22.29
N TYR F 447 -27.38 10.53 23.17
CA TYR F 447 -28.51 9.95 23.87
C TYR F 447 -29.17 10.95 24.81
N LEU F 448 -28.42 11.91 25.34
CA LEU F 448 -28.98 12.72 26.41
C LEU F 448 -30.01 13.70 25.86
N GLU F 449 -31.02 13.95 26.67
CA GLU F 449 -32.06 14.94 26.33
C GLU F 449 -31.48 16.34 26.47
N PRO F 450 -31.53 17.17 25.44
CA PRO F 450 -30.99 18.53 25.59
C PRO F 450 -31.81 19.31 26.62
N TYR F 451 -31.14 20.23 27.32
CA TYR F 451 -31.81 21.01 28.35
C TYR F 451 -32.92 21.85 27.73
N SER F 452 -34.08 21.86 28.39
CA SER F 452 -35.19 22.67 27.92
C SER F 452 -34.92 24.15 28.19
N GLN F 453 -35.66 25.01 27.47
CA GLN F 453 -35.59 26.45 27.75
C GLN F 453 -36.01 26.76 29.17
N ASP F 454 -36.99 26.02 29.72
CA ASP F 454 -37.44 26.30 31.08
C ASP F 454 -36.35 26.02 32.10
N VAL F 455 -35.55 24.97 31.88
CA VAL F 455 -34.41 24.71 32.75
C VAL F 455 -33.35 25.80 32.62
N LEU F 456 -33.07 26.25 31.39
CA LEU F 456 -31.97 27.18 31.13
C LEU F 456 -32.28 28.62 31.48
N HIS F 457 -33.55 29.02 31.37
CA HIS F 457 -33.96 30.41 31.55
C HIS F 457 -34.12 30.72 33.04
N TYR F 458 -33.47 31.77 33.51
CA TYR F 458 -33.61 32.24 34.88
C TYR F 458 -34.52 33.47 34.85
N VAL F 459 -35.80 33.28 35.17
CA VAL F 459 -36.78 34.37 35.08
C VAL F 459 -36.44 35.48 36.08
N GLY F 460 -36.44 36.72 35.59
CA GLY F 460 -36.17 37.89 36.40
C GLY F 460 -34.72 38.31 36.47
N VAL F 461 -33.82 37.61 35.80
CA VAL F 461 -32.40 37.90 35.83
C VAL F 461 -31.95 38.13 34.39
N LYS F 462 -31.32 39.27 34.14
CA LYS F 462 -30.89 39.62 32.79
C LYS F 462 -29.45 40.11 32.85
N ILE F 463 -28.57 39.51 32.04
CA ILE F 463 -27.23 40.03 31.86
C ILE F 463 -27.29 41.10 30.78
N ASN F 464 -27.14 42.37 31.19
CA ASN F 464 -27.13 43.48 30.23
C ASN F 464 -25.79 43.69 29.56
N ASP F 465 -24.68 43.37 30.23
CA ASP F 465 -23.40 43.67 29.62
C ASP F 465 -22.30 42.84 30.28
N VAL F 466 -21.30 42.51 29.49
CA VAL F 466 -20.06 41.90 29.95
C VAL F 466 -18.92 42.69 29.34
N LYS F 467 -18.05 43.23 30.20
CA LYS F 467 -16.86 43.92 29.73
C LYS F 467 -15.62 43.26 30.32
N VAL F 468 -14.61 43.06 29.48
CA VAL F 468 -13.38 42.36 29.87
C VAL F 468 -12.21 43.31 29.69
N ASP F 469 -11.33 43.34 30.68
CA ASP F 469 -10.05 44.03 30.55
C ASP F 469 -9.27 43.47 29.36
N LYS F 470 -8.26 44.23 28.92
CA LYS F 470 -7.43 43.83 27.79
C LYS F 470 -6.79 42.47 28.07
N LEU F 471 -6.89 41.56 27.10
CA LEU F 471 -6.33 40.22 27.24
C LEU F 471 -4.96 40.17 26.56
N VAL F 472 -3.91 40.05 27.37
CA VAL F 472 -2.53 40.16 26.89
C VAL F 472 -1.73 38.98 27.44
N THR F 473 -1.10 38.22 26.54
CA THR F 473 -0.15 37.18 26.91
C THR F 473 1.28 37.63 26.62
N TYR F 474 2.23 36.92 27.22
CA TYR F 474 3.65 37.19 27.01
C TYR F 474 4.46 35.99 27.48
N PHE F 475 5.73 35.99 27.10
CA PHE F 475 6.68 35.01 27.63
C PHE F 475 7.55 35.67 28.69
N GLU F 476 7.90 34.91 29.71
CA GLU F 476 8.76 35.36 30.79
C GLU F 476 9.63 34.19 31.26
N TYR F 477 10.79 34.52 31.81
CA TYR F 477 11.66 33.49 32.36
C TYR F 477 11.11 32.96 33.67
N PHE F 478 11.14 31.64 33.81
CA PHE F 478 10.69 30.95 35.02
C PHE F 478 11.81 30.01 35.45
N ASP F 479 12.24 30.13 36.70
CA ASP F 479 13.32 29.33 37.23
C ASP F 479 12.74 28.13 37.96
N TRP F 480 13.30 26.95 37.69
CA TRP F 480 12.93 25.77 38.47
C TRP F 480 14.17 24.93 38.74
N ASN F 481 14.08 24.13 39.80
CA ASN F 481 15.21 23.46 40.43
C ASN F 481 15.32 22.05 39.88
N ALA F 482 16.43 21.74 39.21
CA ALA F 482 16.65 20.44 38.58
C ALA F 482 17.72 19.63 39.33
N THR F 483 18.04 20.00 40.57
CA THR F 483 19.15 19.34 41.26
C THR F 483 18.90 17.84 41.43
N ASN F 484 17.64 17.42 41.52
CA ASN F 484 17.34 15.99 41.66
C ASN F 484 17.68 15.18 40.42
N ALA F 485 18.05 15.82 39.31
CA ALA F 485 18.46 15.06 38.13
C ALA F 485 19.88 14.57 38.19
N VAL F 486 20.76 15.18 39.01
CA VAL F 486 22.18 14.89 38.94
C VAL F 486 22.56 13.94 40.06
N TYR F 487 23.66 13.23 39.86
CA TYR F 487 24.20 12.34 40.89
C TYR F 487 25.31 13.08 41.63
N LEU F 488 25.11 13.24 42.93
CA LEU F 488 25.98 14.05 43.78
C LEU F 488 27.07 13.19 44.40
N SER F 489 28.20 13.82 44.72
CA SER F 489 29.28 13.12 45.39
C SER F 489 28.95 12.88 46.86
N GLU F 490 29.74 12.00 47.49
CA GLU F 490 29.58 11.78 48.93
C GLU F 490 29.85 13.06 49.70
N GLN F 491 30.87 13.81 49.28
CA GLN F 491 31.15 15.11 49.89
C GLN F 491 29.93 16.04 49.81
N GLN F 492 29.25 16.10 48.66
CA GLN F 492 28.09 16.97 48.50
C GLN F 492 26.86 16.45 49.24
N LEU F 493 26.65 15.12 49.23
CA LEU F 493 25.48 14.56 49.90
C LEU F 493 25.52 14.80 51.41
N ASP F 494 26.71 14.77 52.01
CA ASP F 494 26.82 14.96 53.45
C ASP F 494 26.74 16.43 53.84
N THR F 495 27.27 17.31 53.00
CA THR F 495 27.13 18.75 53.11
C THR F 495 25.97 19.16 52.21
N VAL F 496 25.89 20.42 51.87
CA VAL F 496 24.83 20.85 50.96
C VAL F 496 25.37 20.81 49.53
N SER F 497 24.48 20.48 48.59
CA SER F 497 24.78 20.40 47.17
C SER F 497 24.80 21.77 46.49
N PRO F 498 25.49 21.88 45.36
CA PRO F 498 25.25 23.00 44.44
C PRO F 498 23.86 22.88 43.82
N SER F 499 23.34 24.03 43.37
CA SER F 499 22.01 24.10 42.78
C SER F 499 22.08 24.20 41.25
N TYR F 500 21.28 23.39 40.59
CA TYR F 500 21.16 23.39 39.14
C TYR F 500 19.76 23.88 38.79
N ILE F 501 19.69 25.10 38.27
CA ILE F 501 18.42 25.77 38.02
C ILE F 501 18.21 25.89 36.50
N VAL F 502 17.07 25.42 36.04
CA VAL F 502 16.67 25.62 34.65
C VAL F 502 15.95 26.95 34.58
N ARG F 503 16.35 27.78 33.62
CA ARG F 503 15.69 29.08 33.37
C ARG F 503 15.05 28.99 32.00
N GLN F 504 13.72 29.05 31.96
CA GLN F 504 12.92 28.64 30.83
C GLN F 504 11.82 29.67 30.61
N PRO F 505 11.67 30.21 29.40
CA PRO F 505 10.51 31.08 29.12
C PRO F 505 9.22 30.28 29.23
N ARG F 506 8.20 30.90 29.85
CA ARG F 506 6.89 30.26 29.92
C ARG F 506 5.82 31.28 29.60
N LEU F 507 4.74 30.79 28.98
CA LEU F 507 3.59 31.62 28.71
C LEU F 507 2.98 32.14 30.02
N ASN F 508 2.45 33.36 29.96
CA ASN F 508 1.67 33.93 31.05
C ASN F 508 0.70 34.95 30.47
N ASN F 509 -0.28 35.36 31.26
CA ASN F 509 -1.21 36.41 30.84
C ASN F 509 -1.28 37.46 31.94
N LYS F 510 -1.51 38.71 31.53
CA LYS F 510 -1.69 39.78 32.51
C LYS F 510 -3.03 39.62 33.22
N PRO F 511 -3.09 39.90 34.52
CA PRO F 511 -4.37 39.81 35.23
C PRO F 511 -5.44 40.64 34.56
N PHE F 512 -6.63 40.07 34.46
CA PHE F 512 -7.77 40.76 33.85
C PHE F 512 -9.00 40.49 34.68
N THR F 513 -9.96 41.40 34.57
CA THR F 513 -11.21 41.31 35.30
C THR F 513 -12.36 41.16 34.31
N VAL F 514 -13.31 40.29 34.64
CA VAL F 514 -14.55 40.15 33.89
C VAL F 514 -15.63 40.90 34.65
N ASN F 515 -16.23 41.90 34.02
CA ASN F 515 -17.25 42.74 34.64
C ASN F 515 -18.60 42.38 34.05
N ILE F 516 -19.51 41.92 34.90
CA ILE F 516 -20.80 41.40 34.47
C ILE F 516 -21.88 42.34 35.04
N ASP F 517 -22.66 42.96 34.16
CA ASP F 517 -23.74 43.87 34.59
C ASP F 517 -25.07 43.13 34.52
N ILE F 518 -25.75 43.03 35.67
CA ILE F 518 -26.97 42.23 35.81
C ILE F 518 -28.09 43.06 36.42
N LYS F 519 -29.25 43.07 35.77
CA LYS F 519 -30.48 43.58 36.35
C LYS F 519 -31.29 42.40 36.86
N SER F 520 -31.70 42.45 38.13
CA SER F 520 -32.44 41.37 38.78
C SER F 520 -33.74 41.93 39.32
N ASP F 521 -34.85 41.23 39.02
CA ASP F 521 -36.12 41.65 39.61
C ASP F 521 -36.11 41.48 41.13
N VAL F 522 -35.56 40.38 41.63
CA VAL F 522 -35.63 40.06 43.05
C VAL F 522 -34.22 39.76 43.56
N GLU F 523 -34.08 39.85 44.87
CA GLU F 523 -32.86 39.50 45.57
C GLU F 523 -32.69 37.99 45.60
N SER F 524 -31.55 37.48 45.14
CA SER F 524 -31.45 36.04 45.04
C SER F 524 -29.99 35.60 45.06
N GLU F 525 -29.78 34.40 45.62
CA GLU F 525 -28.50 33.73 45.57
C GLU F 525 -28.42 32.92 44.29
N VAL F 526 -27.35 33.15 43.53
CA VAL F 526 -27.25 32.57 42.19
C VAL F 526 -25.87 31.92 42.05
N VAL F 527 -25.76 31.07 41.06
CA VAL F 527 -24.48 30.53 40.63
C VAL F 527 -24.08 31.25 39.34
N VAL F 528 -22.81 31.66 39.28
CA VAL F 528 -22.20 32.25 38.09
C VAL F 528 -21.12 31.31 37.57
N LYS F 529 -21.11 31.10 36.25
CA LYS F 529 -20.02 30.42 35.57
C LYS F 529 -19.51 31.27 34.42
N ILE F 530 -18.21 31.12 34.16
CA ILE F 530 -17.55 31.75 33.02
C ILE F 530 -16.85 30.65 32.23
N PHE F 531 -17.10 30.61 30.92
CA PHE F 531 -16.47 29.68 29.99
C PHE F 531 -15.69 30.45 28.94
N LEU F 532 -14.65 29.80 28.38
CA LEU F 532 -13.84 30.35 27.30
C LEU F 532 -13.81 29.37 26.15
N GLY F 533 -14.05 29.86 24.93
CA GLY F 533 -14.11 29.00 23.76
C GLY F 533 -13.61 29.64 22.47
N PRO F 534 -13.33 28.80 21.46
CA PRO F 534 -12.90 29.33 20.16
C PRO F 534 -14.08 29.96 19.44
N LYS F 535 -13.75 30.85 18.51
CA LYS F 535 -14.76 31.42 17.63
C LYS F 535 -14.71 30.88 16.21
N TYR F 536 -13.51 30.72 15.64
CA TYR F 536 -13.31 30.23 14.27
C TYR F 536 -12.56 28.91 14.27
N ASP F 537 -12.90 28.04 13.32
CA ASP F 537 -12.15 26.80 13.14
C ASP F 537 -10.91 27.05 12.28
N GLY F 538 -10.18 25.98 11.97
CA GLY F 538 -8.97 26.12 11.17
C GLY F 538 -9.23 26.63 9.76
N ASN F 539 -10.46 26.51 9.27
CA ASN F 539 -10.83 27.03 7.96
C ASN F 539 -11.29 28.48 8.01
N GLY F 540 -11.21 29.13 9.17
CA GLY F 540 -11.63 30.52 9.29
C GLY F 540 -13.13 30.72 9.36
N LEU F 541 -13.90 29.66 9.59
CA LEU F 541 -15.35 29.78 9.60
C LEU F 541 -15.87 29.75 11.05
N PRO F 542 -16.89 30.56 11.34
CA PRO F 542 -17.43 30.57 12.71
C PRO F 542 -17.98 29.20 13.08
N ILE F 543 -17.68 28.77 14.30
CA ILE F 543 -18.18 27.48 14.80
C ILE F 543 -19.53 27.72 15.45
N SER F 544 -20.57 27.09 14.93
CA SER F 544 -21.87 27.22 15.56
C SER F 544 -21.90 26.45 16.87
N LEU F 545 -22.84 26.84 17.73
CA LEU F 545 -22.92 26.31 19.08
C LEU F 545 -23.19 24.81 19.10
N GLU F 546 -23.92 24.27 18.10
CA GLU F 546 -24.19 22.82 18.07
C GLU F 546 -22.91 22.02 17.98
N ASP F 547 -21.88 22.61 17.37
CA ASP F 547 -20.59 21.96 17.28
C ASP F 547 -19.60 22.49 18.33
N ASN F 548 -19.80 23.70 18.85
CA ASN F 548 -18.78 24.31 19.69
C ASN F 548 -18.95 23.98 21.16
N TRP F 549 -20.07 23.35 21.56
CA TRP F 549 -20.30 23.15 22.99
C TRP F 549 -19.20 22.30 23.63
N ILE F 550 -18.63 21.35 22.88
CA ILE F 550 -17.56 20.51 23.43
C ILE F 550 -16.25 21.27 23.61
N ASN F 551 -16.08 22.39 22.91
CA ASN F 551 -14.83 23.15 22.91
C ASN F 551 -14.74 24.20 24.01
N PHE F 552 -15.83 24.52 24.69
CA PHE F 552 -15.78 25.56 25.71
C PHE F 552 -15.10 25.02 26.96
N ILE F 553 -14.24 25.86 27.55
CA ILE F 553 -13.44 25.52 28.71
C ILE F 553 -13.97 26.33 29.90
N GLU F 554 -14.35 25.61 30.95
CA GLU F 554 -14.91 26.20 32.16
C GLU F 554 -13.78 26.89 32.92
N LEU F 555 -13.92 28.19 33.15
CA LEU F 555 -12.90 28.95 33.85
C LEU F 555 -13.24 29.16 35.33
N ASP F 556 -14.52 29.39 35.62
CA ASP F 556 -14.91 29.91 36.91
C ASP F 556 -16.29 29.40 37.29
N TRP F 557 -16.53 29.37 38.59
CA TRP F 557 -17.72 28.73 39.16
C TRP F 557 -17.86 29.31 40.55
N PHE F 558 -18.88 30.13 40.80
CA PHE F 558 -19.00 30.76 42.12
C PHE F 558 -20.44 31.17 42.40
N THR F 559 -20.75 31.35 43.69
CA THR F 559 -22.03 31.85 44.15
C THR F 559 -21.92 33.36 44.38
N HIS F 560 -23.07 34.03 44.30
CA HIS F 560 -23.16 35.47 44.45
C HIS F 560 -24.59 35.82 44.85
N LYS F 561 -24.74 36.88 45.65
CA LYS F 561 -26.06 37.37 46.05
C LYS F 561 -26.43 38.60 45.22
N LEU F 562 -27.50 38.49 44.43
CA LEU F 562 -28.00 39.61 43.64
C LEU F 562 -29.01 40.41 44.45
N THR F 563 -28.87 41.73 44.42
CA THR F 563 -29.91 42.59 44.96
C THR F 563 -30.90 42.97 43.86
N SER F 564 -32.06 43.48 44.30
CA SER F 564 -33.05 43.96 43.34
C SER F 564 -32.49 45.18 42.62
N GLY F 565 -32.68 45.22 41.30
CA GLY F 565 -32.10 46.30 40.51
C GLY F 565 -30.78 45.97 39.84
N GLN F 566 -29.94 46.97 39.62
CA GLN F 566 -28.70 46.75 38.89
C GLN F 566 -27.64 46.15 39.80
N ASN F 567 -26.94 45.15 39.28
CA ASN F 567 -25.82 44.53 39.97
C ASN F 567 -24.59 44.61 39.09
N LYS F 568 -23.44 44.81 39.71
CA LYS F 568 -22.16 44.76 39.00
C LYS F 568 -21.27 43.77 39.71
N ILE F 569 -20.78 42.77 38.99
CA ILE F 569 -19.86 41.77 39.53
C ILE F 569 -18.51 41.95 38.84
N ALA F 570 -17.48 42.23 39.62
CA ALA F 570 -16.11 42.28 39.09
C ALA F 570 -15.37 41.01 39.54
N ARG F 571 -15.12 40.11 38.61
CA ARG F 571 -14.54 38.81 38.91
C ARG F 571 -13.13 38.78 38.33
N LYS F 572 -12.14 38.66 39.19
CA LYS F 572 -10.76 38.75 38.76
C LYS F 572 -10.27 37.40 38.26
N SER F 573 -9.42 37.42 37.24
CA SER F 573 -8.84 36.19 36.73
C SER F 573 -8.04 35.46 37.80
N GLU F 574 -7.44 36.20 38.73
CA GLU F 574 -6.74 35.57 39.85
C GLU F 574 -7.66 34.84 40.82
N GLU F 575 -8.98 35.04 40.74
CA GLU F 575 -9.97 34.35 41.56
C GLU F 575 -10.63 33.15 40.87
N PHE F 576 -10.35 32.91 39.59
CA PHE F 576 -11.05 31.87 38.85
C PHE F 576 -10.92 30.52 39.55
N PHE F 577 -12.05 29.84 39.72
CA PHE F 577 -12.11 28.62 40.52
C PHE F 577 -11.19 27.52 39.97
N PHE F 578 -11.06 27.44 38.64
CA PHE F 578 -10.43 26.28 38.01
C PHE F 578 -8.96 26.48 37.71
N PHE F 579 -8.31 27.50 38.28
CA PHE F 579 -6.91 27.76 38.01
C PHE F 579 -6.18 28.06 39.30
N LYS F 580 -4.89 27.74 39.34
CA LYS F 580 -4.08 27.87 40.54
C LYS F 580 -2.85 28.73 40.28
N ASP F 581 -2.27 29.25 41.37
CA ASP F 581 -0.95 29.86 41.28
C ASP F 581 0.09 28.81 40.93
N ASP F 582 1.21 29.28 40.39
CA ASP F 582 2.34 28.40 40.13
C ASP F 582 2.76 27.66 41.40
N SER F 583 3.19 26.42 41.26
CA SER F 583 3.90 25.76 42.35
C SER F 583 5.12 26.61 42.73
N VAL F 584 5.54 26.46 43.96
CA VAL F 584 6.68 27.20 44.48
C VAL F 584 7.87 26.25 44.55
N SER F 585 9.06 26.81 44.38
CA SER F 585 10.25 25.98 44.29
C SER F 585 10.66 25.43 45.67
N LEU F 586 11.46 24.37 45.63
CA LEU F 586 11.88 23.65 46.83
C LEU F 586 12.44 24.60 47.89
N PHE F 587 13.30 25.53 47.48
CA PHE F 587 13.92 26.43 48.44
C PHE F 587 12.88 27.31 49.13
N LYS F 588 11.89 27.80 48.37
CA LYS F 588 10.81 28.58 48.96
C LYS F 588 9.98 27.73 49.93
N ILE F 589 9.77 26.45 49.60
CA ILE F 589 9.06 25.55 50.49
C ILE F 589 9.79 25.44 51.82
N TYR F 590 11.12 25.23 51.76
CA TYR F 590 11.91 25.14 52.98
C TYR F 590 11.89 26.44 53.77
N GLU F 591 11.98 27.57 53.08
CA GLU F 591 11.92 28.86 53.77
C GLU F 591 10.59 29.06 54.46
N LEU F 592 9.49 28.83 53.75
CA LEU F 592 8.15 28.98 54.32
C LEU F 592 7.96 28.06 55.51
N LEU F 593 8.53 26.85 55.46
CA LEU F 593 8.39 25.93 56.59
C LEU F 593 8.98 26.51 57.85
N SER F 594 10.16 27.14 57.76
CA SER F 594 10.80 27.70 58.95
C SER F 594 9.98 28.80 59.61
N ASN F 595 9.02 29.39 58.89
CA ASN F 595 8.01 30.27 59.46
C ASN F 595 6.67 29.57 59.65
N GLY F 596 6.67 28.23 59.59
CA GLY F 596 5.47 27.44 59.81
C GLY F 596 4.39 27.58 58.77
N GLN F 597 4.74 27.92 57.54
CA GLN F 597 3.77 28.19 56.49
C GLN F 597 3.95 27.21 55.33
N VAL F 598 2.89 27.08 54.54
CA VAL F 598 2.92 26.28 53.32
C VAL F 598 2.28 27.07 52.18
N PRO F 599 2.64 26.81 50.93
CA PRO F 599 1.94 27.43 49.80
C PRO F 599 0.51 26.91 49.70
N SER F 600 -0.46 27.83 49.79
CA SER F 600 -1.86 27.45 49.89
C SER F 600 -2.34 26.68 48.65
N TYR F 601 -2.04 27.18 47.45
CA TYR F 601 -2.53 26.50 46.25
C TYR F 601 -1.90 25.13 46.05
N MET F 602 -0.65 24.95 46.47
CA MET F 602 0.01 23.66 46.29
C MET F 602 -0.65 22.57 47.13
N VAL F 603 -1.16 22.92 48.31
CA VAL F 603 -1.71 21.92 49.21
C VAL F 603 -3.17 21.61 48.88
N ASP F 604 -3.97 22.65 48.66
CA ASP F 604 -5.40 22.47 48.47
C ASP F 604 -5.82 22.43 47.01
N ARG F 605 -5.12 23.12 46.12
CA ARG F 605 -5.68 23.28 44.78
C ARG F 605 -4.66 22.95 43.70
N TYR F 606 -3.79 21.97 43.98
CA TYR F 606 -2.81 21.52 43.00
C TYR F 606 -3.44 20.84 41.80
N ILE F 607 -4.72 20.43 41.89
CA ILE F 607 -5.36 19.72 40.78
C ILE F 607 -5.89 20.62 39.68
N TYR F 608 -5.66 21.93 39.76
CA TYR F 608 -6.20 22.87 38.79
C TYR F 608 -5.12 23.33 37.82
N LEU F 609 -5.56 23.83 36.67
CA LEU F 609 -4.63 24.30 35.66
C LEU F 609 -3.85 25.52 36.18
N PRO F 610 -2.59 25.65 35.79
CA PRO F 610 -1.84 26.87 36.14
C PRO F 610 -2.52 28.08 35.52
N ARG F 611 -2.66 29.13 36.33
CA ARG F 611 -3.35 30.32 35.87
C ARG F 611 -2.65 30.94 34.67
N ARG F 612 -1.33 30.76 34.58
CA ARG F 612 -0.57 31.35 33.48
C ARG F 612 -1.00 30.78 32.14
N LEU F 613 -1.73 29.67 32.13
CA LEU F 613 -2.14 29.01 30.92
C LEU F 613 -3.60 29.29 30.53
N ILE F 614 -4.27 30.24 31.19
CA ILE F 614 -5.69 30.51 30.89
C ILE F 614 -5.89 30.80 29.40
N LEU F 615 -5.08 31.69 28.86
CA LEU F 615 -5.25 32.16 27.50
C LEU F 615 -4.19 31.52 26.59
N PRO F 616 -4.56 31.11 25.38
CA PRO F 616 -3.56 30.72 24.40
C PRO F 616 -2.76 31.94 23.99
N ARG F 617 -1.54 31.71 23.52
CA ARG F 617 -0.70 32.83 23.13
C ARG F 617 -1.40 33.66 22.06
N GLY F 618 -1.44 34.98 22.27
CA GLY F 618 -2.18 35.81 21.34
C GLY F 618 -1.50 35.85 19.98
N THR F 619 -2.21 36.41 19.02
CA THR F 619 -1.74 36.51 17.64
C THR F 619 -1.75 37.96 17.21
N GLN F 620 -1.02 38.19 16.11
CA GLN F 620 -0.91 39.51 15.51
C GLN F 620 -2.28 40.03 15.10
N ARG F 621 -3.20 39.13 14.74
CA ARG F 621 -4.55 39.52 14.40
C ARG F 621 -5.43 39.81 15.62
N GLY F 622 -5.04 39.35 16.79
CA GLY F 622 -5.84 39.50 17.98
C GLY F 622 -6.60 38.20 17.94
N PHE F 623 -6.25 37.24 18.74
CA PHE F 623 -6.83 35.93 18.51
C PHE F 623 -8.26 35.91 19.02
N PRO F 624 -9.25 35.58 18.17
CA PRO F 624 -10.65 35.70 18.59
C PRO F 624 -11.06 34.52 19.47
N LEU F 625 -11.71 34.84 20.58
CA LEU F 625 -12.22 33.83 21.48
C LEU F 625 -13.61 34.25 21.89
N GLN F 626 -14.33 33.32 22.49
CA GLN F 626 -15.70 33.53 22.95
C GLN F 626 -15.70 33.37 24.46
N LEU F 627 -16.21 34.37 25.16
CA LEU F 627 -16.45 34.26 26.59
C LEU F 627 -17.93 33.97 26.79
N PHE F 628 -18.24 32.91 27.53
CA PHE F 628 -19.64 32.57 27.83
C PHE F 628 -19.90 32.68 29.33
N VAL F 629 -20.91 33.49 29.68
CA VAL F 629 -21.29 33.75 31.05
C VAL F 629 -22.73 33.29 31.24
N VAL F 630 -22.99 32.56 32.32
CA VAL F 630 -24.34 32.14 32.65
C VAL F 630 -24.56 32.31 34.15
N VAL F 631 -25.77 32.76 34.51
CA VAL F 631 -26.24 32.88 35.88
C VAL F 631 -27.48 32.00 36.03
N TYR F 632 -27.49 31.14 37.06
CA TYR F 632 -28.61 30.27 37.33
C TYR F 632 -28.82 30.13 38.83
N PRO F 633 -30.00 29.64 39.28
CA PRO F 633 -30.29 29.60 40.72
C PRO F 633 -29.39 28.65 41.50
N TYR F 634 -29.07 29.05 42.74
CA TYR F 634 -28.20 28.30 43.63
C TYR F 634 -28.97 27.26 44.43
N GLN F 635 -28.59 25.99 44.31
CA GLN F 635 -29.02 24.92 45.21
C GLN F 635 -27.79 24.28 45.83
N ALA F 636 -27.77 24.21 47.16
CA ALA F 636 -26.61 23.71 47.89
C ALA F 636 -26.32 22.25 47.52
N PRO F 637 -25.05 21.86 47.43
CA PRO F 637 -24.71 20.46 47.23
C PRO F 637 -25.25 19.60 48.37
N VAL F 638 -25.66 18.38 48.01
CA VAL F 638 -26.25 17.46 48.96
C VAL F 638 -25.32 17.16 50.13
N LYS F 639 -25.92 16.89 51.30
CA LYS F 639 -25.15 16.72 52.54
C LYS F 639 -24.07 15.65 52.35
N GLU F 640 -24.38 14.62 51.56
CA GLU F 640 -23.41 13.56 51.29
C GLU F 640 -22.13 14.10 50.65
N TRP F 641 -22.21 15.25 49.97
CA TRP F 641 -21.05 15.85 49.32
C TRP F 641 -20.42 16.97 50.13
N GLU F 642 -20.93 17.27 51.33
CA GLU F 642 -20.38 18.36 52.12
C GLU F 642 -18.97 18.06 52.60
N SER F 643 -18.52 16.81 52.48
CA SER F 643 -17.17 16.46 52.86
C SER F 643 -16.15 17.24 52.03
N MET F 644 -16.45 17.49 50.74
CA MET F 644 -15.51 18.22 49.87
C MET F 644 -16.27 19.33 49.12
N ARG F 645 -16.54 20.44 49.82
CA ARG F 645 -17.32 21.55 49.28
C ARG F 645 -16.49 22.56 48.49
N GLN F 646 -15.24 22.80 48.88
CA GLN F 646 -14.38 23.75 48.17
C GLN F 646 -14.02 23.27 46.77
N TYR F 647 -14.40 22.05 46.41
CA TYR F 647 -14.24 21.54 45.06
C TYR F 647 -15.54 21.40 44.29
N ILE F 648 -16.70 21.51 44.94
CA ILE F 648 -18.00 21.38 44.26
C ILE F 648 -18.90 22.51 44.73
N VAL F 649 -19.18 23.46 43.84
CA VAL F 649 -19.91 24.66 44.26
C VAL F 649 -21.42 24.40 44.33
N ASP F 650 -21.97 23.59 43.44
CA ASP F 650 -23.40 23.31 43.48
C ASP F 650 -23.62 21.85 43.08
N ASN F 651 -24.88 21.49 42.79
CA ASN F 651 -25.29 20.13 42.53
C ASN F 651 -25.30 19.77 41.03
N LYS F 652 -24.83 20.67 40.19
CA LYS F 652 -24.98 20.48 38.76
C LYS F 652 -23.93 19.53 38.19
N PRO F 653 -24.24 18.93 37.05
CA PRO F 653 -23.22 18.14 36.33
C PRO F 653 -22.01 19.02 36.05
N PHE F 654 -20.83 18.42 36.16
CA PHE F 654 -19.60 19.11 35.81
C PHE F 654 -19.69 19.58 34.35
N GLY F 655 -19.30 20.82 34.10
CA GLY F 655 -19.41 21.43 32.79
C GLY F 655 -20.79 22.00 32.45
N TYR F 656 -21.76 21.90 33.34
CA TYR F 656 -23.09 22.43 33.08
C TYR F 656 -23.01 23.91 32.70
N PRO F 657 -23.77 24.36 31.69
CA PRO F 657 -24.77 23.67 30.88
C PRO F 657 -24.22 23.08 29.57
N PHE F 658 -22.90 22.92 29.45
CA PHE F 658 -22.27 22.37 28.26
C PHE F 658 -21.85 20.92 28.46
N ASP F 659 -22.54 20.18 29.33
CA ASP F 659 -22.24 18.76 29.53
C ASP F 659 -22.96 17.86 28.53
N ARG F 660 -23.82 18.41 27.69
CA ARG F 660 -24.57 17.61 26.74
C ARG F 660 -24.84 18.43 25.49
N PRO F 661 -25.23 17.79 24.39
CA PRO F 661 -25.34 18.50 23.11
C PRO F 661 -26.34 19.65 23.15
N VAL F 662 -25.96 20.71 22.46
CA VAL F 662 -26.85 21.82 22.15
C VAL F 662 -27.43 21.55 20.77
N THR F 663 -28.70 21.16 20.70
CA THR F 663 -29.26 20.85 19.39
C THR F 663 -30.01 22.02 18.76
N LEU F 664 -30.51 22.97 19.54
CA LEU F 664 -31.19 24.15 19.02
C LEU F 664 -30.52 25.36 19.64
N PRO F 665 -29.57 26.00 18.96
CA PRO F 665 -28.78 27.07 19.61
C PRO F 665 -29.60 28.19 20.18
N TYR F 666 -30.76 28.49 19.59
CA TYR F 666 -31.60 29.55 20.13
C TYR F 666 -32.12 29.22 21.53
N TYR F 667 -32.02 27.97 22.00
CA TYR F 667 -32.30 27.69 23.40
C TYR F 667 -31.37 28.45 24.34
N PHE F 668 -30.15 28.75 23.88
CA PHE F 668 -29.18 29.47 24.67
C PHE F 668 -29.26 30.98 24.50
N ASN F 669 -30.29 31.49 23.82
CA ASN F 669 -30.54 32.94 23.79
C ASN F 669 -31.35 33.33 25.00
N GLN F 670 -30.74 33.16 26.17
CA GLN F 670 -31.48 33.46 27.38
C GLN F 670 -30.98 34.75 28.01
N PRO F 671 -31.85 35.52 28.68
CA PRO F 671 -31.36 36.76 29.31
C PRO F 671 -30.28 36.52 30.36
N ASN F 672 -30.28 35.36 30.99
CA ASN F 672 -29.28 35.04 32.00
C ASN F 672 -28.04 34.38 31.39
N MET F 673 -27.89 34.46 30.07
CA MET F 673 -26.70 33.99 29.40
C MET F 673 -26.15 35.12 28.54
N TYR F 674 -24.85 35.06 28.26
CA TYR F 674 -24.21 36.12 27.52
C TYR F 674 -22.97 35.58 26.80
N PHE F 675 -22.89 35.82 25.50
CA PHE F 675 -21.72 35.47 24.69
C PHE F 675 -20.99 36.74 24.33
N LYS F 676 -19.70 36.81 24.63
CA LYS F 676 -18.93 38.01 24.33
C LYS F 676 -17.67 37.65 23.54
N ASP F 677 -17.51 38.29 22.37
CA ASP F 677 -16.30 38.19 21.56
C ASP F 677 -15.16 38.93 22.25
N VAL F 678 -14.02 38.25 22.39
CA VAL F 678 -12.84 38.83 22.99
C VAL F 678 -11.64 38.47 22.12
N TYR F 679 -10.56 39.23 22.28
CA TYR F 679 -9.38 39.07 21.45
C TYR F 679 -8.15 39.04 22.33
N VAL F 680 -7.22 38.13 22.03
CA VAL F 680 -6.02 37.93 22.84
C VAL F 680 -4.82 38.49 22.09
N TYR F 681 -4.11 39.39 22.74
CA TYR F 681 -2.93 40.03 22.19
C TYR F 681 -1.67 39.54 22.88
N GLN F 682 -0.58 39.46 22.10
CA GLN F 682 0.72 39.06 22.60
C GLN F 682 1.60 40.29 22.73
N GLU F 683 2.24 40.43 23.89
CA GLU F 683 3.14 41.54 24.14
C GLU F 683 4.57 41.02 24.19
N GLY F 684 5.51 41.82 23.67
CA GLY F 684 6.91 41.42 23.60
C GLY F 684 7.18 40.44 22.47
N GLU F 685 8.26 39.68 22.62
CA GLU F 685 8.64 38.72 21.59
C GLU F 685 7.54 37.71 21.31
N GLN F 686 7.35 37.40 20.02
CA GLN F 686 6.34 36.44 19.59
C GLN F 686 6.76 35.01 19.83
N TYR F 687 8.05 34.74 19.81
CA TYR F 687 8.60 33.40 19.97
C TYR F 687 9.38 33.26 21.27
N PRO F 688 9.47 32.05 21.83
CA PRO F 688 10.21 31.88 23.09
C PRO F 688 11.72 31.75 22.96
N TYR F 689 12.26 31.51 21.77
CA TYR F 689 13.65 31.06 21.67
C TYR F 689 14.66 32.20 21.65
N TYR F 690 14.24 33.46 21.60
CA TYR F 690 15.21 34.56 21.54
C TYR F 690 15.88 34.80 22.90
N ASN F 691 16.63 33.82 23.38
CA ASN F 691 17.20 33.85 24.73
C ASN F 691 18.71 33.72 24.74
N SER F 692 19.37 33.84 23.59
CA SER F 692 20.81 33.76 23.55
C SER F 692 21.44 34.98 24.24
N TYR F 693 22.74 34.86 24.50
CA TYR F 693 23.48 35.97 25.10
C TYR F 693 23.34 37.25 24.28
N TRP F 694 23.41 37.13 22.95
CA TRP F 694 23.23 38.29 22.08
C TRP F 694 21.83 38.85 22.18
N SER F 695 20.83 37.99 22.37
CA SER F 695 19.46 38.44 22.63
C SER F 695 19.27 38.66 24.12
C1 NAG G . -16.05 -30.33 -20.69
C2 NAG G . -16.24 -31.77 -20.25
C3 NAG G . -17.73 -32.11 -20.16
C4 NAG G . -18.46 -31.07 -19.31
C5 NAG G . -18.13 -29.67 -19.81
C6 NAG G . -18.72 -28.56 -18.97
C7 NAG G . -14.35 -33.22 -20.90
C8 NAG G . -13.81 -34.11 -21.96
N2 NAG G . -15.56 -32.68 -21.16
O3 NAG G . -17.87 -33.40 -19.58
O4 NAG G . -19.86 -31.23 -19.42
O5 NAG G . -16.71 -29.48 -19.82
O6 NAG G . -18.36 -28.69 -17.60
O7 NAG G . -13.75 -32.98 -19.86
C1 NAG G . -20.41 -31.93 -18.29
C2 NAG G . -21.92 -31.72 -18.38
C3 NAG G . -22.62 -32.50 -17.27
C4 NAG G . -22.17 -33.95 -17.26
C5 NAG G . -20.65 -34.07 -17.29
C6 NAG G . -20.18 -35.50 -17.52
C7 NAG G . -22.64 -29.58 -19.34
C8 NAG G . -22.80 -30.32 -20.64
N2 NAG G . -22.24 -30.31 -18.30
O3 NAG G . -24.03 -32.45 -17.51
O4 NAG G . -22.62 -34.58 -16.05
O5 NAG G . -20.11 -33.29 -18.37
O6 NAG G . -18.92 -35.72 -16.92
O7 NAG G . -22.86 -28.37 -19.25
C1 BMA G . -23.63 -35.56 -16.33
C2 BMA G . -23.90 -36.30 -15.02
C3 BMA G . -25.02 -37.30 -15.21
C4 BMA G . -26.24 -36.69 -15.95
C5 BMA G . -25.83 -35.84 -17.19
C6 BMA G . -26.98 -34.99 -17.74
O2 BMA G . -24.35 -35.41 -14.02
O3 BMA G . -25.44 -37.82 -13.96
O4 BMA G . -27.06 -37.73 -16.38
O5 BMA G . -24.78 -34.93 -16.81
O6 BMA G . -27.43 -34.11 -16.70
C1 MAN G . -28.38 -33.13 -17.19
C2 MAN G . -28.46 -32.00 -16.17
C3 MAN G . -28.91 -32.57 -14.82
C4 MAN G . -30.21 -33.41 -14.94
C5 MAN G . -30.23 -34.34 -16.20
C6 MAN G . -31.63 -34.80 -16.56
O2 MAN G . -29.46 -31.04 -16.56
O3 MAN G . -29.06 -31.55 -13.80
O4 MAN G . -30.36 -34.23 -13.80
O5 MAN G . -29.67 -33.68 -17.36
O6 MAN G . -31.78 -34.75 -17.98
C1 MAN G . -27.80 -30.94 -13.48
C2 MAN G . -26.99 -31.94 -12.59
C3 MAN G . -27.55 -31.98 -11.16
C4 MAN G . -27.58 -30.57 -10.57
C5 MAN G . -28.49 -29.68 -11.45
C6 MAN G . -28.58 -28.25 -10.94
O2 MAN G . -25.63 -31.53 -12.47
O3 MAN G . -26.78 -32.84 -10.31
O4 MAN G . -28.07 -30.62 -9.24
O5 MAN G . -27.96 -29.66 -12.83
O6 MAN G . -29.58 -27.54 -11.70
C1 MAN G . -24.90 -39.15 -13.75
C2 MAN G . -25.86 -39.86 -12.75
C3 MAN G . -25.77 -39.15 -11.38
C4 MAN G . -24.31 -38.74 -10.95
C5 MAN G . -23.44 -38.22 -12.12
C6 MAN G . -22.00 -38.25 -11.75
O2 MAN G . -25.57 -41.30 -12.55
O3 MAN G . -26.39 -39.90 -10.35
O4 MAN G . -24.35 -37.70 -9.97
O5 MAN G . -23.61 -39.06 -13.27
O6 MAN G . -21.72 -39.61 -11.34
C1 NAG H . 0.70 -41.26 -33.50
C2 NAG H . 0.30 -41.99 -34.75
C3 NAG H . 0.96 -43.34 -34.79
C4 NAG H . 2.47 -43.16 -34.74
C5 NAG H . 2.86 -42.33 -33.51
C6 NAG H . 4.31 -41.94 -33.50
C7 NAG H . -1.88 -41.14 -35.44
C8 NAG H . -3.35 -41.41 -35.56
N2 NAG H . -1.14 -42.11 -34.88
O3 NAG H . 0.57 -44.00 -36.00
O4 NAG H . 3.13 -44.41 -34.65
O5 NAG H . 2.10 -41.11 -33.48
O6 NAG H . 4.68 -41.36 -34.75
O7 NAG H . -1.37 -40.08 -35.84
C1 NAG H . 4.09 -44.57 -35.67
C2 NAG H . 4.95 -45.75 -35.27
C3 NAG H . 5.96 -46.07 -36.36
C4 NAG H . 5.25 -46.27 -37.68
C5 NAG H . 4.33 -45.08 -38.00
C6 NAG H . 3.45 -45.35 -39.19
C7 NAG H . 5.27 -46.10 -32.87
C8 NAG H . 6.05 -45.74 -31.65
N2 NAG H . 5.63 -45.50 -34.01
O3 NAG H . 6.64 -47.25 -35.98
O4 NAG H . 6.20 -46.41 -38.74
O5 NAG H . 3.45 -44.84 -36.90
O6 NAG H . 2.66 -46.50 -38.94
O7 NAG H . 4.33 -46.90 -32.83
C1 BMA H . 6.07 -47.76 -39.23
C2 BMA H . 6.91 -47.81 -40.48
C3 BMA H . 6.98 -49.26 -40.97
C4 BMA H . 7.49 -50.18 -39.86
C5 BMA H . 6.58 -50.05 -38.66
C6 BMA H . 7.11 -50.84 -37.50
O2 BMA H . 8.25 -47.36 -40.17
O3 BMA H . 7.74 -49.37 -42.18
O4 BMA H . 7.49 -51.53 -40.26
O5 BMA H . 6.53 -48.67 -38.26
O6 BMA H . 8.50 -50.56 -37.40
C1 MAN H . 6.99 -48.70 -43.22
C2 MAN H . 6.91 -49.61 -44.51
C3 MAN H . 8.20 -49.59 -45.35
C4 MAN H . 8.93 -48.21 -45.38
C5 MAN H . 8.88 -47.44 -44.01
C6 MAN H . 9.29 -45.99 -44.14
O2 MAN H . 5.85 -49.23 -45.40
O3 MAN H . 7.90 -49.98 -46.69
O4 MAN H . 10.31 -48.43 -45.69
O5 MAN H . 7.54 -47.42 -43.52
O6 MAN H . 8.34 -45.31 -44.95
C1 MAN H . 9.13 -51.49 -36.50
C2 MAN H . 10.61 -51.01 -36.32
C3 MAN H . 11.43 -51.34 -37.58
C4 MAN H . 11.26 -52.85 -37.93
C5 MAN H . 9.76 -53.13 -38.19
C6 MAN H . 9.46 -54.59 -38.54
O2 MAN H . 11.25 -51.69 -35.21
O3 MAN H . 12.82 -50.95 -37.46
O4 MAN H . 12.03 -53.20 -39.06
O5 MAN H . 9.00 -52.82 -36.99
O6 MAN H . 8.08 -54.67 -38.94
C1 NAG I . -20.38 34.82 1.37
C2 NAG I . -21.90 34.87 1.22
C3 NAG I . -22.54 35.30 2.54
C4 NAG I . -22.09 34.41 3.69
C5 NAG I . -20.56 34.30 3.71
C6 NAG I . -20.05 33.27 4.70
C7 NAG I . -22.59 35.37 -1.09
C8 NAG I . -23.01 36.45 -2.05
N2 NAG I . -22.30 35.78 0.15
O3 NAG I . -23.95 35.28 2.39
O4 NAG I . -22.49 34.97 4.93
O5 NAG I . -20.05 33.93 2.42
O6 NAG I . -20.39 31.95 4.28
O7 NAG I . -22.50 34.19 -1.45
C1 NAG I . -23.64 34.32 5.54
C2 NAG I . -23.68 34.73 7.01
C3 NAG I . -24.94 34.16 7.67
C4 NAG I . -26.19 34.50 6.88
C5 NAG I . -26.02 34.12 5.41
C6 NAG I . -27.17 34.59 4.55
C7 NAG I . -21.46 35.08 8.02
C8 NAG I . -21.57 36.51 7.59
N2 NAG I . -22.49 34.28 7.72
O3 NAG I . -25.04 34.68 8.99
O4 NAG I . -27.30 33.76 7.38
O5 NAG I . -24.83 34.72 4.89
O6 NAG I . -26.74 35.43 3.48
O7 NAG I . -20.48 34.65 8.63
C1 BMA I . -28.19 34.56 8.17
C2 BMA I . -29.61 33.91 8.09
C3 BMA I . -30.60 34.58 9.05
C4 BMA I . -29.99 34.86 10.45
C5 BMA I . -28.57 35.45 10.38
C6 BMA I . -27.91 35.51 11.76
O2 BMA I . -29.56 32.53 8.43
O3 BMA I . -31.79 33.78 9.18
O4 BMA I . -30.82 35.79 11.14
O5 BMA I . -27.73 34.64 9.52
O6 BMA I . -26.93 36.55 11.74
C1 NAG J . -20.66 45.22 -19.77
C2 NAG J . -20.94 46.73 -19.77
C3 NAG J . -21.76 47.16 -20.98
C4 NAG J . -21.31 46.50 -22.27
C5 NAG J . -21.14 45.02 -22.07
C6 NAG J . -20.63 44.30 -23.29
C7 NAG J . -21.15 47.75 -17.50
C8 NAG J . -22.13 48.09 -16.42
N2 NAG J . -21.67 47.12 -18.57
O3 NAG J . -21.68 48.57 -21.06
O4 NAG J . -22.36 46.63 -23.22
O5 NAG J . -20.18 44.83 -21.03
O6 NAG J . -19.46 44.93 -23.79
O7 NAG J . -19.94 47.98 -17.41
C1 NAG J . -21.99 47.38 -24.37
C2 NAG J . -23.10 47.18 -25.40
C3 NAG J . -22.83 48.03 -26.63
C4 NAG J . -22.59 49.48 -26.24
C5 NAG J . -21.49 49.56 -25.18
C6 NAG J . -21.23 50.96 -24.66
C7 NAG J . -24.17 44.98 -25.23
C8 NAG J . -24.15 43.55 -25.71
N2 NAG J . -23.23 45.78 -25.76
O3 NAG J . -23.94 47.93 -27.52
O4 NAG J . -22.22 50.23 -27.39
O5 NAG J . -21.87 48.76 -24.06
O6 NAG J . -22.39 51.52 -24.07
O7 NAG J . -24.99 45.37 -24.41
C1 BMA J . -23.04 51.40 -27.49
C2 BMA J . -22.56 52.13 -28.72
C3 BMA J . -23.42 53.37 -28.91
C4 BMA J . -24.96 53.07 -28.86
C5 BMA J . -25.29 52.20 -27.60
C6 BMA J . -26.75 51.69 -27.55
O2 BMA J . -22.69 51.29 -29.87
O3 BMA J . -23.07 54.06 -30.10
O4 BMA J . -25.71 54.29 -28.82
O5 BMA J . -24.42 51.06 -27.60
O6 BMA J . -27.06 51.13 -28.84
C1 MAN J . -22.86 55.44 -29.73
C2 MAN J . -22.98 56.23 -31.03
C3 MAN J . -21.82 55.80 -31.94
C4 MAN J . -20.43 55.96 -31.27
C5 MAN J . -20.38 55.34 -29.86
C6 MAN J . -19.17 55.87 -29.08
O2 MAN J . -22.82 57.63 -30.78
O3 MAN J . -21.84 56.51 -33.17
O4 MAN J . -19.43 55.32 -32.04
O5 MAN J . -21.60 55.66 -29.10
O6 MAN J . -19.00 55.14 -27.86
C1 MAN J . -24.06 58.14 -30.24
C2 MAN J . -24.16 59.58 -30.76
C3 MAN J . -22.97 60.30 -30.24
C4 MAN J . -23.13 60.38 -28.71
C5 MAN J . -23.15 58.96 -28.09
C6 MAN J . -23.55 58.98 -26.63
O2 MAN J . -25.24 60.26 -30.12
O3 MAN J . -22.84 61.58 -30.82
O4 MAN J . -22.10 61.15 -28.11
O5 MAN J . -24.09 58.10 -28.82
O6 MAN J . -23.78 57.65 -26.18
C1 MAN J . -26.50 60.13 -30.83
C2 MAN J . -27.37 61.28 -30.32
C3 MAN J . -27.59 61.07 -28.82
C4 MAN J . -28.27 59.72 -28.56
C5 MAN J . -27.45 58.57 -29.19
C6 MAN J . -28.19 57.26 -29.18
O2 MAN J . -28.67 61.21 -30.91
O3 MAN J . -28.36 62.14 -28.24
O4 MAN J . -28.39 59.50 -27.16
O5 MAN J . -27.13 58.88 -30.59
O6 MAN J . -29.56 57.54 -29.47
C1 MAN J . -28.47 50.79 -29.00
C2 MAN J . -28.64 50.24 -30.43
C3 MAN J . -28.41 51.36 -31.45
C4 MAN J . -29.34 52.57 -31.13
C5 MAN J . -29.11 53.03 -29.68
C6 MAN J . -29.98 54.23 -29.21
O2 MAN J . -29.97 49.77 -30.66
O3 MAN J . -28.65 50.89 -32.75
O4 MAN J . -29.09 53.64 -32.03
O5 MAN J . -29.34 51.91 -28.79
O6 MAN J . -30.81 53.87 -28.09
C1 MAN J . -27.57 51.13 -33.66
C2 MAN J . -28.26 51.42 -34.99
C3 MAN J . -29.12 50.22 -35.33
C4 MAN J . -28.26 48.92 -35.36
C5 MAN J . -27.43 48.79 -34.04
C6 MAN J . -26.43 47.66 -34.09
O2 MAN J . -27.34 51.56 -36.09
O3 MAN J . -29.83 50.40 -36.54
O4 MAN J . -29.09 47.78 -35.53
O5 MAN J . -26.72 50.02 -33.76
O6 MAN J . -27.15 46.44 -34.24
C1 MAN J . -30.14 54.07 -26.83
C2 MAN J . -30.92 53.23 -25.80
C3 MAN J . -32.28 53.91 -25.52
C4 MAN J . -32.09 55.39 -25.11
C5 MAN J . -31.35 56.10 -26.23
C6 MAN J . -31.06 57.56 -25.94
O2 MAN J . -30.21 53.17 -24.57
O3 MAN J . -33.07 53.19 -24.57
O4 MAN J . -33.36 56.03 -24.91
O5 MAN J . -30.07 55.44 -26.44
O6 MAN J . -31.44 58.29 -27.12
C1 NAG K . 24.58 -8.64 30.22
C2 NAG K . 24.62 -8.05 31.62
C3 NAG K . 24.36 -9.15 32.65
C4 NAG K . 23.07 -9.89 32.33
C5 NAG K . 23.09 -10.39 30.88
C6 NAG K . 21.80 -11.06 30.46
C7 NAG K . 26.04 -6.08 31.97
C8 NAG K . 27.44 -5.58 32.22
N2 NAG K . 25.90 -7.40 31.87
O3 NAG K . 24.32 -8.58 33.96
O4 NAG K . 22.92 -11.04 33.16
O5 NAG K . 23.32 -9.28 30.00
O6 NAG K . 20.84 -10.09 30.05
O7 NAG K . 25.09 -5.31 31.86
C1 NAG K . 21.90 -10.94 34.14
C2 NAG K . 21.66 -12.38 34.58
C3 NAG K . 20.71 -12.45 35.78
C4 NAG K . 21.13 -11.49 36.89
C5 NAG K . 21.37 -10.09 36.31
C6 NAG K . 21.95 -9.13 37.32
C7 NAG K . 21.84 -14.09 32.83
C8 NAG K . 23.26 -14.29 33.30
N2 NAG K . 21.14 -13.17 33.48
O3 NAG K . 20.72 -13.78 36.28
O4 NAG K . 20.09 -11.39 37.86
O5 NAG K . 22.31 -10.17 35.24
O6 NAG K . 21.71 -7.79 36.95
O7 NAG K . 21.38 -14.74 31.89
C1 BMA K . 20.41 -12.07 39.09
C2 BMA K . 19.55 -11.38 40.13
C3 BMA K . 19.49 -12.17 41.45
C4 BMA K . 19.37 -13.70 41.26
C5 BMA K . 20.29 -14.22 40.15
C6 BMA K . 19.98 -15.66 39.78
O2 BMA K . 18.23 -11.30 39.65
O3 BMA K . 18.39 -11.72 42.25
O4 BMA K . 19.67 -14.36 42.48
O5 BMA K . 20.08 -13.43 38.98
O6 BMA K . 18.66 -15.65 39.24
C1 MAN K . 18.85 -10.97 43.39
C2 MAN K . 17.83 -11.18 44.57
C3 MAN K . 16.52 -10.44 44.31
C4 MAN K . 16.76 -8.97 43.85
C5 MAN K . 17.76 -8.93 42.68
C6 MAN K . 18.13 -7.50 42.29
O2 MAN K . 18.32 -10.69 45.85
O3 MAN K . 15.67 -10.47 45.47
O4 MAN K . 15.54 -8.38 43.45
O5 MAN K . 18.97 -9.60 43.05
O6 MAN K . 19.18 -7.54 41.31
C1 MAN K . 18.13 -16.95 38.95
C2 MAN K . 16.79 -16.68 38.21
C3 MAN K . 15.73 -16.10 39.18
C4 MAN K . 15.65 -16.90 40.51
C5 MAN K . 17.05 -17.13 41.11
C6 MAN K . 17.05 -18.01 42.37
O2 MAN K . 16.23 -17.87 37.66
O3 MAN K . 14.44 -15.97 38.59
O4 MAN K . 14.87 -16.17 41.46
O5 MAN K . 17.94 -17.73 40.12
O6 MAN K . 16.84 -19.38 42.00
C1 NAG L . 43.42 6.07 30.47
C2 NAG L . 44.73 5.63 31.14
C3 NAG L . 45.38 6.78 31.90
C4 NAG L . 45.49 8.04 31.05
C5 NAG L . 44.09 8.39 30.53
C6 NAG L . 44.06 9.63 29.67
C7 NAG L . 44.68 3.23 31.69
C8 NAG L . 44.40 2.21 32.76
N2 NAG L . 44.50 4.51 32.05
O3 NAG L . 46.68 6.35 32.31
O4 NAG L . 45.98 9.11 31.82
O5 NAG L . 43.62 7.30 29.74
O6 NAG L . 44.69 9.41 28.41
O7 NAG L . 45.05 2.90 30.56
C1 NAG L . 47.24 9.66 31.34
C2 NAG L . 47.32 11.07 31.91
C3 NAG L . 48.62 11.73 31.54
C4 NAG L . 49.80 10.86 31.96
C5 NAG L . 49.65 9.47 31.36
C6 NAG L . 50.73 8.51 31.80
C7 NAG L . 45.12 12.09 32.26
C8 NAG L . 44.05 12.94 31.66
N2 NAG L . 46.18 11.87 31.48
O3 NAG L . 48.70 13.00 32.17
O4 NAG L . 51.03 11.44 31.56
O5 NAG L . 48.39 8.90 31.76
O6 NAG L . 50.85 8.49 33.22
O7 NAG L . 45.05 11.63 33.39
C1 BMA L . 51.73 11.89 32.75
C2 BMA L . 53.24 11.83 32.51
C3 BMA L . 53.94 12.13 33.83
C4 BMA L . 53.42 13.45 34.50
C5 BMA L . 51.86 13.57 34.45
C6 BMA L . 51.37 14.98 34.81
O2 BMA L . 53.64 12.85 31.61
O3 BMA L . 55.33 12.21 33.65
O4 BMA L . 53.83 13.49 35.86
O5 BMA L . 51.38 13.23 33.13
O6 BMA L . 51.66 15.87 33.74
C1 NAG M . 18.78 -35.32 -3.55
C2 NAG M . 19.06 -36.12 -4.82
C3 NAG M . 20.56 -36.26 -5.04
C4 NAG M . 21.24 -34.89 -5.02
C5 NAG M . 20.84 -34.12 -3.77
C6 NAG M . 21.35 -32.69 -3.77
C7 NAG M . 17.26 -37.71 -5.34
C8 NAG M . 16.78 -39.13 -5.21
N2 NAG M . 18.44 -37.44 -4.77
O3 NAG M . 20.79 -36.91 -6.28
O4 NAG M . 22.64 -35.07 -4.98
O5 NAG M . 19.41 -34.05 -3.64
O6 NAG M . 20.63 -31.89 -4.70
O7 NAG M . 16.61 -36.85 -5.93
C1 NAG M . 23.25 -34.77 -6.24
C2 NAG M . 24.73 -34.47 -5.98
C3 NAG M . 25.46 -34.25 -7.29
C4 NAG M . 25.20 -35.40 -8.26
C5 NAG M . 23.71 -35.68 -8.38
C6 NAG M . 23.39 -36.93 -9.18
C7 NAG M . 25.11 -33.40 -3.79
C8 NAG M . 25.19 -34.78 -3.21
N2 NAG M . 24.89 -33.32 -5.11
O3 NAG M . 26.85 -34.12 -7.05
O4 NAG M . 25.68 -35.03 -9.56
O5 NAG M . 23.13 -35.87 -7.09
O6 NAG M . 22.05 -36.90 -9.63
O7 NAG M . 25.25 -32.40 -3.09
C1 BMA M . 26.80 -35.82 -9.99
C2 BMA M . 27.00 -35.52 -11.50
C3 BMA M . 28.22 -36.26 -12.04
C4 BMA M . 29.45 -36.00 -11.16
C5 BMA M . 29.13 -36.27 -9.66
C6 BMA M . 30.29 -35.92 -8.72
O2 BMA M . 27.25 -34.14 -11.71
O3 BMA M . 28.52 -35.85 -13.36
O4 BMA M . 30.52 -36.84 -11.57
O5 BMA M . 27.97 -35.50 -9.25
O6 BMA M . 30.36 -34.51 -8.48
C1 MAN M . 28.08 -36.78 -14.36
C2 MAN M . 29.01 -36.58 -15.55
C3 MAN M . 28.86 -35.11 -16.00
C4 MAN M . 27.39 -34.82 -16.37
C5 MAN M . 26.47 -35.18 -15.18
C6 MAN M . 25.02 -35.07 -15.53
O2 MAN M . 28.60 -37.40 -16.66
O3 MAN M . 29.74 -34.73 -17.05
O4 MAN M . 27.21 -33.45 -16.68
O5 MAN M . 26.75 -36.53 -14.73
O6 MAN M . 24.32 -34.98 -14.29
C1 MAN M . 31.53 -33.94 -9.16
C2 MAN M . 32.82 -34.12 -8.31
C3 MAN M . 34.00 -33.60 -9.11
C4 MAN M . 33.80 -32.13 -9.55
C5 MAN M . 32.40 -31.89 -10.21
C6 MAN M . 32.33 -32.35 -11.67
O2 MAN M . 33.15 -35.50 -8.05
O3 MAN M . 34.24 -34.43 -10.25
O4 MAN M . 33.97 -31.26 -8.43
O5 MAN M . 31.33 -32.55 -9.44
O6 MAN M . 31.55 -31.40 -12.41
C1 NAG N . 3.40 -53.22 -1.31
C2 NAG N . 4.02 -54.61 -1.04
C3 NAG N . 3.25 -55.72 -1.77
C4 NAG N . 1.75 -55.57 -1.67
C5 NAG N . 1.34 -54.13 -2.01
C6 NAG N . -0.13 -53.86 -1.88
C7 NAG N . 6.43 -54.72 -0.58
C8 NAG N . 7.80 -54.81 -1.18
N2 NAG N . 5.41 -54.66 -1.44
O3 NAG N . 3.67 -56.96 -1.22
O4 NAG N . 1.14 -56.45 -2.61
O5 NAG N . 2.01 -53.27 -1.10
O6 NAG N . -0.62 -54.32 -0.62
O7 NAG N . 6.25 -54.67 0.64
C1 NAG N . 0.24 -57.32 -1.91
C2 NAG N . -0.58 -58.08 -2.96
C3 NAG N . -1.50 -59.07 -2.27
C4 NAG N . -0.73 -59.97 -1.32
C5 NAG N . 0.15 -59.14 -0.38
C6 NAG N . 1.09 -59.98 0.46
C7 NAG N . -0.84 -56.74 -4.99
C8 NAG N . -1.73 -55.81 -5.77
N2 NAG N . -1.32 -57.18 -3.82
O3 NAG N . -2.18 -59.84 -3.26
O4 NAG N . -1.64 -60.69 -0.50
O5 NAG N . 0.98 -58.24 -1.13
O6 NAG N . 1.88 -60.85 -0.34
O7 NAG N . 0.27 -57.07 -5.40
C1 BMA N . -1.53 -62.09 -0.78
C2 BMA N . -2.41 -62.80 0.25
C3 BMA N . -2.44 -64.31 -0.06
C4 BMA N . -2.67 -64.59 -1.55
C5 BMA N . -1.79 -63.70 -2.46
C6 BMA N . -2.18 -63.79 -3.88
O2 BMA N . -3.75 -62.34 0.18
O3 BMA N . -3.45 -64.95 0.69
O4 BMA N . -2.36 -65.94 -1.81
O5 BMA N . -1.99 -62.36 -2.08
O6 BMA N . -3.59 -63.81 -3.90
C1 MAN N . -2.99 -65.27 2.01
C2 MAN N . -2.93 -66.82 2.10
C3 MAN N . -4.34 -67.41 2.03
C4 MAN N . -5.36 -66.62 2.92
C5 MAN N . -5.22 -65.09 2.71
C6 MAN N . -6.10 -64.27 3.64
O2 MAN N . -2.35 -67.29 3.33
O3 MAN N . -4.34 -68.80 2.36
O4 MAN N . -6.69 -67.01 2.62
O5 MAN N . -3.87 -64.71 2.94
O6 MAN N . -5.87 -64.71 4.98
C1 MAN N . -4.08 -63.19 -5.11
C2 MAN N . -5.61 -63.30 -5.06
C3 MAN N . -5.96 -64.76 -4.96
C4 MAN N . -5.44 -65.51 -6.21
C5 MAN N . -3.93 -65.26 -6.44
C6 MAN N . -3.45 -65.67 -7.83
O2 MAN N . -6.19 -62.84 -6.28
O3 MAN N . -7.36 -64.95 -4.80
O4 MAN N . -5.64 -66.90 -6.07
O5 MAN N . -3.59 -63.84 -6.26
O6 MAN N . -4.02 -64.78 -8.78
C1 NAG O . -25.05 11.23 -29.71
C2 NAG O . -25.02 12.58 -30.40
C3 NAG O . -24.63 12.43 -31.86
C4 NAG O . -23.37 11.58 -32.02
C5 NAG O . -23.45 10.30 -31.19
C6 NAG O . -22.11 9.59 -31.10
C7 NAG O . -26.49 14.26 -29.42
C8 NAG O . -27.86 14.89 -29.45
N2 NAG O . -26.29 13.27 -30.29
O3 NAG O . -24.38 13.73 -32.40
O4 NAG O . -23.28 11.19 -33.37
O5 NAG O . -23.81 10.61 -29.84
O6 NAG O . -21.09 10.48 -30.68
O7 NAG O . -25.61 14.63 -28.65
C1 NAG O . -22.31 12.01 -34.03
C2 NAG O . -22.01 11.21 -35.29
C3 NAG O . -21.06 11.98 -36.19
C4 NAG O . -21.54 13.40 -36.43
C5 NAG O . -21.90 14.08 -35.11
C6 NAG O . -22.56 15.42 -35.30
C7 NAG O . -22.13 8.78 -35.03
C8 NAG O . -23.51 8.87 -35.64
N2 NAG O . -21.46 9.93 -34.92
O3 NAG O . -20.97 11.29 -37.44
O4 NAG O . -20.52 14.15 -37.06
O5 NAG O . -22.82 13.27 -34.38
O6 NAG O . -22.20 16.30 -34.24
O7 NAG O . -21.65 7.71 -34.66
C1 BMA O . -21.00 14.66 -38.32
C2 BMA O . -19.95 15.71 -38.72
C3 BMA O . -20.20 16.21 -40.16
C4 BMA O . -20.55 15.09 -41.15
C5 BMA O . -21.57 14.08 -40.56
C6 BMA O . -21.73 12.85 -41.42
O2 BMA O . -18.63 15.15 -38.68
O3 BMA O . -19.09 16.95 -40.62
O4 BMA O . -21.09 15.66 -42.34
O5 BMA O . -21.11 13.63 -39.26
O6 BMA O . -20.49 12.17 -41.39
C1 MAN O . -19.40 18.35 -40.69
C2 MAN O . -18.37 19.02 -41.65
C3 MAN O . -16.96 18.93 -41.04
C4 MAN O . -16.93 19.48 -39.60
C5 MAN O . -18.08 18.88 -38.73
C6 MAN O . -18.25 19.60 -37.41
O2 MAN O . -18.66 20.42 -41.84
O3 MAN O . -15.98 19.59 -41.84
O4 MAN O . -15.68 19.15 -38.98
O5 MAN O . -19.36 18.94 -39.41
O6 MAN O . -17.37 18.99 -36.50
C1 MAN O . -20.55 10.97 -42.20
C2 MAN O . -19.13 10.31 -42.14
C3 MAN O . -18.14 11.13 -42.95
C4 MAN O . -18.62 11.26 -44.39
C5 MAN O . -19.99 12.00 -44.39
C6 MAN O . -20.62 12.13 -45.77
O2 MAN O . -19.15 9.00 -42.73
O3 MAN O . -16.81 10.60 -42.92
O4 MAN O . -17.68 11.99 -45.14
O5 MAN O . -20.96 11.28 -43.55
O6 MAN O . -20.42 13.47 -46.23
C1 NAG P . -44.88 20.84 -20.79
C2 NAG P . -46.07 20.97 -21.75
C3 NAG P . -46.84 22.28 -21.53
C4 NAG P . -47.07 22.57 -20.05
C5 NAG P . -45.78 22.40 -19.27
C6 NAG P . -45.97 22.56 -17.78
C7 NAG P . -45.80 19.79 -23.90
C8 NAG P . -45.32 19.90 -25.33
N2 NAG P . -45.65 20.88 -23.15
O3 NAG P . -48.09 22.18 -22.20
O4 NAG P . -47.49 23.91 -19.89
O5 NAG P . -45.30 21.08 -19.48
O6 NAG P . -46.85 21.56 -17.29
O7 NAG P . -46.29 18.76 -23.46
C1 NAG P . -48.79 23.89 -19.31
C2 NAG P . -49.11 25.33 -18.91
C3 NAG P . -50.52 25.42 -18.35
C4 NAG P . -51.52 24.77 -19.30
C5 NAG P . -51.07 23.36 -19.67
C6 NAG P . -51.95 22.70 -20.71
C7 NAG P . -47.08 26.59 -18.30
C8 NAG P . -46.18 27.02 -17.19
N2 NAG P . -48.14 25.83 -17.95
O3 NAG P . -50.87 26.80 -18.18
O4 NAG P . -52.80 24.68 -18.70
O5 NAG P . -49.74 23.42 -20.23
O6 NAG P . -51.95 23.42 -21.94
O7 NAG P . -46.87 26.91 -19.48
C1 BMA P . -53.61 25.60 -19.44
C2 BMA P . -55.07 25.31 -19.10
C3 BMA P . -55.95 26.36 -19.75
C4 BMA P . -55.42 27.80 -19.51
C5 BMA P . -53.89 27.92 -19.76
C6 BMA P . -53.34 29.19 -19.17
O2 BMA P . -55.28 25.40 -17.69
O3 BMA P . -57.28 26.27 -19.26
O4 BMA P . -56.10 28.71 -20.37
O5 BMA P . -53.24 26.89 -19.06
O6 BMA P . -54.27 29.58 -18.19
C1 MAN P . -57.91 25.05 -19.69
C2 MAN P . -59.28 25.46 -20.24
C3 MAN P . -60.15 25.99 -19.09
C4 MAN P . -60.24 24.97 -17.94
C5 MAN P . -58.84 24.53 -17.46
C6 MAN P . -58.91 23.37 -16.49
O2 MAN P . -59.99 24.34 -20.80
O3 MAN P . -61.45 26.37 -19.53
O4 MAN P . -60.93 25.54 -16.83
O5 MAN P . -58.04 24.11 -18.61
O6 MAN P . -57.68 23.29 -15.79
C1 MAN P . -53.65 30.10 -17.00
C2 MAN P . -54.73 30.05 -15.91
C3 MAN P . -55.90 30.96 -16.35
C4 MAN P . -55.40 32.38 -16.71
C5 MAN P . -54.23 32.30 -17.73
C6 MAN P . -53.58 33.64 -18.06
O2 MAN P . -54.27 30.56 -14.64
O3 MAN P . -56.93 31.02 -15.38
O4 MAN P . -56.47 33.16 -17.25
O5 MAN P . -53.19 31.40 -17.22
O6 MAN P . -52.69 33.95 -16.99
C1 NAG Q . 17.46 28.84 21.73
C2 NAG Q . 18.96 28.94 22.02
C3 NAG Q . 19.56 30.18 21.34
C4 NAG Q . 19.22 30.22 19.86
C5 NAG Q . 17.71 30.06 19.66
C6 NAG Q . 17.36 29.92 18.20
C7 NAG Q . 19.42 27.90 24.18
C8 NAG Q . 19.62 28.12 25.64
N2 NAG Q . 19.19 28.99 23.45
O3 NAG Q . 20.98 30.19 21.51
O4 NAG Q . 19.59 31.49 19.35
O5 NAG Q . 17.24 28.87 20.31
O6 NAG Q . 18.09 28.85 17.64
O7 NAG Q . 19.47 26.78 23.67
C1 NAG Q . 20.83 31.52 18.64
C2 NAG Q . 20.83 32.83 17.85
C3 NAG Q . 22.20 33.06 17.20
C4 NAG Q . 23.34 32.87 18.18
C5 NAG Q . 23.20 31.54 18.89
C6 NAG Q . 24.23 31.35 19.98
C7 NAG Q . 18.67 33.53 16.93
C8 NAG Q . 17.71 33.40 15.78
N2 NAG Q . 19.79 32.82 16.84
O3 NAG Q . 22.22 34.40 16.68
O4 NAG Q . 24.59 32.86 17.48
O5 NAG Q . 21.92 31.49 19.53
O6 NAG Q . 24.21 30.01 20.47
O7 NAG Q . 18.43 34.26 17.89
C1 BMA Q . 25.42 34.00 17.74
C2 BMA Q . 26.80 33.61 17.19
C3 BMA Q . 27.73 34.81 16.99
C4 BMA Q . 26.99 36.02 16.40
C5 BMA Q . 25.73 36.31 17.20
C6 BMA Q . 24.95 37.51 16.66
O2 BMA Q . 26.68 32.99 15.92
O3 BMA Q . 28.78 34.48 16.11
O4 BMA Q . 27.84 37.15 16.42
O5 BMA Q . 24.90 35.15 17.10
O6 BMA Q . 24.76 37.30 15.29
C1 MAN Q . 30.00 34.13 16.78
C2 MAN Q . 31.14 34.40 15.77
C3 MAN Q . 30.99 33.49 14.57
C4 MAN Q . 30.82 32.00 15.00
C5 MAN Q . 29.79 31.82 16.13
C6 MAN Q . 29.86 30.44 16.76
O2 MAN Q . 32.44 34.13 16.29
O3 MAN Q . 32.10 33.62 13.69
O4 MAN Q . 30.36 31.25 13.88
O5 MAN Q . 29.98 32.78 17.18
O6 MAN Q . 28.69 30.27 17.57
C1 MAN Q . 32.92 35.30 16.97
C2 MAN Q . 34.41 35.42 16.65
C3 MAN Q . 35.16 34.21 17.21
C4 MAN Q . 34.76 33.91 18.70
C5 MAN Q . 33.23 33.93 18.88
C6 MAN Q . 32.79 33.83 20.33
O2 MAN Q . 35.01 36.58 17.26
O3 MAN Q . 36.58 34.40 17.11
O4 MAN Q . 35.24 32.63 19.08
O5 MAN Q . 32.71 35.15 18.34
O6 MAN Q . 31.41 33.47 20.35
C1 MAN Q . 23.83 38.23 14.71
C2 MAN Q . 23.24 37.51 13.51
C3 MAN Q . 24.39 37.18 12.53
C4 MAN Q . 25.18 38.45 12.12
C5 MAN Q . 25.60 39.26 13.38
C6 MAN Q . 26.14 40.64 13.03
O2 MAN Q . 22.33 38.36 12.81
O3 MAN Q . 23.95 36.47 11.36
O4 MAN Q . 26.35 38.08 11.43
O5 MAN Q . 24.47 39.43 14.31
O6 MAN Q . 26.61 41.24 14.23
C1 NAG R . 17.46 23.23 44.87
C2 NAG R . 17.65 24.39 45.88
C3 NAG R . 18.52 23.95 47.06
C4 NAG R . 18.02 22.64 47.67
C5 NAG R . 17.97 21.59 46.57
C6 NAG R . 17.50 20.24 47.05
C7 NAG R . 17.56 26.60 44.80
C8 NAG R . 18.38 27.71 44.21
N2 NAG R . 18.26 25.55 45.24
O3 NAG R . 18.54 24.98 48.04
O4 NAG R . 18.95 22.23 48.66
O5 NAG R . 17.06 22.03 45.56
O6 NAG R . 16.26 20.34 47.75
O7 NAG R . 16.33 26.63 44.84
C1 NAG R . 18.38 21.99 49.94
C2 NAG R . 19.41 21.11 50.64
C3 NAG R . 19.01 20.86 52.10
C4 NAG R . 18.71 22.17 52.81
C5 NAG R . 17.67 22.94 52.01
C6 NAG R . 17.33 24.29 52.60
C7 NAG R . 20.67 19.57 49.21
C8 NAG R . 20.67 18.24 48.53
N2 NAG R . 19.58 19.86 49.94
O3 NAG R . 20.08 20.16 52.75
O4 NAG R . 18.20 21.91 54.11
O5 NAG R . 18.16 23.17 50.68
O6 NAG R . 18.26 25.28 52.19
O7 NAG R . 21.62 20.35 49.11
C1 BMA R . 19.17 22.35 55.09
C2 BMA R . 18.40 22.49 56.42
C3 BMA R . 19.38 22.70 57.55
C4 BMA R . 20.37 21.54 57.59
C5 BMA R . 21.16 21.51 56.27
C6 BMA R . 22.01 20.28 56.15
O2 BMA R . 17.66 21.30 56.70
O3 BMA R . 18.71 22.85 58.82
O4 BMA R . 21.25 21.68 58.68
O5 BMA R . 20.24 21.42 55.16
O6 BMA R . 23.37 20.68 56.10
C1 MAN R . 17.59 23.75 58.70
C2 MAN R . 17.73 24.87 59.77
C3 MAN R . 17.47 24.26 61.16
C4 MAN R . 16.09 23.59 61.19
C5 MAN R . 16.05 22.47 60.13
C6 MAN R . 14.72 21.71 60.05
O2 MAN R . 16.76 25.90 59.59
O3 MAN R . 17.59 25.24 62.20
O4 MAN R . 15.84 23.04 62.48
O5 MAN R . 16.34 23.04 58.81
O6 MAN R . 13.76 22.53 59.37
C1 MAN R . 24.21 19.58 56.54
C2 MAN R . 23.62 18.99 57.87
C3 MAN R . 23.92 19.94 59.06
C4 MAN R . 25.41 20.32 59.12
C5 MAN R . 25.81 20.97 57.78
C6 MAN R . 27.27 21.40 57.72
O2 MAN R . 24.19 17.71 58.19
O3 MAN R . 23.46 19.40 60.29
O4 MAN R . 25.66 21.22 60.20
O5 MAN R . 25.56 20.03 56.69
O6 MAN R . 28.04 20.34 57.14
CU CU S . -7.21 -9.74 -11.05
MG MG T . 17.18 -22.16 -11.47
CL CL U . 30.25 -18.93 -34.62
O1 MES V . -9.45 -41.76 -16.72
C2 MES V . -10.85 -41.64 -16.49
C3 MES V . -11.38 -42.84 -15.71
N4 MES V . -11.02 -44.02 -16.48
C5 MES V . -9.60 -44.24 -16.61
C6 MES V . -9.02 -43.01 -17.29
C7 MES V . -11.83 -45.19 -16.20
C8 MES V . -11.29 -46.28 -17.14
S MES V . -10.87 -47.65 -16.28
O1S MES V . -12.00 -48.60 -16.33
O2S MES V . -9.65 -48.29 -16.80
O3S MES V . -10.57 -47.24 -14.88
C1 MPD W . -4.01 -4.75 -30.40
C2 MPD W . -3.00 -3.62 -30.56
O2 MPD W . -3.72 -2.35 -30.62
CM MPD W . -2.20 -3.82 -31.86
C3 MPD W . -2.04 -3.60 -29.37
C4 MPD W . -0.98 -2.55 -29.62
O4 MPD W . -1.59 -1.29 -29.48
C5 MPD W . 0.18 -2.65 -28.63
C1 MPD X . 13.65 -0.98 -47.27
C2 MPD X . 12.22 -1.19 -46.79
O2 MPD X . 11.58 -2.13 -47.70
CM MPD X . 11.46 0.13 -46.86
C3 MPD X . 12.16 -1.82 -45.39
C4 MPD X . 12.42 -0.84 -44.24
O4 MPD X . 11.23 -0.18 -43.86
C5 MPD X . 12.94 -1.59 -43.01
C1 MPD Y . 7.51 -11.03 -44.52
C2 MPD Y . 6.89 -11.88 -43.44
O2 MPD Y . 5.59 -12.30 -43.93
CM MPD Y . 6.67 -11.06 -42.18
C3 MPD Y . 7.73 -13.13 -43.14
C4 MPD Y . 8.70 -13.49 -44.28
O4 MPD Y . 9.86 -12.70 -44.23
C5 MPD Y . 9.11 -14.95 -44.18
C1 MPD Z . 18.69 15.17 -24.62
C2 MPD Z . 19.18 13.74 -24.48
O2 MPD Z . 20.12 13.48 -25.55
CM MPD Z . 17.98 12.80 -24.61
C3 MPD Z . 19.87 13.53 -23.14
C4 MPD Z . 21.01 12.52 -23.17
O4 MPD Z . 21.69 12.57 -21.94
C5 MPD Z . 20.52 11.08 -23.31
C1 GOL AA . -20.82 -11.66 -44.25
O1 GOL AA . -21.37 -12.19 -43.04
C2 GOL AA . -21.46 -10.26 -44.50
O2 GOL AA . -21.13 -9.35 -43.50
C3 GOL AA . -20.96 -9.82 -45.92
O3 GOL AA . -21.72 -8.71 -46.34
C1 GOL BA . 11.54 -23.56 -26.39
O1 GOL BA . 10.43 -22.98 -25.77
C2 GOL BA . 12.48 -24.20 -25.30
O2 GOL BA . 12.65 -23.34 -24.21
C3 GOL BA . 11.85 -25.55 -24.89
O3 GOL BA . 11.74 -26.37 -26.03
CU CU CA . -5.16 15.64 1.51
MG MG DA . -10.42 13.78 -25.34
CL CL EA . 21.78 46.46 6.28
CL CL FA . 32.35 66.68 -0.98
CL CL GA . 25.54 10.16 -24.55
CL CL HA . -11.74 28.13 -47.09
O1 MES IA . -30.73 33.63 -8.23
C2 MES IA . -30.76 33.93 -6.83
C3 MES IA . -32.19 33.81 -6.30
N4 MES IA . -33.02 34.68 -7.11
C5 MES IA . -32.93 34.64 -8.57
C6 MES IA . -31.45 34.60 -8.98
C7 MES IA . -34.39 34.81 -6.67
C8 MES IA . -34.80 36.20 -7.10
S MES IA . -36.32 36.12 -7.80
O1S MES IA . -37.17 35.14 -7.07
O2S MES IA . -36.15 35.73 -9.22
O3S MES IA . -36.97 37.46 -7.74
C1 MPD JA . 22.16 37.88 -20.99
C2 MPD JA . 22.82 37.72 -19.62
O2 MPD JA . 22.98 39.03 -19.02
CM MPD JA . 24.18 37.07 -19.78
C3 MPD JA . 21.95 36.91 -18.66
C4 MPD JA . 22.14 35.40 -18.77
O4 MPD JA . 22.13 34.85 -17.47
C5 MPD JA . 21.02 34.77 -19.60
C1 MPD KA . 8.59 29.45 -2.70
C2 MPD KA . 9.87 29.05 -3.41
O2 MPD KA . 10.93 28.89 -2.41
CM MPD KA . 10.21 30.19 -4.37
C3 MPD KA . 9.64 27.76 -4.18
C4 MPD KA . 10.90 27.25 -4.91
O4 MPD KA . 11.87 26.89 -3.94
C5 MPD KA . 10.57 26.02 -5.78
C1 GOL LA . -7.97 28.38 -23.69
O1 GOL LA . -8.48 29.68 -23.78
C2 GOL LA . -6.41 28.42 -23.36
O2 GOL LA . -6.05 28.54 -21.96
C3 GOL LA . -6.05 27.02 -23.81
O3 GOL LA . -7.03 26.11 -23.34
C1 GOL MA . 5.88 49.56 7.64
O1 GOL MA . 4.66 49.36 8.37
C2 GOL MA . 6.96 49.60 8.75
O2 GOL MA . 7.28 48.32 9.25
C3 GOL MA . 8.13 50.41 8.16
O3 GOL MA . 9.21 50.34 9.05
CU CU NA . 11.62 -6.01 9.98
MG MG OA . 20.91 19.77 9.76
CL CL PA . 34.15 15.88 -4.18
CL CL QA . 42.66 34.01 13.04
CL CL RA . 45.52 -3.60 -0.37
CL CL SA . 25.88 2.85 40.66
CL CL TA . 27.16 4.41 43.82
C1 MPD UA . 28.84 -11.11 0.83
C2 MPD UA . 28.82 -10.96 -0.68
O2 MPD UA . 28.38 -12.21 -1.30
CM MPD UA . 30.26 -10.68 -1.11
C3 MPD UA . 27.84 -9.85 -1.08
C4 MPD UA . 28.16 -9.27 -2.47
O4 MPD UA . 27.68 -10.18 -3.44
C5 MPD UA . 27.50 -7.92 -2.67
C1 GOL VA . 22.66 5.23 -23.81
O1 GOL VA . 21.83 6.28 -24.19
C2 GOL VA . 22.83 4.32 -25.08
O2 GOL VA . 24.04 4.51 -25.74
C3 GOL VA . 22.74 2.91 -24.56
O3 GOL VA . 22.49 2.18 -25.69
N GLY WA . 34.48 11.92 13.45
CA GLY WA . 33.27 12.44 12.86
C GLY WA . 32.95 11.90 11.47
O GLY WA . 33.47 10.85 11.04
OXT GLY WA . 32.12 12.53 10.77
N GLY XA . 27.74 30.59 9.69
CA GLY XA . 26.38 31.04 9.89
C GLY XA . 26.12 32.47 9.45
O GLY XA . 25.83 32.74 8.28
OXT GLY XA . 26.20 33.41 10.27
CU CU YA . 8.37 -13.98 2.33
CL CL ZA . 12.93 -53.47 -14.73
CL CL AB . -16.81 -27.89 5.41
CL CL BB . 14.77 -46.01 -18.43
CL CL CB . -28.84 -47.86 -4.27
CL CL DB . -21.51 -29.06 12.33
CL CL EB . 0.86 -35.78 -13.10
CL CL FB . 3.88 -43.86 11.64
S SO4 GB . -25.41 -10.08 24.43
O1 SO4 GB . -25.54 -11.48 24.85
O2 SO4 GB . -24.72 -10.00 23.14
O3 SO4 GB . -26.76 -9.50 24.35
O4 SO4 GB . -24.67 -9.32 25.45
C1 MPD HB . 5.29 -22.73 20.02
C2 MPD HB . 4.20 -22.19 20.95
O2 MPD HB . 4.75 -21.17 21.82
CM MPD HB . 3.65 -23.31 21.83
C3 MPD HB . 3.10 -21.56 20.11
C4 MPD HB . 2.04 -20.96 21.02
O4 MPD HB . 2.64 -19.89 21.74
C5 MPD HB . 0.88 -20.42 20.18
C1 MPD IB . -8.88 -29.05 32.80
C2 MPD IB . -10.12 -29.85 33.16
O2 MPD IB . -10.94 -30.16 31.99
CM MPD IB . -11.00 -29.00 34.06
C3 MPD IB . -9.71 -31.17 33.83
C4 MPD IB . -10.69 -31.63 34.89
O4 MPD IB . -11.18 -32.91 34.54
C5 MPD IB . -10.03 -31.67 36.27
N GLY JB . -21.36 -6.71 24.74
CA GLY JB . -20.12 -7.12 25.38
C GLY JB . -20.03 -6.80 26.86
O GLY JB . -20.53 -7.55 27.71
OXT GLY JB . -19.47 -5.79 27.28
N GLY KB . -8.92 -37.64 2.38
CA GLY KB . -9.55 -36.35 2.08
C GLY KB . -9.53 -35.24 3.15
O GLY KB . -8.81 -35.28 4.20
OXT GLY KB . -10.27 -34.25 2.93
CU CU LB . -11.55 1.07 -12.03
MG MG MB . -22.62 19.49 4.66
CL CL NB . -41.29 17.60 -34.11
CL CL OB . -31.75 15.69 -35.83
CL CL PB . -45.82 30.27 11.11
O1 MES QB . -27.00 24.48 -28.40
C2 MES QB . -27.84 25.59 -28.02
C3 MES QB . -27.67 26.77 -28.98
N4 MES QB . -27.36 26.18 -30.28
C5 MES QB . -26.09 25.50 -30.42
C6 MES QB . -25.81 24.87 -29.06
C7 MES QB . -27.93 26.80 -31.46
C8 MES QB . -27.33 28.19 -31.32
S MES QB . -28.37 29.38 -31.84
O1S MES QB . -29.20 29.89 -30.74
O2S MES QB . -29.23 28.97 -32.98
O3S MES QB . -27.48 30.47 -32.31
C1 MPD RB . -27.82 -10.02 -9.05
C2 MPD RB . -27.92 -10.74 -7.70
O2 MPD RB . -27.46 -12.12 -7.82
CM MPD RB . -29.37 -10.77 -7.26
C3 MPD RB . -27.09 -10.00 -6.66
C4 MPD RB . -27.31 -10.60 -5.29
O4 MPD RB . -26.65 -11.85 -5.27
C5 MPD RB . -26.65 -9.73 -4.22
C1 GOL SB . -34.75 14.82 -3.43
O1 GOL SB . -36.02 15.33 -3.49
C2 GOL SB . -34.77 13.69 -2.36
O2 GOL SB . -34.28 12.44 -2.87
C3 GOL SB . -33.92 14.35 -1.33
O3 GOL SB . -32.87 13.56 -1.10
N GLY TB . -21.73 -12.92 21.74
CA GLY TB . -21.86 -13.60 20.46
C GLY TB . -22.51 -14.98 20.57
O GLY TB . -23.40 -15.19 21.41
OXT GLY TB . -22.18 -15.91 19.84
N GLY UB . -37.91 -15.58 -28.80
CA GLY UB . -38.96 -16.48 -28.35
C GLY UB . -38.45 -17.84 -27.92
O GLY UB . -37.23 -18.01 -27.74
OXT GLY UB . -39.22 -18.79 -27.70
CU CU VB . 3.68 13.34 8.90
MG MG WB . 9.62 -5.25 28.35
CL CL XB . 33.54 24.99 30.54
CL CL YB . 11.07 9.32 62.53
S SO4 ZB . -26.95 -5.97 19.48
O1 SO4 ZB . -26.02 -7.14 19.51
O2 SO4 ZB . -27.79 -5.92 18.28
O3 SO4 ZB . -26.14 -4.74 19.51
O4 SO4 ZB . -27.86 -5.97 20.64
C1 MPD AC . -10.79 19.75 20.89
C2 MPD AC . -12.06 18.92 21.00
O2 MPD AC . -13.02 19.41 20.02
CM MPD AC . -12.69 19.10 22.39
C3 MPD AC . -11.77 17.45 20.71
C4 MPD AC . -13.04 16.63 20.91
O4 MPD AC . -13.91 16.89 19.81
C5 MPD AC . -12.74 15.14 20.97
N GLY BC . 6.81 7.81 37.26
CA GLY BC . 6.64 6.66 36.40
C GLY BC . 5.29 6.54 35.70
O GLY BC . 5.04 5.44 35.14
OXT GLY BC . 4.45 7.47 35.63
#